data_9UOX
#
_entry.id   9UOX
#
_cell.length_a   1.00
_cell.length_b   1.00
_cell.length_c   1.00
_cell.angle_alpha   90.00
_cell.angle_beta   90.00
_cell.angle_gamma   90.00
#
_symmetry.space_group_name_H-M   'P 1'
#
_entity_poly.entity_id   1
_entity_poly.type   'polypeptide(L)'
_entity_poly.pdbx_seq_one_letter_code
;MLQLKFFHGPWSRATSPRRAENDPPTSTTEAAAVASTSGTQGRAHAAGDTLVKKLHKLANQTIELLWRFFEVHISKIVFV
IIAIFIANNINALYIPLVILLSLAICLPSAADGIFSLFMCAYLFLVALSKMIYQLDIVPELSQIDRGVGADNCSHGNISM
PEWFGLKKEVEGTEPIYMLFGVIVSIIALAFQSIVIYRQRHYRASLGLPESMRAKVFPDFHHSHFDRSLKNAIQFLIDYG
FYKFGLEITMIAIGIDIFNRMDALAAIQCFWLVLFALNKRVFVRRIWVFYVIYMAILYPLQFFSYVGLPPDSCIEYPWSY
WIPSYSDDARFNLSYLLNLSIYGVNWPSAYLIGDFFVLLLASCQLAVFRREGEDNDSIYNDGNFVIKPENPQYDFIDTKK
SYVDYFKSFVFHYGHWITLMSTLAAGIAGTSLFALGYIIFTLTMLWSGNNLYVMNSTLRSFEHTLKRWNALLGYTLFTIT
MKVCLQIFGCVFLSWFDQSGGWGKTLCIVRQLFSITCVNNECHVLKELEDFSKACAVETKEGNIGFDVIALSFLVFQIRI
FHSWYFQHCMVEYRSEVILANRGAVLKNQLIEKEMKEQNEQQKAKFNDIRRRTEAIRERYQKQIERGAAERDFEPVTYGH
AKRAGDYYMFKYDPENDDLVEPVDSFVPEVDPKATAYDRLDPGQIMYAATAHDLDLAKTVQQVKKGDTIKDPDSRALIAV
SEPEARKPGGTEETDGDEDEDNKDSKVESTAKFIQKMIASALDLCSVTLNKLCREHRYVGFVLSKEKQKLKSGHSESLSN
TSRKLTDIRSAVDLPSLQLVQSANDVEKMETAVSVDWQQKSSATRLLNAVVNCIGAHTDILCYFFAIMTQVMTGGLITLP
LPLMSLFWGNLSNPRPSKFFWVTMITYTECVIVIKFVCQFAFMPYNSITWRTEHQMDPMSLDKLFGVSQRDSFALWDIVL
LFSLFFHRYMLRKLGLWKDANLTDTFTLKEEPRSASGSDTGSPKKIAQEPKVVVTQSDTLEGTSGGEIVIPSDPNAVSNM
EELDCEPPIPEKQSGPIGRFIHQLFHPKFRYIRDLYPIMFGIDVICFLIMTFGYSAFGEGGSGNVLDDVKASRIPVTLVV
MLVGMTLAIIIDRALYLRKSVVGKLIYQVLMIAFLHIWVFLVLPNMTRRSAISNHVAQALYVIKSCYFLVSAWQIRNGYP
ELCIGNLLTHSYGMTNMIAFKVFMNIPFLFELRTAIDWTWTDTSMPLFDFFNMENFYAHIFNIKCARQFEAAYPAPRGIP
KGKLVKYMMGFPIIIGVVIFIFSPLLLWSLLNQIGTISMPEKVTLRISIEGYPPLYEMEAQGSNHDNAELGMIKPDQLAS
LNQALTDSYTTRDTNSILRSRMSVSYLKGYTYEDILIVRFRPESEIYWPISQDSRNAMIDKLSRNTSVNFEVSLEFTRPY
DPNENAALKHSKSWLVPISLDMTIRAKIQSALRGDPGHPILIPQSIPAFIQVPNQGELTLPTSIGNTIINDGNPRINTTG
MEKSDEARAWFDSLTLNLEQGKSQNEKMWIATSEHPGDQNAKLWIKTANTTYSGRPYLQVVGFIDRAFPSFLAKVFKGGV
IAVYLSVILVVGRGLVRGIFTTSPSTVMFTELPNADHLLKICLDIYLVREAKDFMLEQDLFAKLIFLFRSPATLIEWTRM
SKKKQE
;
_entity_poly.pdbx_strand_id   A,B,C
#
# COMPACT_ATOMS: atom_id res chain seq x y z
N VAL A 52 -61.67 -22.53 -24.58
CA VAL A 52 -62.80 -21.76 -24.07
C VAL A 52 -63.91 -22.70 -23.62
N LYS A 53 -64.35 -23.57 -24.54
CA LYS A 53 -65.41 -24.52 -24.21
C LYS A 53 -64.95 -25.50 -23.14
N LYS A 54 -63.71 -25.98 -23.23
CA LYS A 54 -63.19 -26.90 -22.22
C LYS A 54 -63.09 -26.21 -20.86
N LEU A 55 -62.64 -24.95 -20.86
CA LEU A 55 -62.55 -24.21 -19.60
C LEU A 55 -63.93 -23.98 -19.01
N HIS A 56 -64.92 -23.66 -19.86
CA HIS A 56 -66.29 -23.49 -19.37
C HIS A 56 -66.85 -24.78 -18.79
N LYS A 57 -66.58 -25.91 -19.46
CA LYS A 57 -67.03 -27.20 -18.94
C LYS A 57 -66.37 -27.53 -17.60
N LEU A 58 -65.07 -27.25 -17.49
CA LEU A 58 -64.38 -27.47 -16.21
C LEU A 58 -64.95 -26.58 -15.11
N ALA A 59 -65.25 -25.32 -15.43
CA ALA A 59 -65.85 -24.42 -14.45
C ALA A 59 -67.23 -24.92 -14.02
N ASN A 60 -68.02 -25.41 -14.98
CA ASN A 60 -69.34 -25.96 -14.64
C ASN A 60 -69.21 -27.19 -13.75
N GLN A 61 -68.25 -28.07 -14.05
CA GLN A 61 -68.04 -29.23 -13.21
C GLN A 61 -67.62 -28.84 -11.81
N THR A 62 -66.72 -27.85 -11.69
CA THR A 62 -66.27 -27.40 -10.38
C THR A 62 -67.40 -26.79 -9.57
N ILE A 63 -68.24 -25.96 -10.22
CA ILE A 63 -69.32 -25.33 -9.46
C ILE A 63 -70.37 -26.37 -9.06
N GLU A 64 -70.62 -27.36 -9.93
CA GLU A 64 -71.55 -28.43 -9.56
C GLU A 64 -71.02 -29.24 -8.38
N LEU A 65 -69.74 -29.59 -8.40
CA LEU A 65 -69.18 -30.39 -7.30
C LEU A 65 -69.14 -29.60 -6.00
N LEU A 66 -68.83 -28.30 -6.07
CA LEU A 66 -68.85 -27.51 -4.84
C LEU A 66 -70.26 -27.30 -4.33
N TRP A 67 -71.25 -27.20 -5.22
CA TRP A 67 -72.64 -27.14 -4.77
C TRP A 67 -73.05 -28.44 -4.10
N ARG A 68 -72.60 -29.57 -4.65
CA ARG A 68 -72.92 -30.86 -4.03
C ARG A 68 -72.21 -31.01 -2.68
N PHE A 69 -71.01 -30.46 -2.55
CA PHE A 69 -70.37 -30.38 -1.24
C PHE A 69 -71.19 -29.52 -0.28
N PHE A 70 -71.64 -28.37 -0.74
CA PHE A 70 -72.34 -27.43 0.13
C PHE A 70 -73.66 -28.01 0.62
N GLU A 71 -74.45 -28.62 -0.28
CA GLU A 71 -75.77 -29.10 0.09
C GLU A 71 -75.74 -30.11 1.23
N VAL A 72 -74.55 -30.58 1.63
CA VAL A 72 -74.43 -31.43 2.80
C VAL A 72 -73.47 -30.87 3.85
N HIS A 73 -72.67 -29.85 3.53
CA HIS A 73 -71.70 -29.34 4.49
C HIS A 73 -72.00 -27.92 4.97
N ILE A 74 -73.06 -27.27 4.48
CA ILE A 74 -73.37 -25.92 4.94
C ILE A 74 -73.74 -25.93 6.42
N SER A 75 -74.45 -26.97 6.88
CA SER A 75 -74.79 -27.06 8.30
C SER A 75 -73.54 -27.08 9.16
N LYS A 76 -72.57 -27.93 8.81
CA LYS A 76 -71.34 -28.01 9.59
C LYS A 76 -70.55 -26.71 9.50
N ILE A 77 -70.50 -26.10 8.32
CA ILE A 77 -69.74 -24.86 8.16
C ILE A 77 -70.33 -23.75 9.02
N VAL A 78 -71.66 -23.60 8.98
CA VAL A 78 -72.30 -22.56 9.76
C VAL A 78 -72.20 -22.84 11.25
N PHE A 79 -72.26 -24.12 11.65
CA PHE A 79 -72.06 -24.43 13.06
C PHE A 79 -70.65 -24.05 13.52
N VAL A 80 -69.64 -24.35 12.69
CA VAL A 80 -68.27 -23.99 13.04
C VAL A 80 -68.12 -22.47 13.12
N ILE A 81 -68.73 -21.75 12.18
CA ILE A 81 -68.65 -20.29 12.19
C ILE A 81 -69.29 -19.72 13.46
N ILE A 82 -70.47 -20.23 13.81
CA ILE A 82 -71.16 -19.76 15.01
C ILE A 82 -70.33 -20.08 16.25
N ALA A 83 -69.72 -21.26 16.29
CA ALA A 83 -68.88 -21.62 17.44
C ALA A 83 -67.68 -20.69 17.56
N ILE A 84 -67.05 -20.34 16.43
CA ILE A 84 -65.94 -19.41 16.47
C ILE A 84 -66.41 -18.05 16.97
N PHE A 85 -67.56 -17.59 16.48
CA PHE A 85 -68.07 -16.28 16.88
C PHE A 85 -68.40 -16.24 18.37
N ILE A 86 -69.00 -17.31 18.90
CA ILE A 86 -69.32 -17.34 20.31
C ILE A 86 -68.09 -17.60 21.16
N ALA A 87 -67.02 -18.13 20.57
CA ALA A 87 -65.74 -18.18 21.26
C ALA A 87 -65.11 -16.80 21.32
N ASN A 88 -65.35 -15.97 20.31
CA ASN A 88 -64.87 -14.59 20.35
C ASN A 88 -65.52 -13.80 21.48
N ASN A 89 -66.82 -13.99 21.68
CA ASN A 89 -67.58 -13.29 22.72
C ASN A 89 -68.22 -14.34 23.62
N ILE A 90 -67.72 -14.44 24.86
CA ILE A 90 -68.12 -15.50 25.78
C ILE A 90 -68.90 -14.90 26.94
N ASN A 91 -69.63 -13.81 26.69
CA ASN A 91 -70.33 -13.11 27.76
C ASN A 91 -71.58 -13.88 28.17
N ALA A 92 -72.42 -13.27 29.01
CA ALA A 92 -73.49 -13.99 29.68
C ALA A 92 -74.64 -14.31 28.73
N LEU A 93 -74.99 -13.38 27.84
CA LEU A 93 -76.21 -13.54 27.04
C LEU A 93 -76.09 -14.63 25.95
N TYR A 94 -75.03 -15.41 25.91
CA TYR A 94 -74.87 -16.46 24.91
C TYR A 94 -75.40 -17.81 25.38
N ILE A 95 -76.04 -17.86 26.57
CA ILE A 95 -76.57 -19.13 27.07
C ILE A 95 -77.69 -19.69 26.21
N PRO A 96 -78.75 -18.93 25.85
CA PRO A 96 -79.83 -19.54 25.07
C PRO A 96 -79.36 -20.08 23.73
N LEU A 97 -78.42 -19.40 23.07
CA LEU A 97 -77.98 -19.84 21.76
C LEU A 97 -77.18 -21.14 21.85
N VAL A 98 -76.27 -21.24 22.83
CA VAL A 98 -75.55 -22.50 22.97
C VAL A 98 -76.49 -23.62 23.37
N ILE A 99 -77.50 -23.32 24.19
CA ILE A 99 -78.46 -24.35 24.58
C ILE A 99 -79.23 -24.84 23.36
N LEU A 100 -79.67 -23.94 22.49
CA LEU A 100 -80.46 -24.35 21.35
C LEU A 100 -79.60 -25.04 20.29
N LEU A 101 -78.34 -24.61 20.10
CA LEU A 101 -77.45 -25.37 19.23
C LEU A 101 -77.20 -26.77 19.76
N SER A 102 -77.02 -26.92 21.09
CA SER A 102 -76.82 -28.25 21.65
C SER A 102 -78.05 -29.12 21.44
N LEU A 103 -79.25 -28.54 21.61
CA LEU A 103 -80.47 -29.29 21.36
C LEU A 103 -80.59 -29.69 19.90
N ALA A 104 -80.23 -28.78 18.98
CA ALA A 104 -80.30 -29.10 17.56
C ALA A 104 -79.33 -30.21 17.18
N ILE A 105 -78.12 -30.17 17.73
CA ILE A 105 -77.15 -31.23 17.47
C ILE A 105 -77.64 -32.55 18.04
N CYS A 106 -78.26 -32.51 19.22
CA CYS A 106 -78.82 -33.73 19.81
C CYS A 106 -79.93 -34.31 18.94
N LEU A 107 -80.67 -33.47 18.22
CA LEU A 107 -81.72 -33.94 17.34
C LEU A 107 -81.36 -33.72 15.88
N GLY A 113 -87.37 -29.26 9.71
CA GLY A 113 -86.94 -27.88 9.52
C GLY A 113 -87.44 -26.96 10.61
N ILE A 114 -88.07 -27.53 11.63
CA ILE A 114 -88.58 -26.72 12.74
C ILE A 114 -87.43 -26.11 13.53
N PHE A 115 -86.32 -26.84 13.66
CA PHE A 115 -85.16 -26.34 14.39
C PHE A 115 -84.27 -25.42 13.57
N SER A 116 -84.48 -25.36 12.25
CA SER A 116 -83.63 -24.55 11.39
C SER A 116 -83.90 -23.05 11.55
N LEU A 117 -85.08 -22.67 12.02
CA LEU A 117 -85.44 -21.26 12.17
C LEU A 117 -85.32 -20.78 13.61
N PHE A 118 -84.89 -21.64 14.54
CA PHE A 118 -84.75 -21.23 15.92
C PHE A 118 -83.62 -20.23 16.11
N MET A 119 -82.45 -20.52 15.54
CA MET A 119 -81.31 -19.63 15.65
C MET A 119 -81.33 -18.51 14.62
N CYS A 120 -82.16 -18.62 13.56
CA CYS A 120 -82.22 -17.57 12.57
C CYS A 120 -82.75 -16.28 13.16
N ALA A 121 -83.82 -16.36 13.96
CA ALA A 121 -84.38 -15.18 14.60
C ALA A 121 -83.56 -14.68 15.77
N TYR A 122 -82.89 -15.57 16.49
CA TYR A 122 -82.13 -15.15 17.67
C TYR A 122 -80.88 -14.36 17.28
N LEU A 123 -80.23 -14.77 16.18
CA LEU A 123 -79.11 -13.99 15.69
C LEU A 123 -79.53 -12.60 15.25
N PHE A 124 -80.74 -12.47 14.69
CA PHE A 124 -81.31 -11.15 14.46
C PHE A 124 -81.52 -10.41 15.77
N LEU A 125 -81.98 -11.11 16.81
CA LEU A 125 -82.11 -10.51 18.12
C LEU A 125 -80.74 -10.10 18.66
N VAL A 126 -79.72 -10.92 18.44
CA VAL A 126 -78.36 -10.54 18.80
C VAL A 126 -77.93 -9.32 18.01
N ALA A 127 -78.21 -9.30 16.71
CA ALA A 127 -77.93 -8.12 15.89
C ALA A 127 -78.72 -6.92 16.40
N LEU A 128 -79.96 -7.14 16.82
CA LEU A 128 -80.73 -6.07 17.46
C LEU A 128 -80.07 -5.63 18.75
N SER A 129 -79.57 -6.59 19.55
CA SER A 129 -78.93 -6.25 20.81
C SER A 129 -77.57 -5.57 20.61
N LYS A 130 -76.80 -6.02 19.61
CA LYS A 130 -75.49 -5.43 19.38
C LYS A 130 -75.59 -4.01 18.82
N MET A 131 -76.72 -3.64 18.24
CA MET A 131 -76.92 -2.26 17.81
C MET A 131 -77.39 -1.37 18.95
N ILE A 132 -77.84 -1.94 20.07
CA ILE A 132 -78.35 -1.15 21.18
C ILE A 132 -77.21 -0.41 21.87
N HIS A 155 -64.57 -7.99 43.51
CA HIS A 155 -66.03 -8.04 43.65
C HIS A 155 -66.71 -7.11 42.67
N GLY A 156 -66.05 -6.00 42.35
CA GLY A 156 -66.61 -5.02 41.44
C GLY A 156 -65.80 -4.84 40.18
N ASN A 157 -65.36 -3.60 39.92
CA ASN A 157 -64.55 -3.22 38.76
C ASN A 157 -65.29 -3.41 37.44
N ILE A 158 -66.60 -3.69 37.48
CA ILE A 158 -67.38 -3.87 36.27
C ILE A 158 -68.85 -3.76 36.66
N SER A 159 -69.68 -3.39 35.69
CA SER A 159 -71.09 -3.10 35.94
C SER A 159 -71.97 -4.06 35.15
N MET A 160 -73.29 -3.86 35.27
CA MET A 160 -74.25 -4.77 34.66
C MET A 160 -74.16 -4.84 33.14
N PRO A 161 -74.17 -3.73 32.39
CA PRO A 161 -74.16 -3.85 30.92
C PRO A 161 -72.93 -4.56 30.38
N GLU A 162 -71.76 -4.34 30.97
CA GLU A 162 -70.56 -4.99 30.48
C GLU A 162 -70.56 -6.49 30.78
N TRP A 163 -71.04 -6.87 31.96
CA TRP A 163 -71.13 -8.29 32.28
C TRP A 163 -72.19 -8.99 31.44
N PHE A 164 -73.27 -8.28 31.08
CA PHE A 164 -74.28 -8.85 30.21
C PHE A 164 -73.70 -9.19 28.84
N GLY A 165 -72.85 -8.31 28.31
CA GLY A 165 -72.29 -8.48 26.99
C GLY A 165 -72.60 -7.30 26.09
N LEU A 166 -73.07 -6.22 26.69
CA LEU A 166 -73.43 -4.99 25.99
C LEU A 166 -72.52 -3.89 26.52
N LYS A 167 -71.38 -3.69 25.87
CA LYS A 167 -70.42 -2.68 26.28
C LYS A 167 -70.68 -1.38 25.52
N LYS A 168 -70.88 -0.30 26.26
CA LYS A 168 -71.17 1.01 25.66
C LYS A 168 -69.88 1.55 25.06
N GLU A 169 -69.72 1.40 23.74
CA GLU A 169 -68.54 1.86 23.07
C GLU A 169 -68.51 3.39 23.02
N VAL A 170 -67.39 3.92 22.51
CA VAL A 170 -67.25 5.37 22.41
C VAL A 170 -68.25 5.91 21.41
N GLU A 171 -69.01 6.92 21.83
CA GLU A 171 -70.05 7.49 20.97
C GLU A 171 -69.43 8.23 19.80
N GLY A 172 -70.04 8.07 18.63
CA GLY A 172 -69.59 8.74 17.43
C GLY A 172 -68.65 7.95 16.54
N THR A 173 -68.11 6.83 17.02
CA THR A 173 -67.15 6.08 16.20
C THR A 173 -67.86 5.18 15.20
N GLU A 174 -68.59 4.17 15.69
CA GLU A 174 -69.29 3.22 14.83
C GLU A 174 -70.14 2.26 15.66
N PRO A 175 -71.30 1.82 15.15
CA PRO A 175 -72.00 0.67 15.74
C PRO A 175 -71.62 -0.66 15.12
N ILE A 176 -70.95 -0.64 13.97
CA ILE A 176 -70.61 -1.84 13.21
C ILE A 176 -69.08 -1.90 13.09
N TYR A 177 -68.40 -1.38 14.12
CA TYR A 177 -66.96 -1.16 14.05
C TYR A 177 -66.19 -2.45 13.81
N MET A 178 -66.49 -3.49 14.60
CA MET A 178 -65.87 -4.81 14.42
C MET A 178 -66.87 -5.91 14.17
N LEU A 179 -68.14 -5.58 13.89
CA LEU A 179 -69.17 -6.59 13.66
C LEU A 179 -69.41 -6.72 12.15
N PHE A 180 -68.60 -7.56 11.52
CA PHE A 180 -68.69 -7.80 10.09
C PHE A 180 -69.08 -9.23 9.75
N GLY A 181 -69.48 -10.03 10.73
CA GLY A 181 -69.83 -11.41 10.48
C GLY A 181 -71.25 -11.78 10.83
N VAL A 182 -71.85 -11.07 11.78
CA VAL A 182 -73.22 -11.37 12.20
C VAL A 182 -74.18 -11.11 11.05
N ILE A 183 -74.02 -9.98 10.36
CA ILE A 183 -74.82 -9.72 9.17
C ILE A 183 -74.50 -10.73 8.07
N VAL A 184 -73.24 -11.16 7.98
CA VAL A 184 -72.89 -12.24 7.05
C VAL A 184 -73.50 -13.55 7.51
N SER A 185 -73.55 -13.76 8.84
CA SER A 185 -74.16 -14.98 9.38
C SER A 185 -75.63 -15.08 8.99
N ILE A 186 -76.32 -13.94 8.89
CA ILE A 186 -77.70 -13.95 8.41
C ILE A 186 -77.76 -14.45 6.98
N ILE A 187 -76.81 -14.02 6.14
CA ILE A 187 -76.71 -14.54 4.78
C ILE A 187 -76.34 -16.02 4.81
N ALA A 188 -75.51 -16.43 5.78
CA ALA A 188 -75.17 -17.84 5.93
C ALA A 188 -76.42 -18.67 6.24
N LEU A 189 -77.30 -18.15 7.11
CA LEU A 189 -78.57 -18.82 7.35
C LEU A 189 -79.41 -18.86 6.08
N ALA A 190 -79.35 -17.79 5.27
CA ALA A 190 -80.06 -17.79 4.00
C ALA A 190 -79.50 -18.86 3.07
N PHE A 191 -78.18 -19.06 3.08
CA PHE A 191 -77.59 -20.12 2.27
C PHE A 191 -78.10 -21.49 2.67
N GLN A 192 -78.25 -21.72 3.98
CA GLN A 192 -78.83 -22.97 4.45
C GLN A 192 -80.32 -23.05 4.18
N SER A 193 -80.98 -21.91 3.96
CA SER A 193 -82.43 -21.89 3.76
C SER A 193 -82.83 -21.93 2.30
N ILE A 194 -82.01 -21.37 1.40
CA ILE A 194 -82.37 -21.38 -0.02
C ILE A 194 -82.37 -22.80 -0.57
N VAL A 195 -81.41 -23.63 -0.14
CA VAL A 195 -81.35 -25.01 -0.61
C VAL A 195 -82.53 -25.81 -0.07
N ILE A 196 -82.95 -25.53 1.16
CA ILE A 196 -84.09 -26.23 1.75
C ILE A 196 -85.37 -25.85 1.02
N TYR A 197 -85.56 -24.56 0.76
CA TYR A 197 -86.79 -24.10 0.11
C TYR A 197 -86.92 -24.62 -1.30
N ARG A 198 -85.81 -24.65 -2.06
CA ARG A 198 -85.86 -25.02 -3.46
C ARG A 198 -85.76 -26.53 -3.70
N GLN A 199 -85.52 -27.32 -2.67
CA GLN A 199 -85.41 -28.77 -2.83
C GLN A 199 -86.76 -29.46 -2.68
N ARG A 200 -87.49 -29.18 -1.60
CA ARG A 200 -88.77 -29.81 -1.36
C ARG A 200 -89.91 -29.15 -2.13
N HIS A 201 -89.65 -28.03 -2.81
CA HIS A 201 -90.68 -27.34 -3.58
C HIS A 201 -91.03 -28.12 -4.85
N ARG A 213 -78.83 -40.09 -2.57
CA ARG A 213 -79.38 -38.79 -2.23
C ARG A 213 -78.45 -38.01 -1.30
N ALA A 214 -77.95 -38.66 -0.24
CA ALA A 214 -77.02 -38.05 0.69
C ALA A 214 -75.57 -38.41 0.32
N LYS A 215 -75.24 -38.15 -0.95
CA LYS A 215 -73.91 -38.48 -1.45
C LYS A 215 -73.56 -37.52 -2.58
N VAL A 216 -72.34 -36.98 -2.53
CA VAL A 216 -71.87 -36.09 -3.60
C VAL A 216 -71.77 -36.86 -4.91
N PHE A 217 -71.23 -38.07 -4.88
CA PHE A 217 -71.05 -38.86 -6.08
C PHE A 217 -72.12 -39.93 -6.13
N PRO A 218 -73.09 -39.84 -7.03
CA PRO A 218 -74.20 -40.82 -7.05
C PRO A 218 -73.89 -42.10 -7.81
N ASP A 219 -72.74 -42.19 -8.46
CA ASP A 219 -72.34 -43.38 -9.19
C ASP A 219 -71.12 -44.03 -8.53
N PHE A 220 -71.03 -43.90 -7.22
CA PHE A 220 -69.92 -44.48 -6.47
C PHE A 220 -70.00 -46.00 -6.47
N HIS A 221 -68.84 -46.66 -6.48
CA HIS A 221 -68.76 -48.11 -6.44
C HIS A 221 -67.46 -48.49 -5.73
N HIS A 222 -67.59 -49.22 -4.63
CA HIS A 222 -66.44 -49.64 -3.82
C HIS A 222 -65.99 -51.06 -4.11
N SER A 223 -66.60 -51.73 -5.09
CA SER A 223 -66.21 -53.10 -5.41
C SER A 223 -64.79 -53.17 -5.94
N HIS A 224 -64.40 -52.22 -6.79
CA HIS A 224 -63.07 -52.19 -7.40
C HIS A 224 -62.43 -50.82 -7.20
N PHE A 225 -62.42 -50.35 -5.96
CA PHE A 225 -61.89 -49.03 -5.66
C PHE A 225 -60.39 -48.91 -5.95
N ASP A 226 -59.70 -50.04 -6.11
CA ASP A 226 -58.27 -50.02 -6.38
C ASP A 226 -57.94 -49.95 -7.87
N ARG A 227 -58.93 -49.90 -8.74
CA ARG A 227 -58.70 -49.84 -10.17
C ARG A 227 -58.52 -48.41 -10.69
N SER A 228 -58.63 -47.41 -9.81
CA SER A 228 -58.44 -46.03 -10.21
C SER A 228 -58.11 -45.19 -8.99
N LEU A 229 -57.16 -44.25 -9.16
CA LEU A 229 -56.83 -43.34 -8.06
C LEU A 229 -58.00 -42.40 -7.76
N LYS A 230 -58.74 -42.00 -8.80
CA LYS A 230 -59.93 -41.19 -8.58
C LYS A 230 -60.97 -41.96 -7.77
N ASN A 231 -61.12 -43.26 -8.06
CA ASN A 231 -62.05 -44.08 -7.29
C ASN A 231 -61.56 -44.23 -5.85
N ALA A 232 -60.24 -44.28 -5.65
CA ALA A 232 -59.71 -44.32 -4.29
C ALA A 232 -60.01 -43.02 -3.55
N ILE A 233 -59.90 -41.88 -4.22
CA ILE A 233 -60.24 -40.60 -3.60
C ILE A 233 -61.73 -40.57 -3.26
N GLN A 234 -62.57 -41.10 -4.15
CA GLN A 234 -64.00 -41.16 -3.87
C GLN A 234 -64.29 -42.06 -2.67
N PHE A 235 -63.56 -43.17 -2.55
CA PHE A 235 -63.70 -44.02 -1.37
C PHE A 235 -63.31 -43.25 -0.12
N LEU A 236 -62.19 -42.51 -0.17
CA LEU A 236 -61.74 -41.76 0.99
C LEU A 236 -62.73 -40.67 1.39
N ILE A 237 -63.42 -40.08 0.41
CA ILE A 237 -64.33 -38.97 0.71
C ILE A 237 -65.75 -39.41 1.02
N ASP A 238 -66.17 -40.59 0.56
CA ASP A 238 -67.54 -41.04 0.71
C ASP A 238 -67.70 -41.99 1.89
N TYR A 239 -66.98 -43.11 1.91
CA TYR A 239 -67.00 -44.05 3.02
C TYR A 239 -65.82 -43.87 3.96
N GLY A 240 -65.09 -42.77 3.84
CA GLY A 240 -63.97 -42.52 4.72
C GLY A 240 -64.34 -42.37 6.18
N PHE A 241 -65.59 -42.02 6.47
CA PHE A 241 -66.04 -41.90 7.85
C PHE A 241 -66.83 -43.13 8.29
N TYR A 242 -67.62 -43.72 7.38
CA TYR A 242 -68.28 -44.98 7.69
C TYR A 242 -67.25 -46.06 8.03
N LYS A 243 -66.08 -46.01 7.37
CA LYS A 243 -65.03 -46.98 7.67
C LYS A 243 -64.45 -46.74 9.06
N PHE A 244 -63.84 -45.57 9.28
CA PHE A 244 -63.21 -45.24 10.55
C PHE A 244 -63.83 -43.94 11.09
N GLY A 245 -65.01 -44.06 11.69
CA GLY A 245 -65.56 -42.98 12.48
C GLY A 245 -65.23 -43.12 13.96
N LEU A 246 -65.24 -44.36 14.45
CA LEU A 246 -64.84 -44.59 15.84
C LEU A 246 -63.42 -44.12 16.08
N GLU A 247 -62.51 -44.41 15.14
CA GLU A 247 -61.12 -44.00 15.29
C GLU A 247 -60.98 -42.47 15.33
N ILE A 248 -61.66 -41.77 14.42
CA ILE A 248 -61.52 -40.31 14.40
C ILE A 248 -62.17 -39.69 15.63
N THR A 249 -63.27 -40.27 16.12
CA THR A 249 -63.84 -39.78 17.38
C THR A 249 -62.88 -39.99 18.54
N MET A 250 -62.19 -41.14 18.56
CA MET A 250 -61.19 -41.37 19.60
C MET A 250 -60.05 -40.36 19.50
N ILE A 251 -59.65 -40.03 18.27
CA ILE A 251 -58.60 -39.03 18.09
C ILE A 251 -59.06 -37.67 18.58
N ALA A 252 -60.32 -37.31 18.31
CA ALA A 252 -60.87 -36.05 18.80
C ALA A 252 -60.88 -36.03 20.33
N ILE A 253 -61.27 -37.14 20.95
CA ILE A 253 -61.24 -37.21 22.42
C ILE A 253 -59.82 -37.07 22.94
N GLY A 254 -58.87 -37.71 22.27
CA GLY A 254 -57.48 -37.61 22.69
C GLY A 254 -56.93 -36.20 22.60
N ILE A 255 -57.23 -35.51 21.50
CA ILE A 255 -56.76 -34.12 21.36
C ILE A 255 -57.49 -33.21 22.35
N ASP A 256 -58.75 -33.51 22.67
CA ASP A 256 -59.44 -32.75 23.70
C ASP A 256 -58.77 -32.93 25.06
N ILE A 257 -58.35 -34.17 25.37
CA ILE A 257 -57.60 -34.40 26.60
C ILE A 257 -56.28 -33.67 26.58
N PHE A 258 -55.60 -33.67 25.42
CA PHE A 258 -54.31 -33.01 25.31
C PHE A 258 -54.43 -31.51 25.54
N ASN A 259 -55.48 -30.89 25.00
CA ASN A 259 -55.66 -29.44 25.11
C ASN A 259 -56.62 -29.07 26.24
N ARG A 260 -56.97 -30.03 27.11
CA ARG A 260 -57.94 -29.79 28.18
C ARG A 260 -57.28 -29.79 29.55
N MET A 261 -56.62 -30.89 29.94
CA MET A 261 -55.78 -30.97 31.13
C MET A 261 -56.49 -30.46 32.38
N ASP A 262 -57.54 -31.18 32.77
CA ASP A 262 -58.28 -30.88 33.99
C ASP A 262 -59.03 -32.13 34.44
N ALA A 263 -59.96 -31.95 35.39
CA ALA A 263 -60.82 -33.04 35.81
C ALA A 263 -61.76 -33.49 34.69
N LEU A 264 -62.17 -32.56 33.83
CA LEU A 264 -62.92 -32.94 32.65
C LEU A 264 -62.09 -33.85 31.75
N ALA A 265 -60.80 -33.55 31.61
CA ALA A 265 -59.91 -34.47 30.90
C ALA A 265 -59.82 -35.81 31.62
N ALA A 266 -59.90 -35.81 32.95
CA ALA A 266 -59.85 -37.06 33.70
C ALA A 266 -61.07 -37.93 33.40
N ILE A 267 -62.27 -37.33 33.42
CA ILE A 267 -63.45 -38.13 33.11
C ILE A 267 -63.46 -38.53 31.64
N GLN A 268 -62.94 -37.68 30.75
CA GLN A 268 -62.86 -38.04 29.34
C GLN A 268 -61.93 -39.23 29.13
N CYS A 269 -60.78 -39.25 29.81
CA CYS A 269 -59.87 -40.38 29.64
C CYS A 269 -60.39 -41.63 30.34
N PHE A 270 -61.16 -41.47 31.41
CA PHE A 270 -61.83 -42.63 31.99
C PHE A 270 -62.83 -43.23 31.01
N TRP A 271 -63.59 -42.37 30.33
CA TRP A 271 -64.49 -42.86 29.28
C TRP A 271 -63.71 -43.52 28.16
N LEU A 272 -62.55 -42.95 27.81
CA LEU A 272 -61.69 -43.56 26.79
C LEU A 272 -61.22 -44.94 27.22
N VAL A 273 -60.83 -45.09 28.48
CA VAL A 273 -60.41 -46.39 29.01
C VAL A 273 -61.56 -47.39 28.94
N LEU A 274 -62.76 -46.95 29.33
CA LEU A 274 -63.92 -47.85 29.28
C LEU A 274 -64.23 -48.26 27.85
N PHE A 275 -64.11 -47.34 26.90
CA PHE A 275 -64.46 -47.64 25.52
C PHE A 275 -63.44 -48.55 24.85
N ALA A 276 -62.14 -48.27 25.07
CA ALA A 276 -61.09 -48.96 24.34
C ALA A 276 -60.88 -50.41 24.76
N LEU A 277 -61.43 -50.82 25.90
CA LEU A 277 -61.21 -52.16 26.44
C LEU A 277 -62.44 -53.05 26.31
N ASN A 278 -63.16 -52.94 25.20
CA ASN A 278 -64.36 -53.75 25.00
C ASN A 278 -64.59 -53.94 23.50
N LYS A 279 -65.56 -54.80 23.19
CA LYS A 279 -65.89 -55.13 21.81
C LYS A 279 -66.88 -54.10 21.25
N ARG A 280 -67.43 -54.39 20.08
CA ARG A 280 -68.32 -53.43 19.42
C ARG A 280 -69.70 -53.37 20.08
N VAL A 281 -70.14 -54.48 20.70
CA VAL A 281 -71.47 -54.47 21.33
C VAL A 281 -71.49 -53.55 22.53
N PHE A 282 -70.40 -53.46 23.29
CA PHE A 282 -70.37 -52.61 24.48
C PHE A 282 -70.50 -51.14 24.11
N VAL A 283 -69.75 -50.69 23.10
CA VAL A 283 -69.89 -49.31 22.65
C VAL A 283 -71.25 -49.11 21.99
N ARG A 284 -71.75 -50.12 21.28
CA ARG A 284 -73.10 -50.10 20.73
C ARG A 284 -74.12 -49.77 21.80
N ARG A 285 -73.95 -50.34 23.00
CA ARG A 285 -74.91 -50.11 24.08
C ARG A 285 -74.65 -48.80 24.82
N ILE A 286 -73.38 -48.41 24.97
CA ILE A 286 -73.03 -47.32 25.89
C ILE A 286 -72.87 -45.96 25.20
N TRP A 287 -72.80 -45.92 23.86
CA TRP A 287 -72.57 -44.66 23.19
C TRP A 287 -73.72 -43.69 23.38
N VAL A 288 -74.97 -44.18 23.42
CA VAL A 288 -76.11 -43.29 23.62
C VAL A 288 -76.02 -42.64 25.00
N PHE A 289 -75.69 -43.41 26.03
CA PHE A 289 -75.54 -42.84 27.36
C PHE A 289 -74.40 -41.82 27.40
N TYR A 290 -73.28 -42.15 26.77
CA TYR A 290 -72.15 -41.22 26.76
C TYR A 290 -72.51 -39.91 26.06
N VAL A 291 -73.18 -39.99 24.91
CA VAL A 291 -73.48 -38.79 24.15
C VAL A 291 -74.53 -37.95 24.86
N ILE A 292 -75.52 -38.59 25.50
CA ILE A 292 -76.49 -37.78 26.24
C ILE A 292 -75.84 -37.15 27.47
N TYR A 293 -74.93 -37.87 28.15
CA TYR A 293 -74.25 -37.30 29.30
C TYR A 293 -73.43 -36.07 28.90
N MET A 294 -72.65 -36.18 27.82
CA MET A 294 -71.85 -35.04 27.40
C MET A 294 -72.71 -33.90 26.83
N ALA A 295 -73.82 -34.22 26.17
CA ALA A 295 -74.72 -33.19 25.67
C ALA A 295 -75.36 -32.42 26.83
N ILE A 296 -75.68 -33.10 27.93
CA ILE A 296 -76.18 -32.41 29.11
C ILE A 296 -75.07 -31.63 29.79
N LEU A 297 -73.84 -32.15 29.76
CA LEU A 297 -72.72 -31.49 30.42
C LEU A 297 -72.33 -30.19 29.74
N TYR A 298 -72.45 -30.13 28.41
CA TYR A 298 -72.02 -28.92 27.68
C TYR A 298 -72.70 -27.65 28.19
N PRO A 299 -74.03 -27.58 28.33
CA PRO A 299 -74.62 -26.35 28.87
C PRO A 299 -74.10 -26.01 30.25
N LEU A 300 -73.98 -26.99 31.15
CA LEU A 300 -73.46 -26.72 32.48
C LEU A 300 -72.04 -26.20 32.42
N GLN A 301 -71.23 -26.72 31.49
CA GLN A 301 -69.89 -26.20 31.29
C GLN A 301 -69.94 -24.73 30.89
N PHE A 302 -70.89 -24.36 30.01
CA PHE A 302 -70.94 -22.97 29.58
C PHE A 302 -71.48 -22.07 30.69
N PHE A 303 -72.40 -22.57 31.52
CA PHE A 303 -72.81 -21.81 32.70
C PHE A 303 -71.64 -21.56 33.63
N SER A 304 -70.82 -22.59 33.86
CA SER A 304 -69.63 -22.40 34.67
C SER A 304 -68.68 -21.38 34.04
N TYR A 305 -68.58 -21.39 32.72
CA TYR A 305 -67.71 -20.44 32.04
C TYR A 305 -68.18 -19.00 32.21
N VAL A 306 -69.47 -18.76 32.00
CA VAL A 306 -69.97 -17.38 32.06
C VAL A 306 -69.94 -16.85 33.49
N GLY A 307 -70.27 -17.69 34.47
CA GLY A 307 -70.15 -17.29 35.86
C GLY A 307 -71.38 -16.65 36.47
N LEU A 308 -71.16 -15.66 37.33
CA LEU A 308 -72.19 -15.02 38.12
C LEU A 308 -72.07 -13.51 37.94
N PRO A 309 -73.19 -12.77 38.06
CA PRO A 309 -73.12 -11.31 38.02
C PRO A 309 -72.19 -10.77 39.10
N PRO A 310 -71.44 -9.72 38.79
CA PRO A 310 -70.43 -9.21 39.76
C PRO A 310 -71.06 -8.66 41.03
N ASP A 311 -72.01 -7.75 40.90
CA ASP A 311 -72.65 -7.12 42.07
C ASP A 311 -73.79 -7.98 42.61
N SER A 312 -73.50 -9.24 42.88
CA SER A 312 -74.49 -10.16 43.46
C SER A 312 -74.45 -10.18 44.98
N CYS A 313 -73.48 -9.50 45.60
CA CYS A 313 -73.34 -9.45 47.05
C CYS A 313 -73.21 -10.84 47.66
N ILE A 314 -72.58 -11.76 46.94
CA ILE A 314 -72.38 -13.13 47.40
C ILE A 314 -71.04 -13.63 46.87
N GLU A 315 -70.40 -14.48 47.66
CA GLU A 315 -69.10 -15.04 47.35
C GLU A 315 -69.24 -16.53 47.04
N TYR A 316 -68.47 -17.01 46.08
CA TYR A 316 -68.50 -18.42 45.74
C TYR A 316 -68.05 -19.26 46.93
N PRO A 317 -68.83 -20.27 47.34
CA PRO A 317 -68.37 -21.13 48.45
C PRO A 317 -67.05 -21.83 48.15
N TRP A 318 -66.86 -22.28 46.92
CA TRP A 318 -65.64 -23.00 46.53
C TRP A 318 -64.39 -22.15 46.62
N SER A 319 -64.51 -20.89 47.05
CA SER A 319 -63.37 -20.03 47.28
C SER A 319 -62.87 -20.09 48.72
N TYR A 320 -63.46 -20.92 49.58
CA TYR A 320 -62.94 -21.02 50.94
C TYR A 320 -62.95 -22.45 51.49
N TRP A 321 -62.78 -23.46 50.64
CA TRP A 321 -62.55 -24.80 51.17
C TRP A 321 -61.18 -24.92 51.82
N ILE A 322 -60.15 -24.33 51.21
CA ILE A 322 -58.77 -24.54 51.65
C ILE A 322 -58.51 -23.86 52.98
N PRO A 323 -58.15 -24.62 54.02
CA PRO A 323 -57.96 -24.02 55.35
C PRO A 323 -56.68 -23.19 55.49
N SER A 324 -55.54 -23.76 55.08
CA SER A 324 -54.24 -23.19 55.46
C SER A 324 -53.26 -23.22 54.29
N TYR A 325 -53.70 -22.82 53.11
CA TYR A 325 -52.79 -22.65 51.97
C TYR A 325 -53.09 -21.32 51.30
N SER A 326 -52.11 -20.84 50.54
CA SER A 326 -52.16 -19.50 49.98
C SER A 326 -53.26 -19.39 48.91
N ASP A 327 -53.55 -18.15 48.52
CA ASP A 327 -54.64 -17.88 47.59
C ASP A 327 -54.35 -18.43 46.20
N ASP A 328 -53.08 -18.44 45.79
CA ASP A 328 -52.74 -18.99 44.47
C ASP A 328 -53.06 -20.48 44.40
N ALA A 329 -52.89 -21.21 45.51
CA ALA A 329 -53.30 -22.61 45.54
C ALA A 329 -54.81 -22.74 45.35
N ARG A 330 -55.59 -21.85 45.96
CA ARG A 330 -57.03 -21.87 45.77
C ARG A 330 -57.40 -21.57 44.32
N PHE A 331 -56.70 -20.62 43.70
CA PHE A 331 -56.96 -20.31 42.29
C PHE A 331 -56.63 -21.51 41.41
N ASN A 332 -55.51 -22.18 41.68
CA ASN A 332 -55.15 -23.37 40.92
C ASN A 332 -56.18 -24.47 41.09
N LEU A 333 -56.66 -24.67 42.31
CA LEU A 333 -57.69 -25.69 42.55
C LEU A 333 -58.98 -25.35 41.80
N SER A 334 -59.38 -24.08 41.82
CA SER A 334 -60.59 -23.68 41.09
C SER A 334 -60.42 -23.86 39.59
N TYR A 335 -59.25 -23.50 39.06
CA TYR A 335 -59.02 -23.63 37.62
C TYR A 335 -58.98 -25.08 37.19
N LEU A 336 -58.36 -25.95 38.00
CA LEU A 336 -58.28 -27.36 37.64
C LEU A 336 -59.65 -28.02 37.61
N LEU A 337 -60.53 -27.66 38.56
CA LEU A 337 -61.87 -28.19 38.60
C LEU A 337 -62.84 -27.44 37.69
N ASN A 338 -62.37 -26.38 37.03
CA ASN A 338 -63.16 -25.61 36.07
C ASN A 338 -64.45 -25.07 36.70
N LEU A 339 -64.26 -24.20 37.70
CA LEU A 339 -65.35 -23.51 38.35
C LEU A 339 -65.21 -22.00 38.14
N SER A 340 -66.36 -21.32 38.12
CA SER A 340 -66.37 -19.89 37.85
C SER A 340 -65.68 -19.11 38.96
N ILE A 341 -64.97 -18.05 38.58
CA ILE A 341 -64.29 -17.17 39.53
C ILE A 341 -64.32 -15.76 38.97
N TYR A 342 -64.31 -14.79 39.87
CA TYR A 342 -64.42 -13.39 39.47
C TYR A 342 -63.21 -12.97 38.64
N GLY A 343 -63.47 -12.21 37.57
CA GLY A 343 -62.39 -11.74 36.71
C GLY A 343 -61.65 -12.86 35.99
N VAL A 344 -62.39 -13.82 35.44
CA VAL A 344 -61.79 -14.96 34.76
C VAL A 344 -61.75 -14.68 33.26
N ASN A 345 -60.80 -15.30 32.58
CA ASN A 345 -60.55 -15.05 31.16
C ASN A 345 -60.40 -16.38 30.41
N TRP A 346 -61.38 -17.27 30.59
CA TRP A 346 -61.42 -18.60 29.96
C TRP A 346 -61.03 -18.54 28.49
N PRO A 347 -59.93 -19.19 28.10
CA PRO A 347 -59.56 -19.23 26.68
C PRO A 347 -60.53 -20.09 25.88
N SER A 348 -60.55 -19.84 24.57
CA SER A 348 -61.49 -20.48 23.66
C SER A 348 -61.08 -21.89 23.25
N ALA A 349 -59.91 -22.36 23.68
CA ALA A 349 -59.45 -23.69 23.30
C ALA A 349 -60.39 -24.77 23.83
N TYR A 350 -60.86 -24.61 25.07
CA TYR A 350 -61.79 -25.57 25.65
C TYR A 350 -63.08 -25.65 24.84
N LEU A 351 -63.64 -24.49 24.49
CA LEU A 351 -64.89 -24.47 23.74
C LEU A 351 -64.69 -25.04 22.34
N ILE A 352 -63.56 -24.74 21.70
CA ILE A 352 -63.28 -25.34 20.39
C ILE A 352 -63.21 -26.85 20.50
N GLY A 353 -62.51 -27.36 21.53
CA GLY A 353 -62.39 -28.80 21.69
C GLY A 353 -63.72 -29.48 21.92
N ASP A 354 -64.54 -28.93 22.82
CA ASP A 354 -65.80 -29.59 23.11
C ASP A 354 -66.80 -29.42 21.96
N PHE A 355 -66.68 -28.36 21.17
CA PHE A 355 -67.51 -28.23 19.98
C PHE A 355 -67.15 -29.29 18.94
N PHE A 356 -65.86 -29.51 18.72
CA PHE A 356 -65.47 -30.59 17.81
C PHE A 356 -65.87 -31.95 18.36
N VAL A 357 -65.85 -32.12 19.68
CA VAL A 357 -66.37 -33.36 20.26
C VAL A 357 -67.84 -33.52 19.95
N LEU A 358 -68.62 -32.44 20.07
CA LEU A 358 -70.03 -32.48 19.72
C LEU A 358 -70.24 -32.90 18.27
N LEU A 359 -69.50 -32.27 17.35
CA LEU A 359 -69.69 -32.58 15.93
C LEU A 359 -69.28 -34.02 15.59
N LEU A 360 -68.15 -34.47 16.15
CA LEU A 360 -67.74 -35.85 15.92
C LEU A 360 -68.74 -36.84 16.49
N ALA A 361 -69.28 -36.56 17.68
CA ALA A 361 -70.30 -37.44 18.24
C ALA A 361 -71.55 -37.47 17.39
N SER A 362 -71.97 -36.30 16.88
CA SER A 362 -73.17 -36.25 16.04
C SER A 362 -72.98 -37.04 14.75
N CYS A 363 -71.82 -36.87 14.09
CA CYS A 363 -71.55 -37.64 12.88
C CYS A 363 -71.47 -39.13 13.18
N GLN A 364 -70.84 -39.50 14.31
CA GLN A 364 -70.74 -40.90 14.68
C GLN A 364 -72.11 -41.51 14.89
N LEU A 365 -73.01 -40.79 15.58
CA LEU A 365 -74.36 -41.29 15.77
C LEU A 365 -75.13 -41.36 14.45
N ALA A 366 -74.93 -40.37 13.57
CA ALA A 366 -75.63 -40.39 12.28
C ALA A 366 -75.26 -41.61 11.47
N VAL A 367 -73.97 -41.96 11.43
CA VAL A 367 -73.56 -43.17 10.73
C VAL A 367 -73.88 -44.40 11.57
N PHE A 368 -74.05 -44.22 12.89
CA PHE A 368 -74.32 -45.33 13.79
C PHE A 368 -75.75 -45.84 13.63
N ARG A 369 -76.68 -44.97 13.25
CA ARG A 369 -78.04 -45.41 12.97
C ARG A 369 -78.07 -46.38 11.80
N ARG A 370 -77.31 -46.10 10.74
CA ARG A 370 -77.23 -46.97 9.57
C ARG A 370 -76.16 -48.05 9.74
N GLU A 371 -76.23 -48.76 10.87
CA GLU A 371 -75.25 -49.80 11.15
C GLU A 371 -75.41 -50.99 10.21
N GLY A 372 -74.28 -51.63 9.90
CA GLY A 372 -74.29 -52.79 9.04
C GLY A 372 -73.35 -53.89 9.53
N GLU A 373 -72.68 -54.56 8.61
CA GLU A 373 -71.74 -55.62 8.94
C GLU A 373 -70.30 -55.30 8.56
N ASP A 374 -70.06 -54.17 7.89
CA ASP A 374 -68.71 -53.83 7.47
C ASP A 374 -67.81 -53.56 8.68
N ASN A 375 -68.31 -52.83 9.68
CA ASN A 375 -67.52 -52.45 10.83
C ASN A 375 -67.66 -53.48 11.95
N ASP A 376 -67.41 -54.74 11.59
CA ASP A 376 -67.46 -55.85 12.53
C ASP A 376 -66.20 -56.70 12.38
N SER A 377 -65.69 -57.17 13.51
CA SER A 377 -64.47 -57.97 13.51
C SER A 377 -64.72 -59.32 12.83
N ILE A 378 -63.69 -59.81 12.13
CA ILE A 378 -63.78 -61.11 11.46
C ILE A 378 -63.48 -62.27 12.40
N TYR A 379 -63.23 -62.00 13.67
CA TYR A 379 -62.93 -63.04 14.66
C TYR A 379 -64.16 -63.49 15.43
N ASN A 380 -65.34 -63.02 15.05
CA ASN A 380 -66.56 -63.42 15.77
C ASN A 380 -66.82 -64.91 15.69
N ASP A 381 -66.31 -65.59 14.66
CA ASP A 381 -66.49 -67.04 14.57
C ASP A 381 -65.72 -67.77 15.66
N GLY A 382 -64.64 -67.16 16.15
CA GLY A 382 -63.94 -67.67 17.31
C GLY A 382 -62.70 -68.50 17.05
N ASN A 383 -62.25 -68.58 15.79
CA ASN A 383 -61.05 -69.35 15.46
C ASN A 383 -60.04 -68.45 14.74
N PHE A 384 -58.77 -68.84 14.84
CA PHE A 384 -57.66 -68.08 14.27
C PHE A 384 -57.25 -68.57 12.89
N VAL A 385 -57.90 -69.61 12.36
CA VAL A 385 -57.53 -70.12 11.05
C VAL A 385 -57.90 -69.11 9.97
N ILE A 386 -57.11 -69.11 8.89
CA ILE A 386 -57.36 -68.20 7.77
C ILE A 386 -58.70 -68.55 7.13
N LYS A 387 -59.50 -67.53 6.85
CA LYS A 387 -60.80 -67.74 6.24
C LYS A 387 -60.64 -68.30 4.83
N PRO A 388 -61.32 -69.39 4.48
CA PRO A 388 -61.07 -70.04 3.19
C PRO A 388 -61.31 -69.14 1.99
N GLU A 389 -62.33 -68.28 2.03
CA GLU A 389 -62.64 -67.42 0.90
C GLU A 389 -62.93 -66.01 1.40
N ASN A 390 -62.23 -65.04 0.82
CA ASN A 390 -62.40 -63.64 1.19
C ASN A 390 -63.09 -62.86 0.07
N PRO A 391 -63.86 -61.83 0.41
CA PRO A 391 -64.55 -61.04 -0.61
C PRO A 391 -63.66 -60.03 -1.35
N GLN A 392 -62.34 -60.12 -1.22
CA GLN A 392 -61.43 -59.20 -1.90
C GLN A 392 -60.32 -60.00 -2.56
N TYR A 393 -59.76 -59.43 -3.63
CA TYR A 393 -58.69 -60.07 -4.38
C TYR A 393 -57.34 -59.79 -3.72
N ASP A 394 -56.33 -60.51 -4.17
CA ASP A 394 -54.98 -60.32 -3.66
C ASP A 394 -54.42 -58.98 -4.09
N PHE A 395 -53.61 -58.37 -3.22
CA PHE A 395 -53.00 -57.07 -3.50
C PHE A 395 -51.48 -57.11 -3.55
N ILE A 396 -50.85 -58.13 -2.96
CA ILE A 396 -49.39 -58.21 -2.97
C ILE A 396 -48.88 -58.42 -4.39
N ASP A 397 -49.60 -59.20 -5.18
CA ASP A 397 -49.29 -59.36 -6.60
C ASP A 397 -49.98 -58.25 -7.39
N THR A 398 -49.93 -58.36 -8.71
CA THR A 398 -50.55 -57.42 -9.67
C THR A 398 -50.46 -55.97 -9.19
N LYS A 399 -49.22 -55.52 -8.98
CA LYS A 399 -48.95 -54.14 -8.56
C LYS A 399 -49.18 -53.22 -9.75
N LYS A 400 -50.41 -52.75 -9.88
CA LYS A 400 -50.82 -51.82 -10.92
C LYS A 400 -51.21 -50.50 -10.29
N SER A 401 -50.86 -49.41 -10.97
CA SER A 401 -51.13 -48.04 -10.50
C SER A 401 -50.36 -47.81 -9.20
N TYR A 402 -50.88 -46.96 -8.32
CA TYR A 402 -50.20 -46.61 -7.08
C TYR A 402 -51.02 -46.85 -5.82
N VAL A 403 -52.36 -46.94 -5.94
CA VAL A 403 -53.18 -47.21 -4.76
C VAL A 403 -52.93 -48.62 -4.24
N ASP A 404 -52.66 -49.57 -5.14
CA ASP A 404 -52.28 -50.90 -4.70
C ASP A 404 -50.96 -50.86 -3.92
N TYR A 405 -50.00 -50.07 -4.40
CA TYR A 405 -48.76 -49.87 -3.66
C TYR A 405 -49.02 -49.26 -2.29
N PHE A 406 -49.95 -48.30 -2.22
CA PHE A 406 -50.30 -47.69 -0.95
C PHE A 406 -50.88 -48.71 0.02
N LYS A 407 -51.79 -49.57 -0.47
CA LYS A 407 -52.33 -50.61 0.39
C LYS A 407 -51.24 -51.57 0.86
N SER A 408 -50.33 -51.95 -0.04
CA SER A 408 -49.25 -52.84 0.35
C SER A 408 -48.38 -52.20 1.43
N PHE A 409 -48.06 -50.91 1.27
CA PHE A 409 -47.23 -50.23 2.26
C PHE A 409 -47.95 -50.11 3.60
N VAL A 410 -49.24 -49.81 3.59
CA VAL A 410 -49.95 -49.60 4.85
C VAL A 410 -50.30 -50.91 5.55
N PHE A 411 -50.45 -52.01 4.81
CA PHE A 411 -50.84 -53.28 5.39
C PHE A 411 -49.66 -54.23 5.63
N HIS A 412 -48.48 -53.94 5.06
CA HIS A 412 -47.33 -54.81 5.19
C HIS A 412 -46.27 -54.28 6.15
N TYR A 413 -46.16 -52.96 6.31
CA TYR A 413 -45.16 -52.38 7.20
C TYR A 413 -45.78 -51.37 8.17
N GLY A 414 -47.10 -51.42 8.36
CA GLY A 414 -47.73 -50.49 9.28
C GLY A 414 -47.31 -50.72 10.72
N HIS A 415 -47.09 -51.97 11.11
CA HIS A 415 -46.68 -52.26 12.47
C HIS A 415 -45.28 -51.70 12.76
N TRP A 416 -44.40 -51.68 11.74
CA TRP A 416 -43.12 -51.02 11.91
C TRP A 416 -43.31 -49.54 12.22
N ILE A 417 -44.22 -48.88 11.52
CA ILE A 417 -44.46 -47.46 11.74
C ILE A 417 -45.03 -47.22 13.13
N THR A 418 -45.99 -48.04 13.56
CA THR A 418 -46.57 -47.84 14.88
C THR A 418 -45.57 -48.13 16.00
N LEU A 419 -44.69 -49.11 15.80
CA LEU A 419 -43.65 -49.37 16.79
C LEU A 419 -42.63 -48.24 16.83
N MET A 420 -42.31 -47.66 15.68
CA MET A 420 -41.46 -46.47 15.66
C MET A 420 -42.10 -45.34 16.43
N SER A 421 -43.40 -45.11 16.22
CA SER A 421 -44.09 -44.03 16.90
C SER A 421 -44.12 -44.25 18.42
N THR A 422 -44.41 -45.49 18.84
CA THR A 422 -44.46 -45.75 20.28
C THR A 422 -43.07 -45.67 20.91
N LEU A 423 -42.03 -46.08 20.20
CA LEU A 423 -40.67 -45.93 20.73
C LEU A 423 -40.28 -44.46 20.84
N ALA A 424 -40.65 -43.65 19.85
CA ALA A 424 -40.39 -42.22 19.93
C ALA A 424 -41.13 -41.58 21.10
N ALA A 425 -42.39 -41.98 21.31
CA ALA A 425 -43.13 -41.46 22.45
C ALA A 425 -42.49 -41.88 23.77
N GLY A 426 -42.01 -43.12 23.85
CA GLY A 426 -41.35 -43.58 25.07
C GLY A 426 -40.07 -42.82 25.34
N ILE A 427 -39.23 -42.65 24.32
CA ILE A 427 -37.95 -41.96 24.52
C ILE A 427 -38.14 -40.48 24.76
N ALA A 428 -39.24 -39.89 24.27
CA ALA A 428 -39.49 -38.47 24.49
C ALA A 428 -39.66 -38.16 25.97
N GLY A 429 -40.41 -39.00 26.68
CA GLY A 429 -40.64 -38.77 28.10
C GLY A 429 -39.48 -39.19 28.97
N THR A 430 -39.57 -38.83 30.25
CA THR A 430 -38.54 -39.15 31.24
C THR A 430 -39.24 -39.55 32.54
N SER A 431 -39.53 -40.85 32.67
CA SER A 431 -40.20 -41.38 33.86
C SER A 431 -40.14 -42.90 33.78
N LEU A 432 -40.74 -43.56 34.78
CA LEU A 432 -40.85 -45.00 34.76
C LEU A 432 -41.78 -45.48 33.65
N PHE A 433 -42.76 -44.64 33.27
CA PHE A 433 -43.62 -44.98 32.14
C PHE A 433 -42.82 -45.07 30.86
N ALA A 434 -41.80 -44.21 30.70
CA ALA A 434 -40.90 -44.32 29.57
C ALA A 434 -40.17 -45.66 29.58
N LEU A 435 -39.71 -46.09 30.76
CA LEU A 435 -39.06 -47.40 30.86
C LEU A 435 -40.00 -48.53 30.48
N GLY A 436 -41.27 -48.44 30.90
CA GLY A 436 -42.24 -49.44 30.51
C GLY A 436 -42.44 -49.47 29.00
N TYR A 437 -42.55 -48.29 28.38
CA TYR A 437 -42.65 -48.25 26.91
C TYR A 437 -41.43 -48.89 26.27
N ILE A 438 -40.24 -48.58 26.77
CA ILE A 438 -39.01 -49.12 26.19
C ILE A 438 -39.02 -50.65 26.27
N ILE A 439 -39.28 -51.19 27.47
CA ILE A 439 -39.19 -52.64 27.63
C ILE A 439 -40.27 -53.35 26.81
N PHE A 440 -41.48 -52.79 26.78
CA PHE A 440 -42.55 -53.41 26.00
C PHE A 440 -42.25 -53.37 24.51
N THR A 441 -41.72 -52.25 24.01
CA THR A 441 -41.43 -52.21 22.57
C THR A 441 -40.25 -53.08 22.20
N LEU A 442 -39.23 -53.20 23.07
CA LEU A 442 -38.14 -54.13 22.77
C LEU A 442 -38.63 -55.57 22.77
N THR A 443 -39.43 -55.98 23.76
CA THR A 443 -39.92 -57.35 23.74
C THR A 443 -40.92 -57.58 22.62
N MET A 444 -41.56 -56.53 22.11
CA MET A 444 -42.45 -56.68 20.97
C MET A 444 -41.65 -56.85 19.67
N LEU A 445 -40.60 -56.04 19.49
CA LEU A 445 -39.80 -56.12 18.28
C LEU A 445 -38.92 -57.36 18.25
N TRP A 446 -38.57 -57.90 19.42
CA TRP A 446 -37.74 -59.11 19.45
C TRP A 446 -38.40 -60.30 18.79
N SER A 447 -39.73 -60.37 18.80
CA SER A 447 -40.48 -61.41 18.11
C SER A 447 -40.81 -60.89 16.71
N GLY A 448 -39.88 -61.08 15.78
CA GLY A 448 -40.03 -60.56 14.43
C GLY A 448 -41.10 -61.24 13.62
N ASN A 449 -40.88 -62.51 13.26
CA ASN A 449 -41.80 -63.24 12.40
C ASN A 449 -42.16 -64.62 12.91
N ASN A 450 -41.36 -65.23 13.78
CA ASN A 450 -41.68 -66.57 14.27
C ASN A 450 -42.97 -66.57 15.10
N LEU A 451 -43.20 -65.50 15.85
CA LEU A 451 -44.39 -65.43 16.71
C LEU A 451 -45.63 -65.07 15.90
N TYR A 452 -45.48 -64.59 14.67
CA TYR A 452 -46.61 -64.28 13.80
C TYR A 452 -47.04 -65.48 12.98
N VAL A 453 -47.30 -66.61 13.65
CA VAL A 453 -47.69 -67.85 12.99
C VAL A 453 -48.94 -68.38 13.67
N MET A 454 -49.91 -68.83 12.86
CA MET A 454 -51.18 -69.34 13.36
C MET A 454 -51.17 -70.85 13.54
N ASN A 455 -50.03 -71.44 13.86
CA ASN A 455 -49.92 -72.89 13.98
C ASN A 455 -50.56 -73.41 15.27
N SER A 456 -51.89 -73.45 15.30
CA SER A 456 -52.67 -74.04 16.39
C SER A 456 -52.44 -73.24 17.66
N THR A 457 -51.70 -73.75 18.65
CA THR A 457 -51.62 -73.18 19.98
C THR A 457 -50.18 -72.74 20.26
N LEU A 458 -49.90 -72.45 21.53
CA LEU A 458 -48.58 -72.00 21.98
C LEU A 458 -48.21 -70.66 21.36
N ARG A 459 -48.93 -69.63 21.83
CA ARG A 459 -48.71 -68.24 21.46
C ARG A 459 -49.06 -67.97 20.00
N SER A 460 -50.31 -68.23 19.65
CA SER A 460 -50.82 -68.04 18.30
C SER A 460 -51.44 -66.65 18.15
N PHE A 461 -52.24 -66.46 17.09
CA PHE A 461 -52.86 -65.18 16.79
C PHE A 461 -53.64 -64.64 17.99
N GLU A 462 -54.30 -65.52 18.74
CA GLU A 462 -55.02 -65.08 19.93
C GLU A 462 -54.07 -64.48 20.96
N HIS A 463 -52.91 -65.10 21.17
CA HIS A 463 -51.94 -64.55 22.10
C HIS A 463 -51.35 -63.25 21.58
N THR A 464 -51.18 -63.13 20.26
CA THR A 464 -50.71 -61.86 19.70
C THR A 464 -51.69 -60.74 20.00
N LEU A 465 -52.98 -60.99 19.80
CA LEU A 465 -53.98 -59.97 20.10
C LEU A 465 -54.08 -59.71 21.60
N LYS A 466 -53.83 -60.74 22.43
CA LYS A 466 -53.78 -60.51 23.87
C LYS A 466 -52.64 -59.57 24.24
N ARG A 467 -51.47 -59.76 23.63
CA ARG A 467 -50.35 -58.86 23.87
C ARG A 467 -50.65 -57.45 23.41
N TRP A 468 -51.30 -57.31 22.25
CA TRP A 468 -51.65 -55.98 21.76
C TRP A 468 -52.67 -55.32 22.68
N ASN A 469 -53.65 -56.08 23.17
CA ASN A 469 -54.59 -55.54 24.14
C ASN A 469 -53.90 -55.14 25.44
N ALA A 470 -52.87 -55.88 25.83
CA ALA A 470 -52.06 -55.47 26.98
C ALA A 470 -51.36 -54.14 26.70
N LEU A 471 -50.89 -53.95 25.47
CA LEU A 471 -50.29 -52.67 25.11
C LEU A 471 -51.31 -51.53 25.22
N LEU A 472 -52.53 -51.76 24.72
CA LEU A 472 -53.60 -50.78 24.89
C LEU A 472 -53.84 -50.48 26.37
N GLY A 473 -53.93 -51.52 27.19
CA GLY A 473 -54.17 -51.33 28.61
C GLY A 473 -53.08 -50.52 29.28
N TYR A 474 -51.82 -50.82 28.94
CA TYR A 474 -50.71 -50.08 29.54
C TYR A 474 -50.70 -48.63 29.08
N THR A 475 -50.99 -48.38 27.80
CA THR A 475 -51.02 -47.00 27.32
C THR A 475 -52.11 -46.19 27.99
N LEU A 476 -53.31 -46.77 28.12
CA LEU A 476 -54.39 -46.06 28.79
C LEU A 476 -54.09 -45.87 30.28
N PHE A 477 -53.46 -46.87 30.90
CA PHE A 477 -53.03 -46.69 32.29
C PHE A 477 -52.03 -45.55 32.41
N THR A 478 -51.10 -45.45 31.47
CA THR A 478 -50.11 -44.37 31.50
C THR A 478 -50.78 -43.01 31.39
N ILE A 479 -51.69 -42.86 30.43
CA ILE A 479 -52.31 -41.55 30.22
C ILE A 479 -53.19 -41.18 31.42
N THR A 480 -53.97 -42.15 31.94
CA THR A 480 -54.82 -41.83 33.07
C THR A 480 -54.00 -41.54 34.33
N MET A 481 -52.89 -42.25 34.51
CA MET A 481 -52.03 -41.97 35.66
C MET A 481 -51.41 -40.58 35.55
N LYS A 482 -50.96 -40.19 34.35
CA LYS A 482 -50.40 -38.86 34.16
C LYS A 482 -51.43 -37.79 34.46
N VAL A 483 -52.66 -37.95 33.95
CA VAL A 483 -53.65 -36.90 34.14
C VAL A 483 -54.12 -36.83 35.58
N CYS A 484 -54.22 -37.97 36.28
CA CYS A 484 -54.65 -37.91 37.67
C CYS A 484 -53.52 -37.55 38.62
N LEU A 485 -52.26 -37.62 38.17
CA LEU A 485 -51.14 -37.17 38.98
C LEU A 485 -50.84 -35.71 38.78
N GLN A 486 -51.14 -35.16 37.60
CA GLN A 486 -50.92 -33.73 37.38
C GLN A 486 -51.79 -32.89 38.30
N ILE A 487 -53.05 -33.27 38.47
CA ILE A 487 -53.95 -32.51 39.35
C ILE A 487 -53.48 -32.58 40.79
N PHE A 488 -52.99 -33.75 41.22
CA PHE A 488 -52.47 -33.90 42.58
C PHE A 488 -51.26 -33.01 42.77
N GLY A 489 -50.27 -33.11 41.88
CA GLY A 489 -49.02 -32.39 42.08
C GLY A 489 -49.16 -30.89 41.93
N CYS A 490 -50.01 -30.43 41.00
CA CYS A 490 -50.00 -29.01 40.63
C CYS A 490 -50.61 -28.14 41.73
N VAL A 491 -51.55 -28.66 42.52
CA VAL A 491 -52.20 -27.87 43.55
C VAL A 491 -51.78 -28.29 44.95
N PHE A 492 -51.39 -29.54 45.18
CA PHE A 492 -51.00 -30.02 46.50
C PHE A 492 -49.49 -30.15 46.63
N LEU A 493 -48.74 -29.24 45.99
CA LEU A 493 -47.29 -29.29 46.08
C LEU A 493 -46.80 -28.99 47.50
N SER A 494 -47.59 -28.24 48.29
CA SER A 494 -47.19 -27.91 49.64
C SER A 494 -47.06 -29.16 50.51
N TRP A 495 -47.81 -30.21 50.20
CA TRP A 495 -47.70 -31.47 50.93
C TRP A 495 -46.38 -32.18 50.67
N PHE A 496 -45.61 -31.73 49.68
CA PHE A 496 -44.34 -32.35 49.33
C PHE A 496 -43.17 -31.74 50.10
N ASP A 497 -43.43 -30.90 51.09
CA ASP A 497 -42.41 -30.11 51.78
C ASP A 497 -42.09 -30.67 53.17
N GLN A 498 -42.00 -31.99 53.29
CA GLN A 498 -41.61 -32.59 54.56
C GLN A 498 -40.22 -32.10 54.96
N SER A 499 -40.04 -31.85 56.26
CA SER A 499 -38.85 -31.19 56.78
C SER A 499 -37.56 -31.92 56.41
N GLY A 500 -37.40 -33.15 56.90
CA GLY A 500 -36.18 -33.90 56.64
C GLY A 500 -36.38 -35.37 56.88
N GLY A 501 -35.43 -36.16 56.39
CA GLY A 501 -35.52 -37.60 56.48
C GLY A 501 -36.27 -38.20 55.32
N TRP A 502 -37.57 -38.47 55.52
CA TRP A 502 -38.39 -39.02 54.44
C TRP A 502 -38.51 -38.06 53.27
N GLY A 503 -38.31 -36.77 53.49
CA GLY A 503 -38.41 -35.80 52.42
C GLY A 503 -37.36 -35.99 51.34
N LYS A 504 -36.17 -36.44 51.72
CA LYS A 504 -35.12 -36.67 50.73
C LYS A 504 -35.55 -37.71 49.71
N THR A 505 -36.10 -38.83 50.18
CA THR A 505 -36.66 -39.82 49.25
C THR A 505 -37.93 -39.32 48.60
N LEU A 506 -38.71 -38.50 49.32
CA LEU A 506 -39.92 -37.93 48.75
C LEU A 506 -39.61 -37.03 47.57
N CYS A 507 -38.59 -36.18 47.70
CA CYS A 507 -38.18 -35.36 46.56
C CYS A 507 -37.69 -36.20 45.40
N ILE A 508 -36.97 -37.28 45.69
CA ILE A 508 -36.47 -38.16 44.63
C ILE A 508 -37.63 -38.79 43.87
N VAL A 509 -38.62 -39.31 44.58
CA VAL A 509 -39.74 -39.97 43.91
C VAL A 509 -40.58 -38.95 43.14
N ARG A 510 -40.77 -37.75 43.71
CA ARG A 510 -41.47 -36.70 43.00
C ARG A 510 -40.74 -36.32 41.72
N GLN A 511 -39.41 -36.24 41.79
CA GLN A 511 -38.61 -35.83 40.64
C GLN A 511 -38.61 -36.90 39.55
N LEU A 512 -38.56 -38.17 39.95
CA LEU A 512 -38.56 -39.24 38.95
C LEU A 512 -39.96 -39.57 38.44
N PHE A 513 -41.00 -39.08 39.11
CA PHE A 513 -42.35 -39.19 38.58
C PHE A 513 -42.74 -38.02 37.68
N SER A 514 -41.87 -37.03 37.52
CA SER A 514 -42.12 -35.86 36.67
C SER A 514 -43.39 -35.13 37.10
N ILE A 515 -43.37 -34.63 38.33
CA ILE A 515 -44.51 -33.95 38.93
C ILE A 515 -44.28 -32.45 38.88
N THR A 516 -45.15 -31.74 38.18
CA THR A 516 -45.06 -30.29 38.05
C THR A 516 -46.41 -29.77 37.54
N CYS A 517 -46.49 -28.46 37.32
CA CYS A 517 -47.69 -27.82 36.78
C CYS A 517 -47.48 -27.64 35.28
N VAL A 518 -47.98 -28.59 34.49
CA VAL A 518 -47.84 -28.49 33.04
C VAL A 518 -48.65 -27.30 32.50
N ASN A 519 -49.81 -27.04 33.10
CA ASN A 519 -50.63 -25.91 32.67
C ASN A 519 -49.93 -24.60 33.01
N ASN A 520 -49.99 -23.64 32.09
CA ASN A 520 -49.35 -22.35 32.27
C ASN A 520 -50.31 -21.24 32.68
N GLU A 521 -51.61 -21.42 32.46
CA GLU A 521 -52.57 -20.38 32.84
C GLU A 521 -52.60 -20.18 34.35
N CYS A 522 -52.58 -21.27 35.12
CA CYS A 522 -52.57 -21.16 36.57
C CYS A 522 -51.21 -20.68 37.06
N HIS A 523 -51.22 -20.05 38.23
CA HIS A 523 -50.00 -19.52 38.83
C HIS A 523 -49.30 -20.60 39.65
N VAL A 524 -48.00 -20.77 39.40
CA VAL A 524 -47.22 -21.71 40.17
C VAL A 524 -47.11 -21.22 41.61
N LEU A 525 -47.17 -22.17 42.55
CA LEU A 525 -47.14 -21.82 43.97
C LEU A 525 -45.84 -21.08 44.30
N LYS A 526 -45.96 -19.97 45.03
CA LYS A 526 -44.87 -19.01 45.13
C LYS A 526 -43.95 -19.26 46.31
N GLU A 527 -44.47 -19.69 47.47
CA GLU A 527 -43.62 -19.78 48.65
C GLU A 527 -42.66 -20.96 48.60
N LEU A 528 -42.89 -21.93 47.72
CA LEU A 528 -41.97 -23.06 47.58
C LEU A 528 -40.92 -22.79 46.50
N GLU A 529 -40.26 -21.63 46.58
CA GLU A 529 -39.20 -21.34 45.63
C GLU A 529 -37.97 -22.20 45.89
N ASP A 530 -37.53 -22.27 47.15
CA ASP A 530 -36.36 -23.06 47.51
C ASP A 530 -36.62 -24.56 47.32
N PHE A 531 -37.82 -25.02 47.70
CA PHE A 531 -38.14 -26.44 47.51
C PHE A 531 -38.19 -26.80 46.03
N SER A 532 -38.79 -25.94 45.21
CA SER A 532 -38.80 -26.19 43.76
C SER A 532 -37.39 -26.16 43.20
N LYS A 533 -36.52 -25.32 43.76
CA LYS A 533 -35.11 -25.32 43.36
C LYS A 533 -34.43 -26.64 43.72
N ALA A 534 -34.75 -27.19 44.89
CA ALA A 534 -34.09 -28.40 45.35
C ALA A 534 -34.44 -29.61 44.48
N CYS A 535 -35.74 -29.84 44.26
CA CYS A 535 -36.15 -30.98 43.44
C CYS A 535 -35.84 -30.74 41.97
N ALA A 536 -36.09 -29.52 41.48
CA ALA A 536 -35.60 -29.03 40.19
C ALA A 536 -36.10 -29.91 39.03
N VAL A 537 -37.41 -29.86 38.82
CA VAL A 537 -37.96 -30.34 37.55
C VAL A 537 -37.35 -29.51 36.43
N GLU A 538 -37.17 -30.13 35.26
CA GLU A 538 -36.30 -29.54 34.25
C GLU A 538 -36.78 -28.15 33.82
N THR A 539 -37.87 -28.07 33.04
CA THR A 539 -38.61 -26.82 32.98
C THR A 539 -40.08 -27.04 33.31
N LYS A 540 -40.76 -27.81 32.46
CA LYS A 540 -42.17 -28.11 32.64
C LYS A 540 -42.55 -29.51 32.20
N GLU A 541 -41.58 -30.39 31.91
CA GLU A 541 -41.84 -31.55 31.08
C GLU A 541 -42.70 -32.61 31.78
N GLY A 542 -44.01 -32.50 31.61
CA GLY A 542 -44.95 -33.52 32.02
C GLY A 542 -46.05 -33.65 30.99
N ASN A 543 -45.73 -33.37 29.74
CA ASN A 543 -46.72 -33.21 28.69
C ASN A 543 -47.40 -34.55 28.37
N ILE A 544 -48.49 -34.45 27.60
CA ILE A 544 -49.33 -35.59 27.25
C ILE A 544 -49.36 -35.70 25.73
N GLY A 545 -48.23 -35.43 25.09
CA GLY A 545 -48.17 -35.23 23.66
C GLY A 545 -47.90 -36.51 22.89
N PHE A 546 -46.65 -36.73 22.46
CA PHE A 546 -46.26 -37.85 21.62
C PHE A 546 -46.91 -39.17 22.03
N ASP A 547 -47.23 -39.32 23.31
CA ASP A 547 -48.00 -40.48 23.74
C ASP A 547 -49.34 -40.57 23.02
N VAL A 548 -49.97 -39.42 22.75
CA VAL A 548 -51.25 -39.42 22.07
C VAL A 548 -51.11 -39.93 20.64
N ILE A 549 -50.09 -39.46 19.91
CA ILE A 549 -49.93 -39.93 18.53
C ILE A 549 -49.49 -41.38 18.50
N ALA A 550 -48.73 -41.83 19.50
CA ALA A 550 -48.40 -43.25 19.59
C ALA A 550 -49.67 -44.07 19.81
N LEU A 551 -50.57 -43.59 20.69
CA LEU A 551 -51.84 -44.27 20.90
C LEU A 551 -52.65 -44.30 19.61
N SER A 552 -52.65 -43.20 18.85
CA SER A 552 -53.32 -43.16 17.56
C SER A 552 -52.80 -44.25 16.63
N PHE A 553 -51.47 -44.32 16.49
CA PHE A 553 -50.89 -45.29 15.58
C PHE A 553 -51.21 -46.72 16.02
N LEU A 554 -51.12 -46.99 17.32
CA LEU A 554 -51.35 -48.36 17.77
C LEU A 554 -52.82 -48.76 17.71
N VAL A 555 -53.74 -47.83 17.96
CA VAL A 555 -55.15 -48.17 17.81
C VAL A 555 -55.49 -48.37 16.34
N PHE A 556 -54.89 -47.59 15.44
CA PHE A 556 -55.06 -47.85 14.02
C PHE A 556 -54.53 -49.23 13.66
N GLN A 557 -53.37 -49.60 14.19
CA GLN A 557 -52.79 -50.91 13.88
C GLN A 557 -53.67 -52.05 14.40
N ILE A 558 -54.19 -51.92 15.62
CA ILE A 558 -55.02 -52.99 16.15
C ILE A 558 -56.35 -53.07 15.41
N ARG A 559 -56.87 -51.92 14.94
CA ARG A 559 -58.07 -51.96 14.10
C ARG A 559 -57.78 -52.67 12.78
N ILE A 560 -56.61 -52.42 12.19
CA ILE A 560 -56.23 -53.11 10.96
C ILE A 560 -56.07 -54.60 11.21
N PHE A 561 -55.58 -54.97 12.39
CA PHE A 561 -55.38 -56.38 12.72
C PHE A 561 -56.69 -57.17 12.66
N HIS A 562 -57.82 -56.50 12.90
CA HIS A 562 -59.14 -57.11 12.81
C HIS A 562 -59.87 -56.71 11.54
N SER A 563 -59.14 -56.53 10.44
CA SER A 563 -59.73 -56.09 9.19
C SER A 563 -59.36 -57.00 8.03
N TRP A 564 -59.69 -56.60 6.81
CA TRP A 564 -59.42 -57.39 5.63
C TRP A 564 -58.01 -57.12 5.11
N TYR A 565 -57.61 -57.92 4.11
CA TYR A 565 -56.32 -57.86 3.42
C TYR A 565 -55.21 -58.36 4.33
N PHE A 566 -55.52 -58.54 5.61
CA PHE A 566 -54.50 -58.96 6.56
C PHE A 566 -54.37 -60.48 6.58
N GLN A 567 -55.46 -61.19 6.33
CA GLN A 567 -55.36 -62.64 6.11
C GLN A 567 -54.46 -62.93 4.92
N HIS A 568 -54.63 -62.18 3.82
CA HIS A 568 -53.73 -62.33 2.68
C HIS A 568 -52.30 -61.94 3.05
N CYS A 569 -52.14 -60.90 3.87
CA CYS A 569 -50.80 -60.54 4.32
C CYS A 569 -50.12 -61.71 5.04
N MET A 570 -50.80 -62.31 6.02
CA MET A 570 -50.21 -63.42 6.75
C MET A 570 -50.06 -64.68 5.88
N VAL A 571 -50.91 -64.86 4.88
CA VAL A 571 -50.67 -65.92 3.90
C VAL A 571 -49.36 -65.67 3.16
N GLU A 572 -49.08 -64.42 2.83
CA GLU A 572 -47.79 -64.09 2.21
C GLU A 572 -46.65 -64.35 3.17
N TYR A 573 -46.83 -64.06 4.46
CA TYR A 573 -45.81 -64.41 5.44
C TYR A 573 -45.58 -65.92 5.51
N ARG A 574 -46.65 -66.70 5.48
CA ARG A 574 -46.56 -68.14 5.71
C ARG A 574 -46.31 -68.88 4.40
N SER A 575 -45.24 -69.69 4.38
CA SER A 575 -44.81 -70.58 3.29
C SER A 575 -44.09 -69.87 2.17
N GLU A 576 -43.96 -68.54 2.19
CA GLU A 576 -43.06 -67.84 1.28
C GLU A 576 -41.83 -67.28 1.96
N VAL A 577 -41.82 -67.20 3.28
CA VAL A 577 -40.64 -66.76 4.02
C VAL A 577 -39.88 -67.92 4.66
N ILE A 578 -40.58 -68.90 5.21
CA ILE A 578 -39.94 -70.06 5.87
C ILE A 578 -39.84 -71.24 4.91
N LEU A 579 -40.98 -71.73 4.41
CA LEU A 579 -40.95 -72.88 3.51
C LEU A 579 -40.18 -72.58 2.24
N ALA A 580 -40.36 -71.39 1.68
CA ALA A 580 -39.62 -70.95 0.51
C ALA A 580 -38.22 -70.45 0.86
N ASN A 581 -37.77 -70.66 2.10
CA ASN A 581 -36.43 -70.23 2.49
C ASN A 581 -35.36 -70.92 1.66
N ARG A 582 -35.63 -72.13 1.18
CA ARG A 582 -34.71 -72.81 0.29
C ARG A 582 -34.55 -72.06 -1.03
N GLY A 583 -35.63 -71.46 -1.52
CA GLY A 583 -35.65 -70.86 -2.85
C GLY A 583 -34.69 -69.71 -3.06
N ALA A 584 -33.85 -69.43 -2.07
CA ALA A 584 -32.80 -68.42 -2.22
C ALA A 584 -31.47 -69.01 -2.65
N VAL A 585 -31.18 -70.27 -2.31
CA VAL A 585 -29.88 -70.85 -2.64
C VAL A 585 -29.72 -70.95 -4.15
N LEU A 586 -30.83 -71.04 -4.89
CA LEU A 586 -30.74 -71.09 -6.34
C LEU A 586 -30.12 -69.80 -6.89
N LYS A 587 -30.34 -68.67 -6.21
CA LYS A 587 -29.66 -67.43 -6.57
C LYS A 587 -28.16 -67.65 -6.68
N ASN A 588 -27.60 -68.45 -5.77
CA ASN A 588 -26.16 -68.71 -5.79
C ASN A 588 -25.69 -69.11 -7.19
N GLN A 589 -26.43 -70.01 -7.85
CA GLN A 589 -26.02 -70.45 -9.18
C GLN A 589 -25.96 -69.27 -10.15
N LEU A 590 -27.00 -68.43 -10.17
CA LEU A 590 -26.92 -67.31 -11.10
C LEU A 590 -25.76 -66.40 -10.74
N ILE A 591 -25.40 -66.32 -9.45
CA ILE A 591 -24.22 -65.56 -9.06
C ILE A 591 -22.99 -66.14 -9.74
N GLU A 592 -22.80 -67.47 -9.65
CA GLU A 592 -21.63 -68.04 -10.31
C GLU A 592 -21.79 -68.07 -11.82
N LYS A 593 -22.99 -67.75 -12.32
CA LYS A 593 -23.12 -67.45 -13.74
C LYS A 593 -22.70 -66.01 -14.02
N GLU A 594 -23.15 -65.07 -13.18
CA GLU A 594 -22.93 -63.65 -13.44
C GLU A 594 -21.44 -63.35 -13.61
N MET A 595 -20.65 -63.59 -12.56
CA MET A 595 -19.21 -63.40 -12.67
C MET A 595 -18.66 -64.14 -13.88
N LYS A 596 -19.16 -65.36 -14.12
CA LYS A 596 -18.69 -66.15 -15.26
C LYS A 596 -18.77 -65.33 -16.54
N GLU A 597 -19.95 -64.77 -16.82
CA GLU A 597 -20.09 -64.05 -18.09
C GLU A 597 -19.15 -62.85 -18.14
N GLN A 598 -19.01 -62.12 -17.03
CA GLN A 598 -18.11 -60.97 -17.08
C GLN A 598 -16.67 -61.44 -17.19
N ASN A 599 -16.37 -62.61 -16.60
CA ASN A 599 -15.07 -63.21 -16.82
C ASN A 599 -14.82 -63.39 -18.30
N GLU A 600 -15.82 -63.87 -19.04
CA GLU A 600 -15.70 -63.99 -20.48
C GLU A 600 -15.32 -62.65 -21.09
N GLN A 601 -16.01 -61.59 -20.67
CA GLN A 601 -15.67 -60.26 -21.18
C GLN A 601 -14.22 -59.92 -20.89
N GLN A 602 -13.78 -60.21 -19.66
CA GLN A 602 -12.37 -60.00 -19.33
C GLN A 602 -11.46 -60.74 -20.30
N LYS A 603 -11.80 -61.99 -20.60
CA LYS A 603 -11.05 -62.75 -21.60
C LYS A 603 -10.97 -61.96 -22.91
N ALA A 604 -12.12 -61.52 -23.41
CA ALA A 604 -12.13 -60.69 -24.60
C ALA A 604 -11.33 -59.42 -24.35
N LYS A 605 -11.57 -58.77 -23.20
CA LYS A 605 -10.84 -57.55 -22.86
C LYS A 605 -9.35 -57.78 -22.82
N PHE A 606 -8.91 -59.02 -22.64
CA PHE A 606 -7.50 -59.34 -22.77
C PHE A 606 -7.14 -59.66 -24.21
N ASN A 607 -7.92 -60.54 -24.85
CA ASN A 607 -7.52 -61.11 -26.12
C ASN A 607 -7.29 -60.03 -27.18
N ASP A 608 -8.23 -59.09 -27.29
CA ASP A 608 -8.09 -58.01 -28.24
C ASP A 608 -6.76 -57.30 -28.06
N ILE A 609 -6.40 -56.97 -26.81
CA ILE A 609 -5.11 -56.32 -26.57
C ILE A 609 -3.97 -57.20 -27.08
N ARG A 610 -4.00 -58.49 -26.71
CA ARG A 610 -2.94 -59.40 -27.13
C ARG A 610 -2.86 -59.51 -28.65
N ARG A 611 -3.91 -59.10 -29.36
CA ARG A 611 -3.79 -58.95 -30.80
C ARG A 611 -3.32 -57.55 -31.17
N ARG A 612 -4.01 -56.53 -30.64
CA ARG A 612 -3.78 -55.16 -31.09
C ARG A 612 -2.30 -54.83 -31.10
N THR A 613 -1.67 -54.90 -29.93
CA THR A 613 -0.23 -54.66 -29.83
C THR A 613 0.53 -55.41 -30.92
N GLU A 614 0.45 -56.75 -30.90
CA GLU A 614 1.29 -57.52 -31.80
C GLU A 614 1.01 -57.14 -33.25
N ALA A 615 -0.24 -56.74 -33.52
CA ALA A 615 -0.61 -56.37 -34.89
C ALA A 615 0.30 -55.27 -35.41
N ILE A 616 0.41 -54.16 -34.65
CA ILE A 616 1.18 -53.04 -35.18
C ILE A 616 2.63 -53.47 -35.36
N ARG A 617 3.07 -54.47 -34.61
CA ARG A 617 4.43 -54.97 -34.74
C ARG A 617 4.71 -55.38 -36.18
N GLU A 618 3.82 -56.20 -36.77
CA GLU A 618 4.05 -56.58 -38.16
C GLU A 618 4.07 -55.36 -39.06
N ARG A 619 3.20 -54.39 -38.77
CA ARG A 619 3.22 -53.15 -39.53
C ARG A 619 4.61 -52.52 -39.47
N TYR A 620 5.17 -52.39 -38.27
CA TYR A 620 6.54 -51.91 -38.16
C TYR A 620 7.49 -52.86 -38.84
N GLN A 621 7.29 -54.17 -38.65
CA GLN A 621 8.14 -55.16 -39.32
C GLN A 621 8.03 -55.03 -40.83
N LYS A 622 6.90 -54.53 -41.33
CA LYS A 622 6.79 -54.26 -42.77
C LYS A 622 7.64 -53.05 -43.16
N GLN A 623 7.53 -51.97 -42.39
CA GLN A 623 8.12 -50.70 -42.82
C GLN A 623 9.63 -50.79 -42.92
N ILE A 624 10.28 -51.33 -41.88
CA ILE A 624 11.73 -51.50 -41.90
C ILE A 624 12.14 -52.46 -43.01
N GLU A 625 11.25 -53.36 -43.43
CA GLU A 625 11.55 -54.23 -44.57
C GLU A 625 11.40 -53.49 -45.89
N ARG A 626 10.50 -52.51 -45.96
CA ARG A 626 10.26 -51.82 -47.23
C ARG A 626 11.40 -50.87 -47.58
N GLY A 627 11.90 -50.13 -46.59
CA GLY A 627 12.93 -49.14 -46.86
C GLY A 627 14.25 -49.42 -46.15
N ALA A 628 14.66 -50.69 -46.13
CA ALA A 628 15.91 -51.05 -45.46
C ALA A 628 17.13 -50.46 -46.16
N ALA A 629 17.05 -50.19 -47.47
CA ALA A 629 18.17 -49.64 -48.21
C ALA A 629 18.24 -48.13 -48.16
N GLU A 630 17.28 -47.47 -47.51
CA GLU A 630 17.26 -46.01 -47.41
C GLU A 630 17.66 -45.50 -46.03
N ARG A 631 17.40 -46.28 -44.98
CA ARG A 631 17.68 -45.82 -43.62
C ARG A 631 19.19 -45.63 -43.42
N ASP A 632 19.52 -44.73 -42.49
CA ASP A 632 20.89 -44.46 -42.10
C ASP A 632 21.02 -44.55 -40.59
N PHE A 633 22.18 -45.06 -40.14
CA PHE A 633 22.50 -45.20 -38.72
C PHE A 633 21.61 -46.24 -38.04
N GLU A 634 22.09 -46.78 -36.92
CA GLU A 634 21.34 -47.78 -36.16
C GLU A 634 21.03 -47.23 -34.78
N PRO A 635 19.76 -47.14 -34.38
CA PRO A 635 19.42 -46.62 -33.04
C PRO A 635 19.91 -47.58 -31.95
N VAL A 636 20.70 -47.04 -31.03
CA VAL A 636 21.23 -47.84 -29.92
C VAL A 636 20.74 -47.25 -28.60
N THR A 637 21.08 -45.99 -28.34
CA THR A 637 20.64 -45.33 -27.13
C THR A 637 19.23 -44.78 -27.30
N TYR A 638 18.67 -44.27 -26.20
CA TYR A 638 17.34 -43.70 -26.25
C TYR A 638 17.28 -42.48 -27.17
N GLY A 639 18.33 -41.65 -27.16
CA GLY A 639 18.34 -40.47 -28.00
C GLY A 639 18.31 -40.81 -29.47
N HIS A 640 18.99 -41.88 -29.87
CA HIS A 640 18.99 -42.31 -31.27
C HIS A 640 17.67 -42.96 -31.68
N ALA A 641 16.93 -43.53 -30.73
CA ALA A 641 15.63 -44.13 -31.04
C ALA A 641 14.51 -43.10 -31.07
N LYS A 642 14.61 -42.06 -30.24
CA LYS A 642 13.62 -41.00 -30.21
C LYS A 642 13.58 -40.22 -31.53
N ARG A 643 14.71 -40.11 -32.23
CA ARG A 643 14.83 -39.31 -33.43
C ARG A 643 15.15 -40.18 -34.64
N ALA A 644 14.51 -41.35 -34.71
CA ALA A 644 14.71 -42.28 -35.81
C ALA A 644 13.63 -42.18 -36.88
N GLY A 645 12.73 -41.20 -36.78
CA GLY A 645 11.69 -41.05 -37.77
C GLY A 645 12.25 -40.66 -39.12
N ASP A 646 11.59 -41.13 -40.17
CA ASP A 646 12.02 -40.86 -41.54
C ASP A 646 10.81 -41.06 -42.45
N TYR A 647 10.96 -40.65 -43.71
CA TYR A 647 9.85 -40.70 -44.66
C TYR A 647 9.40 -42.14 -44.95
N TYR A 648 10.33 -43.09 -44.94
CA TYR A 648 10.03 -44.44 -45.43
C TYR A 648 8.92 -45.09 -44.62
N MET A 649 8.89 -44.85 -43.30
CA MET A 649 7.87 -45.49 -42.47
C MET A 649 6.49 -44.87 -42.66
N PHE A 650 6.38 -43.76 -43.38
CA PHE A 650 5.09 -43.13 -43.68
C PHE A 650 4.62 -43.39 -45.09
N LYS A 651 5.29 -44.27 -45.84
CA LYS A 651 4.96 -44.51 -47.24
C LYS A 651 3.91 -45.62 -47.38
N TYR A 652 2.73 -45.35 -46.82
CA TYR A 652 1.61 -46.27 -46.93
C TYR A 652 0.33 -45.51 -46.63
N ASP A 653 -0.75 -45.91 -47.28
CA ASP A 653 -2.04 -45.28 -47.04
C ASP A 653 -2.52 -45.59 -45.63
N PRO A 654 -3.10 -44.61 -44.94
CA PRO A 654 -3.51 -44.84 -43.54
C PRO A 654 -4.58 -45.90 -43.38
N GLU A 655 -5.35 -46.20 -44.42
CA GLU A 655 -6.40 -47.21 -44.33
C GLU A 655 -5.91 -48.56 -44.81
N GLN A 839 -49.52 -51.22 -16.80
CA GLN A 839 -48.57 -52.27 -16.49
C GLN A 839 -47.13 -51.79 -16.66
N LYS A 840 -46.88 -51.09 -17.78
CA LYS A 840 -45.56 -50.56 -18.09
C LYS A 840 -45.62 -49.04 -18.04
N SER A 841 -45.17 -48.48 -16.91
CA SER A 841 -45.15 -47.04 -16.71
C SER A 841 -43.79 -46.62 -16.16
N SER A 842 -43.38 -45.40 -16.51
CA SER A 842 -42.08 -44.90 -16.07
C SER A 842 -42.03 -44.77 -14.54
N ALA A 843 -43.11 -44.28 -13.94
CA ALA A 843 -43.16 -44.14 -12.50
C ALA A 843 -43.02 -45.50 -11.82
N THR A 844 -43.68 -46.52 -12.36
CA THR A 844 -43.56 -47.87 -11.83
C THR A 844 -42.12 -48.37 -11.94
N ARG A 845 -41.46 -48.08 -13.07
CA ARG A 845 -40.07 -48.50 -13.24
C ARG A 845 -39.16 -47.86 -12.21
N LEU A 846 -39.31 -46.54 -12.01
CA LEU A 846 -38.50 -45.86 -11.00
C LEU A 846 -38.79 -46.38 -9.59
N LEU A 847 -40.06 -46.63 -9.29
CA LEU A 847 -40.41 -47.16 -7.96
C LEU A 847 -39.78 -48.52 -7.75
N ASN A 848 -39.86 -49.40 -8.75
CA ASN A 848 -39.25 -50.72 -8.62
C ASN A 848 -37.74 -50.60 -8.47
N ALA A 849 -37.11 -49.71 -9.22
CA ALA A 849 -35.66 -49.53 -9.14
C ALA A 849 -35.25 -49.06 -7.74
N VAL A 850 -35.96 -48.07 -7.20
CA VAL A 850 -35.57 -47.54 -5.89
C VAL A 850 -35.85 -48.57 -4.79
N VAL A 851 -36.94 -49.33 -4.91
CA VAL A 851 -37.22 -50.37 -3.91
C VAL A 851 -36.13 -51.44 -3.95
N ASN A 852 -35.73 -51.86 -5.16
CA ASN A 852 -34.65 -52.85 -5.27
C ASN A 852 -33.35 -52.30 -4.70
N CYS A 853 -33.04 -51.02 -4.98
CA CYS A 853 -31.82 -50.42 -4.46
C CYS A 853 -31.82 -50.40 -2.94
N ILE A 854 -32.94 -50.00 -2.33
CA ILE A 854 -33.02 -49.98 -0.88
C ILE A 854 -32.89 -51.40 -0.32
N GLY A 855 -33.56 -52.36 -0.94
CA GLY A 855 -33.49 -53.73 -0.45
C GLY A 855 -32.10 -54.30 -0.52
N ALA A 856 -31.34 -53.95 -1.57
CA ALA A 856 -29.99 -54.45 -1.70
C ALA A 856 -28.96 -53.60 -0.95
N HIS A 857 -29.31 -52.41 -0.49
CA HIS A 857 -28.36 -51.52 0.17
C HIS A 857 -28.77 -51.16 1.59
N THR A 858 -29.68 -51.92 2.21
CA THR A 858 -29.90 -51.76 3.65
C THR A 858 -28.60 -51.91 4.43
N ASP A 859 -27.67 -52.73 3.93
CA ASP A 859 -26.41 -52.95 4.63
C ASP A 859 -25.64 -51.65 4.79
N ILE A 860 -25.55 -50.85 3.74
CA ILE A 860 -24.86 -49.56 3.85
C ILE A 860 -25.77 -48.49 4.43
N LEU A 861 -27.08 -48.63 4.30
CA LEU A 861 -28.00 -47.68 4.93
C LEU A 861 -27.85 -47.72 6.45
N CYS A 862 -27.72 -48.91 7.03
CA CYS A 862 -27.51 -49.02 8.46
C CYS A 862 -26.21 -48.36 8.90
N TYR A 863 -25.14 -48.54 8.12
CA TYR A 863 -23.87 -47.91 8.44
C TYR A 863 -24.00 -46.39 8.39
N PHE A 864 -24.70 -45.87 7.37
CA PHE A 864 -24.89 -44.42 7.28
C PHE A 864 -25.70 -43.90 8.47
N PHE A 865 -26.74 -44.64 8.86
CA PHE A 865 -27.55 -44.21 10.01
C PHE A 865 -26.72 -44.21 11.28
N ALA A 866 -25.89 -45.23 11.48
CA ALA A 866 -25.02 -45.25 12.66
C ALA A 866 -24.04 -44.08 12.63
N ILE A 867 -23.48 -43.77 11.46
CA ILE A 867 -22.56 -42.64 11.34
C ILE A 867 -23.26 -41.35 11.72
N MET A 868 -24.48 -41.14 11.21
CA MET A 868 -25.22 -39.92 11.53
C MET A 868 -25.54 -39.84 13.02
N THR A 869 -25.95 -40.96 13.61
CA THR A 869 -26.26 -40.99 15.04
C THR A 869 -25.03 -40.62 15.86
N GLN A 870 -23.87 -41.16 15.51
CA GLN A 870 -22.64 -40.78 16.19
C GLN A 870 -22.33 -39.30 15.97
N VAL A 871 -22.59 -38.79 14.76
CA VAL A 871 -22.28 -37.40 14.44
C VAL A 871 -23.06 -36.45 15.34
N MET A 872 -24.36 -36.66 15.44
CA MET A 872 -25.21 -35.72 16.19
C MET A 872 -25.49 -36.16 17.61
N THR A 873 -24.79 -37.19 18.10
CA THR A 873 -24.76 -37.55 19.52
C THR A 873 -23.32 -37.72 19.96
N GLY A 874 -22.49 -36.73 19.63
CA GLY A 874 -21.05 -36.81 19.82
C GLY A 874 -20.58 -37.15 21.22
N GLY A 875 -19.71 -38.13 21.32
CA GLY A 875 -19.20 -38.56 22.61
C GLY A 875 -18.45 -39.86 22.49
N LEU A 876 -18.05 -40.40 23.63
CA LEU A 876 -17.34 -41.67 23.69
C LEU A 876 -18.26 -42.84 23.98
N ILE A 877 -19.58 -42.63 24.02
CA ILE A 877 -20.53 -43.70 24.28
C ILE A 877 -21.08 -44.31 22.99
N THR A 878 -21.08 -43.58 21.88
CA THR A 878 -21.61 -44.07 20.61
C THR A 878 -20.50 -44.19 19.57
N LEU A 879 -19.25 -44.33 20.02
CA LEU A 879 -18.07 -44.53 19.18
C LEU A 879 -17.92 -45.99 18.74
N PRO A 880 -18.18 -46.97 19.61
CA PRO A 880 -18.06 -48.37 19.16
C PRO A 880 -18.95 -48.71 17.97
N LEU A 881 -20.11 -48.05 17.81
CA LEU A 881 -20.93 -48.36 16.64
C LEU A 881 -20.23 -48.02 15.34
N PRO A 882 -19.72 -46.80 15.10
CA PRO A 882 -18.93 -46.57 13.89
C PRO A 882 -17.67 -47.41 13.82
N LEU A 883 -17.00 -47.65 14.95
CA LEU A 883 -15.78 -48.45 14.89
C LEU A 883 -16.07 -49.86 14.39
N MET A 884 -17.06 -50.53 14.97
CA MET A 884 -17.42 -51.87 14.52
C MET A 884 -17.93 -51.85 13.08
N SER A 885 -18.77 -50.86 12.74
CA SER A 885 -19.35 -50.82 11.40
C SER A 885 -18.27 -50.65 10.34
N LEU A 886 -17.28 -49.80 10.59
CA LEU A 886 -16.27 -49.48 9.59
C LEU A 886 -15.01 -50.32 9.73
N PHE A 887 -14.94 -51.22 10.71
CA PHE A 887 -13.81 -52.14 10.84
C PHE A 887 -14.19 -53.58 10.53
N TRP A 888 -15.25 -54.10 11.15
CA TRP A 888 -15.57 -55.52 11.05
C TRP A 888 -16.56 -55.79 9.92
N GLY A 889 -17.75 -55.19 10.00
CA GLY A 889 -18.78 -55.48 9.02
C GLY A 889 -18.44 -54.98 7.62
N ASN A 890 -17.87 -53.78 7.53
CA ASN A 890 -17.62 -53.18 6.23
C ASN A 890 -16.55 -53.95 5.46
N LEU A 891 -15.51 -54.43 6.14
CA LEU A 891 -14.42 -55.15 5.51
C LEU A 891 -14.66 -56.64 5.39
N SER A 892 -15.75 -57.16 5.96
CA SER A 892 -16.04 -58.59 5.90
C SER A 892 -16.53 -58.92 4.48
N ASN A 893 -15.66 -59.55 3.70
CA ASN A 893 -15.99 -59.84 2.30
C ASN A 893 -17.20 -60.76 2.16
N PRO A 894 -17.26 -61.95 2.79
CA PRO A 894 -18.39 -62.86 2.51
C PRO A 894 -19.61 -62.69 3.43
N ARG A 895 -20.36 -61.61 3.20
CA ARG A 895 -21.67 -61.40 3.83
C ARG A 895 -21.61 -61.53 5.35
N PRO A 896 -21.12 -60.48 6.06
CA PRO A 896 -20.85 -60.57 7.51
C PRO A 896 -21.83 -61.43 8.31
N SER A 897 -21.29 -62.27 9.18
CA SER A 897 -22.06 -63.31 9.85
C SER A 897 -23.07 -62.72 10.82
N LYS A 898 -23.85 -63.61 11.44
CA LYS A 898 -24.94 -63.20 12.31
C LYS A 898 -24.43 -62.55 13.59
N PHE A 899 -23.30 -63.02 14.12
CA PHE A 899 -22.82 -62.53 15.41
C PHE A 899 -22.54 -61.03 15.37
N PHE A 900 -22.07 -60.52 14.23
CA PHE A 900 -21.84 -59.08 14.10
C PHE A 900 -23.14 -58.30 14.28
N TRP A 901 -24.20 -58.72 13.61
CA TRP A 901 -25.49 -58.05 13.76
C TRP A 901 -26.01 -58.20 15.18
N VAL A 902 -25.83 -59.37 15.78
CA VAL A 902 -26.35 -59.60 17.14
C VAL A 902 -25.64 -58.69 18.14
N THR A 903 -24.32 -58.56 18.03
CA THR A 903 -23.60 -57.70 18.97
C THR A 903 -23.91 -56.24 18.72
N MET A 904 -24.15 -55.84 17.46
CA MET A 904 -24.62 -54.49 17.21
C MET A 904 -25.98 -54.24 17.87
N ILE A 905 -26.90 -55.21 17.76
CA ILE A 905 -28.19 -55.08 18.43
C ILE A 905 -27.99 -54.89 19.93
N THR A 906 -27.19 -55.77 20.54
CA THR A 906 -27.02 -55.77 21.98
C THR A 906 -26.43 -54.45 22.46
N TYR A 907 -25.38 -53.96 21.77
CA TYR A 907 -24.79 -52.68 22.17
C TYR A 907 -25.75 -51.53 21.91
N THR A 908 -26.63 -51.66 20.92
CA THR A 908 -27.62 -50.61 20.68
C THR A 908 -28.61 -50.51 21.84
N GLU A 909 -29.15 -51.65 22.29
CA GLU A 909 -30.05 -51.55 23.44
C GLU A 909 -29.28 -51.10 24.68
N CYS A 910 -28.04 -51.54 24.84
CA CYS A 910 -27.25 -51.09 25.99
C CYS A 910 -27.09 -49.57 26.00
N VAL A 911 -26.72 -49.00 24.85
CA VAL A 911 -26.46 -47.56 24.81
C VAL A 911 -27.77 -46.77 24.97
N ILE A 912 -28.87 -47.26 24.38
CA ILE A 912 -30.11 -46.52 24.52
C ILE A 912 -30.62 -46.56 25.96
N VAL A 913 -30.48 -47.71 26.62
CA VAL A 913 -30.90 -47.81 28.02
C VAL A 913 -30.01 -46.93 28.90
N ILE A 914 -28.70 -46.92 28.65
CA ILE A 914 -27.81 -46.08 29.44
C ILE A 914 -28.15 -44.61 29.25
N LYS A 915 -28.40 -44.19 28.01
CA LYS A 915 -28.76 -42.80 27.76
C LYS A 915 -30.07 -42.45 28.45
N PHE A 916 -31.06 -43.34 28.39
CA PHE A 916 -32.35 -43.06 29.02
C PHE A 916 -32.21 -42.94 30.53
N VAL A 917 -31.44 -43.84 31.15
CA VAL A 917 -31.32 -43.79 32.61
C VAL A 917 -30.48 -42.59 33.04
N CYS A 918 -29.50 -42.18 32.21
CA CYS A 918 -28.71 -40.98 32.53
C CYS A 918 -29.42 -39.69 32.16
N GLN A 919 -30.54 -39.76 31.44
CA GLN A 919 -31.31 -38.57 31.10
C GLN A 919 -32.28 -38.15 32.20
N PHE A 920 -32.28 -38.86 33.33
CA PHE A 920 -33.14 -38.50 34.45
C PHE A 920 -32.70 -37.17 35.05
N ALA A 921 -33.57 -36.59 35.88
CA ALA A 921 -33.35 -35.26 36.43
C ALA A 921 -32.51 -35.24 37.70
N PHE A 922 -32.38 -36.35 38.41
CA PHE A 922 -31.64 -36.35 39.67
C PHE A 922 -30.15 -36.61 39.49
N MET A 923 -29.67 -36.71 38.26
CA MET A 923 -28.24 -36.75 38.03
C MET A 923 -27.63 -35.40 38.39
N PRO A 924 -26.43 -35.39 38.99
CA PRO A 924 -25.83 -34.10 39.39
C PRO A 924 -25.59 -33.15 38.23
N TYR A 925 -25.25 -33.66 37.05
CA TYR A 925 -24.94 -32.79 35.92
C TYR A 925 -26.17 -32.28 35.21
N ASN A 926 -27.36 -32.83 35.47
CA ASN A 926 -28.57 -32.41 34.81
C ASN A 926 -29.19 -31.17 35.45
N SER A 927 -28.71 -30.77 36.62
CA SER A 927 -29.27 -29.59 37.29
C SER A 927 -28.93 -28.32 36.52
N ILE A 928 -29.70 -27.27 36.81
CA ILE A 928 -29.52 -26.00 36.11
C ILE A 928 -28.17 -25.38 36.45
N THR A 929 -27.77 -25.44 37.72
CA THR A 929 -26.52 -24.81 38.14
C THR A 929 -25.32 -25.43 37.44
N TRP A 930 -25.27 -26.76 37.36
CA TRP A 930 -24.17 -27.42 36.68
C TRP A 930 -24.12 -27.06 35.20
N ARG A 931 -25.28 -27.04 34.55
CA ARG A 931 -25.31 -26.69 33.13
C ARG A 931 -24.83 -25.27 32.91
N THR A 932 -25.26 -24.33 33.76
CA THR A 932 -24.82 -22.95 33.62
C THR A 932 -23.32 -22.82 33.87
N GLU A 933 -22.79 -23.54 34.86
CA GLU A 933 -21.37 -23.43 35.16
C GLU A 933 -20.51 -24.13 34.12
N HIS A 934 -21.07 -25.09 33.39
CA HIS A 934 -20.32 -25.87 32.41
C HIS A 934 -21.00 -25.83 31.04
N GLN A 935 -21.39 -24.63 30.61
CA GLN A 935 -21.99 -24.45 29.30
C GLN A 935 -20.99 -24.01 28.23
N MET A 936 -19.83 -23.49 28.64
CA MET A 936 -18.82 -23.02 27.70
C MET A 936 -17.61 -23.93 27.61
N ASP A 937 -17.45 -24.86 28.54
CA ASP A 937 -16.32 -25.79 28.47
C ASP A 937 -16.58 -26.83 27.40
N PRO A 938 -15.73 -26.96 26.38
CA PRO A 938 -16.00 -27.93 25.32
C PRO A 938 -15.74 -29.37 25.72
N MET A 939 -15.04 -29.62 26.82
CA MET A 939 -14.68 -30.97 27.24
C MET A 939 -15.19 -31.24 28.65
N SER A 940 -16.44 -30.86 28.91
CA SER A 940 -17.07 -31.18 30.18
C SER A 940 -17.35 -32.67 30.26
N LEU A 941 -17.54 -33.15 31.50
CA LEU A 941 -17.71 -34.59 31.72
C LEU A 941 -18.96 -35.11 30.99
N ASP A 942 -20.08 -34.41 31.13
CA ASP A 942 -21.29 -34.83 30.43
C ASP A 942 -21.12 -34.77 28.92
N LYS A 943 -20.51 -33.69 28.42
CA LYS A 943 -20.26 -33.59 27.00
C LYS A 943 -19.27 -34.64 26.52
N LEU A 944 -18.24 -34.92 27.33
CA LEU A 944 -17.26 -35.93 26.96
C LEU A 944 -17.91 -37.32 26.88
N PHE A 945 -18.77 -37.64 27.83
CA PHE A 945 -19.44 -38.94 27.83
C PHE A 945 -20.52 -39.06 26.76
N GLY A 946 -20.92 -37.94 26.15
CA GLY A 946 -21.93 -37.97 25.11
C GLY A 946 -23.36 -37.85 25.58
N VAL A 947 -23.60 -37.81 26.89
CA VAL A 947 -24.94 -37.67 27.44
C VAL A 947 -25.06 -36.30 28.09
N SER A 948 -26.11 -35.56 27.71
CA SER A 948 -26.35 -34.23 28.24
C SER A 948 -27.86 -33.99 28.22
N GLN A 949 -28.25 -32.71 28.32
CA GLN A 949 -29.66 -32.37 28.41
C GLN A 949 -30.43 -32.84 27.18
N ARG A 950 -29.96 -32.46 25.99
CA ARG A 950 -30.64 -32.75 24.72
C ARG A 950 -32.12 -32.37 24.80
N ASP A 951 -32.35 -31.08 24.98
CA ASP A 951 -33.70 -30.58 25.21
C ASP A 951 -34.61 -30.73 24.00
N SER A 952 -34.05 -30.91 22.80
CA SER A 952 -34.88 -30.93 21.59
C SER A 952 -35.57 -32.29 21.42
N PHE A 953 -34.78 -33.35 21.19
CA PHE A 953 -35.31 -34.69 20.96
C PHE A 953 -34.12 -35.63 20.75
N ALA A 954 -34.42 -36.92 20.71
CA ALA A 954 -33.46 -37.96 20.35
C ALA A 954 -34.17 -38.93 19.41
N LEU A 955 -33.90 -38.80 18.11
CA LEU A 955 -34.64 -39.52 17.08
C LEU A 955 -33.79 -40.53 16.30
N TRP A 956 -32.59 -40.14 15.86
CA TRP A 956 -31.84 -40.97 14.94
C TRP A 956 -31.34 -42.26 15.55
N ASP A 957 -31.25 -42.35 16.88
CA ASP A 957 -30.99 -43.63 17.51
C ASP A 957 -32.12 -44.61 17.24
N ILE A 958 -33.36 -44.14 17.36
CA ILE A 958 -34.52 -44.97 17.05
C ILE A 958 -34.51 -45.37 15.58
N VAL A 959 -34.18 -44.42 14.70
CA VAL A 959 -34.14 -44.71 13.27
C VAL A 959 -33.11 -45.78 12.97
N LEU A 960 -31.92 -45.68 13.57
CA LEU A 960 -30.88 -46.67 13.35
C LEU A 960 -31.30 -48.03 13.88
N LEU A 961 -31.87 -48.08 15.08
CA LEU A 961 -32.29 -49.36 15.64
C LEU A 961 -33.34 -50.03 14.77
N PHE A 962 -34.33 -49.25 14.31
CA PHE A 962 -35.38 -49.82 13.47
C PHE A 962 -34.85 -50.23 12.10
N SER A 963 -33.95 -49.47 11.51
CA SER A 963 -33.35 -49.86 10.24
C SER A 963 -32.55 -51.15 10.40
N LEU A 964 -31.86 -51.30 11.53
CA LEU A 964 -31.08 -52.51 11.74
C LEU A 964 -31.97 -53.72 11.98
N PHE A 965 -33.09 -53.54 12.69
CA PHE A 965 -34.06 -54.62 12.80
C PHE A 965 -34.67 -54.96 11.43
N PHE A 966 -34.92 -53.95 10.60
CA PHE A 966 -35.43 -54.21 9.26
C PHE A 966 -34.43 -55.00 8.43
N HIS A 967 -33.14 -54.66 8.55
CA HIS A 967 -32.10 -55.42 7.87
C HIS A 967 -32.05 -56.86 8.36
N ARG A 968 -32.19 -57.06 9.68
CA ARG A 968 -32.26 -58.41 10.23
C ARG A 968 -33.44 -59.17 9.64
N TYR A 969 -34.60 -58.53 9.56
CA TYR A 969 -35.77 -59.18 8.99
C TYR A 969 -35.56 -59.53 7.53
N MET A 970 -34.91 -58.63 6.78
CA MET A 970 -34.66 -58.89 5.35
C MET A 970 -33.74 -60.09 5.17
N LEU A 971 -32.68 -60.18 5.98
CA LEU A 971 -31.78 -61.34 5.88
C LEU A 971 -32.46 -62.61 6.35
N ARG A 972 -33.35 -62.51 7.35
CA ARG A 972 -34.12 -63.68 7.77
C ARG A 972 -35.03 -64.16 6.63
N LYS A 973 -35.67 -63.23 5.93
CA LYS A 973 -36.48 -63.60 4.78
C LYS A 973 -35.63 -64.22 3.68
N LEU A 974 -34.46 -63.66 3.42
CA LEU A 974 -33.54 -64.21 2.43
C LEU A 974 -32.94 -65.54 2.85
N GLY A 975 -32.84 -65.79 4.16
CA GLY A 975 -32.34 -67.07 4.64
C GLY A 975 -30.88 -67.11 5.04
N LEU A 976 -30.21 -65.95 5.05
CA LEU A 976 -28.80 -65.90 5.44
C LEU A 976 -28.61 -65.60 6.92
N TRP A 977 -29.70 -65.49 7.68
CA TRP A 977 -29.57 -65.22 9.12
C TRP A 977 -28.90 -66.38 9.84
N LYS A 978 -29.26 -67.61 9.49
CA LYS A 978 -28.66 -68.78 10.12
C LYS A 978 -27.58 -69.39 9.24
N SER A 1054 -8.42 -71.82 14.46
CA SER A 1054 -7.01 -71.48 14.57
C SER A 1054 -6.72 -70.13 13.92
N GLY A 1055 -6.51 -69.10 14.72
CA GLY A 1055 -6.23 -67.78 14.23
C GLY A 1055 -7.42 -67.14 13.54
N PRO A 1056 -8.46 -66.79 14.32
CA PRO A 1056 -9.64 -66.18 13.71
C PRO A 1056 -9.34 -64.91 12.94
N ILE A 1057 -8.43 -64.07 13.44
CA ILE A 1057 -8.04 -62.87 12.71
C ILE A 1057 -7.31 -63.25 11.43
N GLY A 1058 -6.49 -64.30 11.47
CA GLY A 1058 -5.85 -64.78 10.26
C GLY A 1058 -6.85 -65.29 9.24
N ARG A 1059 -7.87 -66.02 9.71
CA ARG A 1059 -8.92 -66.48 8.80
C ARG A 1059 -9.68 -65.31 8.19
N PHE A 1060 -9.96 -64.28 9.00
CA PHE A 1060 -10.65 -63.11 8.49
C PHE A 1060 -9.80 -62.39 7.44
N ILE A 1061 -8.50 -62.25 7.69
CA ILE A 1061 -7.63 -61.60 6.73
C ILE A 1061 -7.55 -62.40 5.44
N HIS A 1062 -7.45 -63.73 5.56
CA HIS A 1062 -7.39 -64.58 4.37
C HIS A 1062 -8.68 -64.47 3.55
N GLN A 1063 -9.82 -64.44 4.23
CA GLN A 1063 -11.09 -64.28 3.53
C GLN A 1063 -11.18 -62.92 2.85
N LEU A 1064 -10.69 -61.88 3.51
CA LEU A 1064 -10.75 -60.53 2.94
C LEU A 1064 -9.87 -60.42 1.69
N PHE A 1065 -8.64 -60.94 1.78
CA PHE A 1065 -7.71 -60.82 0.67
C PHE A 1065 -8.01 -61.77 -0.48
N HIS A 1066 -8.59 -62.94 -0.19
CA HIS A 1066 -8.83 -63.97 -1.20
C HIS A 1066 -10.30 -64.37 -1.18
N PRO A 1067 -11.16 -63.56 -1.79
CA PRO A 1067 -12.58 -63.92 -1.86
C PRO A 1067 -12.85 -64.90 -3.00
N LYS A 1068 -13.77 -65.84 -2.76
CA LYS A 1068 -14.14 -66.79 -3.79
C LYS A 1068 -14.95 -66.15 -4.91
N PHE A 1069 -15.62 -65.04 -4.63
CA PHE A 1069 -16.37 -64.29 -5.63
C PHE A 1069 -15.90 -62.84 -5.60
N ARG A 1070 -15.54 -62.31 -6.77
CA ARG A 1070 -15.07 -60.93 -6.87
C ARG A 1070 -15.61 -60.30 -8.14
N TYR A 1071 -15.69 -58.98 -8.14
CA TYR A 1071 -16.14 -58.19 -9.27
C TYR A 1071 -15.01 -57.25 -9.72
N ILE A 1072 -15.20 -56.66 -10.89
CA ILE A 1072 -14.22 -55.74 -11.47
C ILE A 1072 -14.93 -54.41 -11.71
N ARG A 1073 -14.73 -53.46 -10.80
CA ARG A 1073 -15.30 -52.13 -10.91
C ARG A 1073 -14.28 -51.10 -10.46
N ASP A 1074 -14.29 -49.95 -11.12
CA ASP A 1074 -13.40 -48.84 -10.79
C ASP A 1074 -14.23 -47.71 -10.18
N LEU A 1075 -13.82 -47.27 -8.98
CA LEU A 1075 -14.55 -46.23 -8.27
C LEU A 1075 -13.64 -45.10 -7.82
N TYR A 1076 -12.44 -44.98 -8.40
CA TYR A 1076 -11.55 -43.88 -8.04
C TYR A 1076 -12.15 -42.51 -8.33
N PRO A 1077 -12.81 -42.25 -9.47
CA PRO A 1077 -13.40 -40.92 -9.67
C PRO A 1077 -14.42 -40.54 -8.61
N ILE A 1078 -15.17 -41.49 -8.06
CA ILE A 1078 -16.11 -41.17 -6.99
C ILE A 1078 -15.36 -40.67 -5.76
N MET A 1079 -14.28 -41.36 -5.39
CA MET A 1079 -13.46 -40.91 -4.26
C MET A 1079 -12.85 -39.54 -4.55
N PHE A 1080 -12.43 -39.31 -5.78
CA PHE A 1080 -11.85 -38.01 -6.13
C PHE A 1080 -12.89 -36.91 -5.99
N GLY A 1081 -14.10 -37.13 -6.49
CA GLY A 1081 -15.14 -36.13 -6.31
C GLY A 1081 -15.43 -35.87 -4.84
N ILE A 1082 -15.51 -36.94 -4.05
CA ILE A 1082 -15.85 -36.80 -2.63
C ILE A 1082 -14.78 -36.03 -1.89
N ASP A 1083 -13.51 -36.35 -2.12
CA ASP A 1083 -12.48 -35.67 -1.33
C ASP A 1083 -12.16 -34.29 -1.89
N VAL A 1084 -12.47 -34.02 -3.17
CA VAL A 1084 -12.37 -32.65 -3.66
C VAL A 1084 -13.45 -31.78 -3.05
N ILE A 1085 -14.69 -32.26 -2.97
CA ILE A 1085 -15.71 -31.44 -2.31
C ILE A 1085 -15.41 -31.34 -0.81
N CYS A 1086 -14.77 -32.37 -0.24
CA CYS A 1086 -14.28 -32.28 1.13
C CYS A 1086 -13.28 -31.15 1.28
N PHE A 1087 -12.32 -31.05 0.36
CA PHE A 1087 -11.36 -29.96 0.39
C PHE A 1087 -12.04 -28.61 0.21
N LEU A 1088 -13.06 -28.56 -0.66
CA LEU A 1088 -13.77 -27.30 -0.89
C LEU A 1088 -14.46 -26.82 0.37
N ILE A 1089 -15.22 -27.70 1.04
CA ILE A 1089 -15.87 -27.29 2.27
C ILE A 1089 -14.86 -27.10 3.39
N MET A 1090 -13.67 -27.69 3.25
CA MET A 1090 -12.62 -27.52 4.26
C MET A 1090 -11.96 -26.14 4.14
N THR A 1091 -11.81 -25.63 2.92
CA THR A 1091 -11.15 -24.35 2.71
C THR A 1091 -12.12 -23.18 2.71
N PHE A 1092 -13.39 -23.39 2.33
CA PHE A 1092 -14.36 -22.31 2.37
C PHE A 1092 -14.72 -21.95 3.80
N GLY A 1093 -14.92 -22.96 4.65
CA GLY A 1093 -15.18 -22.73 6.05
C GLY A 1093 -13.92 -22.74 6.87
N TYR A 1094 -13.39 -21.56 7.17
CA TYR A 1094 -12.14 -21.43 7.91
C TYR A 1094 -12.33 -20.95 9.34
N SER A 1095 -13.35 -20.14 9.61
CA SER A 1095 -13.59 -19.68 10.97
C SER A 1095 -14.09 -20.80 11.87
N ALA A 1096 -14.73 -21.82 11.30
CA ALA A 1096 -15.24 -22.93 12.09
C ALA A 1096 -14.12 -23.76 12.71
N PHE A 1097 -12.94 -23.80 12.10
CA PHE A 1097 -11.81 -24.55 12.62
C PHE A 1097 -10.87 -23.69 13.46
N GLY A 1098 -11.20 -22.42 13.67
CA GLY A 1098 -10.37 -21.55 14.46
C GLY A 1098 -11.02 -21.13 15.77
N GLU A 1099 -10.83 -19.87 16.15
CA GLU A 1099 -11.39 -19.32 17.39
C GLU A 1099 -10.95 -20.12 18.61
N LYS A 1110 -12.20 -12.36 19.22
CA LYS A 1110 -11.27 -12.12 18.13
C LYS A 1110 -11.51 -13.07 16.97
N ALA A 1111 -10.71 -14.13 16.91
CA ALA A 1111 -10.78 -15.17 15.89
C ALA A 1111 -10.55 -14.64 14.48
N SER A 1112 -10.04 -13.42 14.34
CA SER A 1112 -9.81 -12.86 13.01
C SER A 1112 -8.58 -13.49 12.36
N ARG A 1113 -7.54 -13.76 13.15
CA ARG A 1113 -6.33 -14.35 12.62
C ARG A 1113 -6.57 -15.80 12.22
N ILE A 1114 -6.03 -16.21 11.08
CA ILE A 1114 -6.09 -17.61 10.65
C ILE A 1114 -4.95 -18.37 11.34
N PRO A 1115 -5.26 -19.43 12.07
CA PRO A 1115 -4.21 -20.16 12.80
C PRO A 1115 -3.37 -21.02 11.88
N VAL A 1116 -2.17 -21.36 12.36
CA VAL A 1116 -1.27 -22.22 11.61
C VAL A 1116 -1.78 -23.65 11.55
N THR A 1117 -2.65 -24.05 12.47
CA THR A 1117 -3.22 -25.39 12.41
C THR A 1117 -4.03 -25.58 11.13
N LEU A 1118 -4.70 -24.51 10.68
CA LEU A 1118 -5.47 -24.60 9.44
C LEU A 1118 -4.57 -24.90 8.25
N VAL A 1119 -3.46 -24.17 8.12
CA VAL A 1119 -2.60 -24.39 6.96
C VAL A 1119 -1.88 -25.73 7.05
N VAL A 1120 -1.46 -26.14 8.26
CA VAL A 1120 -0.77 -27.43 8.37
C VAL A 1120 -1.74 -28.58 8.08
N MET A 1121 -3.01 -28.44 8.47
CA MET A 1121 -3.97 -29.49 8.18
C MET A 1121 -4.38 -29.48 6.70
N LEU A 1122 -4.38 -28.32 6.05
CA LEU A 1122 -4.55 -28.30 4.60
C LEU A 1122 -3.40 -29.01 3.90
N VAL A 1123 -2.17 -28.79 4.38
CA VAL A 1123 -1.02 -29.48 3.81
C VAL A 1123 -1.16 -30.99 4.02
N GLY A 1124 -1.60 -31.40 5.21
CA GLY A 1124 -1.84 -32.81 5.45
C GLY A 1124 -2.89 -33.40 4.53
N MET A 1125 -3.97 -32.65 4.29
CA MET A 1125 -5.02 -33.12 3.39
C MET A 1125 -4.48 -33.28 1.97
N THR A 1126 -3.67 -32.32 1.51
CA THR A 1126 -3.08 -32.43 0.16
C THR A 1126 -2.14 -33.63 0.08
N LEU A 1127 -1.35 -33.87 1.13
CA LEU A 1127 -0.49 -35.04 1.16
C LEU A 1127 -1.32 -36.32 1.12
N ALA A 1128 -2.46 -36.33 1.81
CA ALA A 1128 -3.34 -37.49 1.76
C ALA A 1128 -3.88 -37.71 0.35
N ILE A 1129 -4.23 -36.63 -0.35
CA ILE A 1129 -4.70 -36.75 -1.72
C ILE A 1129 -3.62 -37.36 -2.60
N ILE A 1130 -2.38 -36.87 -2.46
CA ILE A 1130 -1.28 -37.38 -3.26
C ILE A 1130 -1.02 -38.85 -2.96
N ILE A 1131 -1.06 -39.22 -1.67
CA ILE A 1131 -0.83 -40.61 -1.26
C ILE A 1131 -1.92 -41.51 -1.85
N ASP A 1132 -3.18 -41.06 -1.80
CA ASP A 1132 -4.26 -41.85 -2.37
C ASP A 1132 -4.09 -42.03 -3.87
N ARG A 1133 -3.69 -40.97 -4.58
CA ARG A 1133 -3.46 -41.09 -6.01
C ARG A 1133 -2.34 -42.08 -6.30
N ALA A 1134 -1.24 -42.01 -5.55
CA ALA A 1134 -0.14 -42.94 -5.75
C ALA A 1134 -0.56 -44.37 -5.47
N LEU A 1135 -1.32 -44.58 -4.39
CA LEU A 1135 -1.75 -45.93 -4.03
C LEU A 1135 -2.67 -46.51 -5.09
N TYR A 1136 -3.58 -45.69 -5.63
CA TYR A 1136 -4.44 -46.17 -6.71
C TYR A 1136 -3.62 -46.47 -7.96
N LEU A 1137 -2.63 -45.64 -8.27
CA LEU A 1137 -1.82 -45.85 -9.46
C LEU A 1137 -1.01 -47.14 -9.37
N ARG A 1138 -0.42 -47.41 -8.21
CA ARG A 1138 0.46 -48.57 -8.07
C ARG A 1138 -0.28 -49.87 -7.77
N LYS A 1139 -1.59 -49.80 -7.50
CA LYS A 1139 -2.42 -50.97 -7.26
C LYS A 1139 -1.90 -51.80 -6.07
N SER A 1140 -1.91 -51.18 -4.90
CA SER A 1140 -1.45 -51.81 -3.66
C SER A 1140 -2.63 -51.90 -2.70
N VAL A 1141 -3.20 -53.10 -2.59
CA VAL A 1141 -4.37 -53.30 -1.73
C VAL A 1141 -3.97 -53.20 -0.26
N VAL A 1142 -2.84 -53.82 0.12
CA VAL A 1142 -2.41 -53.80 1.51
C VAL A 1142 -2.10 -52.38 1.96
N GLY A 1143 -1.40 -51.61 1.12
CA GLY A 1143 -1.11 -50.23 1.45
C GLY A 1143 -2.38 -49.40 1.57
N LYS A 1144 -3.34 -49.65 0.69
CA LYS A 1144 -4.60 -48.92 0.75
C LYS A 1144 -5.35 -49.23 2.03
N LEU A 1145 -5.37 -50.50 2.44
CA LEU A 1145 -6.04 -50.89 3.69
C LEU A 1145 -5.36 -50.24 4.89
N ILE A 1146 -4.03 -50.26 4.92
CA ILE A 1146 -3.30 -49.64 6.04
C ILE A 1146 -3.58 -48.14 6.08
N TYR A 1147 -3.56 -47.49 4.91
CA TYR A 1147 -3.83 -46.07 4.84
C TYR A 1147 -5.24 -45.76 5.34
N GLN A 1148 -6.23 -46.57 4.94
CA GLN A 1148 -7.59 -46.34 5.41
C GLN A 1148 -7.69 -46.49 6.92
N VAL A 1149 -7.05 -47.52 7.48
CA VAL A 1149 -7.13 -47.75 8.92
C VAL A 1149 -6.53 -46.58 9.69
N LEU A 1150 -5.31 -46.19 9.32
CA LEU A 1150 -4.68 -45.06 10.00
C LEU A 1150 -5.47 -43.77 9.82
N MET A 1151 -5.98 -43.54 8.60
CA MET A 1151 -6.72 -42.31 8.35
C MET A 1151 -8.01 -42.24 9.15
N ILE A 1152 -8.73 -43.37 9.26
CA ILE A 1152 -9.99 -43.35 10.01
C ILE A 1152 -9.72 -43.19 11.50
N ALA A 1153 -8.68 -43.85 12.01
CA ALA A 1153 -8.34 -43.67 13.42
C ALA A 1153 -7.98 -42.22 13.71
N PHE A 1154 -7.16 -41.62 12.84
CA PHE A 1154 -6.78 -40.22 13.02
C PHE A 1154 -7.99 -39.31 12.92
N LEU A 1155 -8.88 -39.58 11.98
CA LEU A 1155 -10.09 -38.77 11.83
C LEU A 1155 -10.92 -38.78 13.10
N HIS A 1156 -11.24 -39.97 13.60
CA HIS A 1156 -12.05 -40.05 14.81
C HIS A 1156 -11.37 -39.36 15.98
N ILE A 1157 -10.11 -39.69 16.24
CA ILE A 1157 -9.43 -39.11 17.40
C ILE A 1157 -9.36 -37.59 17.27
N TRP A 1158 -8.92 -37.10 16.11
CA TRP A 1158 -8.83 -35.67 15.89
C TRP A 1158 -10.16 -34.98 16.13
N VAL A 1159 -11.18 -35.33 15.34
CA VAL A 1159 -12.44 -34.62 15.36
C VAL A 1159 -13.08 -34.66 16.75
N PHE A 1160 -13.10 -35.83 17.38
CA PHE A 1160 -13.84 -35.96 18.63
C PHE A 1160 -13.01 -35.69 19.87
N LEU A 1161 -11.71 -35.42 19.74
CA LEU A 1161 -10.95 -35.17 20.96
C LEU A 1161 -10.24 -33.82 20.96
N VAL A 1162 -9.58 -33.43 19.87
CA VAL A 1162 -8.63 -32.34 19.91
C VAL A 1162 -9.14 -31.09 19.22
N LEU A 1163 -10.03 -31.24 18.23
CA LEU A 1163 -10.62 -30.07 17.59
C LEU A 1163 -11.40 -29.19 18.57
N PRO A 1164 -12.28 -29.73 19.42
CA PRO A 1164 -12.92 -28.87 20.44
C PRO A 1164 -11.93 -28.21 21.38
N ASN A 1165 -10.79 -28.84 21.63
CA ASN A 1165 -9.78 -28.23 22.50
C ASN A 1165 -9.27 -26.93 21.92
N MET A 1166 -8.95 -26.92 20.62
CA MET A 1166 -8.46 -25.69 20.00
C MET A 1166 -9.58 -24.69 19.76
N THR A 1167 -10.74 -25.15 19.27
CA THR A 1167 -11.78 -24.22 18.86
C THR A 1167 -12.61 -23.70 20.03
N ARG A 1168 -12.48 -24.30 21.22
CA ARG A 1168 -13.23 -23.86 22.41
C ARG A 1168 -14.74 -23.92 22.17
N ARG A 1169 -15.17 -24.86 21.33
CA ARG A 1169 -16.58 -25.02 21.01
C ARG A 1169 -16.97 -26.49 21.14
N SER A 1170 -18.22 -26.72 21.51
CA SER A 1170 -18.72 -28.08 21.65
C SER A 1170 -18.80 -28.77 20.29
N ALA A 1171 -18.58 -30.08 20.29
CA ALA A 1171 -18.60 -30.84 19.05
C ALA A 1171 -19.99 -30.85 18.43
N ILE A 1172 -21.03 -30.67 19.24
CA ILE A 1172 -22.40 -30.65 18.71
C ILE A 1172 -22.64 -29.38 17.90
N SER A 1173 -22.10 -28.25 18.36
CA SER A 1173 -22.32 -26.96 17.72
C SER A 1173 -21.25 -26.63 16.67
N ASN A 1174 -20.66 -27.66 16.05
CA ASN A 1174 -19.62 -27.44 15.05
C ASN A 1174 -20.05 -28.06 13.72
N HIS A 1175 -21.27 -27.72 13.30
CA HIS A 1175 -21.95 -28.30 12.13
C HIS A 1175 -21.04 -28.50 10.92
N VAL A 1176 -20.11 -27.57 10.68
CA VAL A 1176 -19.19 -27.70 9.56
C VAL A 1176 -18.35 -28.96 9.73
N ALA A 1177 -17.81 -29.17 10.92
CA ALA A 1177 -17.03 -30.38 11.18
C ALA A 1177 -17.90 -31.63 11.08
N GLN A 1178 -19.17 -31.52 11.48
CA GLN A 1178 -20.07 -32.66 11.36
C GLN A 1178 -20.27 -33.07 9.90
N ALA A 1179 -20.52 -32.08 9.04
CA ALA A 1179 -20.66 -32.37 7.61
C ALA A 1179 -19.38 -32.92 7.02
N LEU A 1180 -18.23 -32.36 7.45
CA LEU A 1180 -16.94 -32.85 6.99
C LEU A 1180 -16.76 -34.31 7.36
N TYR A 1181 -17.09 -34.67 8.60
CA TYR A 1181 -16.95 -36.05 9.05
C TYR A 1181 -17.90 -36.98 8.32
N VAL A 1182 -19.13 -36.52 8.05
CA VAL A 1182 -20.07 -37.36 7.30
C VAL A 1182 -19.55 -37.64 5.90
N ILE A 1183 -19.06 -36.59 5.22
CA ILE A 1183 -18.54 -36.78 3.86
C ILE A 1183 -17.33 -37.70 3.87
N LYS A 1184 -16.43 -37.54 4.84
CA LYS A 1184 -15.24 -38.38 4.90
C LYS A 1184 -15.63 -39.82 5.23
N SER A 1185 -16.68 -40.02 6.02
CA SER A 1185 -17.16 -41.37 6.31
C SER A 1185 -17.74 -42.02 5.06
N CYS A 1186 -18.46 -41.26 4.24
CA CYS A 1186 -18.93 -41.81 2.97
C CYS A 1186 -17.76 -42.18 2.08
N TYR A 1187 -16.71 -41.35 2.05
CA TYR A 1187 -15.51 -41.69 1.30
C TYR A 1187 -14.89 -42.98 1.83
N PHE A 1188 -14.87 -43.14 3.15
CA PHE A 1188 -14.33 -44.36 3.75
C PHE A 1188 -15.14 -45.57 3.33
N LEU A 1189 -16.47 -45.44 3.29
CA LEU A 1189 -17.32 -46.54 2.84
C LEU A 1189 -16.98 -46.93 1.40
N VAL A 1190 -16.83 -45.93 0.53
CA VAL A 1190 -16.53 -46.23 -0.88
C VAL A 1190 -15.16 -46.90 -1.00
N SER A 1191 -14.16 -46.39 -0.26
CA SER A 1191 -12.82 -46.97 -0.33
C SER A 1191 -12.81 -48.40 0.22
N ALA A 1192 -13.57 -48.65 1.29
CA ALA A 1192 -13.65 -50.00 1.83
C ALA A 1192 -14.33 -50.94 0.85
N TRP A 1193 -15.36 -50.46 0.14
CA TRP A 1193 -15.96 -51.28 -0.91
C TRP A 1193 -14.95 -51.63 -1.98
N GLN A 1194 -14.15 -50.64 -2.40
CA GLN A 1194 -13.13 -50.88 -3.43
C GLN A 1194 -12.10 -51.90 -2.95
N ILE A 1195 -11.67 -51.79 -1.70
CA ILE A 1195 -10.71 -52.75 -1.15
C ILE A 1195 -11.34 -54.14 -1.10
N ARG A 1196 -12.60 -54.23 -0.67
CA ARG A 1196 -13.25 -55.52 -0.54
C ARG A 1196 -13.39 -56.23 -1.88
N ASN A 1197 -13.74 -55.48 -2.93
CA ASN A 1197 -13.91 -56.08 -4.25
C ASN A 1197 -12.65 -56.05 -5.10
N GLY A 1198 -11.53 -55.59 -4.56
CA GLY A 1198 -10.27 -55.62 -5.27
C GLY A 1198 -10.13 -54.48 -6.27
N TYR A 1199 -8.96 -54.44 -6.90
CA TYR A 1199 -8.60 -53.41 -7.86
C TYR A 1199 -8.72 -53.94 -9.28
N PRO A 1200 -9.25 -53.14 -10.20
CA PRO A 1200 -9.32 -53.57 -11.60
C PRO A 1200 -7.93 -53.71 -12.20
N GLU A 1201 -7.80 -54.68 -13.11
CA GLU A 1201 -6.53 -54.93 -13.78
C GLU A 1201 -6.21 -53.89 -14.85
N LEU A 1202 -7.23 -53.34 -15.51
CA LEU A 1202 -7.02 -52.39 -16.61
C LEU A 1202 -7.53 -51.02 -16.18
N CYS A 1203 -6.64 -50.03 -16.21
CA CYS A 1203 -7.01 -48.64 -15.97
C CYS A 1203 -7.24 -47.93 -17.29
N ILE A 1204 -7.40 -46.61 -17.24
CA ILE A 1204 -7.62 -45.79 -18.42
C ILE A 1204 -6.58 -44.67 -18.42
N GLY A 1205 -6.61 -43.86 -19.46
CA GLY A 1205 -5.74 -42.70 -19.54
C GLY A 1205 -6.25 -41.56 -18.68
N ASN A 1206 -7.53 -41.22 -18.85
CA ASN A 1206 -8.19 -40.17 -18.08
C ASN A 1206 -9.68 -40.26 -18.35
N LEU A 1207 -10.47 -39.96 -17.32
CA LEU A 1207 -11.92 -39.94 -17.49
C LEU A 1207 -12.40 -38.56 -17.93
N LEU A 1208 -11.76 -38.06 -18.99
CA LEU A 1208 -12.16 -36.81 -19.62
C LEU A 1208 -12.07 -36.86 -21.14
N THR A 1209 -11.70 -38.02 -21.71
CA THR A 1209 -11.51 -38.14 -23.15
C THR A 1209 -12.20 -39.37 -23.73
N HIS A 1210 -12.95 -40.12 -22.92
CA HIS A 1210 -13.65 -41.28 -23.43
C HIS A 1210 -14.69 -40.90 -24.47
N SER A 1211 -15.42 -39.81 -24.24
CA SER A 1211 -16.41 -39.29 -25.17
C SER A 1211 -15.98 -37.91 -25.65
N TYR A 1212 -16.38 -37.56 -26.86
CA TYR A 1212 -16.01 -36.30 -27.49
C TYR A 1212 -17.29 -35.47 -27.68
N GLY A 1213 -17.62 -34.68 -26.65
CA GLY A 1213 -18.80 -33.85 -26.67
C GLY A 1213 -18.54 -32.53 -25.98
N MET A 1214 -19.60 -31.71 -25.90
CA MET A 1214 -19.47 -30.40 -25.27
C MET A 1214 -19.09 -30.51 -23.79
N THR A 1215 -19.70 -31.46 -23.08
CA THR A 1215 -19.39 -31.62 -21.65
C THR A 1215 -17.93 -31.97 -21.45
N ASN A 1216 -17.40 -32.89 -22.27
CA ASN A 1216 -15.99 -33.26 -22.16
C ASN A 1216 -15.09 -32.10 -22.51
N MET A 1217 -15.44 -31.33 -23.55
CA MET A 1217 -14.65 -30.16 -23.90
C MET A 1217 -14.58 -29.17 -22.75
N ILE A 1218 -15.74 -28.86 -22.14
CA ILE A 1218 -15.78 -27.89 -21.07
C ILE A 1218 -15.00 -28.40 -19.85
N ALA A 1219 -15.18 -29.68 -19.50
CA ALA A 1219 -14.47 -30.24 -18.36
C ALA A 1219 -12.96 -30.21 -18.58
N PHE A 1220 -12.51 -30.60 -19.78
CA PHE A 1220 -11.08 -30.59 -20.06
C PHE A 1220 -10.53 -29.16 -20.05
N LYS A 1221 -11.28 -28.22 -20.61
CA LYS A 1221 -10.82 -26.83 -20.62
C LYS A 1221 -10.70 -26.26 -19.22
N VAL A 1222 -11.70 -26.52 -18.35
CA VAL A 1222 -11.62 -26.00 -17.00
C VAL A 1222 -10.54 -26.72 -16.19
N PHE A 1223 -10.29 -28.00 -16.48
CA PHE A 1223 -9.21 -28.71 -15.80
C PHE A 1223 -7.84 -28.18 -16.22
N MET A 1224 -7.67 -27.84 -17.49
CA MET A 1224 -6.37 -27.35 -17.96
C MET A 1224 -6.14 -25.89 -17.55
N ASN A 1225 -7.21 -25.09 -17.53
CA ASN A 1225 -7.05 -23.65 -17.30
C ASN A 1225 -6.58 -23.36 -15.88
N ILE A 1226 -7.10 -24.09 -14.89
CA ILE A 1226 -6.72 -23.84 -13.50
C ILE A 1226 -5.25 -24.17 -13.31
N PRO A 1227 -4.45 -23.28 -12.74
CA PRO A 1227 -3.01 -23.53 -12.64
C PRO A 1227 -2.67 -24.49 -11.50
N PHE A 1228 -1.47 -25.06 -11.61
CA PHE A 1228 -0.91 -25.97 -10.60
C PHE A 1228 -1.78 -27.21 -10.41
N LEU A 1229 -2.49 -27.62 -11.46
CA LEU A 1229 -3.27 -28.85 -11.43
C LEU A 1229 -2.81 -29.85 -12.48
N PHE A 1230 -2.63 -29.40 -13.73
CA PHE A 1230 -2.10 -30.29 -14.75
C PHE A 1230 -0.68 -30.72 -14.44
N GLU A 1231 0.13 -29.79 -13.94
CA GLU A 1231 1.52 -30.10 -13.60
C GLU A 1231 1.61 -31.15 -12.51
N LEU A 1232 0.82 -31.00 -11.45
CA LEU A 1232 0.89 -31.94 -10.33
C LEU A 1232 0.46 -33.34 -10.75
N ARG A 1233 -0.65 -33.45 -11.48
CA ARG A 1233 -1.11 -34.76 -11.93
C ARG A 1233 -0.11 -35.38 -12.90
N THR A 1234 0.43 -34.58 -13.82
CA THR A 1234 1.35 -35.11 -14.82
C THR A 1234 2.70 -35.46 -14.21
N ALA A 1235 3.03 -34.91 -13.05
CA ALA A 1235 4.23 -35.34 -12.32
C ALA A 1235 3.98 -36.60 -11.50
N ILE A 1236 2.84 -36.67 -10.81
CA ILE A 1236 2.48 -37.88 -10.08
C ILE A 1236 2.45 -39.06 -11.04
N ASP A 1237 1.91 -38.86 -12.23
CA ASP A 1237 2.18 -39.78 -13.32
C ASP A 1237 3.66 -39.67 -13.69
N TRP A 1238 4.30 -40.83 -13.86
CA TRP A 1238 5.74 -40.99 -14.04
C TRP A 1238 6.48 -40.81 -12.71
N THR A 1239 5.80 -40.32 -11.67
CA THR A 1239 6.36 -40.49 -10.34
C THR A 1239 5.96 -41.82 -9.72
N TRP A 1240 4.77 -42.33 -10.04
CA TRP A 1240 4.28 -43.56 -9.46
C TRP A 1240 3.91 -44.62 -10.50
N THR A 1241 4.21 -44.38 -11.78
CA THR A 1241 4.04 -45.39 -12.81
C THR A 1241 5.36 -45.61 -13.54
N ASP A 1242 5.43 -46.69 -14.30
CA ASP A 1242 6.64 -47.10 -14.99
C ASP A 1242 6.51 -46.80 -16.47
N THR A 1243 7.41 -45.99 -17.01
CA THR A 1243 7.45 -45.68 -18.43
C THR A 1243 8.86 -45.89 -18.97
N SER A 1244 9.09 -45.47 -20.22
CA SER A 1244 10.42 -45.56 -20.83
C SER A 1244 10.89 -44.21 -21.33
N MET A 1245 10.34 -43.11 -20.82
CA MET A 1245 10.68 -41.77 -21.25
C MET A 1245 10.97 -40.90 -20.05
N PRO A 1246 11.82 -39.88 -20.21
CA PRO A 1246 12.09 -38.96 -19.09
C PRO A 1246 10.89 -38.10 -18.75
N LEU A 1247 11.07 -37.19 -17.77
CA LEU A 1247 9.97 -36.37 -17.30
C LEU A 1247 9.50 -35.39 -18.37
N PHE A 1248 10.45 -34.72 -19.05
CA PHE A 1248 10.09 -33.73 -20.05
C PHE A 1248 9.43 -34.38 -21.27
N ASP A 1249 9.88 -35.57 -21.64
CA ASP A 1249 9.22 -36.29 -22.73
C ASP A 1249 7.79 -36.65 -22.35
N PHE A 1250 7.56 -37.04 -21.08
CA PHE A 1250 6.21 -37.30 -20.62
C PHE A 1250 5.35 -36.04 -20.69
N PHE A 1251 5.91 -34.89 -20.30
CA PHE A 1251 5.19 -33.62 -20.43
C PHE A 1251 4.84 -33.33 -21.88
N ASN A 1252 5.79 -33.53 -22.78
CA ASN A 1252 5.55 -33.27 -24.19
C ASN A 1252 4.46 -34.18 -24.76
N MET A 1253 4.49 -35.46 -24.39
CA MET A 1253 3.46 -36.38 -24.85
C MET A 1253 2.09 -35.98 -24.30
N GLU A 1254 2.04 -35.57 -23.03
CA GLU A 1254 0.76 -35.13 -22.46
C GLU A 1254 0.23 -33.90 -23.18
N ASN A 1255 1.11 -32.94 -23.49
CA ASN A 1255 0.67 -31.75 -24.21
C ASN A 1255 0.18 -32.09 -25.61
N PHE A 1256 0.88 -32.99 -26.29
CA PHE A 1256 0.46 -33.41 -27.62
C PHE A 1256 -0.92 -34.08 -27.56
N TYR A 1257 -1.13 -34.96 -26.58
CA TYR A 1257 -2.43 -35.61 -26.46
C TYR A 1257 -3.52 -34.60 -26.15
N ALA A 1258 -3.22 -33.62 -25.29
CA ALA A 1258 -4.20 -32.59 -25.01
C ALA A 1258 -4.61 -31.84 -26.26
N HIS A 1259 -3.63 -31.43 -27.07
CA HIS A 1259 -3.92 -30.69 -28.29
C HIS A 1259 -4.74 -31.55 -29.26
N ILE A 1260 -4.34 -32.82 -29.43
CA ILE A 1260 -5.04 -33.68 -30.38
C ILE A 1260 -6.46 -33.93 -29.93
N PHE A 1261 -6.67 -34.18 -28.63
CA PHE A 1261 -8.02 -34.42 -28.14
C PHE A 1261 -8.88 -33.18 -28.28
N ASN A 1262 -8.32 -31.99 -28.02
CA ASN A 1262 -9.10 -30.77 -28.20
C ASN A 1262 -9.50 -30.58 -29.65
N ILE A 1263 -8.58 -30.84 -30.58
CA ILE A 1263 -8.90 -30.71 -32.01
C ILE A 1263 -9.98 -31.70 -32.40
N LYS A 1264 -9.87 -32.96 -31.94
CA LYS A 1264 -10.86 -33.97 -32.28
C LYS A 1264 -12.23 -33.60 -31.72
N CYS A 1265 -12.29 -33.11 -30.49
CA CYS A 1265 -13.57 -32.76 -29.88
C CYS A 1265 -14.19 -31.58 -30.59
N ALA A 1266 -13.37 -30.60 -31.00
CA ALA A 1266 -13.89 -29.48 -31.78
C ALA A 1266 -14.44 -29.95 -33.11
N ARG A 1267 -13.74 -30.87 -33.78
CA ARG A 1267 -14.23 -31.39 -35.04
C ARG A 1267 -15.54 -32.14 -34.85
N GLN A 1268 -15.65 -32.93 -33.79
CA GLN A 1268 -16.89 -33.66 -33.50
C GLN A 1268 -18.04 -32.70 -33.24
N PHE A 1269 -17.79 -31.63 -32.47
CA PHE A 1269 -18.84 -30.66 -32.22
C PHE A 1269 -19.27 -29.97 -33.51
N GLU A 1270 -18.31 -29.63 -34.37
CA GLU A 1270 -18.66 -29.00 -35.64
C GLU A 1270 -19.49 -29.94 -36.51
N ALA A 1271 -19.13 -31.22 -36.54
CA ALA A 1271 -19.90 -32.18 -37.32
C ALA A 1271 -21.29 -32.39 -36.73
N ALA A 1272 -21.42 -32.29 -35.40
CA ALA A 1272 -22.71 -32.50 -34.76
C ALA A 1272 -23.72 -31.43 -35.20
N TYR A 1273 -23.28 -30.18 -35.30
CA TYR A 1273 -24.14 -29.07 -35.69
C TYR A 1273 -23.76 -28.64 -37.10
N PRO A 1274 -24.50 -29.06 -38.13
CA PRO A 1274 -24.12 -28.70 -39.50
C PRO A 1274 -24.26 -27.22 -39.76
N ALA A 1275 -23.44 -26.73 -40.70
CA ALA A 1275 -23.44 -25.35 -41.15
C ALA A 1275 -24.08 -25.24 -42.53
N PRO A 1276 -24.70 -24.12 -42.85
CA PRO A 1276 -25.35 -23.98 -44.16
C PRO A 1276 -24.34 -23.89 -45.29
N ARG A 1277 -24.81 -24.20 -46.49
CA ARG A 1277 -23.96 -24.21 -47.69
C ARG A 1277 -23.70 -22.78 -48.13
N GLY A 1278 -22.73 -22.15 -47.48
CA GLY A 1278 -22.33 -20.80 -47.83
C GLY A 1278 -23.37 -19.73 -47.60
N ILE A 1279 -24.43 -20.02 -46.86
CA ILE A 1279 -25.45 -19.01 -46.57
C ILE A 1279 -24.87 -18.00 -45.59
N PRO A 1280 -25.09 -16.70 -45.79
CA PRO A 1280 -24.60 -15.71 -44.82
C PRO A 1280 -25.21 -15.94 -43.44
N LYS A 1281 -24.43 -15.63 -42.41
CA LYS A 1281 -24.85 -15.86 -41.04
C LYS A 1281 -26.10 -15.04 -40.72
N GLY A 1282 -26.99 -15.63 -39.92
CA GLY A 1282 -28.22 -14.95 -39.56
C GLY A 1282 -27.97 -13.76 -38.65
N LYS A 1283 -28.96 -12.87 -38.62
CA LYS A 1283 -28.84 -11.65 -37.84
C LYS A 1283 -28.88 -11.90 -36.34
N LEU A 1284 -29.67 -12.89 -35.90
CA LEU A 1284 -29.84 -13.10 -34.46
C LEU A 1284 -28.57 -13.65 -33.82
N VAL A 1285 -27.93 -14.63 -34.45
CA VAL A 1285 -26.70 -15.19 -33.90
C VAL A 1285 -25.62 -14.12 -33.88
N LYS A 1286 -25.56 -13.28 -34.91
CA LYS A 1286 -24.63 -12.16 -34.91
C LYS A 1286 -24.95 -11.21 -33.76
N TYR A 1287 -26.23 -10.95 -33.50
CA TYR A 1287 -26.60 -9.99 -32.47
C TYR A 1287 -26.19 -10.48 -31.09
N MET A 1288 -26.59 -11.70 -30.72
CA MET A 1288 -26.23 -12.20 -29.39
C MET A 1288 -24.88 -12.90 -29.37
N MET A 1289 -24.06 -12.74 -30.41
CA MET A 1289 -22.64 -13.00 -30.30
C MET A 1289 -21.79 -11.73 -30.34
N GLY A 1290 -22.35 -10.61 -30.79
CA GLY A 1290 -21.61 -9.37 -30.83
C GLY A 1290 -21.90 -8.44 -29.67
N PHE A 1291 -23.18 -8.22 -29.33
CA PHE A 1291 -23.49 -7.35 -28.20
C PHE A 1291 -22.83 -7.78 -26.89
N PRO A 1292 -22.85 -9.06 -26.49
CA PRO A 1292 -22.19 -9.41 -25.23
C PRO A 1292 -20.71 -9.04 -25.19
N ILE A 1293 -19.99 -9.22 -26.29
CA ILE A 1293 -18.55 -8.93 -26.30
C ILE A 1293 -18.31 -7.44 -26.09
N ILE A 1294 -19.03 -6.60 -26.84
CA ILE A 1294 -18.86 -5.15 -26.71
C ILE A 1294 -19.27 -4.67 -25.32
N ILE A 1295 -20.38 -5.20 -24.80
CA ILE A 1295 -20.83 -4.79 -23.47
C ILE A 1295 -19.80 -5.18 -22.42
N GLY A 1296 -19.28 -6.41 -22.51
CA GLY A 1296 -18.27 -6.83 -21.55
C GLY A 1296 -17.00 -6.00 -21.63
N VAL A 1297 -16.56 -5.68 -22.86
CA VAL A 1297 -15.35 -4.87 -23.00
C VAL A 1297 -15.56 -3.48 -22.42
N VAL A 1298 -16.71 -2.86 -22.70
CA VAL A 1298 -16.98 -1.53 -22.17
C VAL A 1298 -17.05 -1.57 -20.64
N ILE A 1299 -17.71 -2.59 -20.09
CA ILE A 1299 -17.81 -2.71 -18.64
C ILE A 1299 -16.44 -2.89 -18.02
N PHE A 1300 -15.59 -3.73 -18.63
CA PHE A 1300 -14.25 -3.94 -18.10
C PHE A 1300 -13.45 -2.64 -18.13
N ILE A 1301 -13.55 -1.87 -19.22
CA ILE A 1301 -12.78 -0.64 -19.33
C ILE A 1301 -13.25 0.38 -18.29
N PHE A 1302 -14.57 0.53 -18.12
CA PHE A 1302 -15.11 1.62 -17.33
C PHE A 1302 -15.54 1.22 -15.92
N SER A 1303 -15.24 0.00 -15.49
CA SER A 1303 -15.58 -0.40 -14.12
C SER A 1303 -14.66 0.19 -13.07
N PRO A 1304 -13.34 0.28 -13.27
CA PRO A 1304 -12.49 0.88 -12.22
C PRO A 1304 -12.87 2.31 -11.89
N LEU A 1305 -13.27 3.11 -12.89
CA LEU A 1305 -13.61 4.50 -12.63
C LEU A 1305 -14.86 4.60 -11.75
N LEU A 1306 -15.90 3.85 -12.07
CA LEU A 1306 -17.11 3.88 -11.26
C LEU A 1306 -16.86 3.30 -9.87
N LEU A 1307 -16.02 2.25 -9.78
CA LEU A 1307 -15.70 1.69 -8.48
C LEU A 1307 -14.97 2.72 -7.61
N TRP A 1308 -14.02 3.45 -8.19
CA TRP A 1308 -13.32 4.48 -7.45
C TRP A 1308 -14.26 5.61 -7.05
N SER A 1309 -15.17 5.99 -7.96
CA SER A 1309 -16.08 7.08 -7.66
C SER A 1309 -17.03 6.73 -6.51
N LEU A 1310 -17.56 5.50 -6.53
CA LEU A 1310 -18.50 5.11 -5.48
C LEU A 1310 -17.78 4.79 -4.17
N LEU A 1311 -16.55 4.28 -4.25
CA LEU A 1311 -15.82 3.92 -3.04
C LEU A 1311 -15.52 5.15 -2.19
N ASN A 1312 -15.11 6.25 -2.83
CA ASN A 1312 -14.76 7.46 -2.11
C ASN A 1312 -15.98 8.38 -2.04
N GLN A 1313 -16.21 8.94 -0.84
CA GLN A 1313 -17.33 9.85 -0.62
C GLN A 1313 -16.85 10.98 0.28
N ILE A 1314 -17.79 11.78 0.77
CA ILE A 1314 -17.51 12.91 1.65
C ILE A 1314 -18.24 12.67 2.97
N GLY A 1315 -17.50 12.75 4.08
CA GLY A 1315 -18.06 12.54 5.39
C GLY A 1315 -18.65 13.80 5.98
N THR A 1316 -18.94 13.74 7.28
CA THR A 1316 -19.53 14.85 8.00
C THR A 1316 -19.05 14.85 9.43
N ILE A 1317 -18.63 16.01 9.93
CA ILE A 1317 -18.14 16.17 11.29
C ILE A 1317 -19.09 17.10 12.03
N SER A 1318 -19.45 16.72 13.25
CA SER A 1318 -20.44 17.46 14.02
C SER A 1318 -19.90 18.82 14.44
N MET A 1319 -20.83 19.70 14.79
CA MET A 1319 -20.49 21.04 15.24
C MET A 1319 -19.75 20.98 16.58
N PRO A 1320 -18.87 21.94 16.85
CA PRO A 1320 -18.11 21.91 18.11
C PRO A 1320 -19.00 22.17 19.31
N GLU A 1321 -18.59 21.61 20.45
CA GLU A 1321 -19.40 21.62 21.66
C GLU A 1321 -18.91 22.61 22.71
N LYS A 1322 -17.63 22.63 23.03
CA LYS A 1322 -17.13 23.43 24.15
C LYS A 1322 -16.04 24.37 23.68
N VAL A 1323 -16.15 25.64 24.09
CA VAL A 1323 -15.23 26.69 23.67
C VAL A 1323 -14.63 27.34 24.90
N THR A 1324 -13.30 27.42 24.95
CA THR A 1324 -12.59 28.00 26.08
C THR A 1324 -11.71 29.16 25.63
N LEU A 1325 -11.61 30.17 26.50
CA LEU A 1325 -10.77 31.34 26.29
C LEU A 1325 -9.85 31.52 27.49
N ARG A 1326 -8.61 31.88 27.21
CA ARG A 1326 -7.62 32.13 28.27
C ARG A 1326 -6.81 33.38 27.91
N ILE A 1327 -6.65 34.27 28.89
CA ILE A 1327 -5.83 35.46 28.75
C ILE A 1327 -4.80 35.43 29.88
N SER A 1328 -3.52 35.56 29.53
CA SER A 1328 -2.47 35.40 30.51
C SER A 1328 -1.21 36.15 30.09
N ILE A 1329 -0.24 36.18 30.99
CA ILE A 1329 1.11 36.60 30.69
C ILE A 1329 1.97 35.36 30.57
N GLU A 1330 2.80 35.30 29.54
CA GLU A 1330 3.56 34.08 29.25
C GLU A 1330 4.41 33.65 30.44
N GLY A 1331 4.36 32.36 30.76
CA GLY A 1331 5.09 31.84 31.88
C GLY A 1331 4.50 32.15 33.24
N TYR A 1332 3.19 32.31 33.32
CA TYR A 1332 2.53 32.68 34.56
C TYR A 1332 1.11 32.12 34.55
N PRO A 1333 0.49 31.98 35.72
CA PRO A 1333 -0.88 31.47 35.74
C PRO A 1333 -1.83 32.40 35.02
N PRO A 1334 -2.91 31.87 34.44
CA PRO A 1334 -3.78 32.70 33.60
C PRO A 1334 -4.41 33.85 34.36
N LEU A 1335 -4.52 34.99 33.68
CA LEU A 1335 -5.20 36.15 34.24
C LEU A 1335 -6.72 36.01 34.16
N TYR A 1336 -7.23 35.39 33.11
CA TYR A 1336 -8.68 35.28 32.90
C TYR A 1336 -8.96 33.98 32.15
N GLU A 1337 -9.61 33.04 32.82
CA GLU A 1337 -9.95 31.75 32.23
C GLU A 1337 -11.46 31.61 32.18
N MET A 1338 -11.99 31.19 31.03
CA MET A 1338 -13.42 31.04 30.88
C MET A 1338 -13.69 29.90 29.90
N GLU A 1339 -14.82 29.22 30.09
CA GLU A 1339 -15.25 28.16 29.19
C GLU A 1339 -16.76 28.17 29.07
N ALA A 1340 -17.25 27.71 27.92
CA ALA A 1340 -18.68 27.73 27.61
C ALA A 1340 -19.06 26.44 26.93
N GLN A 1341 -20.11 25.79 27.44
CA GLN A 1341 -20.73 24.62 26.84
C GLN A 1341 -22.23 24.87 26.75
N GLY A 1342 -22.84 24.40 25.67
CA GLY A 1342 -24.25 24.66 25.43
C GLY A 1342 -24.93 23.48 24.76
N SER A 1343 -26.25 23.46 24.92
CA SER A 1343 -27.10 22.47 24.27
C SER A 1343 -27.56 22.90 22.88
N ASN A 1344 -27.15 24.09 22.44
CA ASN A 1344 -27.31 24.58 21.08
C ASN A 1344 -28.75 24.95 20.72
N HIS A 1345 -29.70 24.71 21.62
CA HIS A 1345 -31.08 25.07 21.31
C HIS A 1345 -31.71 25.89 22.42
N ASP A 1346 -31.28 25.68 23.66
CA ASP A 1346 -31.82 26.39 24.81
C ASP A 1346 -30.82 27.27 25.52
N ASN A 1347 -29.53 26.97 25.44
CA ASN A 1347 -28.53 27.80 26.10
C ASN A 1347 -28.30 29.10 25.32
N ALA A 1348 -27.81 30.10 26.03
CA ALA A 1348 -27.52 31.40 25.44
C ALA A 1348 -26.04 31.69 25.28
N GLU A 1349 -25.17 30.99 26.00
CA GLU A 1349 -23.73 31.22 25.89
C GLU A 1349 -23.16 30.67 24.59
N LEU A 1350 -23.89 29.79 23.90
CA LEU A 1350 -23.41 29.21 22.65
C LEU A 1350 -24.62 28.71 21.87
N GLY A 1351 -24.79 29.20 20.66
CA GLY A 1351 -25.93 28.76 19.86
C GLY A 1351 -25.82 29.21 18.42
N MET A 1352 -26.57 28.52 17.57
CA MET A 1352 -26.57 28.86 16.15
C MET A 1352 -27.16 30.25 15.92
N ILE A 1353 -26.65 30.92 14.89
CA ILE A 1353 -27.07 32.29 14.61
C ILE A 1353 -28.49 32.30 14.08
N LYS A 1354 -29.30 33.22 14.60
CA LYS A 1354 -30.67 33.37 14.13
C LYS A 1354 -30.67 33.91 12.70
N PRO A 1355 -31.67 33.54 11.89
CA PRO A 1355 -31.70 34.03 10.50
C PRO A 1355 -31.75 35.53 10.38
N ASP A 1356 -32.38 36.23 11.33
CA ASP A 1356 -32.43 37.69 11.26
C ASP A 1356 -31.04 38.31 11.38
N GLN A 1357 -30.23 37.81 12.31
CA GLN A 1357 -28.88 38.33 12.47
C GLN A 1357 -28.03 38.07 11.24
N LEU A 1358 -28.15 36.86 10.66
CA LEU A 1358 -27.40 36.56 9.45
C LEU A 1358 -27.83 37.43 8.29
N ALA A 1359 -29.14 37.68 8.15
CA ALA A 1359 -29.62 38.55 7.08
C ALA A 1359 -29.11 39.98 7.26
N SER A 1360 -29.14 40.48 8.50
CA SER A 1360 -28.63 41.82 8.76
C SER A 1360 -27.14 41.92 8.44
N LEU A 1361 -26.38 40.90 8.85
CA LEU A 1361 -24.94 40.89 8.56
C LEU A 1361 -24.69 40.85 7.05
N ASN A 1362 -25.47 40.04 6.33
CA ASN A 1362 -25.31 39.98 4.88
C ASN A 1362 -25.63 41.32 4.23
N GLN A 1363 -26.69 41.99 4.67
CA GLN A 1363 -27.04 43.28 4.10
C GLN A 1363 -25.95 44.32 4.40
N ALA A 1364 -25.45 44.33 5.63
CA ALA A 1364 -24.38 45.26 5.99
C ALA A 1364 -23.12 45.01 5.19
N LEU A 1365 -22.77 43.74 4.97
CA LEU A 1365 -21.59 43.43 4.18
C LEU A 1365 -21.78 43.80 2.71
N THR A 1366 -22.97 43.54 2.16
CA THR A 1366 -23.20 43.83 0.75
C THR A 1366 -23.38 45.32 0.47
N ASP A 1367 -23.73 46.11 1.48
CA ASP A 1367 -23.77 47.57 1.34
C ASP A 1367 -22.63 48.14 2.18
N SER A 1368 -21.43 48.13 1.61
CA SER A 1368 -20.26 48.71 2.28
C SER A 1368 -19.31 49.39 1.30
N TYR A 1369 -19.73 49.65 0.07
CA TYR A 1369 -18.85 50.09 -0.99
C TYR A 1369 -19.13 51.54 -1.37
N THR A 1370 -18.21 52.10 -2.14
CA THR A 1370 -18.36 53.41 -2.76
C THR A 1370 -18.49 53.27 -4.26
N THR A 1371 -19.13 54.25 -4.88
CA THR A 1371 -19.42 54.21 -6.31
C THR A 1371 -18.31 54.78 -7.17
N ARG A 1372 -17.13 55.00 -6.60
CA ARG A 1372 -16.01 55.59 -7.33
C ARG A 1372 -14.87 54.59 -7.55
N ASP A 1373 -14.36 53.97 -6.50
CA ASP A 1373 -13.22 53.08 -6.62
C ASP A 1373 -13.67 51.71 -7.09
N THR A 1374 -12.91 51.12 -8.01
CA THR A 1374 -13.28 49.83 -8.58
C THR A 1374 -12.97 48.68 -7.63
N ASN A 1375 -11.85 48.75 -6.90
CA ASN A 1375 -11.45 47.63 -6.05
C ASN A 1375 -12.38 47.41 -4.87
N SER A 1376 -13.09 48.44 -4.43
CA SER A 1376 -14.08 48.25 -3.37
C SER A 1376 -15.16 47.27 -3.79
N ILE A 1377 -15.54 47.30 -5.08
CA ILE A 1377 -16.48 46.32 -5.61
C ILE A 1377 -15.92 44.92 -5.45
N LEU A 1378 -14.64 44.74 -5.77
CA LEU A 1378 -14.02 43.41 -5.66
C LEU A 1378 -13.99 42.93 -4.22
N ARG A 1379 -13.61 43.81 -3.29
CA ARG A 1379 -13.59 43.42 -1.88
C ARG A 1379 -14.98 43.05 -1.38
N SER A 1380 -15.99 43.85 -1.72
CA SER A 1380 -17.34 43.55 -1.28
C SER A 1380 -17.84 42.23 -1.88
N ARG A 1381 -17.56 42.00 -3.16
CA ARG A 1381 -17.97 40.76 -3.80
C ARG A 1381 -17.29 39.56 -3.15
N MET A 1382 -16.00 39.67 -2.87
CA MET A 1382 -15.28 38.57 -2.22
C MET A 1382 -15.83 38.30 -0.83
N SER A 1383 -16.11 39.35 -0.06
CA SER A 1383 -16.65 39.16 1.28
C SER A 1383 -18.02 38.49 1.24
N VAL A 1384 -18.89 38.95 0.34
CA VAL A 1384 -20.22 38.35 0.24
C VAL A 1384 -20.14 36.90 -0.21
N SER A 1385 -19.27 36.62 -1.19
CA SER A 1385 -19.11 35.25 -1.67
C SER A 1385 -18.59 34.33 -0.56
N TYR A 1386 -17.63 34.81 0.23
CA TYR A 1386 -17.11 34.00 1.33
C TYR A 1386 -18.18 33.76 2.39
N LEU A 1387 -18.97 34.79 2.71
CA LEU A 1387 -20.01 34.63 3.72
C LEU A 1387 -21.10 33.68 3.25
N LYS A 1388 -21.42 33.70 1.94
CA LYS A 1388 -22.50 32.87 1.43
C LYS A 1388 -22.15 31.39 1.40
N GLY A 1389 -20.89 31.02 1.65
CA GLY A 1389 -20.52 29.62 1.66
C GLY A 1389 -21.05 28.85 2.84
N TYR A 1390 -21.41 29.53 3.92
CA TYR A 1390 -21.93 28.89 5.13
C TYR A 1390 -23.37 29.32 5.36
N THR A 1391 -24.25 28.35 5.57
CA THR A 1391 -25.63 28.65 5.90
C THR A 1391 -25.73 29.05 7.37
N TYR A 1392 -26.97 29.28 7.83
CA TYR A 1392 -27.16 29.69 9.22
C TYR A 1392 -26.98 28.54 10.21
N GLU A 1393 -26.86 27.30 9.73
CA GLU A 1393 -26.59 26.16 10.59
C GLU A 1393 -25.12 25.94 10.87
N ASP A 1394 -24.24 26.37 9.95
CA ASP A 1394 -22.81 26.19 10.10
C ASP A 1394 -22.13 27.37 10.78
N ILE A 1395 -22.87 28.39 11.18
CA ILE A 1395 -22.34 29.55 11.86
C ILE A 1395 -22.95 29.60 13.26
N LEU A 1396 -22.11 29.77 14.27
CA LEU A 1396 -22.60 29.85 15.65
C LEU A 1396 -22.01 31.06 16.36
N ILE A 1397 -22.59 31.36 17.52
CA ILE A 1397 -22.25 32.50 18.34
C ILE A 1397 -21.86 31.98 19.72
N VAL A 1398 -20.72 32.46 20.23
CA VAL A 1398 -20.24 32.13 21.56
C VAL A 1398 -20.21 33.41 22.39
N ARG A 1399 -20.78 33.36 23.59
CA ARG A 1399 -20.84 34.51 24.48
C ARG A 1399 -20.14 34.14 25.79
N PHE A 1400 -18.91 34.61 25.94
CA PHE A 1400 -18.15 34.42 27.18
C PHE A 1400 -18.60 35.43 28.23
N ARG A 1401 -18.72 34.95 29.47
CA ARG A 1401 -19.06 35.85 30.57
C ARG A 1401 -17.88 36.80 30.84
N PRO A 1402 -18.16 38.09 31.06
CA PRO A 1402 -17.05 39.02 31.31
C PRO A 1402 -16.26 38.70 32.57
N GLU A 1403 -16.92 38.19 33.60
CA GLU A 1403 -16.24 37.91 34.86
C GLU A 1403 -15.41 36.63 34.76
N SER A 1404 -14.31 36.61 35.51
CA SER A 1404 -13.44 35.44 35.54
C SER A 1404 -14.15 34.27 36.24
N GLU A 1405 -13.85 33.06 35.76
CA GLU A 1405 -14.52 31.88 36.31
C GLU A 1405 -14.00 31.53 37.69
N ILE A 1406 -12.68 31.58 37.90
CA ILE A 1406 -12.07 31.16 39.15
C ILE A 1406 -11.28 32.32 39.73
N TYR A 1407 -11.11 32.27 41.06
CA TYR A 1407 -10.28 33.24 41.74
C TYR A 1407 -8.81 33.06 41.33
N TRP A 1408 -8.09 34.18 41.25
CA TRP A 1408 -6.71 34.19 40.76
C TRP A 1408 -5.78 33.41 41.69
N PRO A 1409 -5.29 32.24 41.26
CA PRO A 1409 -4.39 31.42 42.10
C PRO A 1409 -2.90 31.69 41.85
N ILE A 1410 -2.42 32.83 42.34
CA ILE A 1410 -1.02 33.19 42.14
C ILE A 1410 -0.37 33.42 43.50
N SER A 1411 0.87 32.94 43.62
CA SER A 1411 1.65 33.09 44.83
C SER A 1411 2.17 34.51 44.96
N GLN A 1412 2.43 34.92 46.20
CA GLN A 1412 2.97 36.26 46.43
C GLN A 1412 4.35 36.41 45.83
N ASP A 1413 5.22 35.41 46.01
CA ASP A 1413 6.56 35.48 45.44
C ASP A 1413 6.51 35.41 43.92
N SER A 1414 5.60 34.62 43.37
CA SER A 1414 5.45 34.59 41.91
C SER A 1414 4.98 35.94 41.38
N ARG A 1415 4.07 36.60 42.10
CA ARG A 1415 3.63 37.93 41.69
C ARG A 1415 4.77 38.93 41.77
N ASN A 1416 5.60 38.84 42.81
CA ASN A 1416 6.76 39.72 42.91
C ASN A 1416 7.74 39.48 41.76
N ALA A 1417 7.95 38.21 41.40
CA ALA A 1417 8.80 37.90 40.27
C ALA A 1417 8.23 38.45 38.97
N MET A 1418 6.91 38.36 38.81
CA MET A 1418 6.26 38.93 37.62
C MET A 1418 6.45 40.43 37.56
N ILE A 1419 6.30 41.12 38.70
CA ILE A 1419 6.50 42.56 38.75
C ILE A 1419 7.95 42.90 38.39
N ASP A 1420 8.90 42.14 38.94
CA ASP A 1420 10.31 42.38 38.64
C ASP A 1420 10.59 42.19 37.16
N LYS A 1421 10.06 41.11 36.57
CA LYS A 1421 10.23 40.86 35.14
C LYS A 1421 9.60 41.96 34.30
N LEU A 1422 8.53 42.57 34.78
CA LEU A 1422 7.86 43.64 34.08
C LEU A 1422 8.52 45.00 34.27
N SER A 1423 9.58 45.08 35.07
CA SER A 1423 10.10 46.35 35.55
C SER A 1423 11.13 46.97 34.60
N ARG A 1424 12.25 46.30 34.35
CA ARG A 1424 13.43 46.99 33.81
C ARG A 1424 13.52 46.94 32.28
N ASN A 1425 13.72 45.76 31.72
CA ASN A 1425 13.90 45.68 30.27
C ASN A 1425 13.34 44.42 29.62
N THR A 1426 12.68 43.53 30.35
CA THR A 1426 12.26 42.26 29.78
C THR A 1426 10.97 42.44 29.00
N SER A 1427 10.96 41.92 27.77
CA SER A 1427 9.79 42.01 26.90
C SER A 1427 8.86 40.84 27.22
N VAL A 1428 7.73 41.15 27.85
CA VAL A 1428 6.71 40.16 28.19
C VAL A 1428 5.57 40.29 27.20
N ASN A 1429 5.03 39.15 26.77
CA ASN A 1429 4.00 39.11 25.74
C ASN A 1429 2.70 38.60 26.35
N PHE A 1430 1.62 39.35 26.14
CA PHE A 1430 0.30 38.87 26.53
C PHE A 1430 -0.14 37.77 25.58
N GLU A 1431 -0.62 36.66 26.14
CA GLU A 1431 -0.97 35.48 25.38
C GLU A 1431 -2.47 35.22 25.54
N VAL A 1432 -3.15 35.04 24.40
CA VAL A 1432 -4.59 34.79 24.38
C VAL A 1432 -4.82 33.50 23.60
N SER A 1433 -5.50 32.54 24.22
CA SER A 1433 -5.75 31.24 23.64
C SER A 1433 -7.24 30.99 23.49
N LEU A 1434 -7.64 30.55 22.30
CA LEU A 1434 -8.99 30.06 22.05
C LEU A 1434 -8.94 28.57 21.72
N GLU A 1435 -9.94 27.84 22.20
CA GLU A 1435 -9.97 26.40 22.04
C GLU A 1435 -11.39 25.94 21.74
N PHE A 1436 -11.56 25.19 20.66
CA PHE A 1436 -12.84 24.61 20.27
C PHE A 1436 -12.71 23.10 20.31
N THR A 1437 -13.64 22.42 20.99
CA THR A 1437 -13.66 20.96 21.00
C THR A 1437 -15.05 20.47 20.65
N ARG A 1438 -15.10 19.41 19.84
CA ARG A 1438 -16.27 18.77 19.27
C ARG A 1438 -16.60 17.49 20.01
N PRO A 1439 -17.85 17.02 19.91
CA PRO A 1439 -18.21 15.74 20.55
C PRO A 1439 -17.46 14.58 19.92
N TYR A 1440 -17.22 13.56 20.74
CA TYR A 1440 -16.52 12.36 20.29
C TYR A 1440 -17.31 11.65 19.19
N ASP A 1441 -16.59 11.13 18.20
CA ASP A 1441 -17.18 10.42 17.08
C ASP A 1441 -16.62 9.00 17.04
N PRO A 1442 -17.48 7.97 17.01
CA PRO A 1442 -16.98 6.59 17.00
C PRO A 1442 -16.15 6.24 15.77
N ASN A 1443 -16.29 6.98 14.67
CA ASN A 1443 -15.57 6.63 13.45
C ASN A 1443 -14.05 6.73 13.66
N GLU A 1444 -13.60 7.83 14.24
CA GLU A 1444 -12.18 8.03 14.55
C GLU A 1444 -12.04 8.10 16.07
N ASN A 1445 -11.17 7.24 16.62
CA ASN A 1445 -11.02 7.11 18.07
C ASN A 1445 -10.21 8.29 18.61
N ALA A 1446 -10.80 9.48 18.47
CA ALA A 1446 -10.19 10.71 18.95
C ALA A 1446 -11.26 11.78 19.03
N ALA A 1447 -10.96 12.83 19.80
CA ALA A 1447 -11.83 14.00 19.93
C ALA A 1447 -11.13 15.17 19.25
N LEU A 1448 -11.71 15.65 18.16
CA LEU A 1448 -11.12 16.75 17.42
C LEU A 1448 -11.06 18.01 18.29
N LYS A 1449 -9.95 18.73 18.19
CA LYS A 1449 -9.69 19.88 19.04
C LYS A 1449 -8.85 20.89 18.27
N HIS A 1450 -9.34 22.13 18.17
CA HIS A 1450 -8.64 23.19 17.46
C HIS A 1450 -8.30 24.30 18.43
N SER A 1451 -7.01 24.60 18.55
CA SER A 1451 -6.54 25.62 19.49
C SER A 1451 -5.68 26.64 18.74
N LYS A 1452 -5.82 27.90 19.15
CA LYS A 1452 -5.03 28.98 18.56
C LYS A 1452 -4.55 29.92 19.66
N SER A 1453 -3.30 30.36 19.55
CA SER A 1453 -2.71 31.26 20.52
C SER A 1453 -2.15 32.48 19.81
N TRP A 1454 -2.48 33.66 20.33
CA TRP A 1454 -2.01 34.93 19.81
C TRP A 1454 -1.16 35.62 20.86
N LEU A 1455 0.00 36.14 20.45
CA LEU A 1455 0.92 36.85 21.32
C LEU A 1455 0.97 38.31 20.92
N VAL A 1456 0.83 39.20 21.89
CA VAL A 1456 0.92 40.64 21.63
C VAL A 1456 1.98 41.24 22.55
N PRO A 1457 2.92 42.02 22.00
CA PRO A 1457 3.96 42.63 22.84
C PRO A 1457 3.38 43.70 23.76
N ILE A 1458 4.16 44.03 24.79
CA ILE A 1458 3.74 45.00 25.81
C ILE A 1458 4.40 46.36 25.62
N SER A 1459 5.18 46.54 24.55
CA SER A 1459 5.87 47.79 24.23
C SER A 1459 6.95 48.11 25.26
N LEU A 1460 7.87 49.02 24.90
CA LEU A 1460 9.00 49.37 25.73
C LEU A 1460 8.83 50.70 26.44
N ASP A 1461 7.63 51.29 26.39
CA ASP A 1461 7.40 52.57 27.06
C ASP A 1461 7.48 52.39 28.56
N MET A 1462 8.25 53.26 29.23
CA MET A 1462 8.46 53.11 30.66
C MET A 1462 7.21 53.46 31.45
N THR A 1463 6.49 54.51 31.04
CA THR A 1463 5.31 54.92 31.80
C THR A 1463 4.16 53.92 31.65
N ILE A 1464 4.10 53.21 30.53
CA ILE A 1464 3.09 52.16 30.37
C ILE A 1464 3.41 50.97 31.28
N ARG A 1465 4.67 50.57 31.32
CA ARG A 1465 5.07 49.46 32.18
C ARG A 1465 4.81 49.78 33.65
N ALA A 1466 5.07 51.02 34.05
CA ALA A 1466 4.80 51.41 35.43
C ALA A 1466 3.31 51.30 35.76
N LYS A 1467 2.45 51.76 34.84
CA LYS A 1467 1.01 51.66 35.06
C LYS A 1467 0.55 50.22 35.14
N ILE A 1468 1.06 49.37 34.24
CA ILE A 1468 0.66 47.96 34.26
C ILE A 1468 1.14 47.29 35.54
N GLN A 1469 2.37 47.61 35.98
CA GLN A 1469 2.87 47.04 37.22
C GLN A 1469 2.03 47.49 38.41
N SER A 1470 1.65 48.77 38.45
CA SER A 1470 0.80 49.25 39.53
C SER A 1470 -0.56 48.56 39.52
N ALA A 1471 -1.13 48.36 38.32
CA ALA A 1471 -2.41 47.67 38.23
C ALA A 1471 -2.30 46.22 38.70
N LEU A 1472 -1.20 45.54 38.34
CA LEU A 1472 -1.03 44.15 38.72
C LEU A 1472 -0.73 44.00 40.20
N ARG A 1473 -0.10 45.02 40.81
CA ARG A 1473 0.18 44.95 42.24
C ARG A 1473 -1.11 44.92 43.06
N GLY A 1474 -2.10 45.71 42.65
CA GLY A 1474 -3.36 45.75 43.37
C GLY A 1474 -3.88 47.15 43.58
N ASP A 1475 -3.21 48.13 42.97
CA ASP A 1475 -3.64 49.51 43.11
C ASP A 1475 -4.96 49.73 42.39
N PRO A 1476 -5.98 50.25 43.05
CA PRO A 1476 -7.26 50.48 42.38
C PRO A 1476 -7.18 51.65 41.41
N GLY A 1477 -8.10 51.63 40.45
CA GLY A 1477 -8.19 52.71 39.48
C GLY A 1477 -7.17 52.67 38.37
N HIS A 1478 -6.64 51.48 38.05
CA HIS A 1478 -5.67 51.36 36.96
C HIS A 1478 -6.01 50.15 36.10
N PRO A 1479 -6.44 50.35 34.87
CA PRO A 1479 -6.77 49.23 33.99
C PRO A 1479 -5.56 48.79 33.17
N ILE A 1480 -5.71 47.62 32.54
CA ILE A 1480 -4.70 47.08 31.64
C ILE A 1480 -5.32 47.02 30.25
N LEU A 1481 -4.68 47.68 29.30
CA LEU A 1481 -5.18 47.78 27.93
C LEU A 1481 -4.34 46.87 27.04
N ILE A 1482 -5.00 45.89 26.42
CA ILE A 1482 -4.35 44.94 25.53
C ILE A 1482 -4.92 45.14 24.13
N PRO A 1483 -4.18 45.79 23.24
CA PRO A 1483 -4.60 45.84 21.83
C PRO A 1483 -4.34 44.50 21.16
N GLN A 1484 -4.94 44.34 19.99
CA GLN A 1484 -4.74 43.16 19.14
C GLN A 1484 -5.13 41.88 19.89
N SER A 1485 -6.42 41.78 20.17
CA SER A 1485 -7.00 40.73 21.00
C SER A 1485 -7.94 39.87 20.15
N ILE A 1486 -8.71 39.03 20.83
CA ILE A 1486 -9.59 38.02 20.22
C ILE A 1486 -10.34 38.59 19.02
N PRO A 1487 -10.49 37.81 17.95
CA PRO A 1487 -11.20 38.31 16.77
C PRO A 1487 -12.70 38.20 16.92
N ALA A 1488 -13.40 39.15 16.30
CA ALA A 1488 -14.86 39.08 16.27
C ALA A 1488 -15.35 37.89 15.46
N PHE A 1489 -14.73 37.63 14.32
CA PHE A 1489 -15.08 36.50 13.45
C PHE A 1489 -13.90 35.55 13.36
N ILE A 1490 -14.15 34.28 13.60
CA ILE A 1490 -13.12 33.24 13.51
C ILE A 1490 -13.69 32.06 12.75
N GLN A 1491 -12.83 31.33 12.05
CA GLN A 1491 -13.22 30.15 11.29
C GLN A 1491 -12.44 28.94 11.78
N VAL A 1492 -13.15 27.87 12.09
CA VAL A 1492 -12.55 26.62 12.54
C VAL A 1492 -12.59 25.62 11.39
N PRO A 1493 -11.46 25.03 11.01
CA PRO A 1493 -11.48 24.08 9.89
C PRO A 1493 -11.77 22.65 10.35
N ASN A 1494 -11.76 21.71 9.40
CA ASN A 1494 -12.05 20.32 9.73
C ASN A 1494 -10.95 19.71 10.58
N GLN A 1495 -9.68 19.99 10.27
CA GLN A 1495 -8.56 19.38 10.97
C GLN A 1495 -7.47 20.36 11.39
N GLY A 1496 -7.34 21.52 10.74
CA GLY A 1496 -6.27 22.45 11.02
C GLY A 1496 -6.50 23.26 12.29
N GLU A 1497 -5.98 24.48 12.28
CA GLU A 1497 -6.11 25.41 13.39
C GLU A 1497 -6.98 26.60 12.98
N LEU A 1498 -7.32 27.42 13.97
CA LEU A 1498 -8.21 28.55 13.75
C LEU A 1498 -7.62 29.50 12.71
N THR A 1499 -8.32 29.65 11.59
CA THR A 1499 -7.88 30.49 10.48
C THR A 1499 -8.78 31.71 10.38
N LEU A 1500 -8.17 32.88 10.26
CA LEU A 1500 -8.90 34.13 10.22
C LEU A 1500 -9.61 34.32 8.87
N PRO A 1501 -10.82 34.89 8.87
CA PRO A 1501 -11.47 35.24 7.61
C PRO A 1501 -10.81 36.46 6.97
N THR A 1502 -9.74 36.24 6.22
CA THR A 1502 -8.94 37.35 5.71
C THR A 1502 -9.75 38.29 4.82
N SER A 1503 -10.79 37.78 4.15
CA SER A 1503 -11.60 38.64 3.29
C SER A 1503 -12.38 39.66 4.13
N ILE A 1504 -13.06 39.19 5.17
CA ILE A 1504 -13.78 40.10 6.06
C ILE A 1504 -12.81 41.02 6.77
N GLY A 1505 -11.63 40.52 7.12
CA GLY A 1505 -10.62 41.38 7.72
C GLY A 1505 -10.20 42.51 6.81
N ASN A 1506 -9.95 42.20 5.54
CA ASN A 1506 -9.61 43.24 4.57
C ASN A 1506 -10.76 44.23 4.40
N THR A 1507 -11.99 43.73 4.35
CA THR A 1507 -13.14 44.62 4.22
C THR A 1507 -13.23 45.58 5.40
N ILE A 1508 -13.05 45.07 6.62
CA ILE A 1508 -13.07 45.93 7.79
C ILE A 1508 -11.91 46.92 7.76
N ILE A 1509 -10.73 46.47 7.34
CA ILE A 1509 -9.55 47.32 7.39
C ILE A 1509 -9.66 48.49 6.42
N ASN A 1510 -10.04 48.20 5.17
CA ASN A 1510 -10.01 49.24 4.14
C ASN A 1510 -11.34 49.32 3.39
N ASP A 1511 -12.46 49.27 4.11
CA ASP A 1511 -13.75 49.49 3.47
C ASP A 1511 -14.70 50.37 4.27
N GLY A 1512 -14.45 50.61 5.56
CA GLY A 1512 -15.30 51.49 6.33
C GLY A 1512 -14.89 52.94 6.22
N ASN A 1513 -15.76 53.82 6.71
CA ASN A 1513 -15.46 55.25 6.69
C ASN A 1513 -14.25 55.60 7.53
N PRO A 1514 -14.11 55.16 8.80
CA PRO A 1514 -12.85 55.40 9.52
C PRO A 1514 -11.77 54.38 9.17
N ARG A 1515 -11.09 54.62 8.05
CA ARG A 1515 -10.06 53.70 7.60
C ARG A 1515 -8.91 53.64 8.59
N ILE A 1516 -8.42 52.42 8.84
CA ILE A 1516 -7.33 52.19 9.78
C ILE A 1516 -6.01 52.29 9.01
N ASN A 1517 -5.14 53.19 9.45
CA ASN A 1517 -3.85 53.37 8.78
C ASN A 1517 -2.97 52.15 9.01
N THR A 1518 -2.40 51.63 7.92
CA THR A 1518 -1.55 50.45 7.97
C THR A 1518 -0.25 50.67 7.19
N THR A 1519 0.27 51.90 7.18
CA THR A 1519 1.48 52.18 6.43
C THR A 1519 2.71 51.59 7.12
N GLY A 1520 2.97 52.01 8.35
CA GLY A 1520 4.13 51.55 9.07
C GLY A 1520 3.88 50.29 9.90
N MET A 1521 3.58 49.18 9.22
CA MET A 1521 3.33 47.92 9.89
C MET A 1521 3.93 46.78 9.06
N GLU A 1522 4.30 45.71 9.76
CA GLU A 1522 4.86 44.54 9.09
C GLU A 1522 3.74 43.66 8.52
N LYS A 1523 4.14 42.68 7.73
CA LYS A 1523 3.16 41.80 7.09
C LYS A 1523 2.40 40.98 8.12
N SER A 1524 3.09 40.52 9.17
CA SER A 1524 2.44 39.73 10.21
C SER A 1524 1.45 40.53 11.03
N ASP A 1525 1.46 41.86 10.92
CA ASP A 1525 0.53 42.70 11.67
C ASP A 1525 -0.71 43.09 10.88
N GLU A 1526 -0.63 43.10 9.54
CA GLU A 1526 -1.78 43.46 8.73
C GLU A 1526 -2.94 42.49 8.94
N ALA A 1527 -2.64 41.18 9.00
CA ALA A 1527 -3.69 40.19 9.17
C ALA A 1527 -4.40 40.35 10.51
N ARG A 1528 -3.71 40.87 11.52
CA ARG A 1528 -4.27 41.07 12.84
C ARG A 1528 -4.73 42.50 13.08
N ALA A 1529 -4.69 43.35 12.06
CA ALA A 1529 -4.99 44.76 12.22
C ALA A 1529 -6.48 45.04 12.45
N TRP A 1530 -7.36 44.07 12.19
CA TRP A 1530 -8.79 44.26 12.38
C TRP A 1530 -9.29 43.67 13.70
N PHE A 1531 -8.38 43.25 14.58
CA PHE A 1531 -8.78 42.75 15.88
C PHE A 1531 -9.28 43.88 16.77
N ASP A 1532 -10.05 43.51 17.79
CA ASP A 1532 -10.57 44.46 18.76
C ASP A 1532 -9.66 44.52 19.98
N SER A 1533 -9.80 45.59 20.75
CA SER A 1533 -9.01 45.81 21.94
C SER A 1533 -9.71 45.23 23.17
N LEU A 1534 -8.92 44.95 24.20
CA LEU A 1534 -9.43 44.41 25.46
C LEU A 1534 -8.97 45.26 26.62
N THR A 1535 -9.79 45.32 27.66
CA THR A 1535 -9.48 46.06 28.87
C THR A 1535 -9.75 45.17 30.07
N LEU A 1536 -8.73 44.97 30.91
CA LEU A 1536 -8.82 44.12 32.08
C LEU A 1536 -8.72 44.98 33.34
N ASN A 1537 -9.68 44.85 34.23
CA ASN A 1537 -9.70 45.54 35.50
C ASN A 1537 -9.69 44.52 36.64
N LEU A 1538 -9.09 44.91 37.76
CA LEU A 1538 -8.97 44.04 38.92
C LEU A 1538 -9.95 44.50 39.99
N GLU A 1539 -10.80 43.58 40.43
CA GLU A 1539 -11.72 43.82 41.53
C GLU A 1539 -11.35 42.88 42.68
N GLN A 1540 -11.15 43.46 43.86
CA GLN A 1540 -10.71 42.70 45.04
C GLN A 1540 -11.77 42.68 46.12
N GLY A 1541 -12.26 43.85 46.54
CA GLY A 1541 -13.33 43.92 47.52
C GLY A 1541 -12.88 43.66 48.95
N LYS A 1542 -12.55 42.41 49.25
CA LYS A 1542 -12.11 42.04 50.59
C LYS A 1542 -10.59 42.15 50.68
N SER A 1543 -10.01 41.61 51.75
CA SER A 1543 -8.58 41.83 52.00
C SER A 1543 -7.72 41.03 51.02
N GLN A 1544 -7.80 39.71 51.08
CA GLN A 1544 -7.00 38.84 50.23
C GLN A 1544 -7.82 37.58 49.93
N ASN A 1545 -7.15 36.58 49.35
CA ASN A 1545 -7.64 35.24 49.07
C ASN A 1545 -8.63 35.18 47.90
N GLU A 1546 -9.04 36.32 47.35
CA GLU A 1546 -9.85 36.33 46.13
C GLU A 1546 -9.54 37.63 45.38
N LYS A 1547 -9.09 37.47 44.14
CA LYS A 1547 -8.79 38.59 43.25
C LYS A 1547 -9.41 38.27 41.89
N MET A 1548 -10.34 39.10 41.45
CA MET A 1548 -11.13 38.82 40.27
C MET A 1548 -10.74 39.77 39.14
N TRP A 1549 -10.81 39.27 37.90
CA TRP A 1549 -10.48 40.04 36.71
C TRP A 1549 -11.73 40.19 35.85
N ILE A 1550 -11.99 41.40 35.40
CA ILE A 1550 -13.13 41.71 34.54
C ILE A 1550 -12.58 42.20 33.21
N ALA A 1551 -12.98 41.53 32.13
CA ALA A 1551 -12.47 41.83 30.79
C ALA A 1551 -13.60 42.37 29.92
N THR A 1552 -13.35 43.50 29.27
CA THR A 1552 -14.32 44.14 28.38
C THR A 1552 -13.68 44.38 27.02
N SER A 1553 -14.45 44.11 25.97
CA SER A 1553 -13.95 44.25 24.61
C SER A 1553 -14.42 45.58 24.00
N GLU A 1554 -13.66 46.04 23.00
CA GLU A 1554 -13.97 47.28 22.31
C GLU A 1554 -13.55 47.15 20.86
N HIS A 1555 -14.51 47.25 19.96
CA HIS A 1555 -14.24 47.09 18.53
C HIS A 1555 -13.43 48.28 18.01
N PRO A 1556 -12.63 48.08 16.96
CA PRO A 1556 -11.87 49.19 16.38
C PRO A 1556 -12.67 49.94 15.32
N GLY A 1557 -12.44 51.25 15.27
CA GLY A 1557 -13.14 52.08 14.30
C GLY A 1557 -14.52 52.49 14.76
N ASP A 1558 -15.49 52.48 13.83
CA ASP A 1558 -16.86 52.85 14.16
C ASP A 1558 -17.47 51.77 15.05
N GLN A 1559 -17.68 52.10 16.32
CA GLN A 1559 -18.22 51.13 17.28
C GLN A 1559 -19.69 50.81 17.03
N ASN A 1560 -20.39 51.61 16.24
CA ASN A 1560 -21.81 51.39 15.98
C ASN A 1560 -22.08 50.99 14.53
N ALA A 1561 -21.07 50.49 13.82
CA ALA A 1561 -21.25 50.06 12.46
C ALA A 1561 -22.16 48.84 12.38
N LYS A 1562 -22.94 48.77 11.30
CA LYS A 1562 -23.86 47.65 11.11
C LYS A 1562 -23.16 46.34 10.84
N LEU A 1563 -21.86 46.37 10.50
CA LEU A 1563 -21.15 45.13 10.22
C LEU A 1563 -21.04 44.25 11.46
N TRP A 1564 -20.78 44.85 12.62
CA TRP A 1564 -20.61 44.08 13.84
C TRP A 1564 -21.96 43.59 14.35
N ILE A 1565 -21.96 42.38 14.91
CA ILE A 1565 -23.16 41.81 15.52
C ILE A 1565 -23.36 42.45 16.89
N LYS A 1566 -24.57 42.94 17.14
CA LYS A 1566 -24.86 43.60 18.41
C LYS A 1566 -24.71 42.63 19.57
N THR A 1567 -24.12 43.12 20.66
CA THR A 1567 -23.86 42.30 21.83
C THR A 1567 -25.05 42.31 22.79
N ALA A 1568 -25.04 41.36 23.73
CA ALA A 1568 -26.09 41.21 24.71
C ALA A 1568 -25.55 41.48 26.11
N ASN A 1569 -26.47 41.80 27.02
CA ASN A 1569 -26.13 42.10 28.41
C ASN A 1569 -26.47 40.92 29.30
N THR A 1570 -25.62 40.66 30.28
CA THR A 1570 -25.84 39.55 31.20
C THR A 1570 -27.08 39.80 32.04
N THR A 1571 -27.78 38.72 32.39
CA THR A 1571 -29.02 38.80 33.14
C THR A 1571 -28.80 38.76 34.66
N TYR A 1572 -27.56 38.62 35.12
CA TYR A 1572 -27.27 38.57 36.54
C TYR A 1572 -26.42 39.73 37.05
N SER A 1573 -25.65 40.38 36.19
CA SER A 1573 -24.82 41.51 36.62
C SER A 1573 -25.04 42.75 35.77
N GLY A 1574 -25.33 42.59 34.48
CA GLY A 1574 -25.54 43.72 33.59
C GLY A 1574 -24.37 44.03 32.67
N ARG A 1575 -23.20 43.45 32.92
CA ARG A 1575 -22.06 43.69 32.06
C ARG A 1575 -22.24 42.98 30.72
N PRO A 1576 -21.75 43.58 29.64
CA PRO A 1576 -21.91 42.96 28.32
C PRO A 1576 -21.10 41.69 28.17
N TYR A 1577 -21.58 40.81 27.30
CA TYR A 1577 -20.90 39.55 27.03
C TYR A 1577 -19.67 39.80 26.15
N LEU A 1578 -18.90 38.72 25.92
CA LEU A 1578 -17.81 38.72 24.96
C LEU A 1578 -18.26 37.85 23.78
N GLN A 1579 -18.43 38.46 22.62
CA GLN A 1579 -19.03 37.80 21.47
C GLN A 1579 -17.97 37.31 20.51
N VAL A 1580 -18.09 36.05 20.08
CA VAL A 1580 -17.25 35.48 19.05
C VAL A 1580 -18.13 34.75 18.05
N VAL A 1581 -17.96 35.05 16.76
CA VAL A 1581 -18.75 34.45 15.69
C VAL A 1581 -17.90 33.40 15.00
N GLY A 1582 -18.31 32.14 15.10
CA GLY A 1582 -17.54 31.02 14.58
C GLY A 1582 -18.17 30.46 13.31
N PHE A 1583 -17.34 30.33 12.27
CA PHE A 1583 -17.70 29.67 11.03
C PHE A 1583 -17.10 28.26 11.04
N ILE A 1584 -17.96 27.25 10.92
CA ILE A 1584 -17.56 25.86 11.10
C ILE A 1584 -17.57 25.15 9.76
N ASP A 1585 -16.49 24.44 9.45
CA ASP A 1585 -16.41 23.58 8.28
C ASP A 1585 -16.74 22.15 8.69
N ARG A 1586 -17.64 21.51 7.95
CA ARG A 1586 -18.13 20.18 8.28
C ARG A 1586 -17.95 19.23 7.11
N ALA A 1587 -16.76 19.23 6.52
CA ALA A 1587 -16.47 18.37 5.38
C ALA A 1587 -15.01 17.97 5.41
N PHE A 1588 -14.76 16.66 5.42
CA PHE A 1588 -13.42 16.12 5.29
C PHE A 1588 -13.41 15.07 4.18
N PRO A 1589 -12.32 14.98 3.40
CA PRO A 1589 -12.31 14.17 2.18
C PRO A 1589 -12.03 12.68 2.41
N SER A 1590 -12.68 12.10 3.42
CA SER A 1590 -12.60 10.68 3.71
C SER A 1590 -11.17 10.16 3.73
N PHE A 1591 -10.87 9.18 2.87
CA PHE A 1591 -9.53 8.62 2.73
C PHE A 1591 -8.85 9.06 1.46
N LEU A 1592 -9.34 10.12 0.82
CA LEU A 1592 -8.77 10.59 -0.43
C LEU A 1592 -7.41 11.25 -0.17
N ALA A 1593 -6.81 11.79 -1.24
CA ALA A 1593 -5.49 12.41 -1.19
C ALA A 1593 -4.43 11.44 -0.66
N LYS A 1594 -4.56 10.16 -1.03
CA LYS A 1594 -3.59 9.14 -0.64
C LYS A 1594 -2.43 9.16 -1.62
N VAL A 1595 -1.71 10.29 -1.60
CA VAL A 1595 -0.62 10.58 -2.53
C VAL A 1595 -1.17 10.53 -3.94
N PHE A 1596 -1.98 11.52 -4.30
CA PHE A 1596 -2.55 11.60 -5.64
C PHE A 1596 -1.64 12.44 -6.53
N LYS A 1597 -0.35 12.08 -6.58
CA LYS A 1597 0.63 12.74 -7.42
C LYS A 1597 0.94 11.83 -8.61
N GLY A 1598 -0.04 11.68 -9.50
CA GLY A 1598 0.09 10.73 -10.58
C GLY A 1598 0.15 9.31 -10.04
N GLY A 1599 -0.80 8.97 -9.18
CA GLY A 1599 -0.77 7.72 -8.44
C GLY A 1599 -1.68 6.64 -8.99
N VAL A 1600 -2.87 6.50 -8.40
CA VAL A 1600 -3.79 5.41 -8.73
C VAL A 1600 -4.06 5.34 -10.23
N ILE A 1601 -4.07 6.48 -10.92
CA ILE A 1601 -4.30 6.46 -12.36
C ILE A 1601 -3.15 5.74 -13.07
N ALA A 1602 -1.92 5.86 -12.58
CA ALA A 1602 -0.79 5.20 -13.23
C ALA A 1602 -0.90 3.69 -13.12
N VAL A 1603 -1.16 3.17 -11.91
CA VAL A 1603 -1.28 1.74 -11.73
C VAL A 1603 -2.51 1.21 -12.46
N TYR A 1604 -3.59 1.99 -12.51
CA TYR A 1604 -4.78 1.59 -13.25
C TYR A 1604 -4.46 1.44 -14.73
N LEU A 1605 -3.76 2.42 -15.31
CA LEU A 1605 -3.37 2.33 -16.71
C LEU A 1605 -2.44 1.14 -16.95
N SER A 1606 -1.49 0.92 -16.04
CA SER A 1606 -0.55 -0.19 -16.19
C SER A 1606 -1.27 -1.53 -16.16
N VAL A 1607 -2.20 -1.71 -15.23
CA VAL A 1607 -2.90 -2.99 -15.13
C VAL A 1607 -3.83 -3.18 -16.32
N ILE A 1608 -4.46 -2.10 -16.80
CA ILE A 1608 -5.29 -2.21 -17.99
C ILE A 1608 -4.45 -2.62 -19.20
N LEU A 1609 -3.28 -2.00 -19.36
CA LEU A 1609 -2.41 -2.33 -20.48
C LEU A 1609 -1.93 -3.76 -20.40
N VAL A 1610 -1.53 -4.22 -19.21
CA VAL A 1610 -0.98 -5.57 -19.10
C VAL A 1610 -2.08 -6.61 -19.32
N VAL A 1611 -3.29 -6.35 -18.84
CA VAL A 1611 -4.39 -7.29 -19.08
C VAL A 1611 -4.75 -7.33 -20.56
N GLY A 1612 -4.78 -6.16 -21.19
CA GLY A 1612 -5.11 -6.12 -22.62
C GLY A 1612 -4.08 -6.81 -23.48
N ARG A 1613 -2.79 -6.60 -23.18
CA ARG A 1613 -1.73 -7.18 -24.00
C ARG A 1613 -1.54 -8.67 -23.73
N GLY A 1614 -1.64 -9.10 -22.47
CA GLY A 1614 -1.31 -10.47 -22.13
C GLY A 1614 -2.47 -11.45 -22.12
N LEU A 1615 -3.54 -11.12 -21.40
CA LEU A 1615 -4.60 -12.10 -21.15
C LEU A 1615 -5.57 -12.16 -22.33
N VAL A 1616 -6.25 -11.07 -22.62
CA VAL A 1616 -7.33 -11.10 -23.62
C VAL A 1616 -6.76 -11.28 -25.02
N ARG A 1617 -5.63 -10.64 -25.32
CA ARG A 1617 -5.10 -10.69 -26.68
C ARG A 1617 -4.64 -12.09 -27.05
N GLY A 1618 -3.99 -12.80 -26.12
CA GLY A 1618 -3.47 -14.12 -26.43
C GLY A 1618 -4.56 -15.12 -26.76
N ILE A 1619 -5.63 -15.15 -25.97
CA ILE A 1619 -6.76 -16.03 -26.24
C ILE A 1619 -7.70 -15.47 -27.29
N PHE A 1620 -7.51 -14.21 -27.68
CA PHE A 1620 -8.41 -13.51 -28.59
C PHE A 1620 -8.05 -13.78 -30.04
N THR A 1621 -6.76 -13.67 -30.38
CA THR A 1621 -6.27 -13.95 -31.72
C THR A 1621 -5.22 -15.06 -31.67
N THR A 1622 -4.82 -15.52 -32.84
CA THR A 1622 -3.85 -16.60 -32.98
C THR A 1622 -2.71 -16.17 -33.89
N SER A 1623 -1.50 -16.63 -33.57
CA SER A 1623 -0.34 -16.32 -34.37
C SER A 1623 -0.39 -17.11 -35.69
N PRO A 1624 0.19 -16.55 -36.76
CA PRO A 1624 0.22 -17.30 -38.04
C PRO A 1624 1.00 -18.60 -37.97
N SER A 1625 1.86 -18.78 -36.98
CA SER A 1625 2.55 -20.06 -36.83
C SER A 1625 1.62 -21.14 -36.30
N THR A 1626 0.63 -20.76 -35.50
CA THR A 1626 -0.26 -21.74 -34.87
C THR A 1626 -1.26 -22.32 -35.85
N VAL A 1627 -1.67 -21.55 -36.86
CA VAL A 1627 -2.75 -21.99 -37.74
C VAL A 1627 -2.36 -23.26 -38.51
N MET A 1628 -1.06 -23.50 -38.68
CA MET A 1628 -0.61 -24.71 -39.35
C MET A 1628 -1.01 -25.96 -38.59
N PHE A 1629 -1.15 -25.87 -37.27
CA PHE A 1629 -1.46 -27.02 -36.44
C PHE A 1629 -2.92 -27.07 -35.98
N THR A 1630 -3.56 -25.90 -35.85
CA THR A 1630 -4.93 -25.87 -35.32
C THR A 1630 -5.96 -26.28 -36.36
N GLU A 1631 -5.67 -26.07 -37.65
CA GLU A 1631 -6.67 -26.26 -38.71
C GLU A 1631 -6.59 -27.63 -39.37
N LEU A 1632 -6.25 -28.67 -38.60
CA LEU A 1632 -6.28 -30.01 -39.15
C LEU A 1632 -7.71 -30.42 -39.46
N PRO A 1633 -8.00 -30.89 -40.68
CA PRO A 1633 -9.37 -31.25 -41.03
C PRO A 1633 -9.82 -32.58 -40.45
N ASN A 1634 -8.89 -33.46 -40.08
CA ASN A 1634 -9.26 -34.77 -39.56
C ASN A 1634 -8.12 -35.29 -38.69
N ALA A 1635 -8.37 -35.37 -37.38
CA ALA A 1635 -7.37 -35.81 -36.41
C ALA A 1635 -7.55 -37.26 -35.99
N ASP A 1636 -8.32 -38.04 -36.73
CA ASP A 1636 -8.59 -39.42 -36.35
C ASP A 1636 -7.30 -40.24 -36.29
N HIS A 1637 -6.43 -40.09 -37.28
CA HIS A 1637 -5.20 -40.88 -37.31
C HIS A 1637 -4.28 -40.53 -36.16
N LEU A 1638 -4.12 -39.23 -35.87
CA LEU A 1638 -3.27 -38.82 -34.76
C LEU A 1638 -3.83 -39.30 -33.42
N LEU A 1639 -5.14 -39.20 -33.24
CA LEU A 1639 -5.75 -39.70 -32.01
C LEU A 1639 -5.57 -41.20 -31.89
N LYS A 1640 -5.68 -41.93 -33.01
CA LYS A 1640 -5.46 -43.37 -32.98
C LYS A 1640 -4.02 -43.71 -32.59
N ILE A 1641 -3.06 -42.96 -33.12
CA ILE A 1641 -1.66 -43.20 -32.79
C ILE A 1641 -1.42 -42.95 -31.30
N CYS A 1642 -1.98 -41.86 -30.76
CA CYS A 1642 -1.76 -41.57 -29.35
C CYS A 1642 -2.43 -42.62 -28.45
N LEU A 1643 -3.66 -43.03 -28.81
CA LEU A 1643 -4.31 -44.08 -28.04
C LEU A 1643 -3.52 -45.38 -28.12
N ASP A 1644 -2.93 -45.67 -29.29
CA ASP A 1644 -2.15 -46.90 -29.44
C ASP A 1644 -0.88 -46.84 -28.61
N ILE A 1645 -0.22 -45.69 -28.53
CA ILE A 1645 0.99 -45.60 -27.71
C ILE A 1645 0.63 -45.72 -26.23
N TYR A 1646 -0.50 -45.15 -25.82
CA TYR A 1646 -0.96 -45.38 -24.44
C TYR A 1646 -1.24 -46.86 -24.19
N LEU A 1647 -1.88 -47.53 -25.14
CA LEU A 1647 -2.21 -48.94 -24.96
C LEU A 1647 -0.95 -49.80 -24.87
N VAL A 1648 0.04 -49.51 -25.72
CA VAL A 1648 1.26 -50.32 -25.70
C VAL A 1648 2.07 -50.04 -24.44
N ARG A 1649 2.03 -48.80 -23.94
CA ARG A 1649 2.65 -48.54 -22.64
C ARG A 1649 1.96 -49.30 -21.52
N GLU A 1650 0.62 -49.36 -21.57
CA GLU A 1650 -0.12 -50.10 -20.56
C GLU A 1650 0.21 -51.58 -20.62
N ALA A 1651 0.36 -52.13 -21.82
CA ALA A 1651 0.62 -53.56 -22.01
C ALA A 1651 2.03 -53.97 -21.66
N LYS A 1652 2.84 -53.07 -21.09
CA LYS A 1652 4.20 -53.35 -20.65
C LYS A 1652 5.06 -53.84 -21.83
N ASP A 1653 5.13 -53.00 -22.86
CA ASP A 1653 5.89 -53.26 -24.08
C ASP A 1653 6.69 -52.03 -24.46
N PHE A 1654 7.46 -51.51 -23.49
CA PHE A 1654 8.15 -50.23 -23.65
C PHE A 1654 9.04 -50.16 -24.89
N MET A 1655 9.35 -51.31 -25.51
CA MET A 1655 10.19 -51.28 -26.70
C MET A 1655 9.52 -50.52 -27.84
N LEU A 1656 8.22 -50.74 -28.06
CA LEU A 1656 7.53 -50.07 -29.15
C LEU A 1656 7.04 -48.68 -28.80
N GLU A 1657 6.97 -48.34 -27.50
CA GLU A 1657 6.53 -47.01 -27.11
C GLU A 1657 7.48 -45.93 -27.61
N GLN A 1658 8.79 -46.19 -27.50
CA GLN A 1658 9.78 -45.23 -28.00
C GLN A 1658 9.67 -45.07 -29.51
N ASP A 1659 9.47 -46.18 -30.23
CA ASP A 1659 9.34 -46.09 -31.69
C ASP A 1659 8.10 -45.30 -32.08
N LEU A 1660 6.99 -45.51 -31.38
CA LEU A 1660 5.76 -44.77 -31.67
C LEU A 1660 5.94 -43.29 -31.34
N PHE A 1661 6.64 -42.98 -30.26
CA PHE A 1661 6.91 -41.58 -29.93
C PHE A 1661 7.78 -40.93 -30.99
N ALA A 1662 8.77 -41.66 -31.51
CA ALA A 1662 9.60 -41.15 -32.60
C ALA A 1662 8.75 -40.91 -33.85
N LYS A 1663 7.83 -41.82 -34.14
CA LYS A 1663 6.93 -41.65 -35.28
C LYS A 1663 6.09 -40.39 -35.11
N LEU A 1664 5.55 -40.17 -33.92
CA LEU A 1664 4.75 -38.97 -33.67
C LEU A 1664 5.59 -37.70 -33.78
N ILE A 1665 6.83 -37.75 -33.28
CA ILE A 1665 7.71 -36.58 -33.35
C ILE A 1665 8.00 -36.24 -34.82
N PHE A 1666 8.32 -37.25 -35.62
CA PHE A 1666 8.58 -37.01 -37.04
C PHE A 1666 7.33 -36.51 -37.75
N LEU A 1667 6.16 -37.02 -37.38
CA LEU A 1667 4.93 -36.53 -37.98
C LEU A 1667 4.70 -35.06 -37.64
N PHE A 1668 4.97 -34.67 -36.40
CA PHE A 1668 4.83 -33.27 -36.01
C PHE A 1668 5.95 -32.38 -36.52
N ARG A 1669 7.06 -32.96 -37.00
CA ARG A 1669 8.16 -32.15 -37.51
C ARG A 1669 7.95 -31.75 -38.96
N SER A 1670 7.79 -32.72 -39.85
CA SER A 1670 7.62 -32.43 -41.27
C SER A 1670 6.19 -32.01 -41.55
N PRO A 1671 5.95 -30.81 -42.09
CA PRO A 1671 4.57 -30.40 -42.37
C PRO A 1671 3.96 -31.11 -43.56
N ALA A 1672 4.75 -31.49 -44.56
CA ALA A 1672 4.21 -32.20 -45.71
C ALA A 1672 3.65 -33.56 -45.30
N THR A 1673 4.38 -34.29 -44.48
CA THR A 1673 3.87 -35.57 -43.98
C THR A 1673 2.66 -35.36 -43.09
N LEU A 1674 2.61 -34.25 -42.34
CA LEU A 1674 1.46 -33.97 -41.50
C LEU A 1674 0.21 -33.75 -42.33
N ILE A 1675 0.29 -32.89 -43.36
CA ILE A 1675 -0.87 -32.61 -44.18
C ILE A 1675 -1.26 -33.84 -44.99
N GLU A 1676 -0.28 -34.63 -45.43
CA GLU A 1676 -0.59 -35.88 -46.13
C GLU A 1676 -1.30 -36.87 -45.22
N TRP A 1677 -0.84 -36.97 -43.96
CA TRP A 1677 -1.42 -37.92 -43.02
C TRP A 1677 -2.78 -37.47 -42.50
N THR A 1678 -3.09 -36.18 -42.57
CA THR A 1678 -4.28 -35.61 -41.98
C THR A 1678 -5.41 -35.47 -43.00
N ARG A 1679 -5.19 -35.92 -44.23
CA ARG A 1679 -6.17 -35.76 -45.30
C ARG A 1679 -7.49 -36.43 -44.93
N MET A 1680 -8.59 -35.76 -45.26
CA MET A 1680 -9.91 -36.26 -44.91
C MET A 1680 -10.23 -37.54 -45.67
N SER A 1681 -10.83 -38.50 -44.96
CA SER A 1681 -11.24 -39.78 -45.54
C SER A 1681 -10.08 -40.51 -46.23
N VAL B 52 30.56 40.36 -48.46
CA VAL B 52 31.23 41.52 -47.90
C VAL B 52 30.90 42.77 -48.70
N LYS B 53 31.15 42.71 -50.01
CA LYS B 53 30.86 43.84 -50.88
C LYS B 53 29.37 44.14 -50.93
N LYS B 54 28.54 43.09 -51.01
CA LYS B 54 27.09 43.28 -51.01
C LYS B 54 26.61 43.88 -49.69
N LEU B 55 27.16 43.39 -48.57
CA LEU B 55 26.80 43.94 -47.27
C LEU B 55 27.23 45.41 -47.14
N HIS B 56 28.43 45.73 -47.65
CA HIS B 56 28.89 47.11 -47.61
C HIS B 56 28.00 48.01 -48.47
N LYS B 57 27.59 47.53 -49.65
CA LYS B 57 26.70 48.31 -50.49
C LYS B 57 25.34 48.52 -49.82
N LEU B 58 24.81 47.48 -49.18
CA LEU B 58 23.55 47.62 -48.45
C LEU B 58 23.68 48.62 -47.32
N ALA B 59 24.80 48.57 -46.58
CA ALA B 59 25.02 49.52 -45.50
C ALA B 59 25.11 50.95 -46.03
N ASN B 60 25.81 51.14 -47.15
CA ASN B 60 25.90 52.47 -47.75
C ASN B 60 24.53 52.98 -48.19
N GLN B 61 23.73 52.11 -48.81
CA GLN B 61 22.38 52.51 -49.22
C GLN B 61 21.54 52.89 -48.00
N THR B 62 21.62 52.09 -46.93
CA THR B 62 20.84 52.38 -45.73
C THR B 62 21.26 53.70 -45.10
N ILE B 63 22.57 53.95 -45.00
CA ILE B 63 23.01 55.18 -44.36
C ILE B 63 22.65 56.38 -45.22
N GLU B 64 22.76 56.27 -46.54
CA GLU B 64 22.35 57.37 -47.41
C GLU B 64 20.87 57.66 -47.28
N LEU B 65 20.02 56.62 -47.32
CA LEU B 65 18.59 56.86 -47.22
C LEU B 65 18.22 57.44 -45.86
N LEU B 66 18.79 56.91 -44.77
CA LEU B 66 18.46 57.46 -43.46
C LEU B 66 18.94 58.90 -43.33
N TRP B 67 20.12 59.22 -43.87
CA TRP B 67 20.56 60.61 -43.89
C TRP B 67 19.56 61.48 -44.63
N ARG B 68 18.99 60.97 -45.73
CA ARG B 68 17.98 61.72 -46.45
C ARG B 68 16.73 61.95 -45.59
N PHE B 69 16.28 60.91 -44.86
CA PHE B 69 15.15 61.10 -43.95
C PHE B 69 15.45 62.15 -42.88
N PHE B 70 16.63 62.09 -42.26
CA PHE B 70 16.96 63.09 -41.24
C PHE B 70 17.01 64.49 -41.83
N GLU B 71 17.61 64.65 -43.01
CA GLU B 71 17.76 65.98 -43.61
C GLU B 71 16.42 66.70 -43.79
N VAL B 72 15.30 66.02 -43.59
CA VAL B 72 13.99 66.67 -43.62
C VAL B 72 13.18 66.43 -42.36
N HIS B 73 13.57 65.51 -41.47
CA HIS B 73 12.82 65.26 -40.25
C HIS B 73 13.56 65.63 -38.97
N ILE B 74 14.75 66.24 -39.06
CA ILE B 74 15.44 66.68 -37.85
C ILE B 74 14.60 67.72 -37.11
N SER B 75 13.97 68.63 -37.84
CA SER B 75 13.15 69.66 -37.20
C SER B 75 12.03 69.01 -36.38
N LYS B 76 11.29 68.07 -36.99
CA LYS B 76 10.20 67.41 -36.29
C LYS B 76 10.70 66.61 -35.10
N ILE B 77 11.82 65.88 -35.27
CA ILE B 77 12.35 65.06 -34.19
C ILE B 77 12.76 65.92 -33.00
N VAL B 78 13.48 67.02 -33.28
CA VAL B 78 13.93 67.88 -32.19
C VAL B 78 12.76 68.60 -31.55
N PHE B 79 11.74 68.97 -32.32
CA PHE B 79 10.56 69.58 -31.73
C PHE B 79 9.85 68.60 -30.80
N VAL B 80 9.72 67.33 -31.22
CA VAL B 80 9.10 66.33 -30.36
C VAL B 80 9.91 66.12 -29.09
N ILE B 81 11.24 66.06 -29.22
CA ILE B 81 12.09 65.88 -28.05
C ILE B 81 11.95 67.04 -27.08
N ILE B 82 11.95 68.27 -27.60
CA ILE B 82 11.80 69.44 -26.75
C ILE B 82 10.43 69.45 -26.08
N ALA B 83 9.39 69.06 -26.81
CA ALA B 83 8.06 68.99 -26.22
C ALA B 83 7.99 67.97 -25.10
N ILE B 84 8.63 66.82 -25.28
CA ILE B 84 8.66 65.82 -24.22
C ILE B 84 9.41 66.35 -23.01
N PHE B 85 10.54 67.02 -23.24
CA PHE B 85 11.33 67.53 -22.13
C PHE B 85 10.58 68.61 -21.36
N ILE B 86 9.88 69.50 -22.06
CA ILE B 86 9.11 70.54 -21.37
C ILE B 86 7.84 69.97 -20.76
N ALA B 87 7.37 68.80 -21.22
CA ALA B 87 6.32 68.10 -20.51
C ALA B 87 6.84 67.49 -19.22
N ASN B 88 8.11 67.09 -19.21
CA ASN B 88 8.71 66.58 -17.98
C ASN B 88 8.79 67.66 -16.90
N ASN B 89 9.16 68.88 -17.29
CA ASN B 89 9.28 70.01 -16.37
C ASN B 89 8.37 71.13 -16.85
N ILE B 90 7.30 71.39 -16.11
CA ILE B 90 6.27 72.33 -16.54
C ILE B 90 6.28 73.56 -15.62
N ASN B 91 7.45 73.92 -15.11
CA ASN B 91 7.58 75.02 -14.17
C ASN B 91 7.45 76.36 -14.89
N ALA B 92 7.68 77.45 -14.17
CA ALA B 92 7.35 78.78 -14.68
C ALA B 92 8.31 79.25 -15.76
N LEU B 93 9.61 78.97 -15.60
CA LEU B 93 10.61 79.56 -16.50
C LEU B 93 10.56 79.00 -17.93
N TYR B 94 9.59 78.20 -18.30
CA TYR B 94 9.49 77.65 -19.66
C TYR B 94 8.65 78.52 -20.58
N ILE B 95 8.22 79.69 -20.14
CA ILE B 95 7.40 80.56 -20.98
C ILE B 95 8.14 81.03 -22.23
N PRO B 96 9.35 81.61 -22.15
CA PRO B 96 9.98 82.11 -23.38
C PRO B 96 10.20 81.03 -24.43
N LEU B 97 10.56 79.81 -24.00
CA LEU B 97 10.86 78.77 -24.98
C LEU B 97 9.59 78.29 -25.68
N VAL B 98 8.49 78.10 -24.93
CA VAL B 98 7.26 77.70 -25.59
C VAL B 98 6.77 78.82 -26.52
N ILE B 99 6.95 80.08 -26.11
CA ILE B 99 6.53 81.19 -26.96
C ILE B 99 7.33 81.19 -28.27
N LEU B 100 8.64 80.99 -28.18
CA LEU B 100 9.47 81.06 -29.38
C LEU B 100 9.26 79.83 -30.27
N LEU B 101 9.05 78.64 -29.68
CA LEU B 101 8.68 77.49 -30.50
C LEU B 101 7.34 77.71 -31.20
N SER B 102 6.36 78.29 -30.52
CA SER B 102 5.08 78.57 -31.16
C SER B 102 5.25 79.55 -32.31
N LEU B 103 6.07 80.59 -32.11
CA LEU B 103 6.33 81.54 -33.18
C LEU B 103 7.04 80.88 -34.35
N ALA B 104 8.01 80.00 -34.07
CA ALA B 104 8.73 79.32 -35.14
C ALA B 104 7.81 78.40 -35.93
N ILE B 105 6.92 77.68 -35.25
CA ILE B 105 5.96 76.83 -35.94
C ILE B 105 5.00 77.68 -36.77
N CYS B 106 4.62 78.84 -36.25
CA CYS B 106 3.77 79.75 -37.02
C CYS B 106 4.46 80.24 -38.28
N LEU B 107 5.78 80.38 -38.25
CA LEU B 107 6.55 80.83 -39.41
C LEU B 107 7.43 79.71 -39.95
N GLY B 113 16.90 81.03 -41.61
CA GLY B 113 17.68 80.45 -40.53
C GLY B 113 17.81 81.37 -39.33
N ILE B 114 17.12 82.51 -39.38
CA ILE B 114 17.16 83.45 -38.27
C ILE B 114 16.50 82.86 -37.03
N PHE B 115 15.45 82.06 -37.22
CA PHE B 115 14.75 81.45 -36.10
C PHE B 115 15.41 80.18 -35.60
N SER B 116 16.37 79.63 -36.36
CA SER B 116 17.01 78.38 -35.96
C SER B 116 17.98 78.55 -34.79
N LEU B 117 18.48 79.76 -34.56
CA LEU B 117 19.41 80.03 -33.48
C LEU B 117 18.75 80.65 -32.25
N PHE B 118 17.43 80.87 -32.30
CA PHE B 118 16.74 81.47 -31.15
C PHE B 118 16.73 80.52 -29.96
N MET B 119 16.35 79.26 -30.19
CA MET B 119 16.32 78.28 -29.11
C MET B 119 17.67 77.65 -28.81
N CYS B 120 18.64 77.80 -29.72
CA CYS B 120 19.96 77.22 -29.47
C CYS B 120 20.63 77.86 -28.28
N ALA B 121 20.56 79.20 -28.18
CA ALA B 121 21.17 79.91 -27.06
C ALA B 121 20.35 79.80 -25.78
N TYR B 122 19.01 79.72 -25.89
CA TYR B 122 18.18 79.67 -24.70
C TYR B 122 18.33 78.34 -23.96
N LEU B 123 18.44 77.24 -24.71
CA LEU B 123 18.70 75.96 -24.07
C LEU B 123 20.03 75.95 -23.35
N PHE B 124 21.03 76.65 -23.89
CA PHE B 124 22.28 76.86 -23.15
C PHE B 124 22.02 77.67 -21.88
N LEU B 125 21.15 78.68 -21.98
CA LEU B 125 20.77 79.43 -20.79
C LEU B 125 20.02 78.55 -19.79
N VAL B 126 19.16 77.67 -20.29
CA VAL B 126 18.51 76.69 -19.41
C VAL B 126 19.55 75.79 -18.76
N ALA B 127 20.51 75.30 -19.55
CA ALA B 127 21.60 74.52 -18.99
C ALA B 127 22.40 75.33 -17.98
N LEU B 128 22.62 76.62 -18.27
CA LEU B 128 23.25 77.50 -17.30
C LEU B 128 22.38 77.65 -16.05
N SER B 129 21.07 77.77 -16.22
CA SER B 129 20.16 77.91 -15.09
C SER B 129 20.08 76.64 -14.27
N LYS B 130 20.06 75.47 -14.91
CA LYS B 130 19.97 74.21 -14.18
C LYS B 130 21.23 73.97 -13.34
N MET B 131 22.39 74.34 -13.86
CA MET B 131 23.62 74.18 -13.09
C MET B 131 23.69 75.11 -11.89
N ILE B 132 22.88 76.17 -11.88
CA ILE B 132 22.90 77.13 -10.77
C ILE B 132 22.34 76.49 -9.51
N HIS B 155 -1.89 78.24 0.19
CA HIS B 155 -1.34 79.54 -0.17
C HIS B 155 0.18 79.50 -0.19
N GLY B 156 0.77 78.69 0.69
CA GLY B 156 2.21 78.58 0.79
C GLY B 156 2.74 77.20 0.46
N ASN B 157 3.43 76.59 1.42
CA ASN B 157 4.03 75.26 1.31
C ASN B 157 5.09 75.17 0.22
N ILE B 158 5.51 76.31 -0.34
CA ILE B 158 6.54 76.32 -1.37
C ILE B 158 7.07 77.74 -1.47
N SER B 159 8.30 77.88 -1.93
CA SER B 159 8.99 79.16 -1.97
C SER B 159 9.29 79.57 -3.41
N MET B 160 9.94 80.73 -3.56
CA MET B 160 10.20 81.28 -4.89
C MET B 160 11.08 80.41 -5.77
N PRO B 161 12.26 79.91 -5.31
CA PRO B 161 13.10 79.13 -6.23
C PRO B 161 12.42 77.87 -6.75
N GLU B 162 11.64 77.19 -5.92
CA GLU B 162 10.98 75.97 -6.38
C GLU B 162 9.87 76.27 -7.38
N TRP B 163 9.11 77.35 -7.15
CA TRP B 163 8.07 77.73 -8.09
C TRP B 163 8.67 78.21 -9.41
N PHE B 164 9.84 78.85 -9.35
CA PHE B 164 10.50 79.28 -10.57
C PHE B 164 10.88 78.10 -11.45
N GLY B 165 11.37 77.02 -10.83
CA GLY B 165 11.83 75.86 -11.55
C GLY B 165 13.27 75.51 -11.23
N LEU B 166 13.80 76.16 -10.19
CA LEU B 166 15.17 75.96 -9.74
C LEU B 166 15.10 75.39 -8.33
N LYS B 167 15.09 74.06 -8.24
CA LYS B 167 15.01 73.37 -6.96
C LYS B 167 16.41 73.08 -6.45
N LYS B 168 16.70 73.53 -5.23
CA LYS B 168 18.01 73.33 -4.62
C LYS B 168 18.11 71.89 -4.17
N GLU B 169 18.78 71.05 -4.96
CA GLU B 169 18.92 69.65 -4.64
C GLU B 169 19.88 69.47 -3.46
N VAL B 170 20.03 68.21 -3.02
CA VAL B 170 20.91 67.91 -1.91
C VAL B 170 22.35 68.17 -2.32
N GLU B 171 23.06 68.95 -1.52
CA GLU B 171 24.43 69.31 -1.84
C GLU B 171 25.35 68.10 -1.75
N GLY B 172 26.28 68.01 -2.71
CA GLY B 172 27.25 66.94 -2.74
C GLY B 172 26.86 65.73 -3.57
N THR B 173 25.62 65.63 -4.03
CA THR B 173 25.21 64.45 -4.79
C THR B 173 25.61 64.58 -6.25
N GLU B 174 25.02 65.53 -6.98
CA GLU B 174 25.29 65.74 -8.38
C GLU B 174 24.57 66.98 -8.91
N PRO B 175 25.17 67.70 -9.87
CA PRO B 175 24.40 68.70 -10.63
C PRO B 175 23.80 68.15 -11.91
N ILE B 176 24.23 66.97 -12.36
CA ILE B 176 23.79 66.36 -13.61
C ILE B 176 23.11 65.04 -13.26
N TYR B 177 22.45 65.02 -12.10
CA TYR B 177 21.97 63.76 -11.52
C TYR B 177 20.97 63.07 -12.44
N MET B 178 20.01 63.82 -13.00
CA MET B 178 19.07 63.29 -13.98
C MET B 178 18.97 64.14 -15.24
N LEU B 179 19.94 65.02 -15.49
CA LEU B 179 19.91 65.87 -16.68
C LEU B 179 20.89 65.31 -17.71
N PHE B 180 20.38 64.35 -18.48
CA PHE B 180 21.17 63.69 -19.51
C PHE B 180 20.68 63.98 -20.92
N GLY B 181 19.76 64.93 -21.08
CA GLY B 181 19.21 65.22 -22.40
C GLY B 181 19.45 66.63 -22.88
N VAL B 182 19.58 67.58 -21.95
CA VAL B 182 19.80 68.98 -22.33
C VAL B 182 21.13 69.12 -23.05
N ILE B 183 22.18 68.50 -22.52
CA ILE B 183 23.46 68.51 -23.21
C ILE B 183 23.37 67.73 -24.52
N VAL B 184 22.56 66.66 -24.56
CA VAL B 184 22.30 65.97 -25.81
C VAL B 184 21.49 66.86 -26.75
N SER B 185 20.55 67.63 -26.19
CA SER B 185 19.76 68.54 -27.01
C SER B 185 20.63 69.57 -27.71
N ILE B 186 21.73 70.00 -27.07
CA ILE B 186 22.68 70.89 -27.74
C ILE B 186 23.29 70.20 -28.94
N ILE B 187 23.64 68.92 -28.81
CA ILE B 187 24.11 68.15 -29.95
C ILE B 187 23.00 67.98 -30.98
N ALA B 188 21.75 67.85 -30.52
CA ALA B 188 20.62 67.78 -31.45
C ALA B 188 20.50 69.06 -32.27
N LEU B 189 20.70 70.21 -31.62
CA LEU B 189 20.74 71.48 -32.36
C LEU B 189 21.91 71.49 -33.33
N ALA B 190 23.05 70.92 -32.93
CA ALA B 190 24.18 70.80 -33.84
C ALA B 190 23.85 69.94 -35.04
N PHE B 191 23.09 68.87 -34.82
CA PHE B 191 22.65 68.03 -35.94
C PHE B 191 21.80 68.82 -36.92
N GLN B 192 20.91 69.67 -36.41
CA GLN B 192 20.11 70.53 -37.28
C GLN B 192 20.95 71.63 -37.92
N SER B 193 22.11 71.96 -37.33
CA SER B 193 22.94 73.05 -37.84
C SER B 193 24.01 72.58 -38.81
N ILE B 194 24.53 71.36 -38.65
CA ILE B 194 25.58 70.88 -39.54
C ILE B 194 25.05 70.71 -40.96
N VAL B 195 23.82 70.21 -41.09
CA VAL B 195 23.24 70.03 -42.42
C VAL B 195 22.95 71.38 -43.07
N ILE B 196 22.53 72.37 -42.27
CA ILE B 196 22.26 73.70 -42.81
C ILE B 196 23.55 74.35 -43.28
N TYR B 197 24.61 74.26 -42.47
CA TYR B 197 25.87 74.90 -42.81
C TYR B 197 26.49 74.29 -44.06
N ARG B 198 26.45 72.96 -44.18
CA ARG B 198 27.11 72.26 -45.27
C ARG B 198 26.29 72.21 -46.56
N GLN B 199 25.03 72.62 -46.53
CA GLN B 199 24.20 72.57 -47.72
C GLN B 199 24.31 73.85 -48.55
N ARG B 200 24.14 75.01 -47.93
CA ARG B 200 24.21 76.28 -48.64
C ARG B 200 25.63 76.76 -48.86
N HIS B 201 26.63 76.07 -48.31
CA HIS B 201 28.03 76.47 -48.48
C HIS B 201 28.51 76.14 -49.90
N ARG B 213 13.71 68.23 -54.66
CA ARG B 213 14.64 68.70 -53.63
C ARG B 213 14.17 68.32 -52.22
N ALA B 214 12.91 68.61 -51.90
CA ALA B 214 12.34 68.23 -50.62
C ALA B 214 11.56 66.91 -50.75
N LYS B 215 12.26 65.89 -51.22
CA LYS B 215 11.67 64.58 -51.42
C LYS B 215 12.66 63.51 -50.98
N VAL B 216 12.16 62.51 -50.25
CA VAL B 216 13.01 61.41 -49.83
C VAL B 216 13.49 60.61 -51.03
N PHE B 217 12.61 60.34 -51.98
CA PHE B 217 12.93 59.56 -53.17
C PHE B 217 12.97 60.50 -54.36
N PRO B 218 14.15 60.78 -54.92
CA PRO B 218 14.29 61.92 -55.83
C PRO B 218 13.71 61.74 -57.22
N ASP B 219 13.53 60.51 -57.69
CA ASP B 219 12.93 60.24 -58.99
C ASP B 219 11.61 59.49 -58.82
N PHE B 220 10.78 59.97 -57.91
CA PHE B 220 9.47 59.40 -57.65
C PHE B 220 8.57 59.46 -58.88
N HIS B 221 7.71 58.45 -59.03
CA HIS B 221 6.74 58.39 -60.11
C HIS B 221 5.45 57.80 -59.57
N HIS B 222 4.34 58.51 -59.77
CA HIS B 222 3.04 58.06 -59.30
C HIS B 222 2.11 57.65 -60.43
N SER B 223 2.59 57.64 -61.68
CA SER B 223 1.74 57.28 -62.81
C SER B 223 1.32 55.81 -62.75
N HIS B 224 2.24 54.93 -62.34
CA HIS B 224 2.02 53.49 -62.33
C HIS B 224 2.37 52.91 -60.96
N PHE B 225 1.81 53.52 -59.91
CA PHE B 225 2.13 53.11 -58.55
C PHE B 225 1.67 51.70 -58.22
N ASP B 226 0.82 51.11 -59.05
CA ASP B 226 0.36 49.74 -58.85
C ASP B 226 1.25 48.69 -59.49
N ARG B 227 2.32 49.10 -60.18
CA ARG B 227 3.19 48.15 -60.86
C ARG B 227 4.30 47.61 -59.98
N SER B 228 4.40 48.05 -58.73
CA SER B 228 5.42 47.54 -57.83
C SER B 228 4.99 47.80 -56.40
N LEU B 229 5.25 46.82 -55.52
CA LEU B 229 4.98 47.01 -54.10
C LEU B 229 5.87 48.09 -53.51
N LYS B 230 7.13 48.15 -53.94
CA LYS B 230 8.01 49.24 -53.52
C LYS B 230 7.49 50.58 -54.02
N ASN B 231 6.88 50.60 -55.22
CA ASN B 231 6.28 51.82 -55.72
C ASN B 231 5.09 52.23 -54.87
N ALA B 232 4.31 51.26 -54.39
CA ALA B 232 3.23 51.57 -53.46
C ALA B 232 3.77 52.14 -52.15
N ILE B 233 4.87 51.57 -51.65
CA ILE B 233 5.46 52.05 -50.40
C ILE B 233 5.96 53.48 -50.58
N GLN B 234 6.63 53.77 -51.70
CA GLN B 234 7.14 55.11 -51.92
C GLN B 234 6.00 56.11 -52.17
N PHE B 235 4.89 55.65 -52.75
CA PHE B 235 3.70 56.50 -52.83
C PHE B 235 3.20 56.82 -51.42
N LEU B 236 3.13 55.80 -50.55
CA LEU B 236 2.64 56.03 -49.19
C LEU B 236 3.55 56.94 -48.40
N ILE B 237 4.86 56.91 -48.66
CA ILE B 237 5.79 57.74 -47.89
C ILE B 237 6.00 59.12 -48.49
N ASP B 238 5.78 59.29 -49.80
CA ASP B 238 6.00 60.56 -50.47
C ASP B 238 4.75 61.43 -50.53
N TYR B 239 3.69 60.94 -51.16
CA TYR B 239 2.42 61.65 -51.24
C TYR B 239 1.40 61.14 -50.24
N GLY B 240 1.84 60.44 -49.19
CA GLY B 240 0.90 59.92 -48.21
C GLY B 240 0.23 61.02 -47.40
N PHE B 241 0.87 62.19 -47.30
CA PHE B 241 0.27 63.29 -46.56
C PHE B 241 -0.40 64.30 -47.50
N TYR B 242 0.15 64.48 -48.70
CA TYR B 242 -0.52 65.31 -49.70
C TYR B 242 -1.90 64.74 -50.02
N LYS B 243 -2.01 63.42 -50.09
CA LYS B 243 -3.30 62.81 -50.38
C LYS B 243 -4.27 62.97 -49.22
N PHE B 244 -3.89 62.49 -48.03
CA PHE B 244 -4.74 62.58 -46.83
C PHE B 244 -3.97 63.31 -45.73
N GLY B 245 -3.96 64.63 -45.80
CA GLY B 245 -3.55 65.45 -44.67
C GLY B 245 -4.72 66.02 -43.90
N LEU B 246 -5.80 66.38 -44.61
CA LEU B 246 -7.00 66.83 -43.94
C LEU B 246 -7.55 65.74 -43.04
N GLU B 247 -7.56 64.50 -43.53
CA GLU B 247 -8.07 63.39 -42.73
C GLU B 247 -7.23 63.16 -41.49
N ILE B 248 -5.91 63.20 -41.62
CA ILE B 248 -5.07 62.96 -40.45
C ILE B 248 -5.16 64.12 -39.46
N THR B 249 -5.36 65.35 -39.94
CA THR B 249 -5.61 66.46 -39.03
C THR B 249 -6.94 66.25 -38.29
N MET B 250 -7.96 65.75 -38.99
CA MET B 250 -9.22 65.42 -38.34
C MET B 250 -9.01 64.37 -37.27
N ILE B 251 -8.19 63.36 -37.55
CA ILE B 251 -7.90 62.31 -36.58
C ILE B 251 -7.19 62.89 -35.37
N ALA B 252 -6.23 63.79 -35.60
CA ALA B 252 -5.52 64.43 -34.49
C ALA B 252 -6.48 65.23 -33.63
N ILE B 253 -7.39 65.98 -34.25
CA ILE B 253 -8.37 66.74 -33.48
C ILE B 253 -9.28 65.80 -32.69
N GLY B 254 -9.68 64.68 -33.30
CA GLY B 254 -10.53 63.73 -32.60
C GLY B 254 -9.85 63.11 -31.39
N ILE B 255 -8.57 62.73 -31.55
CA ILE B 255 -7.86 62.16 -30.41
C ILE B 255 -7.60 63.22 -29.35
N ASP B 256 -7.41 64.49 -29.76
CA ASP B 256 -7.29 65.57 -28.80
C ASP B 256 -8.57 65.72 -27.99
N ILE B 257 -9.73 65.65 -28.66
CA ILE B 257 -11.00 65.71 -27.95
C ILE B 257 -11.14 64.51 -27.02
N PHE B 258 -10.72 63.33 -27.48
CA PHE B 258 -10.83 62.13 -26.66
C PHE B 258 -9.99 62.22 -25.39
N ASN B 259 -8.80 62.80 -25.49
CA ASN B 259 -7.88 62.88 -24.35
C ASN B 259 -7.87 64.28 -23.73
N ARG B 260 -8.87 65.11 -24.03
CA ARG B 260 -8.92 66.49 -23.54
C ARG B 260 -10.11 66.73 -22.62
N MET B 261 -11.32 66.33 -23.05
CA MET B 261 -12.56 66.33 -22.27
C MET B 261 -12.69 67.54 -21.34
N ASP B 262 -12.71 68.72 -21.96
CA ASP B 262 -12.94 69.95 -21.21
C ASP B 262 -13.64 70.96 -22.13
N ALA B 263 -13.65 72.22 -21.70
CA ALA B 263 -14.21 73.28 -22.54
C ALA B 263 -13.35 73.51 -23.79
N LEU B 264 -12.04 73.31 -23.68
CA LEU B 264 -11.20 73.34 -24.87
C LEU B 264 -11.60 72.24 -25.85
N ALA B 265 -11.92 71.05 -25.33
CA ALA B 265 -12.46 70.01 -26.17
C ALA B 265 -13.81 70.43 -26.77
N ALA B 266 -14.60 71.21 -26.03
CA ALA B 266 -15.87 71.68 -26.55
C ALA B 266 -15.68 72.62 -27.73
N ILE B 267 -14.78 73.60 -27.60
CA ILE B 267 -14.55 74.50 -28.74
C ILE B 267 -13.90 73.73 -29.89
N GLN B 268 -13.04 72.75 -29.58
CA GLN B 268 -12.44 71.94 -30.63
C GLN B 268 -13.49 71.15 -31.41
N CYS B 269 -14.48 70.58 -30.71
CA CYS B 269 -15.49 69.81 -31.41
C CYS B 269 -16.47 70.71 -32.15
N PHE B 270 -16.73 71.92 -31.64
CA PHE B 270 -17.51 72.88 -32.42
C PHE B 270 -16.78 73.24 -33.71
N TRP B 271 -15.46 73.45 -33.63
CA TRP B 271 -14.68 73.67 -34.83
C TRP B 271 -14.75 72.46 -35.76
N LEU B 272 -14.68 71.25 -35.20
CA LEU B 272 -14.77 70.04 -36.00
C LEU B 272 -16.10 69.96 -36.73
N VAL B 273 -17.19 70.31 -36.05
CA VAL B 273 -18.50 70.35 -36.68
C VAL B 273 -18.50 71.36 -37.82
N LEU B 274 -17.90 72.54 -37.59
CA LEU B 274 -17.88 73.56 -38.64
C LEU B 274 -17.09 73.10 -39.86
N PHE B 275 -15.93 72.47 -39.66
CA PHE B 275 -15.13 72.01 -40.80
C PHE B 275 -15.80 70.85 -41.53
N ALA B 276 -16.39 69.91 -40.78
CA ALA B 276 -16.86 68.67 -41.40
C ALA B 276 -18.11 68.86 -42.26
N LEU B 277 -18.82 69.97 -42.11
CA LEU B 277 -20.09 70.18 -42.80
C LEU B 277 -19.97 71.22 -43.92
N ASN B 278 -18.87 71.23 -44.65
CA ASN B 278 -18.69 72.18 -45.74
C ASN B 278 -17.76 71.61 -46.79
N LYS B 279 -17.65 72.31 -47.91
CA LYS B 279 -16.84 71.88 -49.03
C LYS B 279 -15.39 72.33 -48.82
N ARG B 280 -14.56 72.21 -49.85
CA ARG B 280 -13.14 72.52 -49.72
C ARG B 280 -12.89 74.02 -49.68
N VAL B 281 -13.74 74.82 -50.33
CA VAL B 281 -13.51 76.26 -50.36
C VAL B 281 -13.73 76.87 -48.98
N PHE B 282 -14.67 76.34 -48.21
CA PHE B 282 -14.95 76.89 -46.88
C PHE B 282 -13.76 76.70 -45.95
N VAL B 283 -13.20 75.49 -45.91
CA VAL B 283 -12.00 75.26 -45.10
C VAL B 283 -10.83 76.03 -45.68
N ARG B 284 -10.74 76.12 -47.01
CA ARG B 284 -9.73 76.96 -47.65
C ARG B 284 -9.74 78.38 -47.10
N ARG B 285 -10.93 78.92 -46.86
CA ARG B 285 -11.03 80.30 -46.37
C ARG B 285 -10.83 80.38 -44.85
N ILE B 286 -11.31 79.38 -44.10
CA ILE B 286 -11.41 79.53 -42.65
C ILE B 286 -10.22 78.93 -41.89
N TRP B 287 -9.41 78.09 -42.54
CA TRP B 287 -8.38 77.38 -41.78
C TRP B 287 -7.31 78.34 -41.29
N VAL B 288 -7.06 79.43 -42.03
CA VAL B 288 -6.07 80.40 -41.58
C VAL B 288 -6.51 81.05 -40.28
N PHE B 289 -7.79 81.44 -40.18
CA PHE B 289 -8.31 81.98 -38.94
C PHE B 289 -8.24 80.94 -37.83
N TYR B 290 -8.59 79.70 -38.13
CA TYR B 290 -8.55 78.65 -37.11
C TYR B 290 -7.14 78.45 -36.57
N VAL B 291 -6.15 78.41 -37.47
CA VAL B 291 -4.78 78.12 -37.06
C VAL B 291 -4.19 79.30 -36.30
N ILE B 292 -4.48 80.54 -36.73
CA ILE B 292 -3.97 81.67 -35.97
C ILE B 292 -4.62 81.73 -34.59
N TYR B 293 -5.91 81.38 -34.50
CA TYR B 293 -6.59 81.37 -33.22
C TYR B 293 -5.96 80.35 -32.26
N MET B 294 -5.72 79.13 -32.75
CA MET B 294 -5.15 78.12 -31.85
C MET B 294 -3.70 78.42 -31.52
N ALA B 295 -2.95 79.02 -32.46
CA ALA B 295 -1.59 79.43 -32.18
C ALA B 295 -1.53 80.52 -31.13
N ILE B 296 -2.47 81.47 -31.15
CA ILE B 296 -2.54 82.46 -30.07
C ILE B 296 -3.00 81.81 -28.77
N LEU B 297 -3.88 80.82 -28.85
CA LEU B 297 -4.41 80.19 -27.65
C LEU B 297 -3.34 79.38 -26.91
N TYR B 298 -2.39 78.79 -27.65
CA TYR B 298 -1.39 77.94 -27.01
C TYR B 298 -0.61 78.65 -25.91
N PRO B 299 -0.03 79.85 -26.12
CA PRO B 299 0.64 80.52 -24.99
C PRO B 299 -0.28 80.83 -23.83
N LEU B 300 -1.55 81.17 -24.11
CA LEU B 300 -2.50 81.38 -23.02
C LEU B 300 -2.77 80.09 -22.26
N GLN B 301 -2.85 78.97 -22.97
CA GLN B 301 -3.00 77.68 -22.31
C GLN B 301 -1.83 77.38 -21.40
N PHE B 302 -0.60 77.65 -21.87
CA PHE B 302 0.57 77.40 -21.05
C PHE B 302 0.62 78.37 -19.87
N PHE B 303 0.14 79.61 -20.08
CA PHE B 303 0.03 80.57 -18.98
C PHE B 303 -0.91 80.06 -17.91
N SER B 304 -2.06 79.51 -18.30
CA SER B 304 -2.97 78.93 -17.33
C SER B 304 -2.35 77.72 -16.65
N TYR B 305 -1.52 76.96 -17.39
CA TYR B 305 -0.90 75.78 -16.80
C TYR B 305 0.12 76.16 -15.73
N VAL B 306 0.97 77.16 -16.00
CA VAL B 306 2.02 77.50 -15.04
C VAL B 306 1.42 78.16 -13.81
N GLY B 307 0.45 79.05 -13.98
CA GLY B 307 -0.24 79.64 -12.85
C GLY B 307 0.34 80.95 -12.35
N LEU B 308 0.33 81.14 -11.04
CA LEU B 308 0.71 82.37 -10.37
C LEU B 308 1.70 82.04 -9.26
N PRO B 309 2.61 82.96 -8.93
CA PRO B 309 3.49 82.74 -7.77
C PRO B 309 2.69 82.51 -6.50
N PRO B 310 3.15 81.61 -5.63
CA PRO B 310 2.38 81.28 -4.43
C PRO B 310 2.23 82.43 -3.46
N ASP B 311 3.34 83.06 -3.09
CA ASP B 311 3.32 84.16 -2.12
C ASP B 311 3.02 85.50 -2.80
N SER B 312 1.92 85.54 -3.55
CA SER B 312 1.48 86.76 -4.21
C SER B 312 0.50 87.56 -3.37
N CYS B 313 0.09 87.04 -2.21
CA CYS B 313 -0.86 87.71 -1.32
C CYS B 313 -2.17 88.04 -2.03
N ILE B 314 -2.56 87.21 -2.99
CA ILE B 314 -3.80 87.40 -3.74
C ILE B 314 -4.40 86.03 -4.04
N GLU B 315 -5.73 85.99 -4.02
CA GLU B 315 -6.48 84.78 -4.30
C GLU B 315 -7.12 84.89 -5.68
N TYR B 316 -7.16 83.76 -6.39
CA TYR B 316 -7.81 83.74 -7.69
C TYR B 316 -9.30 84.06 -7.54
N PRO B 317 -9.87 84.90 -8.40
CA PRO B 317 -11.34 85.07 -8.40
C PRO B 317 -12.07 83.77 -8.67
N TRP B 318 -11.47 82.89 -9.49
CA TRP B 318 -12.15 81.68 -9.92
C TRP B 318 -12.23 80.64 -8.81
N SER B 319 -11.96 81.06 -7.59
CA SER B 319 -12.21 80.24 -6.41
C SER B 319 -13.51 80.61 -5.70
N TYR B 320 -14.25 81.65 -6.14
CA TYR B 320 -15.40 82.00 -5.30
C TYR B 320 -16.65 82.48 -6.07
N TRP B 321 -16.94 82.01 -7.29
CA TRP B 321 -18.27 82.35 -7.79
C TRP B 321 -19.34 81.48 -7.13
N ILE B 322 -19.05 80.20 -6.92
CA ILE B 322 -20.05 79.23 -6.47
C ILE B 322 -20.61 79.62 -5.10
N PRO B 323 -21.90 79.98 -5.01
CA PRO B 323 -22.43 80.49 -3.74
C PRO B 323 -22.59 79.42 -2.66
N SER B 324 -23.24 78.31 -2.99
CA SER B 324 -23.73 77.38 -1.98
C SER B 324 -23.48 75.92 -2.37
N TYR B 325 -22.28 75.62 -2.88
CA TYR B 325 -21.87 74.26 -3.14
C TYR B 325 -20.49 74.03 -2.58
N SER B 326 -20.16 72.75 -2.35
CA SER B 326 -18.95 72.38 -1.65
C SER B 326 -17.70 72.70 -2.48
N ASP B 327 -16.55 72.63 -1.82
CA ASP B 327 -15.29 73.01 -2.45
C ASP B 327 -14.89 72.06 -3.58
N ASP B 328 -15.25 70.79 -3.46
CA ASP B 328 -14.92 69.83 -4.53
C ASP B 328 -15.63 70.20 -5.83
N ALA B 329 -16.86 70.71 -5.74
CA ALA B 329 -17.54 71.19 -6.94
C ALA B 329 -16.79 72.36 -7.56
N ARG B 330 -16.27 73.26 -6.73
CA ARG B 330 -15.48 74.38 -7.25
C ARG B 330 -14.20 73.88 -7.93
N PHE B 331 -13.54 72.89 -7.33
CA PHE B 331 -12.34 72.33 -7.95
C PHE B 331 -12.67 71.67 -9.28
N ASN B 332 -13.80 70.94 -9.35
CA ASN B 332 -14.20 70.32 -10.60
C ASN B 332 -14.51 71.38 -11.67
N LEU B 333 -15.18 72.46 -11.27
CA LEU B 333 -15.47 73.54 -12.22
C LEU B 333 -14.19 74.18 -12.73
N SER B 334 -13.22 74.41 -11.83
CA SER B 334 -11.95 75.01 -12.25
C SER B 334 -11.19 74.08 -13.19
N TYR B 335 -11.18 72.77 -12.88
CA TYR B 335 -10.48 71.82 -13.72
C TYR B 335 -11.12 71.70 -15.10
N LEU B 336 -12.46 71.69 -15.15
CA LEU B 336 -13.14 71.56 -16.43
C LEU B 336 -12.88 72.77 -17.33
N LEU B 337 -12.84 73.97 -16.75
CA LEU B 337 -12.55 75.19 -17.50
C LEU B 337 -11.07 75.42 -17.72
N ASN B 338 -10.21 74.59 -17.11
CA ASN B 338 -8.76 74.66 -17.27
C ASN B 338 -8.22 76.03 -16.85
N LEU B 339 -8.40 76.33 -15.56
CA LEU B 339 -7.87 77.54 -14.96
C LEU B 339 -6.85 77.16 -13.88
N SER B 340 -5.87 78.03 -13.69
CA SER B 340 -4.80 77.76 -12.74
C SER B 340 -5.33 77.76 -11.32
N ILE B 341 -4.79 76.87 -10.48
CA ILE B 341 -5.17 76.75 -9.09
C ILE B 341 -3.94 76.34 -8.29
N TYR B 342 -3.90 76.74 -7.02
CA TYR B 342 -2.78 76.42 -6.16
C TYR B 342 -2.64 74.91 -6.00
N GLY B 343 -1.40 74.44 -6.04
CA GLY B 343 -1.12 73.02 -5.87
C GLY B 343 -1.70 72.14 -6.96
N VAL B 344 -1.55 72.55 -8.22
CA VAL B 344 -2.08 71.81 -9.35
C VAL B 344 -0.98 70.96 -9.96
N ASN B 345 -1.37 69.85 -10.57
CA ASN B 345 -0.43 68.86 -11.11
C ASN B 345 -0.84 68.46 -12.52
N TRP B 346 -1.05 69.45 -13.39
CA TRP B 346 -1.45 69.27 -14.78
C TRP B 346 -0.67 68.14 -15.46
N PRO B 347 -1.36 67.08 -15.89
CA PRO B 347 -0.67 66.01 -16.62
C PRO B 347 -0.22 66.47 -18.00
N SER B 348 0.77 65.74 -18.53
CA SER B 348 1.39 66.09 -19.80
C SER B 348 0.58 65.65 -21.02
N ALA B 349 -0.54 64.95 -20.81
CA ALA B 349 -1.33 64.49 -21.96
C ALA B 349 -1.88 65.66 -22.75
N TYR B 350 -2.34 66.71 -22.06
CA TYR B 350 -2.85 67.89 -22.75
C TYR B 350 -1.78 68.54 -23.61
N LEU B 351 -0.58 68.70 -23.06
CA LEU B 351 0.51 69.32 -23.81
C LEU B 351 0.92 68.45 -24.99
N ILE B 352 0.96 67.14 -24.80
CA ILE B 352 1.26 66.24 -25.92
C ILE B 352 0.22 66.41 -27.02
N GLY B 353 -1.06 66.44 -26.64
CA GLY B 353 -2.11 66.58 -27.64
C GLY B 353 -2.01 67.88 -28.41
N ASP B 354 -1.82 68.99 -27.70
CA ASP B 354 -1.77 70.28 -28.41
C ASP B 354 -0.49 70.42 -29.23
N PHE B 355 0.61 69.79 -28.80
CA PHE B 355 1.82 69.84 -29.61
C PHE B 355 1.65 69.04 -30.90
N PHE B 356 1.03 67.86 -30.82
CA PHE B 356 0.73 67.13 -32.05
C PHE B 356 -0.25 67.90 -32.94
N VAL B 357 -1.21 68.62 -32.34
CA VAL B 357 -2.07 69.48 -33.15
C VAL B 357 -1.23 70.55 -33.86
N LEU B 358 -0.27 71.13 -33.15
CA LEU B 358 0.62 72.13 -33.76
C LEU B 358 1.38 71.55 -34.94
N LEU B 359 1.94 70.35 -34.77
CA LEU B 359 2.77 69.79 -35.84
C LEU B 359 1.93 69.35 -37.03
N LEU B 360 0.73 68.81 -36.77
CA LEU B 360 -0.20 68.55 -37.86
C LEU B 360 -0.57 69.83 -38.60
N ALA B 361 -0.80 70.91 -37.87
CA ALA B 361 -1.12 72.18 -38.53
C ALA B 361 0.04 72.68 -39.38
N SER B 362 1.27 72.54 -38.87
CA SER B 362 2.43 72.98 -39.65
C SER B 362 2.59 72.16 -40.92
N CYS B 363 2.46 70.83 -40.83
CA CYS B 363 2.55 70.00 -42.02
C CYS B 363 1.42 70.33 -43.00
N GLN B 364 0.21 70.57 -42.46
CA GLN B 364 -0.92 70.87 -43.32
C GLN B 364 -0.72 72.18 -44.06
N LEU B 365 -0.18 73.21 -43.39
CA LEU B 365 0.10 74.46 -44.08
C LEU B 365 1.22 74.29 -45.10
N ALA B 366 2.23 73.49 -44.78
CA ALA B 366 3.32 73.25 -45.71
C ALA B 366 2.81 72.62 -47.01
N VAL B 367 1.91 71.65 -46.90
CA VAL B 367 1.36 71.04 -48.11
C VAL B 367 0.24 71.88 -48.70
N PHE B 368 -0.33 72.78 -47.90
CA PHE B 368 -1.47 73.59 -48.33
C PHE B 368 -1.03 74.81 -49.12
N ARG B 369 0.21 75.27 -48.93
CA ARG B 369 0.75 76.30 -49.81
C ARG B 369 0.85 75.81 -51.24
N ARG B 370 1.27 74.56 -51.43
CA ARG B 370 1.37 73.96 -52.76
C ARG B 370 0.08 73.26 -53.16
N GLU B 371 -1.04 73.99 -53.05
CA GLU B 371 -2.34 73.43 -53.38
C GLU B 371 -2.47 73.22 -54.89
N GLY B 372 -3.08 72.10 -55.27
CA GLY B 372 -3.30 71.80 -56.66
C GLY B 372 -4.73 71.38 -56.97
N GLU B 373 -4.89 70.40 -57.85
CA GLU B 373 -6.21 69.90 -58.22
C GLU B 373 -6.44 68.45 -57.80
N ASP B 374 -5.43 67.78 -57.23
CA ASP B 374 -5.61 66.40 -56.83
C ASP B 374 -6.62 66.26 -55.70
N ASN B 375 -6.56 67.15 -54.71
CA ASN B 375 -7.45 67.08 -53.55
C ASN B 375 -8.73 67.88 -53.77
N ASP B 376 -9.40 67.61 -54.89
CA ASP B 376 -10.65 68.26 -55.23
C ASP B 376 -11.68 67.21 -55.64
N SER B 377 -12.92 67.43 -55.24
CA SER B 377 -13.99 66.48 -55.54
C SER B 377 -14.27 66.44 -57.04
N ILE B 378 -14.60 65.25 -57.55
CA ILE B 378 -14.93 65.10 -58.96
C ILE B 378 -16.38 65.43 -59.27
N TYR B 379 -17.15 65.86 -58.27
CA TYR B 379 -18.56 66.19 -58.45
C TYR B 379 -18.77 67.66 -58.77
N ASN B 380 -17.69 68.44 -58.85
CA ASN B 380 -17.81 69.88 -59.11
C ASN B 380 -18.51 70.18 -60.42
N ASP B 381 -18.48 69.26 -61.39
CA ASP B 381 -19.21 69.46 -62.63
C ASP B 381 -20.71 69.50 -62.40
N GLY B 382 -21.17 68.90 -61.31
CA GLY B 382 -22.56 69.03 -60.90
C GLY B 382 -23.49 67.91 -61.32
N ASN B 383 -22.98 66.84 -61.90
CA ASN B 383 -23.80 65.73 -62.34
C ASN B 383 -23.28 64.41 -61.77
N PHE B 384 -24.18 63.44 -61.67
CA PHE B 384 -23.92 62.12 -61.11
C PHE B 384 -23.54 61.07 -62.16
N VAL B 385 -23.55 61.43 -63.44
CA VAL B 385 -23.24 60.45 -64.48
C VAL B 385 -21.77 60.06 -64.41
N ILE B 386 -21.46 58.83 -64.79
CA ILE B 386 -20.09 58.33 -64.78
C ILE B 386 -19.27 59.13 -65.78
N LYS B 387 -18.08 59.55 -65.36
CA LYS B 387 -17.21 60.34 -66.23
C LYS B 387 -16.76 59.50 -67.42
N PRO B 388 -16.87 60.00 -68.65
CA PRO B 388 -16.58 59.15 -69.82
C PRO B 388 -15.16 58.61 -69.86
N GLU B 389 -14.17 59.41 -69.43
CA GLU B 389 -12.78 58.99 -69.47
C GLU B 389 -12.08 59.36 -68.18
N ASN B 390 -11.45 58.38 -67.53
CA ASN B 390 -10.74 58.60 -66.29
C ASN B 390 -9.23 58.49 -66.50
N PRO B 391 -8.43 59.22 -65.72
CA PRO B 391 -6.98 59.15 -65.87
C PRO B 391 -6.33 57.93 -65.24
N GLN B 392 -7.10 56.92 -64.84
CA GLN B 392 -6.54 55.71 -64.26
C GLN B 392 -7.16 54.49 -64.95
N TYR B 393 -6.40 53.40 -64.97
CA TYR B 393 -6.83 52.16 -65.60
C TYR B 393 -7.70 51.34 -64.64
N ASP B 394 -8.33 50.30 -65.19
CA ASP B 394 -9.18 49.43 -64.39
C ASP B 394 -8.34 48.62 -63.42
N PHE B 395 -8.93 48.33 -62.25
CA PHE B 395 -8.24 47.57 -61.22
C PHE B 395 -8.95 46.26 -60.85
N ILE B 396 -10.24 46.13 -61.16
CA ILE B 396 -10.96 44.90 -60.83
C ILE B 396 -10.41 43.73 -61.63
N ASP B 397 -10.04 43.96 -62.88
CA ASP B 397 -9.38 42.95 -63.69
C ASP B 397 -7.88 43.02 -63.45
N THR B 398 -7.11 42.28 -64.25
CA THR B 398 -5.65 42.21 -64.21
C THR B 398 -5.11 42.27 -62.78
N LYS B 399 -5.54 41.30 -61.97
CA LYS B 399 -5.08 41.18 -60.58
C LYS B 399 -3.64 40.66 -60.59
N LYS B 400 -2.70 41.60 -60.69
CA LYS B 400 -1.28 41.31 -60.66
C LYS B 400 -0.66 41.88 -59.39
N SER B 401 0.29 41.15 -58.83
CA SER B 401 0.98 41.53 -57.58
C SER B 401 -0.05 41.56 -56.46
N TYR B 402 0.17 42.41 -55.45
CA TYR B 402 -0.70 42.46 -54.28
C TYR B 402 -1.27 43.84 -53.99
N VAL B 403 -0.66 44.91 -54.48
CA VAL B 403 -1.18 46.25 -54.26
C VAL B 403 -2.52 46.43 -54.98
N ASP B 404 -2.68 45.79 -56.15
CA ASP B 404 -3.97 45.80 -56.82
C ASP B 404 -5.03 45.10 -55.98
N TYR B 405 -4.67 43.99 -55.35
CA TYR B 405 -5.59 43.32 -54.43
C TYR B 405 -5.93 44.21 -53.25
N PHE B 406 -4.94 44.94 -52.73
CA PHE B 406 -5.21 45.85 -51.62
C PHE B 406 -6.18 46.96 -52.02
N LYS B 407 -5.99 47.54 -53.21
CA LYS B 407 -6.92 48.57 -53.66
C LYS B 407 -8.32 47.99 -53.88
N SER B 408 -8.40 46.78 -54.42
CA SER B 408 -9.71 46.15 -54.61
C SER B 408 -10.39 45.95 -53.26
N PHE B 409 -9.64 45.49 -52.26
CA PHE B 409 -10.22 45.27 -50.93
C PHE B 409 -10.68 46.59 -50.30
N VAL B 410 -9.88 47.64 -50.44
CA VAL B 410 -10.23 48.89 -49.76
C VAL B 410 -11.31 49.68 -50.50
N PHE B 411 -11.45 49.49 -51.82
CA PHE B 411 -12.42 50.22 -52.60
C PHE B 411 -13.68 49.43 -52.89
N HIS B 412 -13.69 48.12 -52.64
CA HIS B 412 -14.83 47.26 -52.95
C HIS B 412 -15.64 46.87 -51.72
N TYR B 413 -15.02 46.76 -50.55
CA TYR B 413 -15.71 46.39 -49.32
C TYR B 413 -15.42 47.35 -48.19
N GLY B 414 -14.94 48.56 -48.49
CA GLY B 414 -14.64 49.51 -47.43
C GLY B 414 -15.88 49.96 -46.67
N HIS B 415 -17.00 50.09 -47.37
CA HIS B 415 -18.23 50.49 -46.70
C HIS B 415 -18.70 49.43 -45.72
N TRP B 416 -18.47 48.15 -46.03
CA TRP B 416 -18.73 47.11 -45.04
C TRP B 416 -17.89 47.32 -43.79
N ILE B 417 -16.61 47.65 -43.97
CA ILE B 417 -15.73 47.90 -42.83
C ILE B 417 -16.25 49.06 -41.99
N THR B 418 -16.61 50.17 -42.63
CA THR B 418 -17.05 51.34 -41.87
C THR B 418 -18.40 51.10 -41.20
N LEU B 419 -19.29 50.32 -41.82
CA LEU B 419 -20.57 50.03 -41.19
C LEU B 419 -20.41 49.07 -40.02
N MET B 420 -19.49 48.11 -40.13
CA MET B 420 -19.18 47.28 -38.97
C MET B 420 -18.61 48.12 -37.83
N SER B 421 -17.72 49.06 -38.17
CA SER B 421 -17.13 49.92 -37.14
C SER B 421 -18.20 50.78 -36.46
N THR B 422 -19.10 51.37 -37.24
CA THR B 422 -20.13 52.23 -36.65
C THR B 422 -21.14 51.41 -35.85
N LEU B 423 -21.44 50.17 -36.28
CA LEU B 423 -22.33 49.32 -35.49
C LEU B 423 -21.68 48.92 -34.18
N ALA B 424 -20.37 48.62 -34.21
CA ALA B 424 -19.66 48.31 -32.97
C ALA B 424 -19.65 49.52 -32.03
N ALA B 425 -19.44 50.71 -32.58
CA ALA B 425 -19.47 51.92 -31.75
C ALA B 425 -20.85 52.13 -31.15
N GLY B 426 -21.90 51.89 -31.94
CA GLY B 426 -23.25 52.04 -31.41
C GLY B 426 -23.57 51.05 -30.31
N ILE B 427 -23.22 49.78 -30.52
CA ILE B 427 -23.52 48.76 -29.52
C ILE B 427 -22.66 48.92 -28.27
N ALA B 428 -21.48 49.55 -28.40
CA ALA B 428 -20.64 49.76 -27.23
C ALA B 428 -21.30 50.68 -26.21
N GLY B 429 -21.93 51.76 -26.68
CA GLY B 429 -22.57 52.69 -25.78
C GLY B 429 -23.95 52.23 -25.33
N THR B 430 -24.50 52.98 -24.36
CA THR B 430 -25.83 52.69 -23.81
C THR B 430 -26.55 54.01 -23.58
N SER B 431 -27.28 54.45 -24.60
CA SER B 431 -28.06 55.70 -24.54
C SER B 431 -28.94 55.75 -25.78
N LEU B 432 -29.74 56.83 -25.88
CA LEU B 432 -30.53 57.05 -27.08
C LEU B 432 -29.64 57.27 -28.30
N PHE B 433 -28.43 57.78 -28.08
CA PHE B 433 -27.47 57.92 -29.17
C PHE B 433 -27.11 56.57 -29.76
N ALA B 434 -26.98 55.54 -28.91
CA ALA B 434 -26.77 54.19 -29.41
C ALA B 434 -27.95 53.72 -30.24
N LEU B 435 -29.17 54.03 -29.80
CA LEU B 435 -30.35 53.65 -30.58
C LEU B 435 -30.35 54.35 -31.94
N GLY B 436 -29.94 55.61 -31.98
CA GLY B 436 -29.82 56.30 -33.26
C GLY B 436 -28.81 55.65 -34.17
N TYR B 437 -27.64 55.27 -33.62
CA TYR B 437 -26.67 54.52 -34.41
C TYR B 437 -27.25 53.23 -34.94
N ILE B 438 -27.97 52.48 -34.10
CA ILE B 438 -28.54 51.21 -34.52
C ILE B 438 -29.51 51.42 -35.67
N ILE B 439 -30.44 52.36 -35.52
CA ILE B 439 -31.46 52.53 -36.55
C ILE B 439 -30.84 53.04 -37.84
N PHE B 440 -29.88 53.96 -37.74
CA PHE B 440 -29.25 54.48 -38.96
C PHE B 440 -28.44 53.42 -39.68
N THR B 441 -27.68 52.61 -38.93
CA THR B 441 -26.89 51.58 -39.60
C THR B 441 -27.77 50.48 -40.19
N LEU B 442 -28.89 50.15 -39.53
CA LEU B 442 -29.79 49.16 -40.11
C LEU B 442 -30.48 49.70 -41.36
N THR B 443 -30.93 50.96 -41.34
CA THR B 443 -31.56 51.49 -42.54
C THR B 443 -30.55 51.75 -43.66
N MET B 444 -29.27 51.89 -43.34
CA MET B 444 -28.25 51.96 -44.38
C MET B 444 -27.96 50.58 -44.96
N LEU B 445 -27.94 49.55 -44.11
CA LEU B 445 -27.64 48.21 -44.58
C LEU B 445 -28.80 47.60 -45.37
N TRP B 446 -30.05 47.95 -45.02
CA TRP B 446 -31.19 47.33 -45.67
C TRP B 446 -31.24 47.63 -47.16
N SER B 447 -30.75 48.80 -47.57
CA SER B 447 -30.63 49.15 -48.99
C SER B 447 -29.29 48.60 -49.49
N GLY B 448 -29.32 47.34 -49.91
CA GLY B 448 -28.10 46.65 -50.29
C GLY B 448 -27.43 47.18 -51.54
N ASN B 449 -28.09 47.00 -52.69
CA ASN B 449 -27.49 47.39 -53.96
C ASN B 449 -28.48 48.18 -54.82
N ASN B 450 -29.77 48.06 -54.51
CA ASN B 450 -30.79 48.76 -55.30
C ASN B 450 -30.64 50.27 -55.18
N LEU B 451 -30.36 50.76 -53.97
CA LEU B 451 -30.19 52.20 -53.79
C LEU B 451 -28.89 52.70 -54.43
N TYR B 452 -27.90 51.83 -54.55
CA TYR B 452 -26.61 52.20 -55.14
C TYR B 452 -26.67 52.17 -56.66
N VAL B 453 -27.48 53.06 -57.24
CA VAL B 453 -27.68 53.14 -58.68
C VAL B 453 -27.77 54.62 -59.07
N MET B 454 -27.15 55.00 -60.19
CA MET B 454 -27.31 56.35 -60.72
C MET B 454 -28.40 56.45 -61.79
N ASN B 455 -29.44 55.61 -61.72
CA ASN B 455 -30.46 55.67 -62.76
C ASN B 455 -31.29 56.95 -62.65
N SER B 456 -30.72 58.06 -63.09
CA SER B 456 -31.39 59.36 -63.20
C SER B 456 -31.75 59.84 -61.80
N THR B 457 -33.01 59.86 -61.40
CA THR B 457 -33.49 60.49 -60.18
C THR B 457 -34.08 59.41 -59.27
N LEU B 458 -34.82 59.87 -58.24
CA LEU B 458 -35.47 58.97 -57.28
C LEU B 458 -34.43 58.17 -56.48
N ARG B 459 -33.75 58.90 -55.60
CA ARG B 459 -32.78 58.36 -54.65
C ARG B 459 -31.52 57.84 -55.33
N SER B 460 -30.89 58.72 -56.10
CA SER B 460 -29.68 58.41 -56.86
C SER B 460 -28.42 58.76 -56.03
N PHE B 461 -27.28 58.86 -56.73
CA PHE B 461 -26.00 59.19 -56.10
C PHE B 461 -26.09 60.43 -55.22
N GLU B 462 -26.80 61.46 -55.69
CA GLU B 462 -26.98 62.66 -54.88
C GLU B 462 -27.67 62.34 -53.57
N HIS B 463 -28.70 61.49 -53.62
CA HIS B 463 -29.43 61.15 -52.39
C HIS B 463 -28.61 60.29 -51.46
N THR B 464 -27.80 59.36 -51.99
CA THR B 464 -26.99 58.54 -51.08
C THR B 464 -25.89 59.39 -50.44
N LEU B 465 -25.34 60.36 -51.17
CA LEU B 465 -24.41 61.28 -50.54
C LEU B 465 -25.10 62.17 -49.52
N LYS B 466 -26.35 62.55 -49.77
CA LYS B 466 -27.10 63.29 -48.76
C LYS B 466 -27.29 62.45 -47.50
N ARG B 467 -27.58 61.16 -47.66
CA ARG B 467 -27.71 60.27 -46.51
C ARG B 467 -26.39 60.15 -45.75
N TRP B 468 -25.28 60.02 -46.46
CA TRP B 468 -23.98 59.96 -45.79
C TRP B 468 -23.67 61.26 -45.06
N ASN B 469 -24.00 62.39 -45.67
CA ASN B 469 -23.82 63.68 -44.99
C ASN B 469 -24.68 63.77 -43.74
N ALA B 470 -25.90 63.22 -43.80
CA ALA B 470 -26.73 63.16 -42.60
C ALA B 470 -26.09 62.29 -41.53
N LEU B 471 -25.44 61.20 -41.93
CA LEU B 471 -24.73 60.36 -40.97
C LEU B 471 -23.59 61.13 -40.31
N LEU B 472 -22.81 61.87 -41.10
CA LEU B 472 -21.81 62.78 -40.54
C LEU B 472 -22.43 63.75 -39.54
N GLY B 473 -23.54 64.38 -39.93
CA GLY B 473 -24.18 65.35 -39.05
C GLY B 473 -24.62 64.74 -37.74
N TYR B 474 -25.20 63.54 -37.80
CA TYR B 474 -25.67 62.88 -36.58
C TYR B 474 -24.50 62.47 -35.70
N THR B 475 -23.40 61.99 -36.29
CA THR B 475 -22.24 61.61 -35.49
C THR B 475 -21.64 62.81 -34.79
N LEU B 476 -21.48 63.92 -35.52
CA LEU B 476 -20.94 65.13 -34.89
C LEU B 476 -21.90 65.68 -33.83
N PHE B 477 -23.20 65.61 -34.09
CA PHE B 477 -24.16 66.03 -33.08
C PHE B 477 -24.05 65.16 -31.82
N THR B 478 -23.88 63.85 -32.00
CA THR B 478 -23.76 62.95 -30.86
C THR B 478 -22.52 63.28 -30.04
N ILE B 479 -21.37 63.46 -30.69
CA ILE B 479 -20.15 63.70 -29.94
C ILE B 479 -20.19 65.06 -29.25
N THR B 480 -20.71 66.09 -29.93
CA THR B 480 -20.78 67.40 -29.29
C THR B 480 -21.79 67.40 -28.15
N MET B 481 -22.89 66.66 -28.29
CA MET B 481 -23.86 66.55 -27.21
C MET B 481 -23.25 65.85 -26.00
N LYS B 482 -22.50 64.78 -26.25
CA LYS B 482 -21.85 64.07 -25.15
C LYS B 482 -20.86 64.98 -24.42
N VAL B 483 -20.05 65.72 -25.16
CA VAL B 483 -19.02 66.53 -24.51
C VAL B 483 -19.65 67.72 -23.78
N CYS B 484 -20.73 68.29 -24.33
CA CYS B 484 -21.35 69.42 -23.64
C CYS B 484 -22.28 68.97 -22.51
N LEU B 485 -22.65 67.70 -22.47
CA LEU B 485 -23.44 67.18 -21.36
C LEU B 485 -22.56 66.67 -20.22
N GLN B 486 -21.35 66.21 -20.53
CA GLN B 486 -20.44 65.76 -19.49
C GLN B 486 -20.06 66.91 -18.56
N ILE B 487 -19.77 68.08 -19.12
CA ILE B 487 -19.40 69.23 -18.30
C ILE B 487 -20.57 69.65 -17.42
N PHE B 488 -21.79 69.64 -17.96
CA PHE B 488 -22.97 69.96 -17.17
C PHE B 488 -23.16 68.98 -16.02
N GLY B 489 -23.12 67.68 -16.32
CA GLY B 489 -23.41 66.69 -15.31
C GLY B 489 -22.34 66.58 -14.24
N CYS B 490 -21.07 66.74 -14.62
CA CYS B 490 -19.98 66.40 -13.71
C CYS B 490 -19.84 67.43 -12.59
N VAL B 491 -20.21 68.68 -12.83
CA VAL B 491 -20.08 69.72 -11.83
C VAL B 491 -21.42 70.16 -11.25
N PHE B 492 -22.52 70.06 -12.01
CA PHE B 492 -23.83 70.50 -11.55
C PHE B 492 -24.70 69.32 -11.13
N LEU B 493 -24.09 68.28 -10.56
CA LEU B 493 -24.85 67.10 -10.13
C LEU B 493 -25.80 67.43 -8.98
N SER B 494 -25.47 68.45 -8.18
CA SER B 494 -26.33 68.81 -7.07
C SER B 494 -27.70 69.27 -7.54
N TRP B 495 -27.79 69.83 -8.76
CA TRP B 495 -29.07 70.20 -9.32
C TRP B 495 -29.97 69.01 -9.61
N PHE B 496 -29.40 67.80 -9.62
CA PHE B 496 -30.14 66.59 -9.92
C PHE B 496 -30.78 65.97 -8.67
N ASP B 497 -30.85 66.73 -7.58
CA ASP B 497 -31.26 66.19 -6.28
C ASP B 497 -32.64 66.69 -5.84
N GLN B 498 -33.60 66.71 -6.76
CA GLN B 498 -34.96 67.11 -6.39
C GLN B 498 -35.51 66.14 -5.35
N SER B 499 -36.31 66.67 -4.43
CA SER B 499 -36.76 65.89 -3.28
C SER B 499 -37.59 64.68 -3.71
N GLY B 500 -38.74 64.93 -4.33
CA GLY B 500 -39.63 63.84 -4.71
C GLY B 500 -40.60 64.28 -5.77
N GLY B 501 -41.18 63.29 -6.45
CA GLY B 501 -42.08 63.56 -7.55
C GLY B 501 -41.35 63.63 -8.88
N TRP B 502 -41.04 64.85 -9.32
CA TRP B 502 -40.29 65.02 -10.57
C TRP B 502 -38.90 64.41 -10.49
N GLY B 503 -38.34 64.27 -9.29
CA GLY B 503 -37.02 63.69 -9.15
C GLY B 503 -36.95 62.25 -9.60
N LYS B 504 -38.04 61.50 -9.40
CA LYS B 504 -38.06 60.10 -9.83
C LYS B 504 -37.85 60.00 -11.34
N THR B 505 -38.58 60.81 -12.11
CA THR B 505 -38.35 60.85 -13.56
C THR B 505 -37.02 61.52 -13.88
N LEU B 506 -36.59 62.47 -13.04
CA LEU B 506 -35.31 63.14 -13.25
C LEU B 506 -34.16 62.15 -13.15
N CYS B 507 -34.18 61.28 -12.13
CA CYS B 507 -33.14 60.27 -12.01
C CYS B 507 -33.20 59.28 -13.18
N ILE B 508 -34.41 58.95 -13.65
CA ILE B 508 -34.53 58.04 -14.79
C ILE B 508 -33.90 58.66 -16.02
N VAL B 509 -34.18 59.93 -16.29
CA VAL B 509 -33.63 60.55 -17.49
C VAL B 509 -32.11 60.73 -17.36
N ARG B 510 -31.63 61.05 -16.16
CA ARG B 510 -30.19 61.16 -15.96
C ARG B 510 -29.50 59.82 -16.17
N GLN B 511 -30.09 58.74 -15.67
CA GLN B 511 -29.50 57.42 -15.84
C GLN B 511 -29.58 56.96 -17.28
N LEU B 512 -30.64 57.34 -17.99
CA LEU B 512 -30.78 56.96 -19.39
C LEU B 512 -29.82 57.74 -20.28
N PHE B 513 -29.50 58.98 -19.93
CA PHE B 513 -28.59 59.78 -20.73
C PHE B 513 -27.12 59.53 -20.41
N SER B 514 -26.83 58.65 -19.45
CA SER B 514 -25.46 58.29 -19.08
C SER B 514 -24.68 59.54 -18.64
N ILE B 515 -25.13 60.13 -17.54
CA ILE B 515 -24.55 61.35 -17.00
C ILE B 515 -23.70 60.98 -15.79
N THR B 516 -22.40 61.26 -15.87
CA THR B 516 -21.47 60.95 -14.79
C THR B 516 -20.18 61.73 -15.04
N CYS B 517 -19.22 61.59 -14.12
CA CYS B 517 -17.92 62.24 -14.24
C CYS B 517 -16.95 61.23 -14.86
N VAL B 518 -16.82 61.27 -16.19
CA VAL B 518 -15.90 60.36 -16.86
C VAL B 518 -14.46 60.66 -16.49
N ASN B 519 -14.13 61.94 -16.30
CA ASN B 519 -12.77 62.31 -15.90
C ASN B 519 -12.48 61.80 -14.50
N ASN B 520 -11.28 61.26 -14.30
CA ASN B 520 -10.89 60.71 -13.01
C ASN B 520 -10.00 61.64 -12.19
N GLU B 521 -9.38 62.64 -12.82
CA GLU B 521 -8.52 63.57 -12.08
C GLU B 521 -9.33 64.39 -11.09
N CYS B 522 -10.49 64.88 -11.50
CA CYS B 522 -11.33 65.66 -10.60
C CYS B 522 -11.99 64.75 -9.56
N HIS B 523 -12.33 65.35 -8.42
CA HIS B 523 -12.95 64.62 -7.33
C HIS B 523 -14.47 64.59 -7.52
N VAL B 524 -15.04 63.39 -7.47
CA VAL B 524 -16.48 63.24 -7.55
C VAL B 524 -17.13 63.84 -6.30
N LEU B 525 -18.28 64.48 -6.49
CA LEU B 525 -18.98 65.10 -5.37
C LEU B 525 -19.28 64.06 -4.29
N LYS B 526 -18.99 64.43 -3.04
CA LYS B 526 -19.00 63.48 -1.94
C LYS B 526 -20.33 63.41 -1.21
N GLU B 527 -21.08 64.52 -1.16
CA GLU B 527 -22.29 64.55 -0.36
C GLU B 527 -23.49 63.89 -1.03
N LEU B 528 -23.42 63.62 -2.33
CA LEU B 528 -24.47 62.85 -3.00
C LEU B 528 -24.10 61.36 -3.07
N GLU B 529 -23.75 60.77 -1.93
CA GLU B 529 -23.46 59.34 -1.91
C GLU B 529 -24.73 58.53 -2.10
N ASP B 530 -25.77 58.85 -1.33
CA ASP B 530 -27.03 58.12 -1.43
C ASP B 530 -27.69 58.36 -2.78
N PHE B 531 -27.65 59.60 -3.28
CA PHE B 531 -28.24 59.88 -4.58
C PHE B 531 -27.50 59.15 -5.69
N SER B 532 -26.17 59.13 -5.63
CA SER B 532 -25.40 58.39 -6.62
C SER B 532 -25.70 56.90 -6.55
N LYS B 533 -25.93 56.39 -5.34
CA LYS B 533 -26.33 54.99 -5.19
C LYS B 533 -27.70 54.75 -5.82
N ALA B 534 -28.63 55.69 -5.66
CA ALA B 534 -29.98 55.51 -6.17
C ALA B 534 -30.01 55.46 -7.70
N CYS B 535 -29.40 56.46 -8.35
CA CYS B 535 -29.40 56.48 -9.81
C CYS B 535 -28.48 55.40 -10.38
N ALA B 536 -27.30 55.22 -9.76
CA ALA B 536 -26.44 54.06 -9.99
C ALA B 536 -26.02 53.93 -11.46
N VAL B 537 -25.22 54.90 -11.90
CA VAL B 537 -24.48 54.74 -13.14
C VAL B 537 -23.55 53.54 -12.98
N GLU B 538 -23.31 52.81 -14.07
CA GLU B 538 -22.71 51.48 -13.97
C GLU B 538 -21.35 51.52 -13.28
N THR B 539 -20.31 52.04 -13.94
CA THR B 539 -19.14 52.55 -13.22
C THR B 539 -18.86 54.00 -13.62
N LYS B 540 -18.42 54.23 -14.86
CA LYS B 540 -18.07 55.54 -15.39
C LYS B 540 -18.48 55.71 -16.86
N GLU B 541 -19.28 54.80 -17.41
CA GLU B 541 -19.36 54.67 -18.87
C GLU B 541 -20.06 55.84 -19.54
N GLY B 542 -19.27 56.84 -19.93
CA GLY B 542 -19.72 57.94 -20.77
C GLY B 542 -18.63 58.33 -21.75
N ASN B 543 -17.82 57.35 -22.15
CA ASN B 543 -16.57 57.61 -22.83
C ASN B 543 -16.79 58.19 -24.23
N ILE B 544 -15.68 58.59 -24.85
CA ILE B 544 -15.66 59.24 -26.15
C ILE B 544 -14.80 58.38 -27.07
N GLY B 545 -14.91 57.06 -26.92
CA GLY B 545 -13.98 56.15 -27.54
C GLY B 545 -14.40 55.67 -28.92
N PHE B 546 -14.93 54.44 -29.00
CA PHE B 546 -15.27 53.79 -30.27
C PHE B 546 -16.01 54.70 -31.24
N ASP B 547 -16.70 55.72 -30.71
CA ASP B 547 -17.34 56.70 -31.58
C ASP B 547 -16.32 57.41 -32.46
N VAL B 548 -15.14 57.71 -31.92
CA VAL B 548 -14.12 58.40 -32.69
C VAL B 548 -13.60 57.53 -33.82
N ILE B 549 -13.35 56.24 -33.56
CA ILE B 549 -12.85 55.38 -34.63
C ILE B 549 -13.94 55.13 -35.67
N ALA B 550 -15.21 55.06 -35.24
CA ALA B 550 -16.29 54.98 -36.21
C ALA B 550 -16.35 56.22 -37.09
N LEU B 551 -16.18 57.40 -36.47
CA LEU B 551 -16.14 58.64 -37.24
C LEU B 551 -14.98 58.63 -38.22
N SER B 552 -13.82 58.13 -37.79
CA SER B 552 -12.67 58.01 -38.68
C SER B 552 -13.00 57.15 -39.88
N PHE B 553 -13.57 55.97 -39.65
CA PHE B 553 -13.88 55.07 -40.76
C PHE B 553 -14.89 55.70 -41.71
N LEU B 554 -15.92 56.35 -41.17
CA LEU B 554 -16.95 56.89 -42.05
C LEU B 554 -16.48 58.14 -42.80
N VAL B 555 -15.62 58.96 -42.19
CA VAL B 555 -15.08 60.09 -42.93
C VAL B 555 -14.13 59.62 -44.02
N PHE B 556 -13.36 58.56 -43.73
CA PHE B 556 -12.55 57.96 -44.79
C PHE B 556 -13.42 57.44 -45.93
N GLN B 557 -14.53 56.78 -45.58
CA GLN B 557 -15.41 56.25 -46.62
C GLN B 557 -16.04 57.35 -47.46
N ILE B 558 -16.48 58.44 -46.82
CA ILE B 558 -17.10 59.52 -47.59
C ILE B 558 -16.06 60.24 -48.44
N ARG B 559 -14.81 60.34 -47.96
CA ARG B 559 -13.75 60.89 -48.79
C ARG B 559 -13.49 60.00 -50.00
N ILE B 560 -13.50 58.68 -49.80
CA ILE B 560 -13.32 57.76 -50.92
C ILE B 560 -14.48 57.88 -51.91
N PHE B 561 -15.69 58.14 -51.40
CA PHE B 561 -16.85 58.27 -52.27
C PHE B 561 -16.69 59.43 -53.24
N HIS B 562 -15.90 60.44 -52.88
CA HIS B 562 -15.60 61.57 -53.77
C HIS B 562 -14.20 61.46 -54.35
N SER B 563 -13.73 60.25 -54.63
CA SER B 563 -12.38 60.04 -55.14
C SER B 563 -12.39 59.18 -56.40
N TRP B 564 -11.21 58.75 -56.84
CA TRP B 564 -11.08 57.96 -58.05
C TRP B 564 -11.24 56.48 -57.75
N TYR B 565 -11.34 55.70 -58.83
CA TYR B 565 -11.47 54.24 -58.85
C TYR B 565 -12.85 53.82 -58.37
N PHE B 566 -13.61 54.76 -57.80
CA PHE B 566 -14.95 54.43 -57.36
C PHE B 566 -15.90 54.40 -58.54
N GLN B 567 -15.63 55.20 -59.58
CA GLN B 567 -16.40 55.10 -60.81
C GLN B 567 -16.21 53.73 -61.46
N HIS B 568 -14.99 53.20 -61.45
CA HIS B 568 -14.77 51.87 -62.00
C HIS B 568 -15.44 50.80 -61.16
N CYS B 569 -15.32 50.89 -59.83
CA CYS B 569 -16.03 49.94 -58.96
C CYS B 569 -17.53 49.99 -59.22
N MET B 570 -18.05 51.20 -59.42
CA MET B 570 -19.47 51.44 -59.61
C MET B 570 -19.96 50.94 -60.97
N VAL B 571 -19.14 51.09 -62.02
CA VAL B 571 -19.44 50.46 -63.31
C VAL B 571 -19.46 48.95 -63.18
N GLU B 572 -18.50 48.38 -62.43
CA GLU B 572 -18.53 46.95 -62.18
C GLU B 572 -19.81 46.55 -61.45
N TYR B 573 -20.37 47.44 -60.63
CA TYR B 573 -21.67 47.18 -60.04
C TYR B 573 -22.77 47.10 -61.11
N ARG B 574 -22.66 47.92 -62.15
CA ARG B 574 -23.73 48.07 -63.13
C ARG B 574 -23.52 47.22 -64.37
N SER B 575 -24.51 46.37 -64.66
CA SER B 575 -24.60 45.49 -65.83
C SER B 575 -23.74 44.25 -65.70
N GLU B 576 -23.05 44.08 -64.57
CA GLU B 576 -22.45 42.80 -64.23
C GLU B 576 -23.13 42.10 -63.07
N VAL B 577 -23.97 42.80 -62.31
CA VAL B 577 -24.69 42.18 -61.21
C VAL B 577 -26.18 42.06 -61.50
N ILE B 578 -26.77 42.98 -62.26
CA ILE B 578 -28.20 42.93 -62.57
C ILE B 578 -28.43 42.43 -63.99
N LEU B 579 -27.88 43.12 -65.01
CA LEU B 579 -28.05 42.65 -66.38
C LEU B 579 -27.40 41.29 -66.58
N ALA B 580 -26.22 41.08 -66.01
CA ALA B 580 -25.56 39.78 -66.04
C ALA B 580 -26.14 38.80 -65.04
N ASN B 581 -27.28 39.13 -64.42
CA ASN B 581 -27.89 38.20 -63.47
C ASN B 581 -28.30 36.90 -64.15
N ARG B 582 -28.57 36.95 -65.46
CA ARG B 582 -28.87 35.74 -66.21
C ARG B 582 -27.64 34.83 -66.27
N GLY B 583 -26.44 35.41 -66.36
CA GLY B 583 -25.23 34.66 -66.63
C GLY B 583 -24.85 33.60 -65.62
N ALA B 584 -25.70 33.37 -64.62
CA ALA B 584 -25.49 32.30 -63.66
C ALA B 584 -26.23 31.02 -64.01
N VAL B 585 -27.36 31.13 -64.72
CA VAL B 585 -28.12 29.92 -65.04
C VAL B 585 -27.33 28.99 -65.94
N LEU B 586 -26.40 29.54 -66.73
CA LEU B 586 -25.56 28.69 -67.56
C LEU B 586 -24.71 27.77 -66.69
N LYS B 587 -24.33 28.22 -65.50
CA LYS B 587 -23.64 27.35 -64.55
C LYS B 587 -24.40 26.05 -64.35
N ASN B 588 -25.74 26.12 -64.32
CA ASN B 588 -26.55 24.92 -64.13
C ASN B 588 -26.14 23.82 -65.09
N GLN B 589 -25.94 24.16 -66.38
CA GLN B 589 -25.55 23.15 -67.35
C GLN B 589 -24.24 22.48 -66.96
N LEU B 590 -23.22 23.27 -66.61
CA LEU B 590 -21.97 22.62 -66.23
C LEU B 590 -22.18 21.76 -64.98
N ILE B 591 -23.09 22.16 -64.10
CA ILE B 591 -23.42 21.32 -62.96
C ILE B 591 -23.93 19.97 -63.43
N GLU B 592 -24.92 19.98 -64.34
CA GLU B 592 -25.42 18.69 -64.82
C GLU B 592 -24.42 18.01 -65.74
N LYS B 593 -23.34 18.70 -66.13
CA LYS B 593 -22.22 18.01 -66.74
C LYS B 593 -21.33 17.38 -65.67
N GLU B 594 -21.06 18.13 -64.59
CA GLU B 594 -20.12 17.66 -63.57
C GLU B 594 -20.54 16.31 -63.02
N MET B 595 -21.71 16.24 -62.39
CA MET B 595 -22.21 14.96 -61.92
C MET B 595 -22.19 13.92 -63.03
N LYS B 596 -22.55 14.34 -64.25
CA LYS B 596 -22.56 13.40 -65.37
C LYS B 596 -21.21 12.70 -65.48
N GLU B 597 -20.12 13.48 -65.52
CA GLU B 597 -18.83 12.83 -65.72
C GLU B 597 -18.50 11.93 -64.53
N GLN B 598 -18.82 12.37 -63.31
CA GLN B 598 -18.52 11.50 -62.17
C GLN B 598 -19.39 10.26 -62.22
N ASN B 599 -20.63 10.39 -62.74
CA ASN B 599 -21.46 9.22 -62.97
C ASN B 599 -20.73 8.23 -63.86
N GLU B 600 -20.08 8.73 -64.90
CA GLU B 600 -19.29 7.86 -65.77
C GLU B 600 -18.28 7.07 -64.95
N GLN B 601 -17.55 7.75 -64.07
CA GLN B 601 -16.59 7.06 -63.23
C GLN B 601 -17.28 5.99 -62.39
N GLN B 602 -18.45 6.33 -61.83
CA GLN B 602 -19.22 5.32 -61.10
C GLN B 602 -19.46 4.10 -61.96
N LYS B 603 -19.88 4.30 -63.21
CA LYS B 603 -20.06 3.20 -64.14
C LYS B 603 -18.78 2.36 -64.22
N ALA B 604 -17.65 3.03 -64.46
CA ALA B 604 -16.38 2.32 -64.48
C ALA B 604 -16.12 1.66 -63.12
N LYS B 605 -16.36 2.40 -62.04
CA LYS B 605 -16.12 1.87 -60.71
C LYS B 605 -17.02 0.67 -60.42
N PHE B 606 -18.09 0.50 -61.20
CA PHE B 606 -18.86 -0.73 -61.14
C PHE B 606 -18.33 -1.78 -62.10
N ASN B 607 -18.09 -1.38 -63.35
CA ASN B 607 -17.85 -2.37 -64.41
C ASN B 607 -16.64 -3.22 -64.11
N ASP B 608 -15.54 -2.59 -63.69
CA ASP B 608 -14.34 -3.33 -63.35
C ASP B 608 -14.63 -4.43 -62.36
N ILE B 609 -15.40 -4.12 -61.30
CA ILE B 609 -15.76 -5.13 -60.32
C ILE B 609 -16.49 -6.28 -61.00
N ARG B 610 -17.50 -5.94 -61.82
CA ARG B 610 -18.29 -6.98 -62.47
C ARG B 610 -17.43 -7.84 -63.39
N ARG B 611 -16.25 -7.37 -63.77
CA ARG B 611 -15.29 -8.24 -64.44
C ARG B 611 -14.41 -8.96 -63.42
N ARG B 612 -13.83 -8.19 -62.49
CA ARG B 612 -12.79 -8.74 -61.61
C ARG B 612 -13.28 -10.00 -60.93
N THR B 613 -14.44 -9.93 -60.28
CA THR B 613 -14.99 -11.08 -59.59
C THR B 613 -15.11 -12.26 -60.54
N GLU B 614 -15.82 -12.08 -61.66
CA GLU B 614 -16.04 -13.22 -62.53
C GLU B 614 -14.71 -13.75 -63.04
N ALA B 615 -13.73 -12.85 -63.19
CA ALA B 615 -12.41 -13.26 -63.63
C ALA B 615 -11.85 -14.35 -62.72
N ILE B 616 -11.83 -14.10 -61.41
CA ILE B 616 -11.25 -15.10 -60.52
C ILE B 616 -12.08 -16.36 -60.57
N ARG B 617 -13.40 -16.22 -60.74
CA ARG B 617 -14.26 -17.39 -60.86
C ARG B 617 -13.79 -18.28 -62.00
N GLU B 618 -13.51 -17.67 -63.15
CA GLU B 618 -13.01 -18.45 -64.28
C GLU B 618 -11.73 -19.18 -63.89
N ARG B 619 -10.82 -18.48 -63.20
CA ARG B 619 -9.59 -19.13 -62.74
C ARG B 619 -9.92 -20.34 -61.88
N TYR B 620 -10.85 -20.17 -60.94
CA TYR B 620 -11.25 -21.31 -60.11
C TYR B 620 -11.85 -22.40 -60.98
N GLN B 621 -12.69 -22.01 -61.96
CA GLN B 621 -13.27 -23.00 -62.86
C GLN B 621 -12.20 -23.76 -63.62
N LYS B 622 -11.04 -23.13 -63.83
CA LYS B 622 -9.93 -23.84 -64.45
C LYS B 622 -9.34 -24.87 -63.49
N GLN B 623 -9.09 -24.46 -62.24
CA GLN B 623 -8.32 -25.29 -61.33
C GLN B 623 -9.03 -26.61 -61.05
N ILE B 624 -10.31 -26.55 -60.69
CA ILE B 624 -11.07 -27.77 -60.44
C ILE B 624 -11.15 -28.64 -61.68
N GLU B 625 -11.04 -28.04 -62.87
CA GLU B 625 -11.02 -28.82 -64.09
C GLU B 625 -9.66 -29.49 -64.31
N ARG B 626 -8.58 -28.89 -63.83
CA ARG B 626 -7.25 -29.44 -64.05
C ARG B 626 -6.99 -30.66 -63.16
N GLY B 627 -7.45 -30.61 -61.91
CA GLY B 627 -7.18 -31.69 -60.97
C GLY B 627 -8.43 -32.43 -60.53
N ALA B 628 -9.33 -32.70 -61.47
CA ALA B 628 -10.56 -33.42 -61.15
C ALA B 628 -10.32 -34.89 -60.80
N ALA B 629 -9.14 -35.41 -61.12
CA ALA B 629 -8.81 -36.80 -60.81
C ALA B 629 -7.96 -36.95 -59.56
N GLU B 630 -7.68 -35.85 -58.85
CA GLU B 630 -6.83 -35.88 -57.66
C GLU B 630 -7.57 -35.55 -56.38
N ARG B 631 -8.53 -34.63 -56.42
CA ARG B 631 -9.20 -34.19 -55.20
C ARG B 631 -10.01 -35.33 -54.58
N ASP B 632 -10.15 -35.27 -53.26
CA ASP B 632 -10.91 -36.25 -52.50
C ASP B 632 -11.98 -35.53 -51.67
N PHE B 633 -13.11 -36.20 -51.50
CA PHE B 633 -14.25 -35.70 -50.73
C PHE B 633 -14.89 -34.48 -51.39
N GLU B 634 -16.15 -34.22 -51.07
CA GLU B 634 -16.88 -33.08 -51.64
C GLU B 634 -17.25 -32.12 -50.52
N PRO B 635 -16.84 -30.86 -50.59
CA PRO B 635 -17.19 -29.90 -49.53
C PRO B 635 -18.68 -29.62 -49.53
N VAL B 636 -19.32 -29.88 -48.39
CA VAL B 636 -20.75 -29.67 -48.23
C VAL B 636 -20.99 -28.59 -47.17
N THR B 637 -20.50 -28.85 -45.96
CA THR B 637 -20.65 -27.88 -44.88
C THR B 637 -19.54 -26.84 -44.95
N TYR B 638 -19.70 -25.78 -44.16
CA TYR B 638 -18.72 -24.70 -44.15
C TYR B 638 -17.37 -25.17 -43.61
N GLY B 639 -17.40 -26.06 -42.62
CA GLY B 639 -16.15 -26.60 -42.09
C GLY B 639 -15.38 -27.38 -43.13
N HIS B 640 -16.07 -28.15 -43.97
CA HIS B 640 -15.42 -28.83 -45.07
C HIS B 640 -14.98 -27.86 -46.16
N ALA B 641 -15.62 -26.70 -46.25
CA ALA B 641 -15.24 -25.68 -47.22
C ALA B 641 -13.96 -24.96 -46.83
N LYS B 642 -13.76 -24.71 -45.53
CA LYS B 642 -12.53 -24.06 -45.08
C LYS B 642 -11.29 -24.91 -45.33
N ARG B 643 -11.42 -26.23 -45.33
CA ARG B 643 -10.28 -27.15 -45.39
C ARG B 643 -10.28 -27.94 -46.69
N ALA B 644 -10.65 -27.29 -47.79
CA ALA B 644 -10.64 -27.91 -49.10
C ALA B 644 -9.37 -27.58 -49.89
N GLY B 645 -8.42 -26.88 -49.28
CA GLY B 645 -7.19 -26.55 -49.97
C GLY B 645 -6.35 -27.78 -50.27
N ASP B 646 -5.65 -27.72 -51.40
CA ASP B 646 -4.81 -28.83 -51.83
C ASP B 646 -3.76 -28.27 -52.80
N TYR B 647 -2.86 -29.13 -53.24
CA TYR B 647 -1.77 -28.68 -54.11
C TYR B 647 -2.26 -28.32 -55.50
N TYR B 648 -3.33 -28.97 -55.97
CA TYR B 648 -3.72 -28.84 -57.38
C TYR B 648 -4.11 -27.40 -57.72
N MET B 649 -4.77 -26.70 -56.80
CA MET B 649 -5.18 -25.34 -57.07
C MET B 649 -4.00 -24.37 -57.11
N PHE B 650 -2.81 -24.80 -56.69
CA PHE B 650 -1.63 -23.94 -56.73
C PHE B 650 -0.66 -24.31 -57.86
N LYS B 651 -1.09 -25.18 -58.78
CA LYS B 651 -0.20 -25.64 -59.85
C LYS B 651 -0.32 -24.74 -61.08
N TYR B 652 0.02 -23.47 -60.88
CA TYR B 652 0.05 -22.51 -61.97
C TYR B 652 0.92 -21.34 -61.55
N ASP B 653 1.61 -20.75 -62.53
CA ASP B 653 2.46 -19.60 -62.26
C ASP B 653 1.62 -18.41 -61.83
N PRO B 654 2.06 -17.62 -60.85
CA PRO B 654 1.25 -16.51 -60.36
C PRO B 654 0.99 -15.43 -61.41
N GLU B 655 1.83 -15.31 -62.43
CA GLU B 655 1.63 -14.30 -63.46
C GLU B 655 0.86 -14.85 -64.66
N GLN B 839 2.20 37.00 -63.13
CA GLN B 839 0.90 36.46 -63.52
C GLN B 839 0.63 35.12 -62.83
N LYS B 840 1.63 34.25 -62.83
CA LYS B 840 1.53 32.93 -62.23
C LYS B 840 2.46 32.88 -61.02
N SER B 841 1.90 33.05 -59.83
CA SER B 841 2.64 33.01 -58.58
C SER B 841 1.91 32.12 -57.58
N SER B 842 2.70 31.46 -56.72
CA SER B 842 2.12 30.56 -55.73
C SER B 842 1.22 31.31 -54.76
N ALA B 843 1.66 32.48 -54.31
CA ALA B 843 0.85 33.26 -53.38
C ALA B 843 -0.46 33.68 -54.02
N THR B 844 -0.43 34.04 -55.30
CA THR B 844 -1.66 34.37 -56.01
C THR B 844 -2.59 33.16 -56.09
N ARG B 845 -2.02 31.97 -56.32
CA ARG B 845 -2.84 30.76 -56.38
C ARG B 845 -3.51 30.49 -55.05
N LEU B 846 -2.76 30.60 -53.95
CA LEU B 846 -3.35 30.40 -52.63
C LEU B 846 -4.42 31.44 -52.32
N LEU B 847 -4.17 32.70 -52.69
CA LEU B 847 -5.15 33.75 -52.46
C LEU B 847 -6.43 33.47 -53.23
N ASN B 848 -6.31 33.08 -54.50
CA ASN B 848 -7.49 32.75 -55.28
C ASN B 848 -8.23 31.56 -54.69
N ALA B 849 -7.49 30.54 -54.25
CA ALA B 849 -8.13 29.37 -53.67
C ALA B 849 -8.91 29.73 -52.40
N VAL B 850 -8.31 30.53 -51.52
CA VAL B 850 -8.99 30.86 -50.27
C VAL B 850 -10.18 31.78 -50.54
N VAL B 851 -10.06 32.70 -51.49
CA VAL B 851 -11.19 33.56 -51.82
C VAL B 851 -12.35 32.73 -52.38
N ASN B 852 -12.04 31.79 -53.27
CA ASN B 852 -13.09 30.91 -53.80
C ASN B 852 -13.72 30.07 -52.70
N CYS B 853 -12.90 29.55 -51.78
CA CYS B 853 -13.44 28.76 -50.68
C CYS B 853 -14.37 29.58 -49.80
N ILE B 854 -13.98 30.80 -49.46
CA ILE B 854 -14.84 31.66 -48.65
C ILE B 854 -16.13 31.98 -49.40
N GLY B 855 -16.02 32.30 -50.70
CA GLY B 855 -17.21 32.63 -51.47
C GLY B 855 -18.18 31.47 -51.56
N ALA B 856 -17.66 30.25 -51.67
CA ALA B 856 -18.52 29.07 -51.76
C ALA B 856 -18.95 28.55 -50.39
N HIS B 857 -18.33 28.99 -49.31
CA HIS B 857 -18.65 28.47 -47.98
C HIS B 857 -19.12 29.54 -47.01
N THR B 858 -19.56 30.71 -47.51
CA THR B 858 -20.26 31.65 -46.64
C THR B 858 -21.46 30.99 -45.97
N ASP B 859 -22.09 30.02 -46.63
CA ASP B 859 -23.25 29.36 -46.07
C ASP B 859 -22.92 28.68 -44.75
N ILE B 860 -21.78 27.96 -44.68
CA ILE B 860 -21.39 27.33 -43.44
C ILE B 860 -20.67 28.30 -42.51
N LEU B 861 -20.06 29.36 -43.06
CA LEU B 861 -19.46 30.38 -42.20
C LEU B 861 -20.51 31.07 -41.34
N CYS B 862 -21.68 31.36 -41.93
CA CYS B 862 -22.76 31.96 -41.15
C CYS B 862 -23.23 31.03 -40.03
N TYR B 863 -23.34 29.74 -40.33
CA TYR B 863 -23.73 28.79 -39.29
C TYR B 863 -22.70 28.73 -38.18
N PHE B 864 -21.41 28.74 -38.53
CA PHE B 864 -20.37 28.73 -37.52
C PHE B 864 -20.42 29.99 -36.65
N PHE B 865 -20.67 31.15 -37.28
CA PHE B 865 -20.77 32.39 -36.52
C PHE B 865 -21.96 32.36 -35.57
N ALA B 866 -23.10 31.82 -36.03
CA ALA B 866 -24.26 31.69 -35.16
C ALA B 866 -23.95 30.76 -33.99
N ILE B 867 -23.26 29.65 -34.25
CA ILE B 867 -22.89 28.74 -33.19
C ILE B 867 -22.01 29.44 -32.17
N MET B 868 -21.01 30.20 -32.64
CA MET B 868 -20.10 30.88 -31.72
C MET B 868 -20.83 31.92 -30.88
N THR B 869 -21.71 32.71 -31.51
CA THR B 869 -22.43 33.72 -30.76
C THR B 869 -23.44 33.10 -29.80
N GLN B 870 -23.90 31.88 -30.06
CA GLN B 870 -24.61 31.13 -29.04
C GLN B 870 -23.69 30.70 -27.91
N VAL B 871 -22.48 30.26 -28.24
CA VAL B 871 -21.55 29.76 -27.22
C VAL B 871 -21.21 30.85 -26.22
N MET B 872 -20.86 32.03 -26.70
CA MET B 872 -20.38 33.09 -25.82
C MET B 872 -21.45 34.10 -25.43
N THR B 873 -22.71 33.82 -25.73
CA THR B 873 -23.84 34.59 -25.21
C THR B 873 -24.91 33.63 -24.69
N GLY B 874 -24.48 32.65 -23.89
CA GLY B 874 -25.33 31.57 -23.45
C GLY B 874 -26.64 31.97 -22.80
N GLY B 875 -27.73 31.41 -23.30
CA GLY B 875 -29.04 31.73 -22.78
C GLY B 875 -30.12 31.16 -23.66
N LEU B 876 -31.36 31.52 -23.36
CA LEU B 876 -32.52 31.08 -24.10
C LEU B 876 -33.04 32.12 -25.09
N ILE B 877 -32.28 33.19 -25.32
CA ILE B 877 -32.71 34.25 -26.23
C ILE B 877 -32.11 34.09 -27.62
N THR B 878 -30.97 33.42 -27.75
CA THR B 878 -30.29 33.26 -29.04
C THR B 878 -30.47 31.85 -29.60
N LEU B 879 -30.82 30.89 -28.75
CA LEU B 879 -30.98 29.47 -29.04
C LEU B 879 -31.78 29.19 -30.33
N PRO B 880 -32.82 29.97 -30.65
CA PRO B 880 -33.49 29.77 -31.94
C PRO B 880 -32.56 29.89 -33.14
N LEU B 881 -31.51 30.73 -33.07
CA LEU B 881 -30.59 30.83 -34.20
C LEU B 881 -29.88 29.49 -34.47
N PRO B 882 -29.21 28.87 -33.49
CA PRO B 882 -28.64 27.54 -33.76
C PRO B 882 -29.69 26.50 -34.09
N LEU B 883 -30.87 26.54 -33.47
CA LEU B 883 -31.89 25.55 -33.80
C LEU B 883 -32.30 25.63 -35.26
N MET B 884 -32.64 26.83 -35.74
CA MET B 884 -33.00 26.99 -37.15
C MET B 884 -31.83 26.65 -38.05
N SER B 885 -30.62 27.08 -37.70
CA SER B 885 -29.47 26.84 -38.55
C SER B 885 -29.19 25.36 -38.73
N LEU B 886 -29.29 24.59 -37.64
CA LEU B 886 -28.95 23.18 -37.67
C LEU B 886 -30.15 22.27 -37.90
N PHE B 887 -31.35 22.83 -38.06
CA PHE B 887 -32.52 22.04 -38.39
C PHE B 887 -33.03 22.30 -39.80
N TRP B 888 -33.25 23.55 -40.18
CA TRP B 888 -33.96 23.85 -41.42
C TRP B 888 -32.99 24.06 -42.58
N GLY B 889 -32.11 25.07 -42.48
CA GLY B 889 -31.22 25.38 -43.58
C GLY B 889 -30.17 24.31 -43.83
N ASN B 890 -29.60 23.75 -42.76
CA ASN B 890 -28.52 22.79 -42.92
C ASN B 890 -29.00 21.53 -43.64
N LEU B 891 -30.21 21.08 -43.32
CA LEU B 891 -30.77 19.88 -43.94
C LEU B 891 -31.51 20.17 -45.24
N SER B 892 -31.69 21.44 -45.60
CA SER B 892 -32.39 21.80 -46.83
C SER B 892 -31.48 21.49 -48.01
N ASN B 893 -31.79 20.41 -48.73
CA ASN B 893 -30.94 19.99 -49.84
C ASN B 893 -30.86 21.00 -50.97
N PRO B 894 -31.97 21.51 -51.54
CA PRO B 894 -31.85 22.40 -52.70
C PRO B 894 -31.75 23.90 -52.39
N ARG B 895 -30.60 24.32 -51.88
CA ARG B 895 -30.25 25.74 -51.74
C ARG B 895 -31.32 26.51 -50.98
N PRO B 896 -31.35 26.41 -49.63
CA PRO B 896 -32.45 26.99 -48.83
C PRO B 896 -33.00 28.31 -49.32
N SER B 897 -34.32 28.42 -49.34
CA SER B 897 -35.02 29.52 -50.01
C SER B 897 -34.78 30.84 -49.28
N LYS B 898 -35.35 31.90 -49.86
CA LYS B 898 -35.12 33.25 -49.35
C LYS B 898 -35.75 33.47 -47.97
N PHE B 899 -36.94 32.92 -47.74
CA PHE B 899 -37.63 33.14 -46.47
C PHE B 899 -36.79 32.68 -45.28
N PHE B 900 -35.97 31.66 -45.48
CA PHE B 900 -35.06 31.19 -44.43
C PHE B 900 -34.10 32.30 -44.00
N TRP B 901 -33.39 32.88 -44.97
CA TRP B 901 -32.48 33.97 -44.65
C TRP B 901 -33.23 35.17 -44.10
N VAL B 902 -34.42 35.46 -44.64
CA VAL B 902 -35.18 36.62 -44.19
C VAL B 902 -35.60 36.46 -42.73
N THR B 903 -36.02 35.25 -42.34
CA THR B 903 -36.45 35.06 -40.96
C THR B 903 -35.27 35.11 -40.00
N MET B 904 -34.09 34.59 -40.38
CA MET B 904 -32.94 34.84 -39.51
C MET B 904 -32.56 36.33 -39.47
N ILE B 905 -32.68 37.05 -40.58
CA ILE B 905 -32.50 38.50 -40.52
C ILE B 905 -33.39 39.09 -39.43
N THR B 906 -34.71 38.93 -39.60
CA THR B 906 -35.69 39.55 -38.71
C THR B 906 -35.41 39.18 -37.26
N TYR B 907 -35.19 37.89 -36.98
CA TYR B 907 -34.93 37.50 -35.60
C TYR B 907 -33.61 38.06 -35.11
N THR B 908 -32.65 38.31 -36.01
CA THR B 908 -31.39 38.90 -35.58
C THR B 908 -31.56 40.34 -35.13
N GLU B 909 -32.25 41.17 -35.90
CA GLU B 909 -32.45 42.54 -35.39
C GLU B 909 -33.35 42.51 -34.16
N CYS B 910 -34.30 41.58 -34.11
CA CYS B 910 -35.13 41.48 -32.91
C CYS B 910 -34.29 41.19 -31.68
N VAL B 911 -33.40 40.20 -31.74
CA VAL B 911 -32.62 39.81 -30.58
C VAL B 911 -31.62 40.90 -30.21
N ILE B 912 -31.01 41.56 -31.21
CA ILE B 912 -30.03 42.59 -30.88
C ILE B 912 -30.72 43.80 -30.25
N VAL B 913 -31.91 44.17 -30.74
CA VAL B 913 -32.64 45.29 -30.15
C VAL B 913 -33.08 44.93 -28.74
N ILE B 914 -33.55 43.70 -28.52
CA ILE B 914 -33.97 43.29 -27.18
C ILE B 914 -32.79 43.33 -26.23
N LYS B 915 -31.63 42.82 -26.66
CA LYS B 915 -30.45 42.85 -25.80
C LYS B 915 -30.03 44.28 -25.48
N PHE B 916 -30.06 45.16 -26.48
CA PHE B 916 -29.67 46.55 -26.25
C PHE B 916 -30.62 47.24 -25.28
N VAL B 917 -31.93 47.03 -25.43
CA VAL B 917 -32.87 47.71 -24.54
C VAL B 917 -32.81 47.12 -23.14
N CYS B 918 -32.50 45.83 -23.01
CA CYS B 918 -32.35 45.22 -21.71
C CYS B 918 -30.97 45.50 -21.09
N GLN B 919 -30.05 46.05 -21.86
CA GLN B 919 -28.73 46.41 -21.34
C GLN B 919 -28.70 47.78 -20.68
N PHE B 920 -29.84 48.47 -20.60
CA PHE B 920 -29.91 49.76 -19.93
C PHE B 920 -29.65 49.59 -18.43
N ALA B 921 -29.38 50.70 -17.76
CA ALA B 921 -29.00 50.68 -16.36
C ALA B 921 -30.18 50.65 -15.40
N PHE B 922 -31.38 51.03 -15.85
CA PHE B 922 -32.54 51.09 -14.96
C PHE B 922 -33.30 49.79 -14.89
N MET B 923 -32.80 48.72 -15.51
CA MET B 923 -33.33 47.39 -15.23
C MET B 923 -33.04 47.01 -13.79
N PRO B 924 -33.97 46.33 -13.12
CA PRO B 924 -33.73 45.95 -11.71
C PRO B 924 -32.51 45.05 -11.53
N TYR B 925 -32.24 44.16 -12.49
CA TYR B 925 -31.15 43.21 -12.35
C TYR B 925 -29.79 43.81 -12.67
N ASN B 926 -29.73 45.00 -13.26
CA ASN B 926 -28.47 45.62 -13.64
C ASN B 926 -27.83 46.37 -12.48
N SER B 927 -28.53 46.54 -11.37
CA SER B 927 -27.99 47.26 -10.23
C SER B 927 -26.86 46.47 -9.58
N ILE B 928 -26.00 47.18 -8.84
CA ILE B 928 -24.85 46.55 -8.21
C ILE B 928 -25.29 45.57 -7.14
N THR B 929 -26.27 45.95 -6.32
CA THR B 929 -26.70 45.10 -5.22
C THR B 929 -27.27 43.78 -5.73
N TRP B 930 -28.10 43.83 -6.77
CA TRP B 930 -28.67 42.61 -7.32
C TRP B 930 -27.58 41.71 -7.90
N ARG B 931 -26.63 42.30 -8.62
CA ARG B 931 -25.54 41.51 -9.19
C ARG B 931 -24.71 40.84 -8.10
N THR B 932 -24.42 41.58 -7.02
CA THR B 932 -23.68 40.99 -5.91
C THR B 932 -24.46 39.86 -5.24
N GLU B 933 -25.78 40.05 -5.08
CA GLU B 933 -26.58 39.00 -4.44
C GLU B 933 -26.76 37.79 -5.33
N HIS B 934 -26.64 37.95 -6.65
CA HIS B 934 -26.87 36.87 -7.60
C HIS B 934 -25.66 36.70 -8.52
N GLN B 935 -24.47 36.67 -7.95
CA GLN B 935 -23.25 36.46 -8.72
C GLN B 935 -22.77 35.02 -8.72
N MET B 936 -23.21 34.20 -7.77
CA MET B 936 -22.78 32.82 -7.68
C MET B 936 -23.85 31.82 -8.11
N ASP B 937 -25.10 32.24 -8.24
CA ASP B 937 -26.15 31.33 -8.69
C ASP B 937 -26.00 31.07 -10.19
N PRO B 938 -25.82 29.82 -10.62
CA PRO B 938 -25.61 29.56 -12.05
C PRO B 938 -26.88 29.66 -12.89
N MET B 939 -28.06 29.63 -12.27
CA MET B 939 -29.34 29.66 -12.98
C MET B 939 -30.15 30.88 -12.57
N SER B 940 -29.50 32.04 -12.52
CA SER B 940 -30.21 33.27 -12.22
C SER B 940 -31.09 33.68 -13.39
N LEU B 941 -32.02 34.61 -13.13
CA LEU B 941 -32.97 35.02 -14.14
C LEU B 941 -32.28 35.65 -15.35
N ASP B 942 -31.38 36.60 -15.09
CA ASP B 942 -30.68 37.26 -16.19
C ASP B 942 -29.79 36.27 -16.94
N LYS B 943 -29.10 35.40 -16.21
CA LYS B 943 -28.25 34.39 -16.85
C LYS B 943 -29.09 33.40 -17.64
N LEU B 944 -30.25 33.02 -17.11
CA LEU B 944 -31.15 32.13 -17.85
C LEU B 944 -31.63 32.78 -19.14
N PHE B 945 -31.99 34.07 -19.08
CA PHE B 945 -32.46 34.77 -20.28
C PHE B 945 -31.34 35.09 -21.24
N GLY B 946 -30.08 35.00 -20.82
CA GLY B 946 -28.95 35.26 -21.69
C GLY B 946 -28.48 36.70 -21.75
N VAL B 947 -29.18 37.62 -21.08
CA VAL B 947 -28.79 39.02 -21.04
C VAL B 947 -28.30 39.35 -19.63
N SER B 948 -27.12 39.95 -19.55
CA SER B 948 -26.54 40.34 -18.28
C SER B 948 -25.66 41.56 -18.50
N GLN B 949 -24.77 41.83 -17.55
CA GLN B 949 -23.95 43.05 -17.61
C GLN B 949 -23.09 43.07 -18.86
N ARG B 950 -22.32 42.01 -19.09
CA ARG B 950 -21.39 41.92 -20.22
C ARG B 950 -20.50 43.17 -20.29
N ASP B 951 -19.70 43.35 -19.23
CA ASP B 951 -18.91 44.55 -19.09
C ASP B 951 -17.81 44.68 -20.14
N SER B 952 -17.43 43.58 -20.79
CA SER B 952 -16.30 43.63 -21.72
C SER B 952 -16.70 44.24 -23.07
N PHE B 953 -17.57 43.54 -23.80
CA PHE B 953 -18.02 43.98 -25.13
C PHE B 953 -19.01 42.95 -25.65
N ALA B 954 -19.68 43.31 -26.75
CA ALA B 954 -20.53 42.40 -27.51
C ALA B 954 -20.18 42.58 -28.98
N LEU B 955 -19.46 41.62 -29.55
CA LEU B 955 -18.90 41.75 -30.89
C LEU B 955 -19.43 40.72 -31.87
N TRP B 956 -19.49 39.46 -31.47
CA TRP B 956 -19.77 38.38 -32.42
C TRP B 956 -21.20 38.40 -32.95
N ASP B 957 -22.12 39.05 -32.24
CA ASP B 957 -23.45 39.28 -32.81
C ASP B 957 -23.36 40.17 -34.05
N ILE B 958 -22.55 41.23 -33.96
CA ILE B 958 -22.34 42.11 -35.12
C ILE B 958 -21.67 41.34 -36.25
N VAL B 959 -20.67 40.50 -35.91
CA VAL B 959 -19.97 39.72 -36.93
C VAL B 959 -20.95 38.79 -37.64
N LEU B 960 -21.80 38.10 -36.88
CA LEU B 960 -22.78 37.21 -37.48
C LEU B 960 -23.76 37.97 -38.37
N LEU B 961 -24.26 39.11 -37.89
CA LEU B 961 -25.21 39.88 -38.69
C LEU B 961 -24.59 40.34 -39.99
N PHE B 962 -23.35 40.85 -39.94
CA PHE B 962 -22.72 41.34 -41.15
C PHE B 962 -22.33 40.21 -42.09
N SER B 963 -21.92 39.06 -41.56
CA SER B 963 -21.65 37.90 -42.42
C SER B 963 -22.92 37.43 -43.10
N LEU B 964 -24.05 37.47 -42.39
CA LEU B 964 -25.32 37.06 -42.99
C LEU B 964 -25.75 38.05 -44.08
N PHE B 965 -25.54 39.35 -43.85
CA PHE B 965 -25.82 40.32 -44.89
C PHE B 965 -24.89 40.13 -46.10
N PHE B 966 -23.62 39.81 -45.85
CA PHE B 966 -22.69 39.53 -46.95
C PHE B 966 -23.13 38.31 -47.75
N HIS B 967 -23.61 37.27 -47.07
CA HIS B 967 -24.13 36.10 -47.76
C HIS B 967 -25.36 36.47 -48.59
N ARG B 968 -26.24 37.30 -48.05
CA ARG B 968 -27.39 37.78 -48.81
C ARG B 968 -26.94 38.52 -50.06
N TYR B 969 -25.94 39.39 -49.93
CA TYR B 969 -25.42 40.13 -51.08
C TYR B 969 -24.82 39.19 -52.11
N MET B 970 -24.09 38.17 -51.65
CA MET B 970 -23.48 37.22 -52.59
C MET B 970 -24.54 36.45 -53.37
N LEU B 971 -25.61 36.01 -52.69
CA LEU B 971 -26.68 35.30 -53.40
C LEU B 971 -27.45 36.24 -54.31
N ARG B 972 -27.60 37.51 -53.93
CA ARG B 972 -28.22 38.48 -54.82
C ARG B 972 -27.39 38.67 -56.08
N LYS B 973 -26.08 38.75 -55.93
CA LYS B 973 -25.19 38.84 -57.08
C LYS B 973 -25.29 37.60 -57.96
N LEU B 974 -25.33 36.42 -57.33
CA LEU B 974 -25.48 35.17 -58.07
C LEU B 974 -26.85 35.02 -58.70
N GLY B 975 -27.88 35.65 -58.13
CA GLY B 975 -29.21 35.60 -58.72
C GLY B 975 -30.16 34.59 -58.11
N LEU B 976 -29.77 33.94 -57.02
CA LEU B 976 -30.64 32.97 -56.36
C LEU B 976 -31.48 33.58 -55.25
N TRP B 977 -31.38 34.90 -55.04
CA TRP B 977 -32.18 35.54 -53.99
C TRP B 977 -33.66 35.46 -54.30
N LYS B 978 -34.04 35.67 -55.55
CA LYS B 978 -35.44 35.61 -55.95
C LYS B 978 -35.77 34.28 -56.63
N SER B 1054 -49.59 21.26 -50.28
CA SER B 1054 -50.11 20.11 -49.55
C SER B 1054 -48.99 19.40 -48.79
N GLY B 1055 -48.97 19.57 -47.47
CA GLY B 1055 -47.96 18.95 -46.64
C GLY B 1055 -46.58 19.53 -46.86
N PRO B 1056 -46.36 20.78 -46.44
CA PRO B 1056 -45.04 21.39 -46.64
C PRO B 1056 -43.92 20.61 -45.99
N ILE B 1057 -44.15 20.04 -44.81
CA ILE B 1057 -43.12 19.21 -44.17
C ILE B 1057 -42.89 17.94 -44.98
N GLY B 1058 -43.96 17.38 -45.54
CA GLY B 1058 -43.80 16.23 -46.42
C GLY B 1058 -43.00 16.56 -47.67
N ARG B 1059 -43.26 17.73 -48.26
CA ARG B 1059 -42.48 18.16 -49.41
C ARG B 1059 -41.02 18.35 -49.05
N PHE B 1060 -40.76 18.96 -47.88
CA PHE B 1060 -39.38 19.14 -47.44
C PHE B 1060 -38.67 17.81 -47.23
N ILE B 1061 -39.37 16.84 -46.62
CA ILE B 1061 -38.78 15.52 -46.41
C ILE B 1061 -38.50 14.84 -47.75
N HIS B 1062 -39.44 14.93 -48.68
CA HIS B 1062 -39.24 14.33 -50.00
C HIS B 1062 -38.06 14.95 -50.72
N GLN B 1063 -37.92 16.28 -50.64
CA GLN B 1063 -36.79 16.95 -51.26
C GLN B 1063 -35.47 16.53 -50.59
N LEU B 1064 -35.47 16.38 -49.26
CA LEU B 1064 -34.26 16.00 -48.56
C LEU B 1064 -33.83 14.59 -48.93
N PHE B 1065 -34.78 13.66 -48.96
CA PHE B 1065 -34.45 12.25 -49.22
C PHE B 1065 -34.14 11.98 -50.69
N HIS B 1066 -34.78 12.71 -51.61
CA HIS B 1066 -34.66 12.46 -53.05
C HIS B 1066 -34.24 13.73 -53.76
N PRO B 1067 -32.95 14.06 -53.72
CA PRO B 1067 -32.48 15.25 -54.45
C PRO B 1067 -32.22 14.92 -55.90
N LYS B 1068 -32.57 15.87 -56.78
CA LYS B 1068 -32.34 15.70 -58.20
C LYS B 1068 -30.86 15.76 -58.56
N PHE B 1069 -30.04 16.43 -57.76
CA PHE B 1069 -28.59 16.43 -57.92
C PHE B 1069 -27.97 15.89 -56.63
N ARG B 1070 -27.01 14.98 -56.79
CA ARG B 1070 -26.35 14.39 -55.63
C ARG B 1070 -24.90 14.09 -55.99
N TYR B 1071 -24.06 14.03 -54.96
CA TYR B 1071 -22.64 13.73 -55.09
C TYR B 1071 -22.32 12.46 -54.30
N ILE B 1072 -21.11 11.95 -54.52
CA ILE B 1072 -20.65 10.73 -53.86
C ILE B 1072 -19.34 11.08 -53.16
N ARG B 1073 -19.41 11.31 -51.85
CA ARG B 1073 -18.23 11.60 -51.05
C ARG B 1073 -18.35 10.89 -49.71
N ASP B 1074 -17.20 10.47 -49.17
CA ASP B 1074 -17.13 9.80 -47.88
C ASP B 1074 -16.43 10.72 -46.89
N LEU B 1075 -17.09 10.99 -45.77
CA LEU B 1075 -16.55 11.90 -44.75
C LEU B 1075 -16.56 11.28 -43.36
N TYR B 1076 -16.69 9.95 -43.27
CA TYR B 1076 -16.65 9.31 -41.96
C TYR B 1076 -15.33 9.52 -41.22
N PRO B 1077 -14.15 9.42 -41.84
CA PRO B 1077 -12.91 9.67 -41.09
C PRO B 1077 -12.83 11.06 -40.48
N ILE B 1078 -13.40 12.08 -41.14
CA ILE B 1078 -13.42 13.42 -40.55
C ILE B 1078 -14.24 13.41 -39.26
N MET B 1079 -15.41 12.76 -39.30
CA MET B 1079 -16.23 12.65 -38.09
C MET B 1079 -15.50 11.87 -37.00
N PHE B 1080 -14.77 10.82 -37.39
CA PHE B 1080 -14.03 10.05 -36.41
C PHE B 1080 -12.94 10.89 -35.75
N GLY B 1081 -12.19 11.66 -36.55
CA GLY B 1081 -11.21 12.55 -35.96
C GLY B 1081 -11.83 13.56 -35.02
N ILE B 1082 -12.96 14.15 -35.43
CA ILE B 1082 -13.60 15.18 -34.63
C ILE B 1082 -14.09 14.60 -33.31
N ASP B 1083 -14.75 13.44 -33.33
CA ASP B 1083 -15.31 12.95 -32.07
C ASP B 1083 -14.26 12.25 -31.23
N VAL B 1084 -13.14 11.82 -31.81
CA VAL B 1084 -12.03 11.34 -30.98
C VAL B 1084 -11.36 12.50 -30.26
N ILE B 1085 -11.14 13.64 -30.95
CA ILE B 1085 -10.57 14.76 -30.22
C ILE B 1085 -11.58 15.31 -29.22
N CYS B 1086 -12.88 15.18 -29.51
CA CYS B 1086 -13.92 15.48 -28.54
C CYS B 1086 -13.78 14.61 -27.31
N PHE B 1087 -13.58 13.31 -27.51
CA PHE B 1087 -13.36 12.39 -26.39
C PHE B 1087 -12.11 12.76 -25.61
N LEU B 1088 -11.06 13.18 -26.30
CA LEU B 1088 -9.81 13.54 -25.63
C LEU B 1088 -9.99 14.76 -24.74
N ILE B 1089 -10.60 15.82 -25.28
CA ILE B 1089 -10.84 17.01 -24.46
C ILE B 1089 -11.90 16.74 -23.40
N MET B 1090 -12.72 15.72 -23.60
CA MET B 1090 -13.73 15.31 -22.63
C MET B 1090 -13.11 14.61 -21.43
N THR B 1091 -12.14 13.73 -21.68
CA THR B 1091 -11.54 12.95 -20.60
C THR B 1091 -10.35 13.65 -19.95
N PHE B 1092 -9.68 14.55 -20.67
CA PHE B 1092 -8.56 15.27 -20.08
C PHE B 1092 -9.04 16.32 -19.08
N GLY B 1093 -10.10 17.05 -19.43
CA GLY B 1093 -10.68 18.01 -18.52
C GLY B 1093 -11.82 17.42 -17.72
N TYR B 1094 -11.53 16.99 -16.49
CA TYR B 1094 -12.51 16.35 -15.64
C TYR B 1094 -13.04 17.25 -14.52
N SER B 1095 -12.24 18.20 -14.04
CA SER B 1095 -12.71 19.10 -12.99
C SER B 1095 -13.74 20.09 -13.52
N ALA B 1096 -13.72 20.38 -14.81
CA ALA B 1096 -14.69 21.32 -15.38
C ALA B 1096 -16.10 20.77 -15.35
N PHE B 1097 -16.26 19.45 -15.38
CA PHE B 1097 -17.57 18.81 -15.34
C PHE B 1097 -17.98 18.40 -13.93
N GLY B 1098 -17.18 18.74 -12.93
CA GLY B 1098 -17.51 18.40 -11.55
C GLY B 1098 -17.79 19.60 -10.69
N GLU B 1099 -17.34 19.55 -9.44
CA GLU B 1099 -17.53 20.64 -8.47
C GLU B 1099 -19.01 20.99 -8.30
N LYS B 1110 -13.90 21.73 -2.25
CA LYS B 1110 -13.54 20.33 -2.42
C LYS B 1110 -13.30 19.98 -3.88
N ALA B 1111 -14.31 19.37 -4.52
CA ALA B 1111 -14.27 18.99 -5.93
C ALA B 1111 -13.15 17.99 -6.23
N SER B 1112 -12.56 17.38 -5.20
CA SER B 1112 -11.50 16.41 -5.43
C SER B 1112 -12.06 15.08 -5.94
N ARG B 1113 -13.23 14.69 -5.45
CA ARG B 1113 -13.84 13.43 -5.87
C ARG B 1113 -14.33 13.55 -7.31
N ILE B 1114 -14.09 12.51 -8.10
CA ILE B 1114 -14.64 12.41 -9.44
C ILE B 1114 -16.08 11.88 -9.32
N PRO B 1115 -17.07 12.62 -9.83
CA PRO B 1115 -18.46 12.19 -9.67
C PRO B 1115 -18.82 11.04 -10.61
N VAL B 1116 -19.87 10.33 -10.23
CA VAL B 1116 -20.39 9.23 -11.05
C VAL B 1116 -21.00 9.75 -12.35
N THR B 1117 -21.44 11.02 -12.36
CA THR B 1117 -21.98 11.57 -13.59
C THR B 1117 -20.93 11.59 -14.69
N LEU B 1118 -19.67 11.89 -14.34
CA LEU B 1118 -18.60 11.90 -15.34
C LEU B 1118 -18.54 10.57 -16.07
N VAL B 1119 -18.46 9.46 -15.31
CA VAL B 1119 -18.35 8.16 -15.96
C VAL B 1119 -19.65 7.81 -16.69
N VAL B 1120 -20.80 8.26 -16.20
CA VAL B 1120 -22.04 7.86 -16.89
C VAL B 1120 -22.13 8.54 -18.26
N MET B 1121 -21.79 9.83 -18.32
CA MET B 1121 -21.78 10.52 -19.60
C MET B 1121 -20.69 9.95 -20.49
N LEU B 1122 -19.57 9.58 -19.89
CA LEU B 1122 -18.45 9.01 -20.67
C LEU B 1122 -18.89 7.71 -21.34
N VAL B 1123 -19.59 6.85 -20.60
CA VAL B 1123 -20.14 5.63 -21.18
C VAL B 1123 -21.16 5.98 -22.27
N GLY B 1124 -21.96 7.02 -22.03
CA GLY B 1124 -22.89 7.47 -23.06
C GLY B 1124 -22.19 7.91 -24.33
N MET B 1125 -21.07 8.63 -24.20
CA MET B 1125 -20.30 9.04 -25.36
C MET B 1125 -19.74 7.83 -26.11
N THR B 1126 -19.22 6.85 -25.37
CA THR B 1126 -18.72 5.63 -26.03
C THR B 1126 -19.82 4.91 -26.77
N LEU B 1127 -21.01 4.81 -26.17
CA LEU B 1127 -22.15 4.20 -26.85
C LEU B 1127 -22.53 4.98 -28.09
N ALA B 1128 -22.45 6.31 -28.02
CA ALA B 1128 -22.72 7.13 -29.20
C ALA B 1128 -21.73 6.84 -30.31
N ILE B 1129 -20.45 6.68 -29.96
CA ILE B 1129 -19.44 6.34 -30.98
C ILE B 1129 -19.78 5.00 -31.63
N ILE B 1130 -20.14 4.01 -30.81
CA ILE B 1130 -20.47 2.69 -31.35
C ILE B 1130 -21.69 2.77 -32.25
N ILE B 1131 -22.71 3.53 -31.84
CA ILE B 1131 -23.93 3.66 -32.63
C ILE B 1131 -23.62 4.35 -33.96
N ASP B 1132 -22.78 5.38 -33.94
CA ASP B 1132 -22.41 6.06 -35.18
C ASP B 1132 -21.67 5.12 -36.12
N ARG B 1133 -20.75 4.32 -35.57
CA ARG B 1133 -20.05 3.34 -36.41
C ARG B 1133 -21.02 2.34 -37.03
N ALA B 1134 -21.96 1.84 -36.23
CA ALA B 1134 -22.93 0.89 -36.75
C ALA B 1134 -23.80 1.50 -37.85
N LEU B 1135 -24.27 2.73 -37.63
CA LEU B 1135 -25.09 3.39 -38.63
C LEU B 1135 -24.33 3.64 -39.92
N TYR B 1136 -23.07 4.05 -39.81
CA TYR B 1136 -22.26 4.24 -41.01
C TYR B 1136 -22.05 2.93 -41.75
N LEU B 1137 -21.79 1.84 -41.01
CA LEU B 1137 -21.52 0.56 -41.64
C LEU B 1137 -22.76 0.01 -42.32
N ARG B 1138 -23.93 0.18 -41.71
CA ARG B 1138 -25.16 -0.35 -42.27
C ARG B 1138 -25.79 0.54 -43.34
N LYS B 1139 -25.30 1.78 -43.50
CA LYS B 1139 -25.79 2.71 -44.51
C LYS B 1139 -27.29 2.99 -44.31
N SER B 1140 -27.61 3.59 -43.17
CA SER B 1140 -28.98 3.93 -42.81
C SER B 1140 -29.08 5.45 -42.70
N VAL B 1141 -29.64 6.09 -43.74
CA VAL B 1141 -29.78 7.54 -43.72
C VAL B 1141 -30.84 7.99 -42.71
N VAL B 1142 -31.98 7.30 -42.68
CA VAL B 1142 -33.05 7.68 -41.76
C VAL B 1142 -32.59 7.51 -40.32
N GLY B 1143 -31.90 6.41 -40.02
CA GLY B 1143 -31.39 6.20 -38.67
C GLY B 1143 -30.40 7.27 -38.27
N LYS B 1144 -29.52 7.67 -39.19
CA LYS B 1144 -28.55 8.72 -38.88
C LYS B 1144 -29.25 10.06 -38.66
N LEU B 1145 -30.28 10.36 -39.46
CA LEU B 1145 -31.01 11.61 -39.26
C LEU B 1145 -31.69 11.64 -37.90
N ILE B 1146 -32.34 10.54 -37.52
CA ILE B 1146 -32.99 10.47 -36.21
C ILE B 1146 -31.96 10.60 -35.10
N TYR B 1147 -30.83 9.90 -35.24
CA TYR B 1147 -29.78 9.97 -34.23
C TYR B 1147 -29.24 11.38 -34.09
N GLN B 1148 -29.02 12.08 -35.22
CA GLN B 1148 -28.54 13.45 -35.16
C GLN B 1148 -29.55 14.36 -34.47
N VAL B 1149 -30.83 14.22 -34.79
CA VAL B 1149 -31.85 15.09 -34.20
C VAL B 1149 -31.90 14.89 -32.69
N LEU B 1150 -31.99 13.63 -32.25
CA LEU B 1150 -32.05 13.36 -30.82
C LEU B 1150 -30.78 13.81 -30.12
N MET B 1151 -29.61 13.56 -30.73
CA MET B 1151 -28.34 13.94 -30.10
C MET B 1151 -28.22 15.45 -29.96
N ILE B 1152 -28.61 16.20 -31.00
CA ILE B 1152 -28.47 17.65 -30.91
C ILE B 1152 -29.45 18.23 -29.89
N ALA B 1153 -30.68 17.72 -29.86
CA ALA B 1153 -31.63 18.20 -28.86
C ALA B 1153 -31.13 17.90 -27.45
N PHE B 1154 -30.66 16.67 -27.23
CA PHE B 1154 -30.15 16.28 -25.92
C PHE B 1154 -28.97 17.13 -25.52
N LEU B 1155 -28.05 17.39 -26.44
CA LEU B 1155 -26.85 18.16 -26.10
C LEU B 1155 -27.21 19.61 -25.76
N HIS B 1156 -28.07 20.23 -26.56
CA HIS B 1156 -28.48 21.59 -26.25
C HIS B 1156 -29.13 21.66 -24.87
N ILE B 1157 -30.12 20.79 -24.62
CA ILE B 1157 -30.80 20.82 -23.33
C ILE B 1157 -29.81 20.59 -22.20
N TRP B 1158 -28.99 19.55 -22.33
CA TRP B 1158 -28.02 19.21 -21.29
C TRP B 1158 -27.11 20.39 -20.99
N VAL B 1159 -26.36 20.84 -21.99
CA VAL B 1159 -25.32 21.85 -21.76
C VAL B 1159 -25.93 23.15 -21.23
N PHE B 1160 -27.04 23.59 -21.82
CA PHE B 1160 -27.55 24.91 -21.47
C PHE B 1160 -28.58 24.90 -20.34
N LEU B 1161 -28.95 23.73 -19.81
CA LEU B 1161 -29.89 23.69 -18.70
C LEU B 1161 -29.33 23.02 -17.46
N VAL B 1162 -28.74 21.83 -17.57
CA VAL B 1162 -28.53 20.99 -16.41
C VAL B 1162 -27.05 20.88 -16.02
N LEU B 1163 -26.13 21.09 -16.95
CA LEU B 1163 -24.71 21.10 -16.58
C LEU B 1163 -24.39 22.17 -15.54
N PRO B 1164 -24.84 23.43 -15.68
CA PRO B 1164 -24.63 24.39 -14.59
C PRO B 1164 -25.28 23.97 -13.29
N ASN B 1165 -26.36 23.18 -13.34
CA ASN B 1165 -26.99 22.72 -12.11
C ASN B 1165 -26.05 21.83 -11.31
N MET B 1166 -25.37 20.90 -11.99
CA MET B 1166 -24.41 20.05 -11.29
C MET B 1166 -23.14 20.81 -10.92
N THR B 1167 -22.60 21.58 -11.86
CA THR B 1167 -21.28 22.17 -11.62
C THR B 1167 -21.31 23.44 -10.79
N ARG B 1168 -22.50 24.01 -10.55
CA ARG B 1168 -22.64 25.24 -9.76
C ARG B 1168 -21.81 26.38 -10.33
N ARG B 1169 -21.66 26.39 -11.66
CA ARG B 1169 -20.90 27.43 -12.34
C ARG B 1169 -21.70 27.96 -13.52
N SER B 1170 -21.45 29.23 -13.84
CA SER B 1170 -22.15 29.85 -14.96
C SER B 1170 -21.69 29.23 -16.28
N ALA B 1171 -22.62 29.16 -17.24
CA ALA B 1171 -22.29 28.58 -18.54
C ALA B 1171 -21.26 29.41 -19.29
N ILE B 1172 -21.16 30.70 -18.98
CA ILE B 1172 -20.18 31.56 -19.65
C ILE B 1172 -18.77 31.20 -19.19
N SER B 1173 -18.60 30.90 -17.90
CA SER B 1173 -17.29 30.62 -17.32
C SER B 1173 -16.92 29.14 -17.37
N ASN B 1174 -17.45 28.40 -18.34
CA ASN B 1174 -17.20 26.96 -18.43
C ASN B 1174 -16.52 26.65 -19.77
N HIS B 1175 -15.46 27.41 -20.08
CA HIS B 1175 -14.77 27.39 -21.37
C HIS B 1175 -14.54 26.00 -21.94
N VAL B 1176 -14.27 25.01 -21.08
CA VAL B 1176 -14.08 23.64 -21.55
C VAL B 1176 -15.35 23.14 -22.22
N ALA B 1177 -16.50 23.34 -21.57
CA ALA B 1177 -17.76 22.93 -22.17
C ALA B 1177 -18.05 23.74 -23.43
N GLN B 1178 -17.61 25.00 -23.48
CA GLN B 1178 -17.79 25.81 -24.68
C GLN B 1178 -17.04 25.21 -25.86
N ALA B 1179 -15.77 24.85 -25.65
CA ALA B 1179 -14.99 24.22 -26.72
C ALA B 1179 -15.59 22.88 -27.12
N LEU B 1180 -16.06 22.11 -26.12
CA LEU B 1180 -16.73 20.85 -26.41
C LEU B 1180 -17.94 21.06 -27.31
N TYR B 1181 -18.77 22.06 -26.99
CA TYR B 1181 -19.96 22.34 -27.79
C TYR B 1181 -19.59 22.79 -29.19
N VAL B 1182 -18.55 23.63 -29.32
CA VAL B 1182 -18.14 24.09 -30.65
C VAL B 1182 -17.68 22.91 -31.51
N ILE B 1183 -16.85 22.05 -30.94
CA ILE B 1183 -16.36 20.89 -31.69
C ILE B 1183 -17.50 19.97 -32.10
N LYS B 1184 -18.43 19.71 -31.17
CA LYS B 1184 -19.52 18.81 -31.49
C LYS B 1184 -20.46 19.44 -32.51
N SER B 1185 -20.59 20.77 -32.50
CA SER B 1185 -21.39 21.45 -33.51
C SER B 1185 -20.76 21.34 -34.88
N CYS B 1186 -19.43 21.44 -34.95
CA CYS B 1186 -18.75 21.19 -36.22
C CYS B 1186 -18.99 19.77 -36.70
N TYR B 1187 -18.95 18.81 -35.78
CA TYR B 1187 -19.27 17.42 -36.13
C TYR B 1187 -20.70 17.31 -36.65
N PHE B 1188 -21.63 18.01 -36.02
CA PHE B 1188 -23.02 18.00 -36.48
C PHE B 1188 -23.14 18.57 -37.89
N LEU B 1189 -22.40 19.64 -38.18
CA LEU B 1189 -22.40 20.20 -39.53
C LEU B 1189 -21.90 19.17 -40.54
N VAL B 1190 -20.80 18.50 -40.23
CA VAL B 1190 -20.26 17.51 -41.15
C VAL B 1190 -21.23 16.36 -41.37
N SER B 1191 -21.84 15.86 -40.28
CA SER B 1191 -22.79 14.76 -40.39
C SER B 1191 -24.02 15.17 -41.19
N ALA B 1192 -24.50 16.40 -40.99
CA ALA B 1192 -25.64 16.88 -41.76
C ALA B 1192 -25.30 16.99 -43.24
N TRP B 1193 -24.08 17.44 -43.55
CA TRP B 1193 -23.65 17.45 -44.94
C TRP B 1193 -23.67 16.04 -45.53
N GLN B 1194 -23.14 15.07 -44.78
CA GLN B 1194 -23.13 13.69 -45.26
C GLN B 1194 -24.54 13.17 -45.50
N ILE B 1195 -25.46 13.46 -44.57
CA ILE B 1195 -26.85 13.01 -44.74
C ILE B 1195 -27.47 13.68 -45.95
N ARG B 1196 -27.22 14.99 -46.12
CA ARG B 1196 -27.81 15.72 -47.24
C ARG B 1196 -27.34 15.18 -48.58
N ASN B 1197 -26.06 14.87 -48.70
CA ASN B 1197 -25.52 14.39 -49.97
C ASN B 1197 -25.55 12.87 -50.11
N GLY B 1198 -26.12 12.16 -49.14
CA GLY B 1198 -26.27 10.72 -49.25
C GLY B 1198 -24.99 9.97 -48.90
N TYR B 1199 -25.08 8.65 -49.01
CA TYR B 1199 -23.99 7.74 -48.68
C TYR B 1199 -23.33 7.19 -49.94
N PRO B 1200 -22.01 7.04 -49.93
CA PRO B 1200 -21.34 6.36 -51.03
C PRO B 1200 -21.75 4.90 -51.08
N GLU B 1201 -21.84 4.37 -52.30
CA GLU B 1201 -22.21 2.98 -52.50
C GLU B 1201 -21.08 2.01 -52.17
N LEU B 1202 -19.83 2.41 -52.36
CA LEU B 1202 -18.67 1.55 -52.14
C LEU B 1202 -17.86 2.09 -50.98
N CYS B 1203 -17.66 1.26 -49.96
CA CYS B 1203 -16.78 1.60 -48.85
C CYS B 1203 -15.38 1.04 -49.12
N ILE B 1204 -14.52 1.07 -48.10
CA ILE B 1204 -13.17 0.55 -48.18
C ILE B 1204 -12.96 -0.43 -47.03
N GLY B 1205 -11.78 -1.03 -46.99
CA GLY B 1205 -11.41 -1.89 -45.88
C GLY B 1205 -11.01 -1.11 -44.65
N ASN B 1206 -10.11 -0.15 -44.84
CA ASN B 1206 -9.63 0.71 -43.76
C ASN B 1206 -8.80 1.83 -44.40
N LEU B 1207 -8.87 3.02 -43.81
CA LEU B 1207 -8.04 4.13 -44.27
C LEU B 1207 -6.72 4.15 -43.52
N LEU B 1208 -6.04 3.00 -43.57
CA LEU B 1208 -4.69 2.86 -43.06
C LEU B 1208 -3.83 1.97 -43.96
N THR B 1209 -4.36 1.50 -45.08
CA THR B 1209 -3.65 0.57 -45.94
C THR B 1209 -3.73 0.95 -47.42
N HIS B 1210 -4.34 2.10 -47.74
CA HIS B 1210 -4.41 2.53 -49.14
C HIS B 1210 -3.03 2.79 -49.71
N SER B 1211 -2.16 3.42 -48.92
CA SER B 1211 -0.78 3.69 -49.32
C SER B 1211 0.17 2.94 -48.40
N TYR B 1212 1.34 2.62 -48.91
CA TYR B 1212 2.35 1.85 -48.17
C TYR B 1212 3.58 2.75 -47.99
N GLY B 1213 3.57 3.52 -46.90
CA GLY B 1213 4.67 4.41 -46.59
C GLY B 1213 4.93 4.44 -45.10
N MET B 1214 5.89 5.28 -44.71
CA MET B 1214 6.26 5.38 -43.29
C MET B 1214 5.11 5.87 -42.45
N THR B 1215 4.35 6.85 -42.95
CA THR B 1215 3.21 7.37 -42.19
C THR B 1215 2.17 6.29 -41.95
N ASN B 1216 1.87 5.49 -42.98
CA ASN B 1216 0.92 4.40 -42.81
C ASN B 1216 1.44 3.34 -41.84
N MET B 1217 2.73 3.01 -41.92
CA MET B 1217 3.32 2.07 -40.97
C MET B 1217 3.16 2.57 -39.54
N ILE B 1218 3.50 3.83 -39.29
CA ILE B 1218 3.44 4.37 -37.94
C ILE B 1218 1.99 4.41 -37.44
N ALA B 1219 1.06 4.85 -38.30
CA ALA B 1219 -0.33 4.94 -37.89
C ALA B 1219 -0.89 3.55 -37.59
N PHE B 1220 -0.59 2.56 -38.43
CA PHE B 1220 -1.09 1.22 -38.19
C PHE B 1220 -0.47 0.63 -36.92
N LYS B 1221 0.82 0.87 -36.70
CA LYS B 1221 1.48 0.34 -35.50
C LYS B 1221 0.88 0.95 -34.24
N VAL B 1222 0.65 2.26 -34.22
CA VAL B 1222 0.07 2.88 -33.04
C VAL B 1222 -1.39 2.48 -32.87
N PHE B 1223 -2.11 2.22 -33.96
CA PHE B 1223 -3.49 1.74 -33.84
C PHE B 1223 -3.54 0.33 -33.26
N MET B 1224 -2.63 -0.54 -33.66
CA MET B 1224 -2.65 -1.91 -33.14
C MET B 1224 -2.09 -1.99 -31.73
N ASN B 1225 -1.10 -1.16 -31.40
CA ASN B 1225 -0.42 -1.28 -30.10
C ASN B 1225 -1.35 -0.93 -28.94
N ILE B 1226 -2.18 0.10 -29.11
CA ILE B 1226 -3.08 0.51 -28.03
C ILE B 1226 -4.10 -0.60 -27.77
N PRO B 1227 -4.26 -1.05 -26.53
CA PRO B 1227 -5.17 -2.17 -26.27
C PRO B 1227 -6.63 -1.75 -26.30
N PHE B 1228 -7.50 -2.75 -26.47
CA PHE B 1228 -8.95 -2.59 -26.46
C PHE B 1228 -9.43 -1.64 -27.55
N LEU B 1229 -8.69 -1.57 -28.66
CA LEU B 1229 -9.11 -0.78 -29.82
C LEU B 1229 -9.28 -1.64 -31.05
N PHE B 1230 -8.31 -2.50 -31.37
CA PHE B 1230 -8.46 -3.41 -32.49
C PHE B 1230 -9.59 -4.40 -32.25
N GLU B 1231 -9.71 -4.90 -31.02
CA GLU B 1231 -10.75 -5.87 -30.71
C GLU B 1231 -12.14 -5.28 -30.88
N LEU B 1232 -12.35 -4.06 -30.39
CA LEU B 1232 -13.68 -3.45 -30.46
C LEU B 1232 -14.10 -3.21 -31.91
N ARG B 1233 -13.19 -2.65 -32.71
CA ARG B 1233 -13.49 -2.41 -34.11
C ARG B 1233 -13.73 -3.71 -34.86
N THR B 1234 -12.90 -4.72 -34.60
CA THR B 1234 -13.01 -6.00 -35.29
C THR B 1234 -14.25 -6.78 -34.84
N ALA B 1235 -14.82 -6.44 -33.68
CA ALA B 1235 -16.08 -7.03 -33.27
C ALA B 1235 -17.26 -6.30 -33.89
N ILE B 1236 -17.21 -4.96 -33.88
CA ILE B 1236 -18.26 -4.17 -34.53
C ILE B 1236 -18.39 -4.55 -36.00
N ASP B 1237 -17.25 -4.73 -36.67
CA ASP B 1237 -17.25 -5.47 -37.92
C ASP B 1237 -17.59 -6.93 -37.62
N TRP B 1238 -18.50 -7.49 -38.39
CA TRP B 1238 -19.18 -8.76 -38.23
C TRP B 1238 -20.27 -8.68 -37.14
N THR B 1239 -20.32 -7.61 -36.35
CA THR B 1239 -21.53 -7.39 -35.56
C THR B 1239 -22.58 -6.62 -36.33
N TRP B 1240 -22.17 -5.68 -37.19
CA TRP B 1240 -23.11 -4.90 -37.98
C TRP B 1240 -22.82 -4.99 -39.47
N THR B 1241 -22.29 -6.10 -39.96
CA THR B 1241 -22.12 -6.34 -41.38
C THR B 1241 -22.37 -7.82 -41.67
N ASP B 1242 -22.68 -8.11 -42.93
CA ASP B 1242 -23.03 -9.46 -43.35
C ASP B 1242 -21.82 -10.15 -43.96
N THR B 1243 -21.41 -11.26 -43.35
CA THR B 1243 -20.33 -12.09 -43.88
C THR B 1243 -20.76 -13.55 -43.92
N SER B 1244 -19.82 -14.44 -44.25
CA SER B 1244 -20.10 -15.87 -44.28
C SER B 1244 -19.14 -16.65 -43.38
N MET B 1245 -18.53 -15.99 -42.39
CA MET B 1245 -17.58 -16.64 -41.51
C MET B 1245 -17.92 -16.32 -40.06
N PRO B 1246 -17.57 -17.22 -39.13
CA PRO B 1246 -17.81 -16.94 -37.70
C PRO B 1246 -16.94 -15.82 -37.16
N LEU B 1247 -17.08 -15.54 -35.86
CA LEU B 1247 -16.36 -14.43 -35.26
C LEU B 1247 -14.86 -14.69 -35.21
N PHE B 1248 -14.46 -15.89 -34.77
CA PHE B 1248 -13.04 -16.19 -34.63
C PHE B 1248 -12.36 -16.27 -35.99
N ASP B 1249 -13.07 -16.75 -37.01
CA ASP B 1249 -12.51 -16.74 -38.37
C ASP B 1249 -12.30 -15.31 -38.85
N PHE B 1250 -13.22 -14.40 -38.52
CA PHE B 1250 -13.04 -13.00 -38.87
C PHE B 1250 -11.82 -12.41 -38.16
N PHE B 1251 -11.65 -12.76 -36.88
CA PHE B 1251 -10.45 -12.33 -36.16
C PHE B 1251 -9.18 -12.83 -36.83
N ASN B 1252 -9.17 -14.11 -37.22
CA ASN B 1252 -7.99 -14.68 -37.87
C ASN B 1252 -7.71 -14.00 -39.21
N MET B 1253 -8.75 -13.72 -39.99
CA MET B 1253 -8.56 -13.04 -41.26
C MET B 1253 -8.01 -11.63 -41.05
N GLU B 1254 -8.53 -10.92 -40.04
CA GLU B 1254 -8.01 -9.58 -39.76
C GLU B 1254 -6.55 -9.63 -39.34
N ASN B 1255 -6.17 -10.61 -38.51
CA ASN B 1255 -4.78 -10.75 -38.12
C ASN B 1255 -3.88 -11.06 -39.32
N PHE B 1256 -4.35 -11.95 -40.21
CA PHE B 1256 -3.57 -12.26 -41.41
C PHE B 1256 -3.38 -11.02 -42.28
N TYR B 1257 -4.44 -10.24 -42.48
CA TYR B 1257 -4.32 -9.03 -43.28
C TYR B 1257 -3.38 -8.03 -42.63
N ALA B 1258 -3.44 -7.90 -41.30
CA ALA B 1258 -2.52 -7.01 -40.60
C ALA B 1258 -1.08 -7.42 -40.85
N HIS B 1259 -0.79 -8.72 -40.69
CA HIS B 1259 0.58 -9.19 -40.88
C HIS B 1259 1.04 -8.96 -42.32
N ILE B 1260 0.20 -9.29 -43.29
CA ILE B 1260 0.58 -9.14 -44.70
C ILE B 1260 0.82 -7.69 -45.05
N PHE B 1261 -0.05 -6.79 -44.59
CA PHE B 1261 0.13 -5.37 -44.86
C PHE B 1261 1.40 -4.84 -44.21
N ASN B 1262 1.70 -5.29 -42.98
CA ASN B 1262 2.93 -4.85 -42.34
C ASN B 1262 4.15 -5.30 -43.12
N ILE B 1263 4.16 -6.55 -43.57
CA ILE B 1263 5.30 -7.05 -44.36
C ILE B 1263 5.43 -6.27 -45.67
N LYS B 1264 4.31 -6.03 -46.35
CA LYS B 1264 4.36 -5.29 -47.61
C LYS B 1264 4.87 -3.87 -47.40
N CYS B 1265 4.41 -3.19 -46.35
CA CYS B 1265 4.85 -1.82 -46.12
C CYS B 1265 6.32 -1.77 -45.74
N ALA B 1266 6.79 -2.75 -44.96
CA ALA B 1266 8.22 -2.82 -44.66
C ALA B 1266 9.04 -3.04 -45.92
N ARG B 1267 8.56 -3.92 -46.81
CA ARG B 1267 9.26 -4.15 -48.07
C ARG B 1267 9.31 -2.88 -48.92
N GLN B 1268 8.19 -2.15 -48.97
CA GLN B 1268 8.16 -0.90 -49.73
C GLN B 1268 9.12 0.13 -49.15
N PHE B 1269 9.17 0.23 -47.82
CA PHE B 1269 10.10 1.17 -47.20
C PHE B 1269 11.55 0.77 -47.50
N GLU B 1270 11.85 -0.53 -47.44
CA GLU B 1270 13.21 -0.97 -47.75
C GLU B 1270 13.57 -0.66 -49.20
N ALA B 1271 12.63 -0.87 -50.12
CA ALA B 1271 12.89 -0.58 -51.53
C ALA B 1271 13.05 0.92 -51.76
N ALA B 1272 12.34 1.74 -50.97
CA ALA B 1272 12.42 3.18 -51.14
C ALA B 1272 13.82 3.70 -50.84
N TYR B 1273 14.46 3.17 -49.79
CA TYR B 1273 15.81 3.58 -49.41
C TYR B 1273 16.78 2.46 -49.77
N PRO B 1274 17.51 2.57 -50.87
CA PRO B 1274 18.43 1.50 -51.26
C PRO B 1274 19.58 1.34 -50.28
N ALA B 1275 20.09 0.12 -50.20
CA ALA B 1275 21.22 -0.23 -49.36
C ALA B 1275 22.46 -0.46 -50.22
N PRO B 1276 23.65 -0.20 -49.68
CA PRO B 1276 24.87 -0.39 -50.47
C PRO B 1276 25.15 -1.86 -50.75
N ARG B 1277 25.95 -2.10 -51.79
CA ARG B 1277 26.28 -3.44 -52.24
C ARG B 1277 27.31 -4.06 -51.28
N GLY B 1278 26.81 -4.53 -50.14
CA GLY B 1278 27.66 -5.21 -49.18
C GLY B 1278 28.66 -4.33 -48.47
N ILE B 1279 28.57 -3.02 -48.65
CA ILE B 1279 29.49 -2.10 -47.97
C ILE B 1279 29.21 -2.13 -46.48
N PRO B 1280 30.24 -2.18 -45.63
CA PRO B 1280 30.00 -2.15 -44.17
C PRO B 1280 29.29 -0.87 -43.76
N LYS B 1281 28.46 -0.99 -42.72
CA LYS B 1281 27.66 0.13 -42.26
C LYS B 1281 28.55 1.28 -41.79
N GLY B 1282 28.10 2.51 -42.04
CA GLY B 1282 28.88 3.66 -41.65
C GLY B 1282 28.93 3.85 -40.15
N LYS B 1283 29.93 4.61 -39.71
CA LYS B 1283 30.13 4.81 -38.28
C LYS B 1283 29.07 5.70 -37.65
N LEU B 1284 28.57 6.71 -38.38
CA LEU B 1284 27.64 7.67 -37.79
C LEU B 1284 26.29 7.04 -37.51
N VAL B 1285 25.78 6.23 -38.44
CA VAL B 1285 24.49 5.57 -38.22
C VAL B 1285 24.62 4.56 -37.08
N LYS B 1286 25.74 3.85 -37.01
CA LYS B 1286 25.98 2.94 -35.90
C LYS B 1286 26.00 3.70 -34.58
N TYR B 1287 26.66 4.87 -34.56
CA TYR B 1287 26.76 5.64 -33.33
C TYR B 1287 25.40 6.08 -32.85
N MET B 1288 24.62 6.72 -33.73
CA MET B 1288 23.34 7.28 -33.32
C MET B 1288 22.20 6.26 -33.33
N MET B 1289 22.49 5.00 -33.64
CA MET B 1289 21.55 3.92 -33.35
C MET B 1289 21.98 3.04 -32.19
N GLY B 1290 23.24 3.12 -31.75
CA GLY B 1290 23.71 2.34 -30.63
C GLY B 1290 23.72 3.08 -29.32
N PHE B 1291 24.25 4.32 -29.30
CA PHE B 1291 24.24 5.09 -28.06
C PHE B 1291 22.83 5.29 -27.47
N PRO B 1292 21.80 5.64 -28.25
CA PRO B 1292 20.47 5.81 -27.63
C PRO B 1292 19.98 4.56 -26.92
N ILE B 1293 20.23 3.37 -27.47
CA ILE B 1293 19.73 2.14 -26.85
C ILE B 1293 20.41 1.92 -25.51
N ILE B 1294 21.74 2.05 -25.46
CA ILE B 1294 22.48 1.84 -24.22
C ILE B 1294 22.08 2.89 -23.18
N ILE B 1295 21.95 4.14 -23.60
CA ILE B 1295 21.58 5.20 -22.68
C ILE B 1295 20.20 4.96 -22.10
N GLY B 1296 19.25 4.57 -22.96
CA GLY B 1296 17.91 4.28 -22.48
C GLY B 1296 17.87 3.09 -21.53
N VAL B 1297 18.64 2.04 -21.83
CA VAL B 1297 18.66 0.88 -20.95
C VAL B 1297 19.25 1.24 -19.59
N VAL B 1298 20.35 1.99 -19.58
CA VAL B 1298 20.97 2.39 -18.32
C VAL B 1298 20.02 3.28 -17.52
N ILE B 1299 19.36 4.22 -18.19
CA ILE B 1299 18.43 5.10 -17.50
C ILE B 1299 17.27 4.30 -16.91
N PHE B 1300 16.73 3.34 -17.68
CA PHE B 1300 15.63 2.53 -17.16
C PHE B 1300 16.06 1.71 -15.96
N ILE B 1301 17.28 1.16 -16.00
CA ILE B 1301 17.75 0.35 -14.88
C ILE B 1301 17.95 1.21 -13.64
N PHE B 1302 18.57 2.38 -13.78
CA PHE B 1302 19.00 3.17 -12.64
C PHE B 1302 18.06 4.32 -12.28
N SER B 1303 16.88 4.40 -12.91
CA SER B 1303 15.94 5.46 -12.56
C SER B 1303 15.21 5.21 -11.23
N PRO B 1304 14.78 3.98 -10.91
CA PRO B 1304 14.08 3.81 -9.62
C PRO B 1304 14.94 4.17 -8.42
N LEU B 1305 16.24 3.88 -8.47
CA LEU B 1305 17.11 4.19 -7.34
C LEU B 1305 17.21 5.68 -7.11
N LEU B 1306 17.44 6.46 -8.18
CA LEU B 1306 17.52 7.91 -8.02
C LEU B 1306 16.17 8.50 -7.63
N LEU B 1307 15.09 7.94 -8.17
CA LEU B 1307 13.76 8.42 -7.79
C LEU B 1307 13.50 8.20 -6.31
N TRP B 1308 13.86 7.02 -5.79
CA TRP B 1308 13.69 6.75 -4.37
C TRP B 1308 14.59 7.64 -3.52
N SER B 1309 15.83 7.87 -3.98
CA SER B 1309 16.76 8.69 -3.22
C SER B 1309 16.28 10.13 -3.13
N LEU B 1310 15.77 10.69 -4.24
CA LEU B 1310 15.32 12.08 -4.21
C LEU B 1310 13.96 12.22 -3.52
N LEU B 1311 13.10 11.20 -3.64
CA LEU B 1311 11.78 11.26 -3.03
C LEU B 1311 11.88 11.35 -1.51
N ASN B 1312 12.75 10.55 -0.90
CA ASN B 1312 12.92 10.53 0.54
C ASN B 1312 13.99 11.52 0.96
N GLN B 1313 13.70 12.30 2.00
CA GLN B 1313 14.64 13.28 2.53
C GLN B 1313 14.55 13.27 4.05
N ILE B 1314 15.20 14.23 4.68
CA ILE B 1314 15.21 14.37 6.13
C ILE B 1314 14.59 15.71 6.49
N GLY B 1315 13.59 15.70 7.37
CA GLY B 1315 12.92 16.90 7.80
C GLY B 1315 13.60 17.57 8.98
N THR B 1316 12.86 18.48 9.61
CA THR B 1316 13.38 19.23 10.75
C THR B 1316 12.21 19.65 11.63
N ILE B 1317 12.33 19.38 12.92
CA ILE B 1317 11.30 19.72 13.91
C ILE B 1317 11.78 20.94 14.69
N SER B 1318 10.83 21.78 15.09
CA SER B 1318 11.14 23.02 15.75
C SER B 1318 11.66 22.81 17.16
N MET B 1319 12.36 23.82 17.67
CA MET B 1319 12.88 23.79 19.02
C MET B 1319 11.73 23.82 20.04
N PRO B 1320 11.80 22.99 21.09
CA PRO B 1320 10.70 22.98 22.06
C PRO B 1320 10.58 24.30 22.80
N GLU B 1321 9.34 24.64 23.14
CA GLU B 1321 9.01 25.97 23.64
C GLU B 1321 8.74 26.01 25.13
N LYS B 1322 7.87 25.14 25.65
CA LYS B 1322 7.42 25.26 27.04
C LYS B 1322 7.77 24.02 27.82
N VAL B 1323 8.33 24.22 29.02
CA VAL B 1323 8.82 23.13 29.86
C VAL B 1323 8.16 23.22 31.22
N THR B 1324 7.54 22.13 31.67
CA THR B 1324 6.85 22.09 32.95
C THR B 1324 7.44 21.01 33.85
N LEU B 1325 7.44 21.28 35.15
CA LEU B 1325 7.91 20.37 36.18
C LEU B 1325 6.84 20.23 37.25
N ARG B 1326 6.68 19.01 37.76
CA ARG B 1326 5.72 18.74 38.82
C ARG B 1326 6.30 17.76 39.81
N ILE B 1327 6.21 18.08 41.09
CA ILE B 1327 6.64 17.21 42.18
C ILE B 1327 5.44 16.96 43.08
N SER B 1328 5.13 15.69 43.33
CA SER B 1328 3.92 15.37 44.07
C SER B 1328 4.08 14.01 44.76
N ILE B 1329 3.06 13.68 45.54
CA ILE B 1329 2.87 12.33 46.08
C ILE B 1329 1.76 11.68 45.27
N GLU B 1330 1.98 10.43 44.87
CA GLU B 1330 1.06 9.77 43.95
C GLU B 1330 -0.35 9.73 44.53
N GLY B 1331 -1.34 10.07 43.69
CA GLY B 1331 -2.72 10.09 44.11
C GLY B 1331 -3.09 11.28 44.96
N TYR B 1332 -2.47 12.43 44.74
CA TYR B 1332 -2.70 13.61 45.56
C TYR B 1332 -2.37 14.83 44.74
N PRO B 1333 -2.89 16.01 45.12
CA PRO B 1333 -2.58 17.21 44.36
C PRO B 1333 -1.11 17.54 44.42
N PRO B 1334 -0.56 18.17 43.39
CA PRO B 1334 0.89 18.37 43.31
C PRO B 1334 1.42 19.20 44.47
N LEU B 1335 2.60 18.82 44.95
CA LEU B 1335 3.30 19.58 45.98
C LEU B 1335 3.97 20.83 45.41
N TYR B 1336 4.49 20.74 44.19
CA TYR B 1336 5.23 21.85 43.59
C TYR B 1336 5.06 21.77 42.08
N GLU B 1337 4.30 22.71 41.52
CA GLU B 1337 4.05 22.76 40.08
C GLU B 1337 4.66 24.04 39.53
N MET B 1338 5.40 23.92 38.43
CA MET B 1338 6.04 25.08 37.84
C MET B 1338 6.13 24.87 36.33
N GLU B 1339 6.19 25.99 35.60
CA GLU B 1339 6.32 25.92 34.15
C GLU B 1339 7.08 27.15 33.67
N ALA B 1340 7.70 27.00 32.49
CA ALA B 1340 8.57 28.04 31.95
C ALA B 1340 8.38 28.10 30.44
N GLN B 1341 8.12 29.31 29.93
CA GLN B 1341 8.06 29.61 28.51
C GLN B 1341 8.99 30.78 28.23
N GLY B 1342 9.70 30.72 27.11
CA GLY B 1342 10.72 31.71 26.82
C GLY B 1342 10.72 32.12 25.37
N SER B 1343 11.27 33.30 25.12
CA SER B 1343 11.47 33.84 23.78
C SER B 1343 12.79 33.40 23.16
N ASN B 1344 13.63 32.68 23.94
CA ASN B 1344 14.83 32.02 23.46
C ASN B 1344 15.98 32.99 23.14
N HIS B 1345 15.71 34.30 23.17
CA HIS B 1345 16.78 35.25 22.90
C HIS B 1345 16.86 36.33 23.98
N ASP B 1346 15.73 36.66 24.59
CA ASP B 1346 15.69 37.68 25.63
C ASP B 1346 15.31 37.15 27.00
N ASN B 1347 14.62 36.02 27.09
CA ASN B 1347 14.25 35.48 28.39
C ASN B 1347 15.44 34.77 29.04
N ALA B 1348 15.36 34.62 30.36
CA ALA B 1348 16.40 33.94 31.13
C ALA B 1348 15.97 32.59 31.66
N GLU B 1349 14.67 32.32 31.77
CA GLU B 1349 14.21 31.03 32.27
C GLU B 1349 14.43 29.91 31.27
N LEU B 1350 14.63 30.23 29.99
CA LEU B 1350 14.84 29.21 28.96
C LEU B 1350 15.58 29.86 27.81
N GLY B 1351 16.74 29.31 27.45
CA GLY B 1351 17.51 29.88 26.36
C GLY B 1351 18.65 28.98 25.94
N MET B 1352 19.12 29.21 24.71
CA MET B 1352 20.22 28.41 24.20
C MET B 1352 21.50 28.65 25.00
N ILE B 1353 22.33 27.61 25.10
CA ILE B 1353 23.54 27.68 25.90
C ILE B 1353 24.56 28.59 25.21
N LYS B 1354 25.19 29.47 26.00
CA LYS B 1354 26.22 30.32 25.47
C LYS B 1354 27.45 29.50 25.09
N PRO B 1355 28.20 29.93 24.07
CA PRO B 1355 29.38 29.15 23.66
C PRO B 1355 30.41 28.98 24.76
N ASP B 1356 30.57 29.96 25.66
CA ASP B 1356 31.54 29.84 26.73
C ASP B 1356 31.19 28.68 27.67
N GLN B 1357 29.91 28.56 28.03
CA GLN B 1357 29.50 27.46 28.91
C GLN B 1357 29.71 26.11 28.25
N LEU B 1358 29.39 26.00 26.96
CA LEU B 1358 29.59 24.75 26.25
C LEU B 1358 31.08 24.40 26.16
N ALA B 1359 31.93 25.40 25.90
CA ALA B 1359 33.36 25.15 25.84
C ALA B 1359 33.90 24.69 27.20
N SER B 1360 33.45 25.34 28.28
CA SER B 1360 33.89 24.94 29.61
C SER B 1360 33.43 23.52 29.93
N LEU B 1361 32.19 23.18 29.58
CA LEU B 1361 31.70 21.83 29.81
C LEU B 1361 32.50 20.81 29.00
N ASN B 1362 32.82 21.14 27.75
CA ASN B 1362 33.61 20.24 26.93
C ASN B 1362 35.01 20.03 27.51
N GLN B 1363 35.64 21.10 27.99
CA GLN B 1363 36.96 20.96 28.60
C GLN B 1363 36.90 20.12 29.86
N ALA B 1364 35.89 20.36 30.71
CA ALA B 1364 35.75 19.58 31.94
C ALA B 1364 35.49 18.11 31.64
N LEU B 1365 34.70 17.82 30.61
CA LEU B 1365 34.43 16.43 30.25
C LEU B 1365 35.66 15.75 29.66
N THR B 1366 36.42 16.47 28.83
CA THR B 1366 37.59 15.88 28.20
C THR B 1366 38.77 15.75 29.17
N ASP B 1367 38.79 16.51 30.26
CA ASP B 1367 39.79 16.34 31.30
C ASP B 1367 39.07 15.80 32.53
N SER B 1368 38.85 14.48 32.55
CA SER B 1368 38.20 13.83 33.68
C SER B 1368 38.78 12.45 33.97
N TYR B 1369 39.91 12.08 33.38
CA TYR B 1369 40.42 10.73 33.43
C TYR B 1369 41.76 10.67 34.16
N THR B 1370 42.11 9.47 34.59
CA THR B 1370 43.42 9.17 35.17
C THR B 1370 44.30 8.48 34.14
N THR B 1371 45.61 8.58 34.34
CA THR B 1371 46.59 8.06 33.40
C THR B 1371 46.97 6.61 33.68
N ARG B 1372 46.19 5.90 34.50
CA ARG B 1372 46.50 4.52 34.86
C ARG B 1372 45.52 3.54 34.24
N ASP B 1373 44.23 3.70 34.48
CA ASP B 1373 43.23 2.74 34.02
C ASP B 1373 42.90 2.98 32.55
N THR B 1374 42.76 1.89 31.80
CA THR B 1374 42.49 1.99 30.37
C THR B 1374 41.03 2.36 30.09
N ASN B 1375 40.09 1.82 30.88
CA ASN B 1375 38.68 2.05 30.60
C ASN B 1375 38.25 3.50 30.82
N SER B 1376 38.95 4.24 31.66
CA SER B 1376 38.65 5.66 31.82
C SER B 1376 38.82 6.41 30.50
N ILE B 1377 39.82 6.02 29.71
CA ILE B 1377 39.98 6.58 28.37
C ILE B 1377 38.72 6.34 27.55
N LEU B 1378 38.19 5.11 27.59
CA LEU B 1378 37.01 4.79 26.80
C LEU B 1378 35.80 5.59 27.25
N ARG B 1379 35.60 5.70 28.58
CA ARG B 1379 34.46 6.48 29.07
C ARG B 1379 34.58 7.95 28.67
N SER B 1380 35.77 8.53 28.83
CA SER B 1380 35.95 9.94 28.46
C SER B 1380 35.73 10.15 26.96
N ARG B 1381 36.27 9.25 26.14
CA ARG B 1381 36.10 9.36 24.69
C ARG B 1381 34.63 9.25 24.31
N MET B 1382 33.91 8.30 24.91
CA MET B 1382 32.49 8.14 24.61
C MET B 1382 31.70 9.37 25.02
N SER B 1383 31.99 9.93 26.19
CA SER B 1383 31.28 11.12 26.66
C SER B 1383 31.54 12.31 25.73
N VAL B 1384 32.80 12.51 25.35
CA VAL B 1384 33.12 13.63 24.46
C VAL B 1384 32.47 13.44 23.09
N SER B 1385 32.49 12.22 22.56
CA SER B 1385 31.88 11.95 21.27
C SER B 1385 30.37 12.20 21.32
N TYR B 1386 29.72 11.76 22.39
CA TYR B 1386 28.29 12.00 22.52
C TYR B 1386 27.97 13.48 22.63
N LEU B 1387 28.77 14.23 23.39
CA LEU B 1387 28.53 15.66 23.54
C LEU B 1387 28.75 16.40 22.24
N LYS B 1388 29.74 15.98 21.45
CA LYS B 1388 30.06 16.66 20.21
C LYS B 1388 28.99 16.50 19.14
N GLY B 1389 28.02 15.60 19.34
CA GLY B 1389 26.98 15.41 18.35
C GLY B 1389 26.00 16.57 18.25
N TYR B 1390 25.92 17.40 19.28
CA TYR B 1390 25.03 18.55 19.31
C TYR B 1390 25.84 19.83 19.38
N THR B 1391 25.52 20.78 18.49
CA THR B 1391 26.17 22.08 18.52
C THR B 1391 25.59 22.92 19.66
N TYR B 1392 26.11 24.14 19.80
CA TYR B 1392 25.63 25.03 20.85
C TYR B 1392 24.20 25.48 20.64
N GLU B 1393 23.69 25.42 19.40
CA GLU B 1393 22.29 25.77 19.15
C GLU B 1393 21.32 24.71 19.66
N ASP B 1394 21.59 23.43 19.41
CA ASP B 1394 20.67 22.36 19.74
C ASP B 1394 20.64 22.02 21.22
N ILE B 1395 21.36 22.76 22.06
CA ILE B 1395 21.37 22.55 23.49
C ILE B 1395 20.79 23.79 24.15
N LEU B 1396 19.84 23.60 25.06
CA LEU B 1396 19.24 24.73 25.76
C LEU B 1396 19.29 24.51 27.27
N ILE B 1397 19.03 25.59 27.99
CA ILE B 1397 19.07 25.63 29.45
C ILE B 1397 17.72 26.13 29.94
N VAL B 1398 17.14 25.42 30.90
CA VAL B 1398 15.87 25.78 31.53
C VAL B 1398 16.13 26.05 33.00
N ARG B 1399 15.63 27.19 33.49
CA ARG B 1399 15.80 27.59 34.87
C ARG B 1399 14.44 27.76 35.52
N PHE B 1400 14.02 26.73 36.27
CA PHE B 1400 12.78 26.80 37.03
C PHE B 1400 12.97 27.64 38.28
N ARG B 1401 12.00 28.49 38.56
CA ARG B 1401 12.03 29.26 39.80
C ARG B 1401 11.84 28.33 40.99
N PRO B 1402 12.66 28.48 42.04
CA PRO B 1402 12.50 27.59 43.21
C PRO B 1402 11.14 27.71 43.88
N GLU B 1403 10.54 28.89 43.88
CA GLU B 1403 9.26 29.11 44.52
C GLU B 1403 8.14 28.47 43.73
N SER B 1404 7.14 27.94 44.45
CA SER B 1404 6.00 27.32 43.80
C SER B 1404 5.14 28.37 43.10
N GLU B 1405 4.54 27.97 41.98
CA GLU B 1405 3.77 28.91 41.17
C GLU B 1405 2.43 29.24 41.83
N ILE B 1406 1.74 28.24 42.36
CA ILE B 1406 0.40 28.42 42.90
C ILE B 1406 0.37 27.98 44.36
N TYR B 1407 -0.55 28.56 45.12
CA TYR B 1407 -0.77 28.13 46.49
C TYR B 1407 -1.30 26.70 46.52
N TRP B 1408 -0.89 25.95 47.53
CA TRP B 1408 -1.23 24.53 47.66
C TRP B 1408 -2.73 24.32 47.81
N PRO B 1409 -3.41 23.81 46.80
CA PRO B 1409 -4.87 23.58 46.86
C PRO B 1409 -5.24 22.18 47.34
N ILE B 1410 -5.08 21.93 48.64
CA ILE B 1410 -5.39 20.62 49.19
C ILE B 1410 -6.41 20.78 50.31
N SER B 1411 -7.36 19.85 50.35
CA SER B 1411 -8.40 19.83 51.36
C SER B 1411 -7.85 19.33 52.69
N GLN B 1412 -8.49 19.76 53.77
CA GLN B 1412 -8.09 19.29 55.10
C GLN B 1412 -8.30 17.80 55.24
N ASP B 1413 -9.45 17.29 54.76
CA ASP B 1413 -9.70 15.85 54.82
C ASP B 1413 -8.72 15.08 53.95
N SER B 1414 -8.40 15.61 52.77
CA SER B 1414 -7.41 14.95 51.92
C SER B 1414 -6.04 14.94 52.57
N ARG B 1415 -5.66 16.03 53.25
CA ARG B 1415 -4.38 16.06 53.95
C ARG B 1415 -4.36 15.05 55.09
N ASN B 1416 -5.47 14.94 55.83
CA ASN B 1416 -5.54 13.93 56.88
C ASN B 1416 -5.43 12.52 56.31
N ALA B 1417 -6.07 12.28 55.16
CA ALA B 1417 -5.96 10.98 54.50
C ALA B 1417 -4.52 10.71 54.08
N MET B 1418 -3.83 11.72 53.57
CA MET B 1418 -2.42 11.57 53.22
C MET B 1418 -1.59 11.21 54.43
N ILE B 1419 -1.82 11.89 55.55
CA ILE B 1419 -1.08 11.61 56.78
C ILE B 1419 -1.34 10.19 57.25
N ASP B 1420 -2.60 9.76 57.19
CA ASP B 1420 -2.94 8.40 57.60
C ASP B 1420 -2.25 7.38 56.69
N LYS B 1421 -2.29 7.61 55.38
CA LYS B 1421 -1.64 6.71 54.44
C LYS B 1421 -0.14 6.65 54.65
N LEU B 1422 0.46 7.76 55.10
CA LEU B 1422 1.90 7.83 55.35
C LEU B 1422 2.29 7.26 56.71
N SER B 1423 1.33 6.82 57.52
CA SER B 1423 1.56 6.52 58.93
C SER B 1423 2.06 5.10 59.17
N ARG B 1424 1.28 4.09 58.80
CA ARG B 1424 1.49 2.75 59.36
C ARG B 1424 2.39 1.86 58.49
N ASN B 1425 1.91 1.49 57.31
CA ASN B 1425 2.69 0.57 56.49
C ASN B 1425 2.60 0.81 54.98
N THR B 1426 1.89 1.83 54.52
CA THR B 1426 1.67 1.98 53.09
C THR B 1426 2.88 2.64 52.43
N SER B 1427 3.34 2.03 51.34
CA SER B 1427 4.49 2.53 50.60
C SER B 1427 4.02 3.57 49.60
N VAL B 1428 4.29 4.85 49.89
CA VAL B 1428 3.96 5.94 49.00
C VAL B 1428 5.21 6.34 48.23
N ASN B 1429 5.03 6.72 46.96
CA ASN B 1429 6.14 7.03 46.08
C ASN B 1429 6.06 8.49 45.64
N PHE B 1430 7.16 9.21 45.82
CA PHE B 1430 7.25 10.56 45.30
C PHE B 1430 7.36 10.51 43.78
N GLU B 1431 6.54 11.33 43.10
CA GLU B 1431 6.45 11.32 41.65
C GLU B 1431 6.89 12.66 41.11
N VAL B 1432 7.82 12.65 40.16
CA VAL B 1432 8.35 13.85 39.55
C VAL B 1432 8.16 13.75 38.03
N SER B 1433 7.49 14.74 37.45
CA SER B 1433 7.17 14.74 36.04
C SER B 1433 7.82 15.94 35.35
N LEU B 1434 8.48 15.68 34.22
CA LEU B 1434 8.97 16.72 33.33
C LEU B 1434 8.23 16.63 32.00
N GLU B 1435 7.97 17.79 31.40
CA GLU B 1435 7.20 17.85 30.17
C GLU B 1435 7.77 18.93 29.26
N PHE B 1436 8.06 18.55 28.02
CA PHE B 1436 8.55 19.47 27.00
C PHE B 1436 7.52 19.51 25.86
N THR B 1437 7.12 20.72 25.46
CA THR B 1437 6.20 20.87 24.34
C THR B 1437 6.77 21.89 23.36
N ARG B 1438 6.64 21.58 22.06
CA ARG B 1438 7.14 22.31 20.92
C ARG B 1438 6.03 23.12 20.27
N PRO B 1439 6.37 24.16 19.50
CA PRO B 1439 5.34 24.91 18.78
C PRO B 1439 4.67 24.05 17.72
N TYR B 1440 3.43 24.39 17.41
CA TYR B 1440 2.65 23.67 16.43
C TYR B 1440 3.29 23.80 15.04
N ASP B 1441 3.27 22.69 14.30
CA ASP B 1441 3.81 22.65 12.95
C ASP B 1441 2.71 22.30 11.96
N PRO B 1442 2.48 23.10 10.92
CA PRO B 1442 1.40 22.80 9.99
C PRO B 1442 1.57 21.49 9.23
N ASN B 1443 2.79 20.96 9.12
CA ASN B 1443 3.00 19.73 8.36
C ASN B 1443 2.25 18.56 8.98
N GLU B 1444 2.32 18.41 10.30
CA GLU B 1444 1.60 17.36 11.02
C GLU B 1444 0.62 18.03 11.97
N ASN B 1445 -0.66 17.68 11.83
CA ASN B 1445 -1.73 18.34 12.59
C ASN B 1445 -1.74 17.84 14.03
N ALA B 1446 -0.64 18.16 14.72
CA ALA B 1446 -0.49 17.79 16.13
C ALA B 1446 0.64 18.64 16.72
N ALA B 1447 0.67 18.69 18.04
CA ALA B 1447 1.71 19.37 18.79
C ALA B 1447 2.53 18.32 19.52
N LEU B 1448 3.80 18.17 19.12
CA LEU B 1448 4.65 17.17 19.74
C LEU B 1448 4.87 17.48 21.21
N LYS B 1449 4.84 16.45 22.05
CA LYS B 1449 4.90 16.60 23.49
C LYS B 1449 5.59 15.38 24.09
N HIS B 1450 6.69 15.63 24.82
CA HIS B 1450 7.46 14.57 25.44
C HIS B 1450 7.37 14.71 26.96
N SER B 1451 6.91 13.66 27.63
CA SER B 1451 6.73 13.68 29.07
C SER B 1451 7.42 12.48 29.70
N LYS B 1452 7.98 12.68 30.89
CA LYS B 1452 8.63 11.62 31.63
C LYS B 1452 8.27 11.73 33.10
N SER B 1453 8.06 10.59 33.74
CA SER B 1453 7.71 10.52 35.15
C SER B 1453 8.66 9.57 35.86
N TRP B 1454 9.23 10.02 36.97
CA TRP B 1454 10.12 9.22 37.81
C TRP B 1454 9.48 9.02 39.17
N LEU B 1455 9.52 7.79 39.67
CA LEU B 1455 8.98 7.43 40.97
C LEU B 1455 10.11 7.05 41.89
N VAL B 1456 10.10 7.58 43.11
CA VAL B 1456 11.11 7.23 44.10
C VAL B 1456 10.42 6.78 45.38
N PRO B 1457 10.79 5.64 45.95
CA PRO B 1457 10.15 5.17 47.18
C PRO B 1457 10.52 6.04 48.37
N ILE B 1458 9.69 5.96 49.40
CA ILE B 1458 9.84 6.77 50.61
C ILE B 1458 10.49 6.00 51.75
N SER B 1459 10.92 4.76 51.51
CA SER B 1459 11.56 3.90 52.50
C SER B 1459 10.61 3.51 53.63
N LEU B 1460 10.99 2.49 54.40
CA LEU B 1460 10.15 1.94 55.46
C LEU B 1460 10.62 2.33 56.85
N ASP B 1461 11.51 3.31 56.97
CA ASP B 1461 11.98 3.72 58.28
C ASP B 1461 10.88 4.47 59.02
N MET B 1462 10.62 4.08 60.27
CA MET B 1462 9.57 4.72 61.05
C MET B 1462 9.92 6.17 61.38
N THR B 1463 11.18 6.45 61.74
CA THR B 1463 11.53 7.80 62.14
C THR B 1463 11.53 8.77 60.95
N ILE B 1464 11.80 8.26 59.74
CA ILE B 1464 11.72 9.12 58.57
C ILE B 1464 10.27 9.44 58.23
N ARG B 1465 9.39 8.43 58.31
CA ARG B 1465 7.97 8.67 58.03
C ARG B 1465 7.37 9.65 59.03
N ALA B 1466 7.76 9.56 60.30
CA ALA B 1466 7.26 10.49 61.29
C ALA B 1466 7.69 11.92 60.96
N LYS B 1467 8.96 12.10 60.56
CA LYS B 1467 9.44 13.43 60.21
C LYS B 1467 8.70 13.98 58.99
N ILE B 1468 8.50 13.15 57.97
CA ILE B 1468 7.80 13.60 56.77
C ILE B 1468 6.35 13.94 57.09
N GLN B 1469 5.70 13.14 57.94
CA GLN B 1469 4.33 13.44 58.35
C GLN B 1469 4.26 14.75 59.12
N SER B 1470 5.22 14.99 60.01
CA SER B 1470 5.25 16.25 60.74
C SER B 1470 5.47 17.43 59.81
N ALA B 1471 6.33 17.26 58.81
CA ALA B 1471 6.56 18.33 57.84
C ALA B 1471 5.30 18.61 57.02
N LEU B 1472 4.59 17.57 56.62
CA LEU B 1472 3.38 17.76 55.83
C LEU B 1472 2.25 18.36 56.66
N ARG B 1473 2.22 18.05 57.97
CA ARG B 1473 1.17 18.60 58.82
C ARG B 1473 1.27 20.12 58.91
N GLY B 1474 2.48 20.65 59.01
CA GLY B 1474 2.66 22.09 59.10
C GLY B 1474 3.65 22.51 60.17
N ASP B 1475 4.33 21.54 60.78
CA ASP B 1475 5.30 21.86 61.82
C ASP B 1475 6.51 22.56 61.19
N PRO B 1476 6.89 23.74 61.66
CA PRO B 1476 8.05 24.43 61.10
C PRO B 1476 9.35 23.74 61.48
N GLY B 1477 10.37 23.96 60.65
CA GLY B 1477 11.68 23.44 60.93
C GLY B 1477 11.92 22.00 60.53
N HIS B 1478 11.05 21.43 59.70
CA HIS B 1478 11.22 20.04 59.25
C HIS B 1478 11.16 19.96 57.74
N PRO B 1479 12.27 19.68 57.07
CA PRO B 1479 12.27 19.58 55.62
C PRO B 1479 11.97 18.16 55.14
N ILE B 1480 11.69 18.05 53.84
CA ILE B 1480 11.45 16.77 53.18
C ILE B 1480 12.58 16.55 52.20
N LEU B 1481 13.31 15.45 52.36
CA LEU B 1481 14.47 15.13 51.54
C LEU B 1481 14.08 14.03 50.55
N ILE B 1482 14.17 14.32 49.27
CA ILE B 1482 13.84 13.38 48.20
C ILE B 1482 15.11 13.08 47.43
N PRO B 1483 15.73 11.92 47.65
CA PRO B 1483 16.83 11.50 46.79
C PRO B 1483 16.30 11.01 45.45
N GLN B 1484 17.22 10.91 44.48
CA GLN B 1484 16.91 10.40 43.15
C GLN B 1484 15.83 11.24 42.48
N SER B 1485 16.20 12.49 42.22
CA SER B 1485 15.28 13.52 41.71
C SER B 1485 15.74 13.95 40.31
N ILE B 1486 15.14 15.04 39.85
CA ILE B 1486 15.35 15.57 38.49
C ILE B 1486 16.80 15.50 38.06
N PRO B 1487 17.08 15.07 36.83
CA PRO B 1487 18.47 14.99 36.38
C PRO B 1487 18.94 16.29 35.74
N ALA B 1488 20.24 16.53 35.85
CA ALA B 1488 20.81 17.76 35.29
C ALA B 1488 20.76 17.76 33.77
N PHE B 1489 21.05 16.63 33.14
CA PHE B 1489 21.10 16.53 31.69
C PHE B 1489 19.97 15.62 31.20
N ILE B 1490 19.17 16.15 30.27
CA ILE B 1490 18.05 15.42 29.69
C ILE B 1490 18.14 15.53 28.17
N GLN B 1491 17.99 14.40 27.48
CA GLN B 1491 17.94 14.38 26.02
C GLN B 1491 16.52 14.10 25.58
N VAL B 1492 15.95 15.00 24.79
CA VAL B 1492 14.59 14.86 24.28
C VAL B 1492 14.67 14.36 22.84
N PRO B 1493 14.00 13.28 22.49
CA PRO B 1493 14.09 12.75 21.12
C PRO B 1493 13.07 13.38 20.19
N ASN B 1494 13.04 12.93 18.93
CA ASN B 1494 12.10 13.47 17.96
C ASN B 1494 10.67 13.05 18.26
N GLN B 1495 10.48 11.78 18.65
CA GLN B 1495 9.13 11.26 18.88
C GLN B 1495 8.98 10.48 20.19
N GLY B 1496 10.05 9.95 20.75
CA GLY B 1496 9.96 9.13 21.95
C GLY B 1496 9.76 9.93 23.21
N GLU B 1497 10.26 9.41 24.32
CA GLU B 1497 10.18 10.05 25.63
C GLU B 1497 11.57 10.48 26.09
N LEU B 1498 11.59 11.21 27.20
CA LEU B 1498 12.83 11.76 27.73
C LEU B 1498 13.81 10.63 28.04
N THR B 1499 14.93 10.61 27.33
CA THR B 1499 15.94 9.58 27.48
C THR B 1499 17.18 10.17 28.13
N LEU B 1500 17.72 9.47 29.13
CA LEU B 1500 18.87 9.96 29.88
C LEU B 1500 20.16 9.80 29.08
N PRO B 1501 21.08 10.75 29.18
CA PRO B 1501 22.40 10.59 28.56
C PRO B 1501 23.25 9.59 29.34
N THR B 1502 23.09 8.30 29.06
CA THR B 1502 23.72 7.27 29.87
C THR B 1502 25.25 7.37 29.87
N SER B 1503 25.85 7.92 28.82
CA SER B 1503 27.30 8.04 28.79
C SER B 1503 27.78 9.05 29.83
N ILE B 1504 27.16 10.23 29.86
CA ILE B 1504 27.51 11.22 30.87
C ILE B 1504 27.17 10.72 32.27
N GLY B 1505 26.08 9.97 32.39
CA GLY B 1505 25.75 9.37 33.67
C GLY B 1505 26.83 8.41 34.16
N ASN B 1506 27.33 7.55 33.27
CA ASN B 1506 28.41 6.65 33.64
C ASN B 1506 29.67 7.42 34.00
N THR B 1507 29.97 8.48 33.24
CA THR B 1507 31.15 9.29 33.54
C THR B 1507 31.04 9.91 34.92
N ILE B 1508 29.87 10.46 35.27
CA ILE B 1508 29.68 11.03 36.59
C ILE B 1508 29.77 9.96 37.66
N ILE B 1509 29.20 8.78 37.40
CA ILE B 1509 29.12 7.74 38.41
C ILE B 1509 30.52 7.21 38.75
N ASN B 1510 31.31 6.88 37.73
CA ASN B 1510 32.59 6.21 37.97
C ASN B 1510 33.73 6.90 37.25
N ASP B 1511 33.76 8.23 37.30
CA ASP B 1511 34.91 8.96 36.76
C ASP B 1511 35.38 10.12 37.64
N GLY B 1512 34.58 10.59 38.60
CA GLY B 1512 35.03 11.63 39.50
C GLY B 1512 35.77 11.06 40.70
N ASN B 1513 36.47 11.96 41.40
CA ASN B 1513 37.23 11.52 42.58
C ASN B 1513 36.32 10.99 43.67
N PRO B 1514 35.22 11.68 44.06
CA PRO B 1514 34.27 11.02 44.98
C PRO B 1514 33.39 9.99 44.26
N ARG B 1515 33.95 8.78 44.07
CA ARG B 1515 33.20 7.74 43.39
C ARG B 1515 31.99 7.31 44.21
N ILE B 1516 30.88 7.10 43.51
CA ILE B 1516 29.62 6.70 44.15
C ILE B 1516 29.53 5.19 44.15
N ASN B 1517 29.37 4.61 45.34
CA ASN B 1517 29.28 3.15 45.46
C ASN B 1517 27.97 2.64 44.88
N THR B 1518 28.06 1.63 44.01
CA THR B 1518 26.88 1.03 43.40
C THR B 1518 26.92 -0.49 43.49
N THR B 1519 27.44 -1.03 44.59
CA THR B 1519 27.55 -2.48 44.74
C THR B 1519 26.19 -3.10 45.00
N GLY B 1520 25.53 -2.70 46.09
CA GLY B 1520 24.25 -3.27 46.45
C GLY B 1520 23.07 -2.52 45.88
N MET B 1521 23.02 -2.41 44.55
CA MET B 1521 21.93 -1.73 43.87
C MET B 1521 21.46 -2.58 42.69
N GLU B 1522 20.18 -2.45 42.37
CA GLU B 1522 19.60 -3.18 41.25
C GLU B 1522 19.95 -2.49 39.93
N LYS B 1523 19.66 -3.19 38.83
CA LYS B 1523 19.97 -2.67 37.51
C LYS B 1523 19.19 -1.40 37.22
N SER B 1524 17.92 -1.36 37.64
CA SER B 1524 17.09 -0.18 37.39
C SER B 1524 17.52 1.03 38.19
N ASP B 1525 18.42 0.87 39.17
CA ASP B 1525 18.88 1.98 39.98
C ASP B 1525 20.21 2.56 39.52
N GLU B 1526 21.02 1.78 38.81
CA GLU B 1526 22.32 2.28 38.33
C GLU B 1526 22.14 3.44 37.36
N ALA B 1527 21.15 3.34 36.46
CA ALA B 1527 20.94 4.41 35.49
C ALA B 1527 20.50 5.70 36.16
N ARG B 1528 19.85 5.60 37.32
CA ARG B 1528 19.39 6.77 38.06
C ARG B 1528 20.33 7.15 39.19
N ALA B 1529 21.49 6.50 39.30
CA ALA B 1529 22.39 6.74 40.42
C ALA B 1529 23.12 8.08 40.35
N TRP B 1530 23.09 8.75 39.21
CA TRP B 1530 23.76 10.04 39.06
C TRP B 1530 22.81 11.22 39.19
N PHE B 1531 21.58 10.99 39.64
CA PHE B 1531 20.63 12.08 39.84
C PHE B 1531 21.01 12.88 41.08
N ASP B 1532 20.49 14.10 41.15
CA ASP B 1532 20.72 14.97 42.29
C ASP B 1532 19.55 14.88 43.27
N SER B 1533 19.81 15.29 44.51
CA SER B 1533 18.81 15.26 45.57
C SER B 1533 18.01 16.56 45.60
N LEU B 1534 16.82 16.49 46.18
CA LEU B 1534 15.94 17.64 46.32
C LEU B 1534 15.52 17.80 47.77
N THR B 1535 15.28 19.04 48.17
CA THR B 1535 14.82 19.36 49.51
C THR B 1535 13.65 20.32 49.41
N LEU B 1536 12.52 19.94 50.00
CA LEU B 1536 11.30 20.72 49.97
C LEU B 1536 10.99 21.22 51.38
N ASN B 1537 10.80 22.53 51.50
CA ASN B 1537 10.44 23.18 52.75
C ASN B 1537 9.10 23.86 52.60
N LEU B 1538 8.35 23.93 53.70
CA LEU B 1538 7.03 24.54 53.71
C LEU B 1538 7.09 25.89 54.40
N GLU B 1539 6.64 26.93 53.69
CA GLU B 1539 6.52 28.27 54.25
C GLU B 1539 5.05 28.63 54.26
N GLN B 1540 4.56 29.09 55.42
CA GLN B 1540 3.16 29.42 55.59
C GLN B 1540 2.96 30.90 55.91
N GLY B 1541 3.67 31.42 56.91
CA GLY B 1541 3.62 32.83 57.22
C GLY B 1541 2.36 33.26 57.95
N LYS B 1542 1.24 33.28 57.23
CA LYS B 1542 -0.03 33.68 57.80
C LYS B 1542 -0.76 32.45 58.34
N SER B 1543 -2.04 32.61 58.68
CA SER B 1543 -2.76 31.53 59.37
C SER B 1543 -3.04 30.35 58.44
N GLN B 1544 -3.84 30.58 57.40
CA GLN B 1544 -4.23 29.52 56.47
C GLN B 1544 -4.41 30.13 55.09
N ASN B 1545 -5.05 29.37 54.20
CA ASN B 1545 -5.45 29.75 52.85
C ASN B 1545 -4.27 29.98 51.91
N GLU B 1546 -3.02 29.84 52.38
CA GLU B 1546 -1.87 29.95 51.50
C GLU B 1546 -0.71 29.18 52.13
N LYS B 1547 -0.45 27.99 51.59
CA LYS B 1547 0.67 27.15 52.01
C LYS B 1547 1.60 27.00 50.82
N MET B 1548 2.87 27.33 51.01
CA MET B 1548 3.81 27.48 49.90
C MET B 1548 4.99 26.52 50.08
N TRP B 1549 5.49 26.02 48.95
CA TRP B 1549 6.57 25.04 48.94
C TRP B 1549 7.78 25.62 48.24
N ILE B 1550 8.96 25.43 48.83
CA ILE B 1550 10.23 25.88 48.26
C ILE B 1550 11.11 24.66 48.05
N ALA B 1551 11.58 24.47 46.82
CA ALA B 1551 12.37 23.31 46.45
C ALA B 1551 13.78 23.74 46.07
N THR B 1552 14.78 23.07 46.65
CA THR B 1552 16.18 23.35 46.37
C THR B 1552 16.89 22.06 45.99
N SER B 1553 17.75 22.14 44.98
CA SER B 1553 18.47 20.99 44.48
C SER B 1553 19.88 20.92 45.05
N GLU B 1554 20.45 19.72 45.03
CA GLU B 1554 21.81 19.51 45.54
C GLU B 1554 22.44 18.38 44.74
N HIS B 1555 23.53 18.68 44.04
CA HIS B 1555 24.20 17.70 43.20
C HIS B 1555 24.89 16.65 44.06
N PRO B 1556 25.06 15.43 43.53
CA PRO B 1556 25.77 14.39 44.29
C PRO B 1556 27.27 14.44 44.05
N GLY B 1557 28.01 14.04 45.08
CA GLY B 1557 29.46 14.04 45.01
C GLY B 1557 30.07 15.41 45.20
N ASP B 1558 31.10 15.72 44.41
CA ASP B 1558 31.76 17.02 44.50
C ASP B 1558 30.82 18.11 43.99
N GLN B 1559 30.32 18.94 44.89
CA GLN B 1559 29.37 19.98 44.53
C GLN B 1559 30.00 21.11 43.73
N ASN B 1560 31.34 21.22 43.72
CA ASN B 1560 32.04 22.28 43.01
C ASN B 1560 32.83 21.76 41.81
N ALA B 1561 32.48 20.58 41.31
CA ALA B 1561 33.18 20.02 40.15
C ALA B 1561 32.90 20.86 38.91
N LYS B 1562 33.90 20.93 38.03
CA LYS B 1562 33.77 21.70 36.80
C LYS B 1562 32.79 21.09 35.81
N LEU B 1563 32.41 19.81 36.01
CA LEU B 1563 31.48 19.16 35.09
C LEU B 1563 30.11 19.83 35.13
N TRP B 1564 29.64 20.18 36.32
CA TRP B 1564 28.31 20.77 36.46
C TRP B 1564 28.31 22.22 35.98
N ILE B 1565 27.22 22.61 35.35
CA ILE B 1565 27.03 24.00 34.92
C ILE B 1565 26.66 24.84 36.13
N LYS B 1566 27.37 25.95 36.31
CA LYS B 1566 27.13 26.81 37.46
C LYS B 1566 25.72 27.40 37.40
N THR B 1567 25.06 27.47 38.55
CA THR B 1567 23.69 27.95 38.64
C THR B 1567 23.66 29.45 38.82
N ALA B 1568 22.47 30.02 38.64
CA ALA B 1568 22.25 31.46 38.76
C ALA B 1568 21.30 31.76 39.91
N ASN B 1569 21.37 33.00 40.39
CA ASN B 1569 20.55 33.45 41.49
C ASN B 1569 19.40 34.32 40.98
N THR B 1570 18.23 34.15 41.58
CA THR B 1570 17.06 34.93 41.20
C THR B 1570 17.27 36.41 41.51
N THR B 1571 16.69 37.26 40.67
CA THR B 1571 16.84 38.70 40.80
C THR B 1571 15.79 39.35 41.69
N TYR B 1572 14.83 38.56 42.20
CA TYR B 1572 13.77 39.10 43.04
C TYR B 1572 13.77 38.55 44.46
N SER B 1573 14.35 37.39 44.70
CA SER B 1573 14.40 36.81 46.04
C SER B 1573 15.81 36.43 46.48
N GLY B 1574 16.65 35.99 45.55
CA GLY B 1574 18.00 35.58 45.86
C GLY B 1574 18.23 34.08 45.93
N ARG B 1575 17.15 33.28 45.92
CA ARG B 1575 17.30 31.84 45.95
C ARG B 1575 17.80 31.34 44.60
N PRO B 1576 18.64 30.30 44.59
CA PRO B 1576 19.15 29.78 43.32
C PRO B 1576 18.07 29.13 42.47
N TYR B 1577 18.29 29.15 41.16
CA TYR B 1577 17.36 28.55 40.22
C TYR B 1577 17.49 27.03 40.25
N LEU B 1578 16.60 26.36 39.51
CA LEU B 1578 16.69 24.93 39.26
C LEU B 1578 17.08 24.75 37.80
N GLN B 1579 18.27 24.20 37.56
CA GLN B 1579 18.86 24.14 36.23
C GLN B 1579 18.64 22.78 35.60
N VAL B 1580 18.18 22.77 34.35
CA VAL B 1580 18.07 21.56 33.55
C VAL B 1580 18.65 21.84 32.17
N VAL B 1581 19.56 20.98 31.71
CA VAL B 1581 20.23 21.14 30.42
C VAL B 1581 19.64 20.14 29.45
N GLY B 1582 19.04 20.62 28.38
CA GLY B 1582 18.33 19.79 27.42
C GLY B 1582 19.07 19.70 26.10
N PHE B 1583 19.27 18.47 25.64
CA PHE B 1583 19.81 18.17 24.32
C PHE B 1583 18.65 17.78 23.41
N ILE B 1584 18.48 18.52 22.32
CA ILE B 1584 17.31 18.39 21.46
C ILE B 1584 17.72 17.74 20.15
N ASP B 1585 16.96 16.72 19.74
CA ASP B 1585 17.12 16.09 18.43
C ASP B 1585 16.12 16.71 17.47
N ARG B 1586 16.60 17.13 16.31
CA ARG B 1586 15.80 17.84 15.32
C ARG B 1586 15.86 17.14 13.97
N ALA B 1587 15.69 15.83 13.98
CA ALA B 1587 15.75 15.04 12.75
C ALA B 1587 14.80 13.86 12.85
N PHE B 1588 13.86 13.77 11.91
CA PHE B 1588 12.98 12.63 11.79
C PHE B 1588 13.02 12.12 10.36
N PRO B 1589 12.93 10.78 10.15
CA PRO B 1589 13.18 10.19 8.84
C PRO B 1589 11.99 10.22 7.89
N SER B 1590 11.32 11.37 7.82
CA SER B 1590 10.21 11.60 6.89
C SER B 1590 9.20 10.47 6.90
N PHE B 1591 8.99 9.85 5.73
CA PHE B 1591 8.08 8.72 5.59
C PHE B 1591 8.82 7.40 5.41
N LEU B 1592 10.11 7.37 5.76
CA LEU B 1592 10.90 6.16 5.58
C LEU B 1592 10.52 5.12 6.63
N ALA B 1593 11.25 4.00 6.62
CA ALA B 1593 10.99 2.86 7.51
C ALA B 1593 9.58 2.33 7.34
N LYS B 1594 9.07 2.36 6.10
CA LYS B 1594 7.74 1.84 5.78
C LYS B 1594 7.85 0.33 5.57
N VAL B 1595 8.18 -0.35 6.67
CA VAL B 1595 8.43 -1.80 6.69
C VAL B 1595 9.56 -2.08 5.70
N PHE B 1596 10.79 -1.70 6.07
CA PHE B 1596 11.94 -1.95 5.23
C PHE B 1596 12.59 -3.28 5.62
N LYS B 1597 11.79 -4.33 5.65
CA LYS B 1597 12.27 -5.69 5.96
C LYS B 1597 12.30 -6.50 4.67
N GLY B 1598 13.23 -6.13 3.79
CA GLY B 1598 13.26 -6.73 2.46
C GLY B 1598 12.01 -6.37 1.68
N GLY B 1599 11.70 -5.08 1.63
CA GLY B 1599 10.45 -4.60 1.08
C GLY B 1599 10.56 -4.05 -0.32
N VAL B 1600 10.65 -2.72 -0.43
CA VAL B 1600 10.62 -2.03 -1.72
C VAL B 1600 11.64 -2.59 -2.69
N ILE B 1601 12.79 -3.06 -2.18
CA ILE B 1601 13.79 -3.65 -3.07
C ILE B 1601 13.25 -4.92 -3.73
N ALA B 1602 12.44 -5.70 -3.01
CA ALA B 1602 11.91 -6.93 -3.58
C ALA B 1602 10.94 -6.66 -4.72
N VAL B 1603 10.01 -5.72 -4.52
CA VAL B 1603 9.06 -5.39 -5.57
C VAL B 1603 9.77 -4.71 -6.73
N TYR B 1604 10.79 -3.90 -6.45
CA TYR B 1604 11.57 -3.28 -7.51
C TYR B 1604 12.26 -4.34 -8.37
N LEU B 1605 12.89 -5.32 -7.72
CA LEU B 1605 13.53 -6.40 -8.47
C LEU B 1605 12.51 -7.19 -9.28
N SER B 1606 11.34 -7.47 -8.68
CA SER B 1606 10.32 -8.24 -9.37
C SER B 1606 9.82 -7.49 -10.61
N VAL B 1607 9.56 -6.19 -10.48
CA VAL B 1607 9.05 -5.44 -11.62
C VAL B 1607 10.12 -5.30 -12.70
N ILE B 1608 11.38 -5.12 -12.30
CA ILE B 1608 12.46 -5.06 -13.27
C ILE B 1608 12.55 -6.39 -14.03
N LEU B 1609 12.48 -7.51 -13.31
CA LEU B 1609 12.56 -8.81 -13.95
C LEU B 1609 11.40 -9.04 -14.90
N VAL B 1610 10.18 -8.68 -14.49
CA VAL B 1610 9.02 -8.94 -15.33
C VAL B 1610 9.05 -8.05 -16.58
N VAL B 1611 9.49 -6.79 -16.44
CA VAL B 1611 9.60 -5.92 -17.60
C VAL B 1611 10.68 -6.43 -18.56
N GLY B 1612 11.82 -6.88 -18.01
CA GLY B 1612 12.87 -7.38 -18.87
C GLY B 1612 12.49 -8.64 -19.60
N ARG B 1613 11.82 -9.57 -18.91
CA ARG B 1613 11.47 -10.85 -19.52
C ARG B 1613 10.30 -10.73 -20.49
N GLY B 1614 9.30 -9.93 -20.14
CA GLY B 1614 8.07 -9.91 -20.92
C GLY B 1614 8.01 -8.87 -22.03
N LEU B 1615 8.25 -7.60 -21.68
CA LEU B 1615 8.00 -6.52 -22.63
C LEU B 1615 9.14 -6.36 -23.62
N VAL B 1616 10.34 -6.04 -23.13
CA VAL B 1616 11.44 -5.69 -24.03
C VAL B 1616 11.94 -6.92 -24.77
N ARG B 1617 12.04 -8.06 -24.09
CA ARG B 1617 12.62 -9.25 -24.72
C ARG B 1617 11.74 -9.77 -25.86
N GLY B 1618 10.42 -9.80 -25.64
CA GLY B 1618 9.53 -10.31 -26.67
C GLY B 1618 9.52 -9.45 -27.93
N ILE B 1619 9.51 -8.13 -27.76
CA ILE B 1619 9.45 -7.23 -28.91
C ILE B 1619 10.82 -6.98 -29.53
N PHE B 1620 11.91 -7.29 -28.82
CA PHE B 1620 13.24 -6.95 -29.30
C PHE B 1620 13.80 -8.05 -30.20
N THR B 1621 13.67 -9.30 -29.79
CA THR B 1621 14.12 -10.45 -30.56
C THR B 1621 12.93 -11.27 -31.03
N THR B 1622 13.20 -12.17 -31.97
CA THR B 1622 12.17 -13.01 -32.57
C THR B 1622 12.52 -14.49 -32.40
N SER B 1623 11.49 -15.30 -32.22
CA SER B 1623 11.69 -16.74 -32.09
C SER B 1623 12.06 -17.35 -33.44
N PRO B 1624 12.83 -18.45 -33.44
CA PRO B 1624 13.17 -19.11 -34.71
C PRO B 1624 11.95 -19.64 -35.47
N SER B 1625 10.81 -19.80 -34.81
CA SER B 1625 9.61 -20.23 -35.53
C SER B 1625 9.01 -19.09 -36.36
N THR B 1626 9.18 -17.86 -35.90
CA THR B 1626 8.57 -16.71 -36.58
C THR B 1626 9.32 -16.31 -37.84
N VAL B 1627 10.63 -16.55 -37.89
CA VAL B 1627 11.46 -16.03 -38.98
C VAL B 1627 11.01 -16.58 -40.33
N MET B 1628 10.42 -17.78 -40.34
CA MET B 1628 9.97 -18.36 -41.60
C MET B 1628 8.80 -17.61 -42.21
N PHE B 1629 8.01 -16.91 -41.38
CA PHE B 1629 6.91 -16.08 -41.86
C PHE B 1629 7.29 -14.64 -42.08
N THR B 1630 8.22 -14.10 -41.27
CA THR B 1630 8.54 -12.68 -41.33
C THR B 1630 9.42 -12.34 -42.53
N GLU B 1631 10.24 -13.28 -43.00
CA GLU B 1631 11.25 -12.99 -44.01
C GLU B 1631 10.79 -13.28 -45.42
N LEU B 1632 9.51 -13.07 -45.72
CA LEU B 1632 9.03 -13.22 -47.08
C LEU B 1632 9.66 -12.15 -47.98
N PRO B 1633 10.26 -12.53 -49.11
CA PRO B 1633 10.88 -11.52 -49.99
C PRO B 1633 9.89 -10.71 -50.81
N ASN B 1634 8.67 -11.19 -51.02
CA ASN B 1634 7.72 -10.48 -51.86
C ASN B 1634 6.30 -10.88 -51.46
N ALA B 1635 5.56 -9.95 -50.86
CA ALA B 1635 4.20 -10.22 -50.38
C ALA B 1635 3.13 -9.71 -51.34
N ASP B 1636 3.49 -9.40 -52.59
CA ASP B 1636 2.52 -8.86 -53.54
C ASP B 1636 1.38 -9.84 -53.77
N HIS B 1637 1.69 -11.12 -53.97
CA HIS B 1637 0.64 -12.09 -54.27
C HIS B 1637 -0.30 -12.27 -53.09
N LEU B 1638 0.24 -12.36 -51.87
CA LEU B 1638 -0.60 -12.52 -50.69
C LEU B 1638 -1.49 -11.29 -50.48
N LEU B 1639 -0.92 -10.10 -50.65
CA LEU B 1639 -1.72 -8.89 -50.53
C LEU B 1639 -2.82 -8.84 -51.60
N LYS B 1640 -2.50 -9.27 -52.82
CA LYS B 1640 -3.50 -9.32 -53.87
C LYS B 1640 -4.63 -10.28 -53.52
N ILE B 1641 -4.29 -11.45 -52.97
CA ILE B 1641 -5.31 -12.41 -52.59
C ILE B 1641 -6.20 -11.85 -51.50
N CYS B 1642 -5.60 -11.17 -50.51
CA CYS B 1642 -6.42 -10.63 -49.43
C CYS B 1642 -7.31 -9.49 -49.92
N LEU B 1643 -6.79 -8.61 -50.77
CA LEU B 1643 -7.62 -7.58 -51.36
C LEU B 1643 -8.74 -8.18 -52.20
N ASP B 1644 -8.45 -9.28 -52.91
CA ASP B 1644 -9.45 -9.95 -53.72
C ASP B 1644 -10.56 -10.53 -52.85
N ILE B 1645 -10.21 -11.15 -51.73
CA ILE B 1645 -11.25 -11.71 -50.86
C ILE B 1645 -12.07 -10.59 -50.23
N TYR B 1646 -11.44 -9.48 -49.89
CA TYR B 1646 -12.20 -8.33 -49.41
C TYR B 1646 -13.17 -7.83 -50.47
N LEU B 1647 -12.71 -7.75 -51.72
CA LEU B 1647 -13.56 -7.27 -52.80
C LEU B 1647 -14.74 -8.21 -53.03
N VAL B 1648 -14.49 -9.53 -53.02
CA VAL B 1648 -15.57 -10.48 -53.28
C VAL B 1648 -16.56 -10.49 -52.13
N ARG B 1649 -16.09 -10.26 -50.90
CA ARG B 1649 -17.01 -10.10 -49.78
C ARG B 1649 -17.86 -8.85 -49.97
N GLU B 1650 -17.24 -7.75 -50.41
CA GLU B 1650 -17.99 -6.51 -50.62
C GLU B 1650 -19.04 -6.67 -51.71
N ALA B 1651 -18.72 -7.40 -52.78
CA ALA B 1651 -19.61 -7.56 -53.92
C ALA B 1651 -20.76 -8.53 -53.66
N LYS B 1652 -20.94 -8.98 -52.42
CA LYS B 1652 -22.05 -9.86 -52.04
C LYS B 1652 -22.01 -11.17 -52.83
N ASP B 1653 -20.87 -11.86 -52.74
CA ASP B 1653 -20.61 -13.12 -53.43
C ASP B 1653 -20.00 -14.12 -52.46
N PHE B 1654 -20.64 -14.29 -51.30
CA PHE B 1654 -20.09 -15.08 -50.20
C PHE B 1654 -19.70 -16.49 -50.61
N MET B 1655 -20.14 -16.97 -51.78
CA MET B 1655 -19.77 -18.32 -52.22
C MET B 1655 -18.27 -18.45 -52.42
N LEU B 1656 -17.64 -17.46 -53.05
CA LEU B 1656 -16.21 -17.52 -53.33
C LEU B 1656 -15.35 -17.06 -52.16
N GLU B 1657 -15.93 -16.35 -51.19
CA GLU B 1657 -15.16 -15.90 -50.04
C GLU B 1657 -14.62 -17.08 -49.24
N GLN B 1658 -15.46 -18.10 -49.03
CA GLN B 1658 -15.01 -19.29 -48.31
C GLN B 1658 -13.90 -20.01 -49.07
N ASP B 1659 -14.03 -20.13 -50.39
CA ASP B 1659 -13.00 -20.79 -51.19
C ASP B 1659 -11.69 -20.02 -51.12
N LEU B 1660 -11.74 -18.70 -51.21
CA LEU B 1660 -10.51 -17.91 -51.14
C LEU B 1660 -9.88 -18.01 -49.75
N PHE B 1661 -10.70 -18.04 -48.70
CA PHE B 1661 -10.16 -18.21 -47.35
C PHE B 1661 -9.51 -19.58 -47.20
N ALA B 1662 -10.12 -20.62 -47.77
CA ALA B 1662 -9.50 -21.94 -47.75
C ALA B 1662 -8.17 -21.94 -48.49
N LYS B 1663 -8.12 -21.25 -49.64
CA LYS B 1663 -6.87 -21.14 -50.38
C LYS B 1663 -5.80 -20.45 -49.54
N LEU B 1664 -6.16 -19.38 -48.85
CA LEU B 1664 -5.20 -18.68 -48.00
C LEU B 1664 -4.74 -19.55 -46.84
N ILE B 1665 -5.66 -20.31 -46.25
CA ILE B 1665 -5.30 -21.20 -45.14
C ILE B 1665 -4.32 -22.26 -45.61
N PHE B 1666 -4.58 -22.86 -46.77
CA PHE B 1666 -3.66 -23.86 -47.30
C PHE B 1666 -2.31 -23.24 -47.64
N LEU B 1667 -2.32 -22.01 -48.16
CA LEU B 1667 -1.06 -21.33 -48.46
C LEU B 1667 -0.24 -21.10 -47.19
N PHE B 1668 -0.91 -20.71 -46.10
CA PHE B 1668 -0.23 -20.50 -44.83
C PHE B 1668 0.12 -21.79 -44.11
N ARG B 1669 -0.46 -22.93 -44.52
CA ARG B 1669 -0.15 -24.20 -43.87
C ARG B 1669 1.12 -24.83 -44.43
N SER B 1670 1.14 -25.10 -45.74
CA SER B 1670 2.29 -25.75 -46.35
C SER B 1670 3.40 -24.73 -46.58
N PRO B 1671 4.60 -24.94 -46.01
CA PRO B 1671 5.67 -23.97 -46.23
C PRO B 1671 6.26 -24.01 -47.62
N ALA B 1672 6.28 -25.18 -48.27
CA ALA B 1672 6.81 -25.27 -49.63
C ALA B 1672 5.98 -24.46 -50.60
N THR B 1673 4.65 -24.57 -50.51
CA THR B 1673 3.78 -23.76 -51.35
C THR B 1673 3.92 -22.29 -51.02
N LEU B 1674 4.17 -21.96 -49.76
CA LEU B 1674 4.34 -20.56 -49.37
C LEU B 1674 5.60 -19.97 -50.01
N ILE B 1675 6.73 -20.68 -49.91
CA ILE B 1675 7.97 -20.15 -50.47
C ILE B 1675 7.91 -20.14 -51.99
N GLU B 1676 7.25 -21.14 -52.59
CA GLU B 1676 7.09 -21.14 -54.04
C GLU B 1676 6.22 -19.97 -54.49
N TRP B 1677 5.15 -19.68 -53.75
CA TRP B 1677 4.25 -18.59 -54.11
C TRP B 1677 4.86 -17.22 -53.84
N THR B 1678 5.81 -17.13 -52.93
CA THR B 1678 6.39 -15.87 -52.50
C THR B 1678 7.63 -15.48 -53.31
N ARG B 1679 8.04 -16.32 -54.25
CA ARG B 1679 9.26 -16.09 -55.02
C ARG B 1679 9.22 -14.74 -55.72
N MET B 1680 10.34 -14.02 -55.66
CA MET B 1680 10.43 -12.69 -56.25
C MET B 1680 10.27 -12.75 -57.76
N SER B 1681 9.50 -11.81 -58.29
CA SER B 1681 9.27 -11.68 -59.73
C SER B 1681 8.76 -12.98 -60.34
N VAL C 52 41.07 -55.33 12.84
CA VAL C 52 41.10 -55.70 14.25
C VAL C 52 42.53 -55.96 14.70
N LYS C 53 43.21 -56.87 13.98
CA LYS C 53 44.60 -57.18 14.32
C LYS C 53 45.50 -55.97 14.11
N LYS C 54 45.30 -55.24 13.01
CA LYS C 54 46.11 -54.04 12.77
C LYS C 54 45.85 -52.98 13.83
N LEU C 55 44.59 -52.80 14.23
CA LEU C 55 44.28 -51.84 15.29
C LEU C 55 44.90 -52.26 16.61
N HIS C 56 44.87 -53.55 16.93
CA HIS C 56 45.48 -54.04 18.15
C HIS C 56 46.99 -53.83 18.13
N LYS C 57 47.63 -54.08 16.98
CA LYS C 57 49.07 -53.85 16.87
C LYS C 57 49.41 -52.38 17.02
N LEU C 58 48.60 -51.50 16.42
CA LEU C 58 48.82 -50.06 16.58
C LEU C 58 48.66 -49.63 18.03
N ALA C 59 47.65 -50.17 18.72
CA ALA C 59 47.46 -49.85 20.13
C ALA C 59 48.63 -50.33 20.97
N ASN C 60 49.14 -51.53 20.68
CA ASN C 60 50.30 -52.04 21.40
C ASN C 60 51.53 -51.17 21.16
N GLN C 61 51.75 -50.75 19.92
CA GLN C 61 52.87 -49.88 19.62
C GLN C 61 52.74 -48.55 20.35
N THR C 62 51.53 -47.99 20.37
CA THR C 62 51.32 -46.70 21.05
C THR C 62 51.56 -46.83 22.55
N ILE C 63 51.05 -47.90 23.17
CA ILE C 63 51.24 -48.05 24.62
C ILE C 63 52.71 -48.30 24.95
N GLU C 64 53.41 -49.07 24.10
CA GLU C 64 54.84 -49.29 24.33
C GLU C 64 55.62 -47.99 24.20
N LEU C 65 55.33 -47.17 23.18
CA LEU C 65 56.07 -45.93 23.01
C LEU C 65 55.76 -44.94 24.12
N LEU C 66 54.50 -44.88 24.58
CA LEU C 66 54.20 -43.98 25.68
C LEU C 66 54.83 -44.47 26.98
N TRP C 67 54.92 -45.79 27.18
CA TRP C 67 55.65 -46.30 28.33
C TRP C 67 57.13 -45.93 28.27
N ARG C 68 57.72 -46.00 27.07
CA ARG C 68 59.12 -45.63 26.91
C ARG C 68 59.33 -44.13 27.17
N PHE C 69 58.38 -43.29 26.76
CA PHE C 69 58.45 -41.87 27.10
C PHE C 69 58.30 -41.67 28.60
N PHE C 70 57.37 -42.38 29.23
CA PHE C 70 57.12 -42.19 30.65
C PHE C 70 58.32 -42.58 31.49
N GLU C 71 58.94 -43.72 31.18
CA GLU C 71 60.04 -44.21 32.02
C GLU C 71 61.20 -43.23 32.11
N VAL C 72 61.17 -42.15 31.33
CA VAL C 72 62.16 -41.07 31.47
C VAL C 72 61.52 -39.71 31.75
N HIS C 73 60.21 -39.55 31.54
CA HIS C 73 59.58 -38.25 31.75
C HIS C 73 58.66 -38.18 32.97
N ILE C 74 58.47 -39.27 33.70
CA ILE C 74 57.61 -39.24 34.88
C ILE C 74 58.21 -38.32 35.95
N SER C 75 59.53 -38.31 36.09
CA SER C 75 60.16 -37.42 37.05
C SER C 75 59.83 -35.96 36.75
N LYS C 76 60.00 -35.55 35.49
CA LYS C 76 59.69 -34.18 35.12
C LYS C 76 58.21 -33.87 35.28
N ILE C 77 57.34 -34.81 34.90
CA ILE C 77 55.91 -34.59 35.00
C ILE C 77 55.49 -34.40 36.45
N VAL C 78 55.98 -35.26 37.35
CA VAL C 78 55.61 -35.15 38.75
C VAL C 78 56.22 -33.89 39.37
N PHE C 79 57.43 -33.50 38.95
CA PHE C 79 58.00 -32.25 39.44
C PHE C 79 57.15 -31.06 39.02
N VAL C 80 56.68 -31.04 37.76
CA VAL C 80 55.84 -29.96 37.30
C VAL C 80 54.52 -29.94 38.06
N ILE C 81 53.94 -31.11 38.30
CA ILE C 81 52.67 -31.18 39.04
C ILE C 81 52.86 -30.65 40.47
N ILE C 82 53.95 -31.06 41.13
CA ILE C 82 54.21 -30.59 42.48
C ILE C 82 54.44 -29.08 42.50
N ALA C 83 55.15 -28.57 41.49
CA ALA C 83 55.38 -27.13 41.40
C ALA C 83 54.07 -26.37 41.24
N ILE C 84 53.17 -26.88 40.40
CA ILE C 84 51.86 -26.25 40.22
C ILE C 84 51.08 -26.27 41.53
N PHE C 85 51.10 -27.41 42.23
CA PHE C 85 50.35 -27.53 43.47
C PHE C 85 50.89 -26.58 44.54
N ILE C 86 52.21 -26.46 44.65
CA ILE C 86 52.78 -25.54 45.63
C ILE C 86 52.66 -24.09 45.18
N ALA C 87 52.43 -23.86 43.89
CA ALA C 87 52.06 -22.52 43.44
C ALA C 87 50.63 -22.19 43.81
N ASN C 88 49.76 -23.20 43.87
CA ASN C 88 48.39 -22.97 44.32
C ASN C 88 48.34 -22.56 45.78
N ASN C 89 49.17 -23.18 46.62
CA ASN C 89 49.23 -22.87 48.05
C ASN C 89 50.66 -22.49 48.40
N ILE C 90 50.88 -21.21 48.70
CA ILE C 90 52.22 -20.67 48.92
C ILE C 90 52.40 -20.29 50.38
N ASN C 91 51.74 -21.01 51.28
CA ASN C 91 51.77 -20.70 52.70
C ASN C 91 53.12 -21.10 53.30
N ALA C 92 53.23 -21.00 54.63
CA ALA C 92 54.53 -21.10 55.28
C ALA C 92 55.05 -22.54 55.32
N LEU C 93 54.18 -23.51 55.55
CA LEU C 93 54.63 -24.89 55.79
C LEU C 93 55.21 -25.58 54.54
N TYR C 94 55.40 -24.88 53.43
CA TYR C 94 55.95 -25.49 52.22
C TYR C 94 57.47 -25.37 52.13
N ILE C 95 58.12 -24.87 53.19
CA ILE C 95 59.58 -24.72 53.17
C ILE C 95 60.30 -26.05 53.04
N PRO C 96 60.05 -27.08 53.87
CA PRO C 96 60.83 -28.32 53.74
C PRO C 96 60.71 -28.96 52.37
N LEU C 97 59.52 -28.93 51.76
CA LEU C 97 59.34 -29.60 50.49
C LEU C 97 60.09 -28.87 49.37
N VAL C 98 60.02 -27.54 49.34
CA VAL C 98 60.77 -26.82 48.31
C VAL C 98 62.27 -27.01 48.53
N ILE C 99 62.72 -27.06 49.79
CA ILE C 99 64.14 -27.28 50.06
C ILE C 99 64.58 -28.64 49.54
N LEU C 100 63.78 -29.67 49.80
CA LEU C 100 64.18 -31.02 49.41
C LEU C 100 64.07 -31.22 47.90
N LEU C 101 63.08 -30.62 47.24
CA LEU C 101 63.05 -30.65 45.78
C LEU C 101 64.25 -29.93 45.19
N SER C 102 64.64 -28.78 45.75
CA SER C 102 65.82 -28.09 45.25
C SER C 102 67.07 -28.95 45.42
N LEU C 103 67.20 -29.61 46.57
CA LEU C 103 68.34 -30.49 46.79
C LEU C 103 68.34 -31.66 45.81
N ALA C 104 67.16 -32.25 45.56
CA ALA C 104 67.06 -33.37 44.63
C ALA C 104 67.42 -32.94 43.21
N ILE C 105 66.96 -31.78 42.78
CA ILE C 105 67.31 -31.28 41.45
C ILE C 105 68.81 -30.99 41.38
N CYS C 106 69.39 -30.49 42.47
CA CYS C 106 70.83 -30.26 42.51
C CYS C 106 71.61 -31.56 42.38
N LEU C 107 71.06 -32.67 42.88
CA LEU C 107 71.71 -33.96 42.78
C LEU C 107 70.94 -34.91 41.86
N GLY C 113 68.38 -43.87 44.57
CA GLY C 113 66.97 -43.82 44.91
C GLY C 113 66.72 -43.38 46.34
N ILE C 114 67.77 -42.92 47.01
CA ILE C 114 67.62 -42.44 48.39
C ILE C 114 66.78 -41.19 48.44
N PHE C 115 66.90 -40.32 47.43
CA PHE C 115 66.13 -39.08 47.39
C PHE C 115 64.71 -39.29 46.86
N SER C 116 64.40 -40.46 46.30
CA SER C 116 63.08 -40.69 45.73
C SER C 116 62.00 -40.87 46.79
N LEU C 117 62.37 -41.27 48.01
CA LEU C 117 61.41 -41.49 49.08
C LEU C 117 61.35 -40.32 50.06
N PHE C 118 62.13 -39.27 49.84
CA PHE C 118 62.11 -38.13 50.75
C PHE C 118 60.80 -37.38 50.68
N MET C 119 60.34 -37.07 49.46
CA MET C 119 59.07 -36.37 49.30
C MET C 119 57.86 -37.28 49.34
N CYS C 120 58.06 -38.60 49.21
CA CYS C 120 56.92 -39.51 49.27
C CYS C 120 56.26 -39.49 50.63
N ALA C 121 57.06 -39.51 51.70
CA ALA C 121 56.52 -39.47 53.05
C ALA C 121 56.04 -38.08 53.46
N TYR C 122 56.67 -37.02 52.96
CA TYR C 122 56.29 -35.67 53.37
C TYR C 122 54.94 -35.28 52.79
N LEU C 123 54.67 -35.69 51.54
CA LEU C 123 53.35 -35.45 50.97
C LEU C 123 52.26 -36.17 51.75
N PHE C 124 52.57 -37.37 52.26
CA PHE C 124 51.65 -38.02 53.19
C PHE C 124 51.49 -37.19 54.45
N LEU C 125 52.59 -36.62 54.96
CA LEU C 125 52.50 -35.73 56.10
C LEU C 125 51.67 -34.49 55.76
N VAL C 126 51.83 -33.96 54.55
CA VAL C 126 50.97 -32.85 54.12
C VAL C 126 49.52 -33.30 54.06
N ALA C 127 49.28 -34.49 53.51
CA ALA C 127 47.92 -35.04 53.51
C ALA C 127 47.42 -35.25 54.94
N LEU C 128 48.31 -35.69 55.83
CA LEU C 128 47.95 -35.76 57.24
C LEU C 128 47.63 -34.39 57.81
N SER C 129 48.43 -33.38 57.44
CA SER C 129 48.20 -32.02 57.92
C SER C 129 46.95 -31.40 57.33
N LYS C 130 46.66 -31.65 56.05
CA LYS C 130 45.48 -31.08 55.42
C LYS C 130 44.19 -31.67 55.98
N MET C 131 44.23 -32.91 56.49
CA MET C 131 43.05 -33.49 57.11
C MET C 131 42.83 -32.96 58.52
N ILE C 132 43.86 -32.35 59.13
CA ILE C 132 43.74 -31.85 60.49
C ILE C 132 42.79 -30.66 60.56
N HIS C 155 49.18 -5.31 60.64
CA HIS C 155 49.94 -6.09 61.61
C HIS C 155 49.22 -7.38 61.98
N GLY C 156 47.89 -7.31 62.01
CA GLY C 156 47.08 -8.46 62.37
C GLY C 156 46.19 -8.95 61.26
N ASN C 157 44.88 -8.97 61.50
CA ASN C 157 43.85 -9.40 60.57
C ASN C 157 43.97 -10.87 60.18
N ILE C 158 44.82 -11.63 60.88
CA ILE C 158 45.00 -13.05 60.60
C ILE C 158 45.69 -13.67 61.81
N SER C 159 45.48 -14.97 61.99
CA SER C 159 45.96 -15.68 63.17
C SER C 159 46.99 -16.74 62.76
N MET C 160 47.48 -17.47 63.76
CA MET C 160 48.55 -18.43 63.54
C MET C 160 48.16 -19.57 62.59
N PRO C 161 47.03 -20.28 62.77
CA PRO C 161 46.74 -21.41 61.87
C PRO C 161 46.61 -21.01 60.41
N GLU C 162 46.03 -19.84 60.13
CA GLU C 162 45.86 -19.42 58.74
C GLU C 162 47.21 -19.05 58.11
N TRP C 163 48.08 -18.39 58.87
CA TRP C 163 49.40 -18.08 58.34
C TRP C 163 50.25 -19.33 58.16
N PHE C 164 50.06 -20.33 59.02
CA PHE C 164 50.78 -21.59 58.87
C PHE C 164 50.41 -22.28 57.56
N GLY C 165 49.13 -22.25 57.21
CA GLY C 165 48.64 -22.92 56.01
C GLY C 165 47.55 -23.90 56.32
N LEU C 166 47.02 -23.83 57.54
CA LEU C 166 45.95 -24.70 58.03
C LEU C 166 44.76 -23.81 58.36
N LYS C 167 43.88 -23.63 57.38
CA LYS C 167 42.69 -22.80 57.55
C LYS C 167 41.52 -23.66 57.98
N LYS C 168 40.93 -23.33 59.13
CA LYS C 168 39.80 -24.09 59.66
C LYS C 168 38.58 -23.81 58.81
N GLU C 169 38.26 -24.74 57.91
CA GLU C 169 37.11 -24.56 57.02
C GLU C 169 35.80 -24.71 57.81
N VAL C 170 34.69 -24.49 57.10
CA VAL C 170 33.39 -24.61 57.73
C VAL C 170 33.13 -26.06 58.10
N GLU C 171 32.76 -26.29 59.35
CA GLU C 171 32.53 -27.65 59.84
C GLU C 171 31.29 -28.24 59.18
N GLY C 172 31.38 -29.53 58.82
CA GLY C 172 30.27 -30.24 58.23
C GLY C 172 30.25 -30.28 56.72
N THR C 173 31.07 -29.47 56.04
CA THR C 173 31.03 -29.44 54.58
C THR C 173 31.84 -30.59 53.98
N GLU C 174 33.16 -30.57 54.17
CA GLU C 174 34.05 -31.60 53.63
C GLU C 174 35.48 -31.39 54.11
N PRO C 175 36.25 -32.46 54.30
CA PRO C 175 37.70 -32.32 54.47
C PRO C 175 38.47 -32.47 53.17
N ILE C 176 37.82 -32.94 52.10
CA ILE C 176 38.46 -33.22 50.82
C ILE C 176 37.75 -32.36 49.77
N TYR C 177 37.29 -31.19 50.18
CA TYR C 177 36.40 -30.38 49.36
C TYR C 177 37.07 -29.98 48.04
N MET C 178 38.29 -29.47 48.11
CA MET C 178 39.05 -29.08 46.92
C MET C 178 40.38 -29.82 46.79
N LEU C 179 40.62 -30.83 47.62
CA LEU C 179 41.88 -31.57 47.58
C LEU C 179 41.68 -32.88 46.83
N PHE C 180 41.82 -32.80 45.51
CA PHE C 180 41.66 -33.96 44.64
C PHE C 180 42.95 -34.34 43.92
N GLY C 181 44.08 -33.74 44.28
CA GLY C 181 45.33 -34.03 43.61
C GLY C 181 46.41 -34.60 44.51
N VAL C 182 46.36 -34.28 45.80
CA VAL C 182 47.38 -34.77 46.73
C VAL C 182 47.30 -36.29 46.84
N ILE C 183 46.08 -36.82 46.95
CA ILE C 183 45.92 -38.28 46.94
C ILE C 183 46.31 -38.84 45.58
N VAL C 184 46.04 -38.10 44.50
CA VAL C 184 46.52 -38.51 43.18
C VAL C 184 48.04 -38.41 43.12
N SER C 185 48.60 -37.39 43.76
CA SER C 185 50.06 -37.24 43.79
C SER C 185 50.73 -38.43 44.45
N ILE C 186 50.08 -39.04 45.45
CA ILE C 186 50.60 -40.26 46.04
C ILE C 186 50.66 -41.37 45.00
N ILE C 187 49.61 -41.49 44.17
CA ILE C 187 49.63 -42.44 43.07
C ILE C 187 50.70 -42.05 42.05
N ALA C 188 50.92 -40.75 41.86
CA ALA C 188 51.99 -40.30 40.96
C ALA C 188 53.35 -40.74 41.47
N LEU C 189 53.57 -40.67 42.78
CA LEU C 189 54.79 -41.21 43.36
C LEU C 189 54.87 -42.72 43.16
N ALA C 190 53.74 -43.40 43.25
CA ALA C 190 53.71 -44.83 42.97
C ALA C 190 54.09 -45.13 41.53
N PHE C 191 53.64 -44.28 40.59
CA PHE C 191 54.01 -44.44 39.20
C PHE C 191 55.52 -44.33 39.01
N GLN C 192 56.15 -43.37 39.70
CA GLN C 192 57.59 -43.25 39.67
C GLN C 192 58.29 -44.38 40.41
N SER C 193 57.58 -45.06 41.32
CA SER C 193 58.18 -46.10 42.12
C SER C 193 58.01 -47.50 41.53
N ILE C 194 56.92 -47.75 40.81
CA ILE C 194 56.70 -49.07 40.24
C ILE C 194 57.73 -49.36 39.15
N VAL C 195 58.09 -48.35 38.36
CA VAL C 195 59.10 -48.55 37.32
C VAL C 195 60.47 -48.80 37.94
N ILE C 196 60.77 -48.13 39.04
CA ILE C 196 62.06 -48.33 39.70
C ILE C 196 62.14 -49.72 40.30
N TYR C 197 61.07 -50.16 40.97
CA TYR C 197 61.09 -51.47 41.64
C TYR C 197 61.21 -52.60 40.63
N ARG C 198 60.49 -52.51 39.51
CA ARG C 198 60.43 -53.60 38.55
C ARG C 198 61.59 -53.59 37.55
N GLN C 199 62.43 -52.56 37.55
CA GLN C 199 63.53 -52.49 36.60
C GLN C 199 64.80 -53.15 37.16
N ARG C 200 65.20 -52.78 38.37
CA ARG C 200 66.40 -53.33 38.98
C ARG C 200 66.17 -54.69 39.63
N HIS C 201 64.93 -55.17 39.67
CA HIS C 201 64.63 -56.46 40.26
C HIS C 201 65.09 -57.60 39.36
N ARG C 213 70.06 -47.07 26.40
CA ARG C 213 69.33 -47.35 27.62
C ARG C 213 68.41 -46.19 28.02
N ALA C 214 68.96 -44.97 28.04
CA ALA C 214 68.17 -43.78 28.35
C ALA C 214 67.70 -43.11 27.05
N LYS C 215 67.09 -43.93 26.19
CA LYS C 215 66.60 -43.46 24.90
C LYS C 215 65.26 -44.10 24.61
N VAL C 216 64.30 -43.29 24.18
CA VAL C 216 63.00 -43.83 23.78
C VAL C 216 63.14 -44.72 22.56
N PHE C 217 63.95 -44.30 21.59
CA PHE C 217 64.11 -45.04 20.35
C PHE C 217 65.48 -45.70 20.38
N PRO C 218 65.56 -47.03 20.56
CA PRO C 218 66.83 -47.66 20.93
C PRO C 218 67.78 -47.94 19.78
N ASP C 219 67.33 -47.84 18.53
CA ASP C 219 68.20 -48.01 17.37
C ASP C 219 68.23 -46.75 16.52
N PHE C 220 68.39 -45.61 17.19
CA PHE C 220 68.52 -44.31 16.55
C PHE C 220 69.78 -44.25 15.69
N HIS C 221 69.71 -43.51 14.59
CA HIS C 221 70.85 -43.31 13.70
C HIS C 221 70.77 -41.89 13.13
N HIS C 222 71.78 -41.06 13.45
CA HIS C 222 71.82 -39.69 12.97
C HIS C 222 72.70 -39.52 11.74
N SER C 223 73.26 -40.61 11.20
CA SER C 223 74.13 -40.48 10.03
C SER C 223 73.36 -40.01 8.81
N HIS C 224 72.12 -40.49 8.63
CA HIS C 224 71.29 -40.17 7.48
C HIS C 224 69.92 -39.68 7.94
N PHE C 225 69.92 -38.71 8.86
CA PHE C 225 68.67 -38.20 9.43
C PHE C 225 67.79 -37.51 8.39
N ASP C 226 68.34 -37.16 7.23
CA ASP C 226 67.58 -36.47 6.19
C ASP C 226 66.96 -37.41 5.17
N ARG C 227 67.10 -38.72 5.34
CA ARG C 227 66.57 -39.68 4.38
C ARG C 227 65.16 -40.15 4.74
N SER C 228 64.57 -39.62 5.82
CA SER C 228 63.21 -39.99 6.20
C SER C 228 62.65 -38.91 7.11
N LEU C 229 61.38 -38.58 6.90
CA LEU C 229 60.71 -37.60 7.76
C LEU C 229 60.61 -38.12 9.19
N LYS C 230 60.31 -39.40 9.36
CA LYS C 230 60.31 -40.00 10.69
C LYS C 230 61.71 -39.94 11.31
N ASN C 231 62.75 -40.09 10.49
CA ASN C 231 64.11 -39.99 11.01
C ASN C 231 64.40 -38.56 11.45
N ALA C 232 63.89 -37.56 10.74
CA ALA C 232 64.02 -36.18 11.18
C ALA C 232 63.29 -35.96 12.50
N ILE C 233 62.09 -36.53 12.64
CA ILE C 233 61.33 -36.37 13.88
C ILE C 233 62.07 -37.01 15.05
N GLN C 234 62.63 -38.20 14.83
CA GLN C 234 63.34 -38.87 15.92
C GLN C 234 64.65 -38.17 16.24
N PHE C 235 65.28 -37.53 15.24
CA PHE C 235 66.42 -36.66 15.52
C PHE C 235 66.00 -35.51 16.42
N LEU C 236 64.87 -34.87 16.09
CA LEU C 236 64.40 -33.74 16.89
C LEU C 236 64.01 -34.18 18.31
N ILE C 237 63.55 -35.42 18.48
CA ILE C 237 63.11 -35.85 19.81
C ILE C 237 64.24 -36.53 20.61
N ASP C 238 65.34 -36.90 19.96
CA ASP C 238 66.42 -37.61 20.64
C ASP C 238 67.63 -36.71 20.90
N TYR C 239 68.19 -36.11 19.86
CA TYR C 239 69.30 -35.17 20.00
C TYR C 239 68.85 -33.72 19.87
N GLY C 240 67.54 -33.46 19.95
CA GLY C 240 67.04 -32.10 19.85
C GLY C 240 67.48 -31.20 20.98
N PHE C 241 67.86 -31.77 22.12
CA PHE C 241 68.35 -30.97 23.24
C PHE C 241 69.86 -31.00 23.35
N TYR C 242 70.48 -32.14 23.04
CA TYR C 242 71.94 -32.19 22.96
C TYR C 242 72.45 -31.18 21.95
N LYS C 243 71.73 -30.99 20.85
CA LYS C 243 72.13 -30.01 19.84
C LYS C 243 72.02 -28.60 20.38
N PHE C 244 70.80 -28.16 20.72
CA PHE C 244 70.55 -26.80 21.21
C PHE C 244 69.88 -26.89 22.58
N GLY C 245 70.69 -27.12 23.62
CA GLY C 245 70.23 -26.92 24.98
C GLY C 245 70.62 -25.57 25.55
N LEU C 246 71.80 -25.07 25.17
CA LEU C 246 72.20 -23.73 25.59
C LEU C 246 71.21 -22.69 25.08
N GLU C 247 70.78 -22.83 23.82
CA GLU C 247 69.84 -21.88 23.25
C GLU C 247 68.50 -21.91 23.99
N ILE C 248 67.99 -23.10 24.29
CA ILE C 248 66.69 -23.18 24.95
C ILE C 248 66.77 -22.70 26.39
N THR C 249 67.92 -22.91 27.05
CA THR C 249 68.11 -22.31 28.36
C THR C 249 68.13 -20.80 28.29
N MET C 250 68.77 -20.25 27.25
CA MET C 250 68.74 -18.81 27.05
C MET C 250 67.32 -18.31 26.83
N ILE C 251 66.53 -19.07 26.08
CA ILE C 251 65.13 -18.69 25.84
C ILE C 251 64.34 -18.71 27.15
N ALA C 252 64.56 -19.73 27.98
CA ALA C 252 63.87 -19.81 29.27
C ALA C 252 64.25 -18.63 30.15
N ILE C 253 65.53 -18.27 30.19
CA ILE C 253 65.96 -17.12 30.98
C ILE C 253 65.35 -15.84 30.43
N GLY C 254 65.28 -15.72 29.11
CA GLY C 254 64.70 -14.53 28.51
C GLY C 254 63.22 -14.38 28.85
N ILE C 255 62.47 -15.48 28.79
CA ILE C 255 61.06 -15.40 29.15
C ILE C 255 60.91 -15.15 30.65
N ASP C 256 61.83 -15.67 31.47
CA ASP C 256 61.80 -15.38 32.90
C ASP C 256 61.98 -13.89 33.16
N ILE C 257 62.91 -13.26 32.44
CA ILE C 257 63.09 -11.80 32.58
C ILE C 257 61.87 -11.06 32.06
N PHE C 258 61.32 -11.52 30.93
CA PHE C 258 60.14 -10.86 30.35
C PHE C 258 58.94 -10.96 31.28
N ASN C 259 58.92 -11.95 32.16
CA ASN C 259 57.83 -12.13 33.11
C ASN C 259 58.27 -11.90 34.55
N ARG C 260 59.42 -11.27 34.77
CA ARG C 260 59.97 -11.08 36.11
C ARG C 260 60.01 -9.62 36.54
N MET C 261 60.71 -8.76 35.78
CA MET C 261 60.77 -7.31 36.00
C MET C 261 61.08 -6.95 37.46
N ASP C 262 62.28 -7.31 37.89
CA ASP C 262 62.75 -6.88 39.21
C ASP C 262 64.28 -6.86 39.19
N ALA C 263 64.87 -6.72 40.39
CA ALA C 263 66.33 -6.76 40.50
C ALA C 263 66.87 -8.16 40.21
N LEU C 264 66.08 -9.20 40.50
CA LEU C 264 66.47 -10.55 40.11
C LEU C 264 66.58 -10.64 38.59
N ALA C 265 65.66 -10.02 37.86
CA ALA C 265 65.78 -9.96 36.42
C ALA C 265 67.02 -9.19 36.00
N ALA C 266 67.40 -8.16 36.75
CA ALA C 266 68.60 -7.39 36.43
C ALA C 266 69.86 -8.24 36.57
N ILE C 267 70.00 -8.95 37.69
CA ILE C 267 71.18 -9.80 37.85
C ILE C 267 71.14 -10.94 36.85
N GLN C 268 69.94 -11.42 36.48
CA GLN C 268 69.84 -12.49 35.50
C GLN C 268 70.28 -12.02 34.12
N CYS C 269 69.90 -10.80 33.73
CA CYS C 269 70.34 -10.30 32.43
C CYS C 269 71.81 -9.93 32.44
N PHE C 270 72.35 -9.54 33.60
CA PHE C 270 73.80 -9.40 33.70
C PHE C 270 74.49 -10.74 33.51
N TRP C 271 73.92 -11.81 34.07
CA TRP C 271 74.45 -13.15 33.82
C TRP C 271 74.39 -13.51 32.34
N LEU C 272 73.29 -13.15 31.68
CA LEU C 272 73.19 -13.38 30.24
C LEU C 272 74.24 -12.60 29.47
N VAL C 273 74.49 -11.34 29.87
CA VAL C 273 75.51 -10.54 29.22
C VAL C 273 76.88 -11.20 29.37
N LEU C 274 77.17 -11.70 30.58
CA LEU C 274 78.43 -12.40 30.79
C LEU C 274 78.52 -13.67 29.95
N PHE C 275 77.41 -14.40 29.84
CA PHE C 275 77.43 -15.70 29.14
C PHE C 275 77.56 -15.53 27.64
N ALA C 276 76.81 -14.60 27.04
CA ALA C 276 76.69 -14.53 25.60
C ALA C 276 77.89 -13.88 24.92
N LEU C 277 78.77 -13.24 25.69
CA LEU C 277 79.93 -12.54 25.13
C LEU C 277 81.21 -13.31 25.32
N ASN C 278 81.17 -14.64 25.22
CA ASN C 278 82.35 -15.46 25.41
C ASN C 278 82.21 -16.75 24.63
N LYS C 279 83.27 -17.55 24.64
CA LYS C 279 83.31 -18.81 23.91
C LYS C 279 82.75 -19.93 24.80
N ARG C 280 82.93 -21.18 24.36
CA ARG C 280 82.37 -22.31 25.09
C ARG C 280 83.14 -22.62 26.36
N VAL C 281 84.44 -22.31 26.38
CA VAL C 281 85.25 -22.63 27.56
C VAL C 281 84.85 -21.76 28.76
N PHE C 282 84.49 -20.50 28.51
CA PHE C 282 84.13 -19.61 29.61
C PHE C 282 82.86 -20.08 30.31
N VAL C 283 81.84 -20.45 29.53
CA VAL C 283 80.63 -20.99 30.14
C VAL C 283 80.91 -22.36 30.75
N ARG C 284 81.76 -23.16 30.09
CA ARG C 284 82.22 -24.43 30.66
C ARG C 284 82.75 -24.25 32.08
N ARG C 285 83.48 -23.16 32.31
CA ARG C 285 84.07 -22.93 33.63
C ARG C 285 83.07 -22.29 34.59
N ILE C 286 82.21 -21.39 34.09
CA ILE C 286 81.42 -20.53 34.96
C ILE C 286 80.04 -21.08 35.29
N TRP C 287 79.51 -22.00 34.48
CA TRP C 287 78.12 -22.41 34.65
C TRP C 287 77.91 -23.13 35.98
N VAL C 288 78.94 -23.83 36.47
CA VAL C 288 78.80 -24.50 37.76
C VAL C 288 78.59 -23.50 38.88
N PHE C 289 79.37 -22.42 38.89
CA PHE C 289 79.15 -21.36 39.87
C PHE C 289 77.78 -20.72 39.70
N TYR C 290 77.37 -20.49 38.45
CA TYR C 290 76.06 -19.89 38.21
C TYR C 290 74.94 -20.77 38.75
N VAL C 291 75.01 -22.07 38.48
CA VAL C 291 73.93 -22.98 38.86
C VAL C 291 73.89 -23.16 40.37
N ILE C 292 75.06 -23.24 41.02
CA ILE C 292 75.03 -23.35 42.48
C ILE C 292 74.52 -22.06 43.11
N TYR C 293 74.86 -20.91 42.52
CA TYR C 293 74.36 -19.65 43.06
C TYR C 293 72.84 -19.57 42.95
N MET C 294 72.28 -19.94 41.79
CA MET C 294 70.82 -19.89 41.66
C MET C 294 70.13 -20.94 42.51
N ALA C 295 70.74 -22.12 42.67
CA ALA C 295 70.18 -23.15 43.53
C ALA C 295 70.14 -22.71 44.99
N ILE C 296 71.19 -22.00 45.45
CA ILE C 296 71.15 -21.44 46.80
C ILE C 296 70.14 -20.31 46.89
N LEU C 297 70.00 -19.54 45.81
CA LEU C 297 69.11 -18.38 45.84
C LEU C 297 67.65 -18.79 45.93
N TYR C 298 67.28 -19.92 45.31
CA TYR C 298 65.88 -20.33 45.29
C TYR C 298 65.26 -20.46 46.68
N PRO C 299 65.86 -21.16 47.65
CA PRO C 299 65.25 -21.19 48.99
C PRO C 299 65.15 -19.82 49.63
N LEU C 300 66.12 -18.93 49.38
CA LEU C 300 66.02 -17.57 49.91
C LEU C 300 64.86 -16.82 49.26
N GLN C 301 64.65 -17.04 47.96
CA GLN C 301 63.52 -16.42 47.28
C GLN C 301 62.20 -16.90 47.88
N PHE C 302 62.09 -18.21 48.16
CA PHE C 302 60.86 -18.72 48.75
C PHE C 302 60.70 -18.23 50.19
N PHE C 303 61.82 -18.05 50.90
CA PHE C 303 61.78 -17.46 52.23
C PHE C 303 61.22 -16.05 52.20
N SER C 304 61.67 -15.25 51.24
CA SER C 304 61.13 -13.91 51.08
C SER C 304 59.66 -13.95 50.70
N TYR C 305 59.27 -14.95 49.90
CA TYR C 305 57.88 -15.06 49.47
C TYR C 305 56.97 -15.36 50.66
N VAL C 306 57.34 -16.34 51.50
CA VAL C 306 56.46 -16.73 52.60
C VAL C 306 56.39 -15.62 53.65
N GLY C 307 57.51 -14.97 53.93
CA GLY C 307 57.50 -13.84 54.85
C GLY C 307 57.73 -14.18 56.31
N LEU C 308 57.02 -13.47 57.18
CA LEU C 308 57.18 -13.55 58.62
C LEU C 308 55.82 -13.76 59.26
N PRO C 309 55.76 -14.41 60.42
CA PRO C 309 54.50 -14.53 61.15
C PRO C 309 53.91 -13.16 61.47
N PRO C 310 52.59 -13.02 61.40
CA PRO C 310 52.00 -11.68 61.61
C PRO C 310 52.17 -11.16 63.03
N ASP C 311 51.86 -11.97 64.04
CA ASP C 311 51.95 -11.54 65.43
C ASP C 311 53.36 -11.70 65.98
N SER C 312 54.34 -11.16 65.27
CA SER C 312 55.73 -11.20 65.70
C SER C 312 56.15 -9.96 66.48
N CYS C 313 55.29 -8.94 66.55
CA CYS C 313 55.57 -7.71 67.28
C CYS C 313 56.85 -7.03 66.79
N ILE C 314 57.17 -7.19 65.50
CA ILE C 314 58.36 -6.60 64.90
C ILE C 314 58.02 -6.14 63.50
N GLU C 315 58.70 -5.07 63.07
CA GLU C 315 58.47 -4.45 61.78
C GLU C 315 59.70 -4.62 60.90
N TYR C 316 59.47 -4.83 59.61
CA TYR C 316 60.59 -4.98 58.67
C TYR C 316 61.38 -3.69 58.59
N PRO C 317 62.71 -3.76 58.56
CA PRO C 317 63.50 -2.52 58.41
C PRO C 317 63.26 -1.80 57.10
N TRP C 318 63.15 -2.54 56.00
CA TRP C 318 63.01 -1.94 54.66
C TRP C 318 61.73 -1.15 54.50
N SER C 319 60.85 -1.15 55.50
CA SER C 319 59.63 -0.37 55.48
C SER C 319 59.84 1.06 55.98
N TYR C 320 61.05 1.42 56.43
CA TYR C 320 61.30 2.79 56.84
C TYR C 320 62.65 3.31 56.38
N TRP C 321 63.22 2.74 55.32
CA TRP C 321 64.49 3.25 54.81
C TRP C 321 64.32 4.60 54.13
N ILE C 322 63.25 4.77 53.36
CA ILE C 322 63.09 5.96 52.51
C ILE C 322 62.69 7.15 53.37
N PRO C 323 63.41 8.27 53.29
CA PRO C 323 63.17 9.37 54.23
C PRO C 323 61.85 10.12 54.07
N SER C 324 61.55 10.62 52.86
CA SER C 324 60.55 11.68 52.74
C SER C 324 59.67 11.50 51.51
N TYR C 325 59.36 10.27 51.14
CA TYR C 325 58.37 10.02 50.10
C TYR C 325 57.30 9.08 50.63
N SER C 326 56.16 9.05 49.94
CA SER C 326 54.94 8.46 50.45
C SER C 326 55.05 6.94 50.53
N ASP C 327 53.99 6.32 51.08
CA ASP C 327 54.00 4.89 51.34
C ASP C 327 53.84 4.06 50.08
N ASP C 328 53.20 4.60 49.04
CA ASP C 328 53.13 3.89 47.77
C ASP C 328 54.52 3.70 47.18
N ALA C 329 55.40 4.70 47.35
CA ALA C 329 56.80 4.52 46.95
C ALA C 329 57.45 3.41 47.77
N ARG C 330 57.12 3.32 49.06
CA ARG C 330 57.64 2.25 49.89
C ARG C 330 57.21 0.89 49.36
N PHE C 331 55.93 0.76 49.00
CA PHE C 331 55.42 -0.50 48.48
C PHE C 331 56.08 -0.84 47.14
N ASN C 332 56.26 0.16 46.28
CA ASN C 332 56.92 -0.08 45.00
C ASN C 332 58.36 -0.52 45.20
N LEU C 333 59.08 0.12 46.12
CA LEU C 333 60.46 -0.27 46.39
C LEU C 333 60.54 -1.69 46.95
N SER C 334 59.62 -2.04 47.86
CA SER C 334 59.60 -3.38 48.42
C SER C 334 59.29 -4.42 47.35
N TYR C 335 58.34 -4.12 46.47
CA TYR C 335 57.96 -5.07 45.42
C TYR C 335 59.07 -5.25 44.39
N LEU C 336 59.73 -4.16 44.01
CA LEU C 336 60.81 -4.25 43.02
C LEU C 336 61.98 -5.06 43.55
N LEU C 337 62.33 -4.88 44.82
CA LEU C 337 63.42 -5.64 45.41
C LEU C 337 63.00 -7.02 45.87
N ASN C 338 61.71 -7.35 45.79
CA ASN C 338 61.18 -8.66 46.15
C ASN C 338 61.52 -9.01 47.61
N LEU C 339 60.97 -8.20 48.52
CA LEU C 339 61.13 -8.41 49.94
C LEU C 339 59.75 -8.68 50.57
N SER C 340 59.77 -9.39 51.69
CA SER C 340 58.53 -9.76 52.36
C SER C 340 57.84 -8.53 52.92
N ILE C 341 56.50 -8.52 52.82
CA ILE C 341 55.68 -7.42 53.34
C ILE C 341 54.36 -7.99 53.81
N TYR C 342 53.78 -7.36 54.81
CA TYR C 342 52.51 -7.81 55.38
C TYR C 342 51.40 -7.74 54.33
N GLY C 343 50.55 -8.77 54.31
CA GLY C 343 49.43 -8.79 53.39
C GLY C 343 49.83 -8.83 51.94
N VAL C 344 50.79 -9.67 51.58
CA VAL C 344 51.28 -9.77 50.22
C VAL C 344 50.62 -10.94 49.53
N ASN C 345 50.50 -10.85 48.21
CA ASN C 345 49.77 -11.85 47.41
C ASN C 345 50.60 -12.24 46.18
N TRP C 346 51.87 -12.61 46.42
CA TRP C 346 52.81 -13.02 45.38
C TRP C 346 52.16 -13.96 44.36
N PRO C 347 52.06 -13.55 43.10
CA PRO C 347 51.54 -14.45 42.06
C PRO C 347 52.52 -15.56 41.75
N SER C 348 51.99 -16.63 41.16
CA SER C 348 52.75 -17.85 40.91
C SER C 348 53.59 -17.79 39.64
N ALA C 349 53.54 -16.69 38.90
CA ALA C 349 54.29 -16.59 37.66
C ALA C 349 55.79 -16.69 37.91
N TYR C 350 56.27 -16.02 38.96
CA TYR C 350 57.70 -16.07 39.29
C TYR C 350 58.12 -17.49 39.64
N LEU C 351 57.30 -18.19 40.43
CA LEU C 351 57.62 -19.57 40.82
C LEU C 351 57.64 -20.48 39.61
N ILE C 352 56.67 -20.32 38.70
CA ILE C 352 56.68 -21.12 37.48
C ILE C 352 57.95 -20.85 36.68
N GLY C 353 58.33 -19.58 36.56
CA GLY C 353 59.52 -19.24 35.79
C GLY C 353 60.79 -19.83 36.39
N ASP C 354 60.96 -19.71 37.71
CA ASP C 354 62.19 -20.21 38.30
C ASP C 354 62.21 -21.73 38.36
N PHE C 355 61.04 -22.38 38.46
CA PHE C 355 61.01 -23.83 38.36
C PHE C 355 61.40 -24.29 36.96
N PHE C 356 60.93 -23.56 35.93
CA PHE C 356 61.36 -23.87 34.58
C PHE C 356 62.87 -23.67 34.42
N VAL C 357 63.41 -22.61 35.03
CA VAL C 357 64.86 -22.41 35.01
C VAL C 357 65.57 -23.59 35.66
N LEU C 358 65.04 -24.07 36.79
CA LEU C 358 65.65 -25.21 37.46
C LEU C 358 65.66 -26.45 36.58
N LEU C 359 64.55 -26.72 35.90
CA LEU C 359 64.48 -27.95 35.11
C LEU C 359 65.33 -27.83 33.85
N LEU C 360 65.40 -26.63 33.25
CA LEU C 360 66.36 -26.41 32.17
C LEU C 360 67.79 -26.62 32.64
N ALA C 361 68.13 -26.14 33.84
CA ALA C 361 69.48 -26.34 34.36
C ALA C 361 69.77 -27.81 34.59
N SER C 362 68.80 -28.56 35.11
CA SER C 362 69.01 -29.99 35.33
C SER C 362 69.22 -30.74 34.02
N CYS C 363 68.40 -30.46 33.01
CA CYS C 363 68.60 -31.09 31.71
C CYS C 363 69.94 -30.68 31.11
N GLN C 364 70.32 -29.40 31.27
CA GLN C 364 71.58 -28.94 30.71
C GLN C 364 72.76 -29.63 31.37
N LEU C 365 72.72 -29.82 32.69
CA LEU C 365 73.82 -30.55 33.35
C LEU C 365 73.82 -32.01 32.94
N ALA C 366 72.63 -32.61 32.78
CA ALA C 366 72.56 -34.02 32.37
C ALA C 366 73.22 -34.22 31.01
N VAL C 367 72.98 -33.31 30.07
CA VAL C 367 73.63 -33.42 28.76
C VAL C 367 75.07 -32.91 28.83
N PHE C 368 75.38 -32.06 29.80
CA PHE C 368 76.68 -31.42 29.89
C PHE C 368 77.73 -32.37 30.45
N ARG C 369 77.32 -33.32 31.29
CA ARG C 369 78.26 -34.33 31.76
C ARG C 369 78.78 -35.19 30.61
N ARG C 370 77.90 -35.53 29.66
CA ARG C 370 78.30 -36.28 28.48
C ARG C 370 78.73 -35.35 27.34
N GLU C 371 79.64 -34.43 27.67
CA GLU C 371 80.11 -33.46 26.69
C GLU C 371 80.98 -34.14 25.64
N GLY C 372 80.83 -33.70 24.39
CA GLY C 372 81.61 -34.23 23.29
C GLY C 372 82.20 -33.15 22.41
N GLU C 373 82.26 -33.41 21.11
CA GLU C 373 82.82 -32.45 20.16
C GLU C 373 81.76 -31.90 19.20
N ASP C 374 80.52 -32.37 19.27
CA ASP C 374 79.48 -31.88 18.37
C ASP C 374 79.16 -30.42 18.63
N ASN C 375 79.06 -30.02 19.89
CA ASN C 375 78.70 -28.65 20.25
C ASN C 375 79.95 -27.77 20.40
N ASP C 376 80.78 -27.77 19.37
CA ASP C 376 81.99 -26.96 19.34
C ASP C 376 82.06 -26.22 18.01
N SER C 377 82.56 -24.98 18.06
CA SER C 377 82.66 -24.16 16.85
C SER C 377 83.69 -24.73 15.91
N ILE C 378 83.42 -24.61 14.59
CA ILE C 378 84.36 -25.06 13.57
C ILE C 378 85.45 -24.05 13.27
N TYR C 379 85.47 -22.93 13.98
CA TYR C 379 86.46 -21.87 13.77
C TYR C 379 87.64 -21.98 14.74
N ASN C 380 87.71 -23.06 15.52
CA ASN C 380 88.80 -23.22 16.47
C ASN C 380 90.16 -23.31 15.80
N ASP C 381 90.21 -23.74 14.53
CA ASP C 381 91.48 -23.81 13.81
C ASP C 381 92.03 -22.40 13.55
N GLY C 382 91.17 -21.40 13.52
CA GLY C 382 91.60 -20.01 13.47
C GLY C 382 91.65 -19.38 12.10
N ASN C 383 91.11 -20.03 11.07
CA ASN C 383 91.10 -19.48 9.72
C ASN C 383 89.68 -19.50 9.15
N PHE C 384 89.43 -18.61 8.20
CA PHE C 384 88.12 -18.46 7.57
C PHE C 384 87.97 -19.26 6.29
N VAL C 385 89.01 -19.97 5.86
CA VAL C 385 88.93 -20.72 4.61
C VAL C 385 87.94 -21.88 4.75
N ILE C 386 87.28 -22.21 3.63
CA ILE C 386 86.32 -23.29 3.62
C ILE C 386 87.04 -24.61 3.90
N LYS C 387 86.47 -25.40 4.81
CA LYS C 387 87.09 -26.67 5.17
C LYS C 387 87.08 -27.62 3.98
N PRO C 388 88.22 -28.23 3.63
CA PRO C 388 88.28 -29.05 2.40
C PRO C 388 87.28 -30.20 2.37
N GLU C 389 87.06 -30.87 3.51
CA GLU C 389 86.18 -32.03 3.54
C GLU C 389 85.26 -31.94 4.76
N ASN C 390 83.96 -32.06 4.51
CA ASN C 390 82.96 -32.00 5.57
C ASN C 390 82.34 -33.37 5.80
N PRO C 391 81.92 -33.68 7.03
CA PRO C 391 81.30 -34.97 7.31
C PRO C 391 79.86 -35.11 6.89
N GLN C 392 79.33 -34.18 6.09
CA GLN C 392 77.95 -34.25 5.62
C GLN C 392 77.93 -34.03 4.11
N TYR C 393 76.91 -34.59 3.46
CA TYR C 393 76.76 -34.49 2.02
C TYR C 393 76.07 -33.17 1.65
N ASP C 394 76.04 -32.89 0.35
CA ASP C 394 75.39 -31.68 -0.14
C ASP C 394 73.88 -31.76 0.05
N PHE C 395 73.28 -30.62 0.36
CA PHE C 395 71.84 -30.53 0.58
C PHE C 395 71.13 -29.60 -0.39
N ILE C 396 71.85 -28.63 -0.98
CA ILE C 396 71.23 -27.69 -1.91
C ILE C 396 70.77 -28.41 -3.17
N ASP C 397 71.52 -29.42 -3.60
CA ASP C 397 71.11 -30.27 -4.70
C ASP C 397 70.28 -31.43 -4.14
N THR C 398 69.98 -32.40 -5.00
CA THR C 398 69.22 -33.63 -4.67
C THR C 398 68.09 -33.35 -3.68
N LYS C 399 67.19 -32.46 -4.10
CA LYS C 399 66.02 -32.13 -3.28
C LYS C 399 65.01 -33.27 -3.27
N LYS C 400 65.15 -34.18 -2.33
CA LYS C 400 64.25 -35.32 -2.15
C LYS C 400 63.54 -35.19 -0.81
N SER C 401 62.27 -35.62 -0.79
CA SER C 401 61.41 -35.56 0.40
C SER C 401 61.21 -34.08 0.75
N TYR C 402 60.98 -33.78 2.04
CA TYR C 402 60.69 -32.42 2.48
C TYR C 402 61.61 -31.92 3.57
N VAL C 403 62.29 -32.81 4.30
CA VAL C 403 63.22 -32.37 5.34
C VAL C 403 64.43 -31.68 4.71
N ASP C 404 64.86 -32.11 3.52
CA ASP C 404 65.91 -31.39 2.81
C ASP C 404 65.45 -29.99 2.44
N TYR C 405 64.20 -29.85 2.01
CA TYR C 405 63.65 -28.53 1.73
C TYR C 405 63.61 -27.67 3.00
N PHE C 406 63.28 -28.30 4.13
CA PHE C 406 63.27 -27.57 5.41
C PHE C 406 64.67 -27.07 5.77
N LYS C 407 65.69 -27.92 5.59
CA LYS C 407 67.05 -27.48 5.86
C LYS C 407 67.45 -26.34 4.93
N SER C 408 67.08 -26.45 3.65
CA SER C 408 67.41 -25.37 2.71
C SER C 408 66.76 -24.06 3.14
N PHE C 409 65.49 -24.12 3.54
CA PHE C 409 64.79 -22.92 3.97
C PHE C 409 65.42 -22.33 5.22
N VAL C 410 65.77 -23.17 6.20
CA VAL C 410 66.29 -22.64 7.46
C VAL C 410 67.74 -22.19 7.35
N PHE C 411 68.51 -22.74 6.42
CA PHE C 411 69.92 -22.41 6.29
C PHE C 411 70.22 -21.41 5.19
N HIS C 412 69.28 -21.15 4.28
CA HIS C 412 69.56 -20.30 3.13
C HIS C 412 68.80 -18.98 3.14
N TYR C 413 67.69 -18.89 3.88
CA TYR C 413 67.01 -17.62 4.13
C TYR C 413 66.80 -17.36 5.62
N GLY C 414 67.59 -18.00 6.49
CA GLY C 414 67.42 -17.78 7.92
C GLY C 414 67.76 -16.36 8.34
N HIS C 415 68.81 -15.79 7.75
CA HIS C 415 69.21 -14.44 8.11
C HIS C 415 68.16 -13.42 7.70
N TRP C 416 67.46 -13.67 6.60
CA TRP C 416 66.33 -12.81 6.24
C TRP C 416 65.26 -12.82 7.34
N ILE C 417 64.95 -14.01 7.87
CA ILE C 417 63.95 -14.11 8.92
C ILE C 417 64.42 -13.39 10.18
N THR C 418 65.68 -13.57 10.56
CA THR C 418 66.15 -12.92 11.79
C THR C 418 66.22 -11.40 11.62
N LEU C 419 66.57 -10.91 10.43
CA LEU C 419 66.56 -9.46 10.21
C LEU C 419 65.15 -8.92 10.21
N MET C 420 64.19 -9.68 9.66
CA MET C 420 62.79 -9.28 9.74
C MET C 420 62.34 -9.18 11.20
N SER C 421 62.72 -10.17 12.02
CA SER C 421 62.33 -10.15 13.42
C SER C 421 62.94 -8.98 14.16
N THR C 422 64.23 -8.70 13.91
CA THR C 422 64.87 -7.59 14.61
C THR C 422 64.32 -6.25 14.15
N LEU C 423 63.96 -6.12 12.86
CA LEU C 423 63.35 -4.89 12.40
C LEU C 423 61.96 -4.70 13.00
N ALA C 424 61.19 -5.78 13.13
CA ALA C 424 59.88 -5.67 13.77
C ALA C 424 60.03 -5.27 15.24
N ALA C 425 61.02 -5.85 15.92
CA ALA C 425 61.26 -5.47 17.31
C ALA C 425 61.67 -4.00 17.42
N GLY C 426 62.51 -3.53 16.49
CA GLY C 426 62.91 -2.14 16.51
C GLY C 426 61.75 -1.19 16.27
N ILE C 427 60.93 -1.48 15.28
CA ILE C 427 59.81 -0.60 14.96
C ILE C 427 58.72 -0.67 16.02
N ALA C 428 58.63 -1.78 16.75
CA ALA C 428 57.61 -1.89 17.80
C ALA C 428 57.83 -0.86 18.90
N GLY C 429 59.08 -0.69 19.34
CA GLY C 429 59.38 0.26 20.39
C GLY C 429 59.44 1.69 19.91
N THR C 430 59.55 2.61 20.87
CA THR C 430 59.63 4.05 20.60
C THR C 430 60.65 4.65 21.56
N SER C 431 61.91 4.68 21.14
CA SER C 431 62.99 5.25 21.93
C SER C 431 64.22 5.35 21.03
N LEU C 432 65.32 5.85 21.61
CA LEU C 432 66.58 5.89 20.88
C LEU C 432 67.10 4.48 20.59
N PHE C 433 66.73 3.51 21.42
CA PHE C 433 67.09 2.12 21.17
C PHE C 433 66.44 1.63 19.88
N ALA C 434 65.21 2.08 19.62
CA ALA C 434 64.57 1.78 18.35
C ALA C 434 65.35 2.36 17.18
N LEU C 435 65.85 3.59 17.32
CA LEU C 435 66.69 4.18 16.29
C LEU C 435 67.96 3.37 16.07
N GLY C 436 68.58 2.88 17.15
CA GLY C 436 69.74 2.04 17.01
C GLY C 436 69.45 0.76 16.25
N TYR C 437 68.34 0.10 16.59
CA TYR C 437 67.92 -1.06 15.83
C TYR C 437 67.71 -0.71 14.36
N ILE C 438 67.05 0.41 14.10
CA ILE C 438 66.75 0.81 12.72
C ILE C 438 68.04 0.97 11.93
N ILE C 439 68.99 1.72 12.48
CA ILE C 439 70.21 2.02 11.72
C ILE C 439 71.06 0.77 11.57
N PHE C 440 71.15 -0.05 12.62
CA PHE C 440 71.96 -1.26 12.53
C PHE C 440 71.39 -2.25 11.51
N THR C 441 70.06 -2.45 11.53
CA THR C 441 69.48 -3.35 10.54
C THR C 441 69.57 -2.77 9.13
N LEU C 442 69.50 -1.44 8.99
CA LEU C 442 69.64 -0.84 7.67
C LEU C 442 71.03 -1.07 7.12
N THR C 443 72.06 -0.80 7.93
CA THR C 443 73.42 -1.04 7.46
C THR C 443 73.73 -2.52 7.30
N MET C 444 72.99 -3.41 7.98
CA MET C 444 73.18 -4.84 7.77
C MET C 444 72.59 -5.30 6.45
N LEU C 445 71.37 -4.86 6.14
CA LEU C 445 70.74 -5.25 4.87
C LEU C 445 71.36 -4.55 3.67
N TRP C 446 71.95 -3.36 3.86
CA TRP C 446 72.54 -2.67 2.70
C TRP C 446 73.69 -3.47 2.11
N SER C 447 74.39 -4.27 2.91
CA SER C 447 75.44 -5.15 2.41
C SER C 447 74.82 -6.51 2.09
N GLY C 448 74.36 -6.65 0.85
CA GLY C 448 73.62 -7.83 0.45
C GLY C 448 74.44 -9.10 0.33
N ASN C 449 75.34 -9.16 -0.65
CA ASN C 449 76.09 -10.38 -0.90
C ASN C 449 77.57 -10.10 -1.09
N ASN C 450 77.92 -8.85 -1.42
CA ASN C 450 79.33 -8.51 -1.65
C ASN C 450 80.14 -8.66 -0.36
N LEU C 451 79.55 -8.30 0.77
CA LEU C 451 80.27 -8.39 2.04
C LEU C 451 80.35 -9.82 2.54
N TYR C 452 79.51 -10.72 2.02
CA TYR C 452 79.53 -12.11 2.43
C TYR C 452 80.52 -12.94 1.61
N VAL C 453 81.76 -12.47 1.56
CA VAL C 453 82.83 -13.14 0.81
C VAL C 453 84.06 -13.23 1.71
N MET C 454 84.68 -14.40 1.75
CA MET C 454 85.84 -14.67 2.60
C MET C 454 87.16 -14.55 1.84
N ASN C 455 87.22 -13.70 0.82
CA ASN C 455 88.41 -13.56 -0.02
C ASN C 455 89.51 -12.84 0.77
N SER C 456 90.19 -13.61 1.62
CA SER C 456 91.38 -13.17 2.37
C SER C 456 90.96 -12.10 3.36
N THR C 457 91.31 -10.83 3.17
CA THR C 457 91.16 -9.78 4.17
C THR C 457 90.18 -8.72 3.67
N LEU C 458 90.15 -7.58 4.36
CA LEU C 458 89.28 -6.46 4.03
C LEU C 458 87.80 -6.85 4.18
N ARG C 459 87.42 -7.01 5.44
CA ARG C 459 86.04 -7.30 5.85
C ARG C 459 85.59 -8.69 5.41
N SER C 460 86.30 -9.71 5.87
CA SER C 460 86.03 -11.10 5.57
C SER C 460 85.10 -11.71 6.62
N PHE C 461 85.05 -13.05 6.65
CA PHE C 461 84.24 -13.78 7.64
C PHE C 461 84.49 -13.31 9.07
N GLU C 462 85.75 -13.05 9.41
CA GLU C 462 86.05 -12.59 10.75
C GLU C 462 85.36 -11.27 11.05
N HIS C 463 85.36 -10.35 10.09
CA HIS C 463 84.68 -9.08 10.28
C HIS C 463 83.17 -9.25 10.33
N THR C 464 82.63 -10.18 9.53
CA THR C 464 81.20 -10.44 9.61
C THR C 464 80.79 -10.94 10.99
N LEU C 465 81.55 -11.89 11.55
CA LEU C 465 81.25 -12.37 12.89
C LEU C 465 81.50 -11.29 13.94
N LYS C 466 82.47 -10.40 13.70
CA LYS C 466 82.65 -9.28 14.60
C LYS C 466 81.43 -8.36 14.61
N ARG C 467 80.86 -8.09 13.42
CA ARG C 467 79.66 -7.28 13.35
C ARG C 467 78.48 -7.97 14.04
N TRP C 468 78.38 -9.29 13.88
CA TRP C 468 77.31 -10.02 14.54
C TRP C 468 77.47 -9.98 16.07
N ASN C 469 78.70 -10.11 16.56
CA ASN C 469 78.95 -9.98 17.99
C ASN C 469 78.63 -8.57 18.48
N ALA C 470 78.89 -7.57 17.63
CA ALA C 470 78.48 -6.21 17.98
C ALA C 470 76.97 -6.10 18.09
N LEU C 471 76.24 -6.79 17.21
CA LEU C 471 74.77 -6.80 17.31
C LEU C 471 74.32 -7.45 18.61
N LEU C 472 74.93 -8.58 18.97
CA LEU C 472 74.66 -9.19 20.27
C LEU C 472 74.92 -8.22 21.41
N GLY C 473 76.07 -7.55 21.39
CA GLY C 473 76.40 -6.61 22.44
C GLY C 473 75.40 -5.49 22.56
N TYR C 474 74.97 -4.94 21.42
CA TYR C 474 74.00 -3.85 21.44
C TYR C 474 72.65 -4.33 21.96
N THR C 475 72.21 -5.53 21.56
CA THR C 475 70.93 -6.04 22.05
C THR C 475 70.96 -6.26 23.56
N LEU C 476 72.03 -6.87 24.07
CA LEU C 476 72.15 -7.07 25.51
C LEU C 476 72.24 -5.75 26.25
N PHE C 477 72.97 -4.78 25.68
CA PHE C 477 73.03 -3.45 26.29
C PHE C 477 71.65 -2.81 26.34
N THR C 478 70.87 -2.96 25.27
CA THR C 478 69.53 -2.38 25.24
C THR C 478 68.64 -3.00 26.31
N ILE C 479 68.65 -4.33 26.43
CA ILE C 479 67.75 -4.97 27.38
C ILE C 479 68.18 -4.67 28.81
N THR C 480 69.50 -4.66 29.08
CA THR C 480 69.95 -4.36 30.43
C THR C 480 69.69 -2.90 30.78
N MET C 481 69.82 -1.99 29.81
CA MET C 481 69.50 -0.59 30.07
C MET C 481 68.02 -0.42 30.36
N LYS C 482 67.15 -1.13 29.61
CA LYS C 482 65.72 -1.04 29.86
C LYS C 482 65.37 -1.54 31.26
N VAL C 483 65.92 -2.69 31.65
CA VAL C 483 65.56 -3.25 32.95
C VAL C 483 66.14 -2.41 34.08
N CYS C 484 67.33 -1.84 33.90
CA CYS C 484 67.92 -1.00 34.92
C CYS C 484 67.31 0.39 34.98
N LEU C 485 66.65 0.84 33.91
CA LEU C 485 65.95 2.12 33.93
C LEU C 485 64.52 1.99 34.44
N GLN C 486 63.91 0.82 34.28
CA GLN C 486 62.56 0.62 34.80
C GLN C 486 62.52 0.75 36.31
N ILE C 487 63.50 0.15 37.01
CA ILE C 487 63.53 0.23 38.46
C ILE C 487 63.75 1.67 38.91
N PHE C 488 64.60 2.40 38.20
CA PHE C 488 64.85 3.81 38.53
C PHE C 488 63.58 4.64 38.36
N GLY C 489 62.93 4.51 37.20
CA GLY C 489 61.80 5.38 36.90
C GLY C 489 60.53 5.04 37.66
N CYS C 490 60.31 3.75 37.92
CA CYS C 490 59.01 3.33 38.45
C CYS C 490 58.83 3.75 39.90
N VAL C 491 59.89 3.70 40.71
CA VAL C 491 59.78 4.02 42.13
C VAL C 491 60.36 5.39 42.48
N PHE C 492 61.36 5.88 41.75
CA PHE C 492 62.00 7.14 42.05
C PHE C 492 61.56 8.25 41.09
N LEU C 493 60.29 8.23 40.70
CA LEU C 493 59.76 9.26 39.81
C LEU C 493 59.71 10.64 40.48
N SER C 494 59.76 10.69 41.81
CA SER C 494 59.62 11.95 42.52
C SER C 494 60.73 12.94 42.17
N TRP C 495 61.94 12.44 41.93
CA TRP C 495 63.04 13.30 41.54
C TRP C 495 62.84 13.93 40.16
N PHE C 496 61.88 13.44 39.38
CA PHE C 496 61.62 13.97 38.05
C PHE C 496 60.77 15.24 38.08
N ASP C 497 60.51 15.79 39.26
CA ASP C 497 59.58 16.90 39.44
C ASP C 497 60.27 18.24 39.66
N GLN C 498 61.34 18.53 38.92
CA GLN C 498 62.01 19.82 39.06
C GLN C 498 61.02 20.94 38.70
N SER C 499 61.13 22.06 39.42
CA SER C 499 60.14 23.12 39.32
C SER C 499 60.06 23.68 37.90
N GLY C 500 61.15 24.30 37.44
CA GLY C 500 61.15 24.91 36.13
C GLY C 500 62.54 25.12 35.60
N GLY C 501 62.63 25.33 34.30
CA GLY C 501 63.92 25.47 33.65
C GLY C 501 64.46 24.14 33.16
N TRP C 502 65.35 23.53 33.95
CA TRP C 502 65.90 22.23 33.59
C TRP C 502 64.83 21.14 33.54
N GLY C 503 63.71 21.33 34.25
CA GLY C 503 62.66 20.33 34.25
C GLY C 503 62.01 20.15 32.89
N LYS C 504 61.93 21.24 32.11
CA LYS C 504 61.34 21.14 30.79
C LYS C 504 62.11 20.18 29.90
N THR C 505 63.43 20.30 29.89
CA THR C 505 64.25 19.32 29.17
C THR C 505 64.27 17.97 29.89
N LEU C 506 64.16 17.99 31.22
CA LEU C 506 64.10 16.74 31.97
C LEU C 506 62.87 15.92 31.60
N CYS C 507 61.71 16.57 31.49
CA CYS C 507 60.52 15.85 31.05
C CYS C 507 60.67 15.34 29.62
N ILE C 508 61.33 16.11 28.77
CA ILE C 508 61.53 15.67 27.38
C ILE C 508 62.39 14.41 27.34
N VAL C 509 63.49 14.40 28.09
CA VAL C 509 64.38 13.23 28.05
C VAL C 509 63.71 12.03 28.71
N ARG C 510 62.95 12.26 29.79
CA ARG C 510 62.19 11.17 30.39
C ARG C 510 61.16 10.60 29.42
N GLN C 511 60.51 11.47 28.65
CA GLN C 511 59.47 11.03 27.74
C GLN C 511 60.05 10.29 26.54
N LEU C 512 61.23 10.71 26.06
CA LEU C 512 61.83 10.04 24.93
C LEU C 512 62.62 8.82 25.34
N PHE C 513 62.90 8.64 26.63
CA PHE C 513 63.49 7.40 27.12
C PHE C 513 62.47 6.35 27.49
N SER C 514 61.17 6.65 27.37
CA SER C 514 60.09 5.71 27.68
C SER C 514 60.20 5.20 29.12
N ILE C 515 60.05 6.14 30.05
CA ILE C 515 60.18 5.86 31.48
C ILE C 515 58.79 5.83 32.09
N THR C 516 58.41 4.68 32.65
CA THR C 516 57.11 4.50 33.27
C THR C 516 57.15 3.23 34.10
N CYS C 517 56.01 2.87 34.71
CA CYS C 517 55.88 1.65 35.50
C CYS C 517 55.23 0.59 34.63
N VAL C 518 56.05 -0.27 34.01
CA VAL C 518 55.50 -1.33 33.18
C VAL C 518 54.76 -2.36 34.03
N ASN C 519 55.26 -2.63 35.23
CA ASN C 519 54.59 -3.57 36.12
C ASN C 519 53.27 -2.98 36.61
N ASN C 520 52.23 -3.81 36.62
CA ASN C 520 50.90 -3.38 37.04
C ASN C 520 50.55 -3.74 38.47
N GLU C 521 51.26 -4.70 39.07
CA GLU C 521 50.96 -5.09 40.45
C GLU C 521 51.25 -3.95 41.42
N CYS C 522 52.37 -3.25 41.24
CA CYS C 522 52.70 -2.14 42.12
C CYS C 522 51.79 -0.95 41.84
N HIS C 523 51.62 -0.12 42.86
CA HIS C 523 50.76 1.06 42.74
C HIS C 523 51.54 2.22 42.15
N VAL C 524 50.96 2.84 41.11
CA VAL C 524 51.59 4.00 40.49
C VAL C 524 51.57 5.16 41.47
N LEU C 525 52.66 5.93 41.50
CA LEU C 525 52.78 7.06 42.41
C LEU C 525 51.62 8.03 42.19
N LYS C 526 50.99 8.45 43.28
CA LYS C 526 49.68 9.08 43.21
C LYS C 526 49.74 10.61 43.12
N GLU C 527 50.57 11.27 43.95
CA GLU C 527 50.49 12.72 44.04
C GLU C 527 51.05 13.43 42.82
N LEU C 528 51.76 12.73 41.95
CA LEU C 528 52.25 13.37 40.72
C LEU C 528 51.27 13.16 39.58
N GLU C 529 50.00 13.50 39.80
CA GLU C 529 49.00 13.38 38.74
C GLU C 529 49.24 14.42 37.65
N ASP C 530 49.46 15.68 38.05
CA ASP C 530 49.68 16.73 37.07
C ASP C 530 50.99 16.54 36.31
N PHE C 531 52.05 16.12 37.02
CA PHE C 531 53.32 15.87 36.35
C PHE C 531 53.20 14.73 35.35
N SER C 532 52.53 13.64 35.74
CA SER C 532 52.29 12.56 34.80
C SER C 532 51.44 13.02 33.63
N LYS C 533 50.54 13.97 33.86
CA LYS C 533 49.76 14.55 32.78
C LYS C 533 50.67 15.31 31.81
N ALA C 534 51.64 16.06 32.34
CA ALA C 534 52.49 16.91 31.49
C ALA C 534 53.39 16.07 30.60
N CYS C 535 54.12 15.11 31.18
CA CYS C 535 55.02 14.29 30.37
C CYS C 535 54.24 13.31 29.50
N ALA C 536 53.22 12.67 30.06
CA ALA C 536 52.21 11.91 29.31
C ALA C 536 52.85 10.78 28.49
N VAL C 537 53.39 9.80 29.21
CA VAL C 537 53.71 8.53 28.58
C VAL C 537 52.43 7.94 28.02
N GLU C 538 52.53 7.20 26.90
CA GLU C 538 51.34 6.88 26.13
C GLU C 538 50.32 6.09 26.93
N THR C 539 50.57 4.82 27.22
CA THR C 539 49.87 4.17 28.31
C THR C 539 50.84 3.55 29.31
N LYS C 540 51.60 2.55 28.84
CA LYS C 540 52.58 1.87 29.68
C LYS C 540 53.81 1.42 28.90
N GLU C 541 53.98 1.85 27.65
CA GLU C 541 54.85 1.12 26.72
C GLU C 541 56.32 1.26 27.06
N GLY C 542 56.83 0.32 27.85
CA GLY C 542 58.25 0.17 28.11
C GLY C 542 58.61 -1.30 28.18
N ASN C 543 57.87 -2.12 27.44
CA ASN C 543 57.89 -3.56 27.61
C ASN C 543 59.24 -4.16 27.20
N ILE C 544 59.39 -5.45 27.48
CA ILE C 544 60.61 -6.20 27.26
C ILE C 544 60.23 -7.35 26.31
N GLY C 545 59.36 -7.06 25.36
CA GLY C 545 58.73 -8.10 24.57
C GLY C 545 59.47 -8.46 23.30
N PHE C 546 59.01 -7.97 22.15
CA PHE C 546 59.53 -8.33 20.84
C PHE C 546 61.05 -8.32 20.77
N ASP C 547 61.69 -7.54 21.66
CA ASP C 547 63.14 -7.58 21.75
C ASP C 547 63.65 -8.98 22.09
N VAL C 548 62.92 -9.69 22.95
CA VAL C 548 63.35 -11.04 23.34
C VAL C 548 63.27 -12.00 22.15
N ILE C 549 62.19 -11.93 21.38
CA ILE C 549 62.10 -12.85 20.24
C ILE C 549 63.12 -12.47 19.15
N ALA C 550 63.40 -11.17 19.00
CA ALA C 550 64.48 -10.78 18.09
C ALA C 550 65.81 -11.33 18.56
N LEU C 551 66.07 -11.25 19.86
CA LEU C 551 67.31 -11.83 20.41
C LEU C 551 67.35 -13.33 20.17
N SER C 552 66.21 -14.01 20.34
CA SER C 552 66.14 -15.44 20.05
C SER C 552 66.53 -15.74 18.61
N PHE C 553 65.94 -15.02 17.67
CA PHE C 553 66.22 -15.27 16.26
C PHE C 553 67.68 -15.00 15.94
N LEU C 554 68.25 -13.91 16.47
CA LEU C 554 69.62 -13.58 16.13
C LEU C 554 70.62 -14.50 16.81
N VAL C 555 70.35 -14.97 18.03
CA VAL C 555 71.25 -15.93 18.65
C VAL C 555 71.18 -17.27 17.92
N PHE C 556 69.99 -17.65 17.46
CA PHE C 556 69.89 -18.85 16.63
C PHE C 556 70.70 -18.68 15.34
N GLN C 557 70.61 -17.51 14.72
CA GLN C 557 71.36 -17.28 13.47
C GLN C 557 72.86 -17.32 13.71
N ILE C 558 73.34 -16.70 14.80
CA ILE C 558 74.78 -16.70 15.04
C ILE C 558 75.25 -18.10 15.42
N ARG C 559 74.42 -18.89 16.10
CA ARG C 559 74.78 -20.27 16.36
C ARG C 559 74.87 -21.08 15.06
N ILE C 560 73.94 -20.83 14.14
CA ILE C 560 74.00 -21.50 12.83
C ILE C 560 75.25 -21.08 12.07
N PHE C 561 75.66 -19.81 12.23
CA PHE C 561 76.84 -19.33 11.52
C PHE C 561 78.08 -20.12 11.89
N HIS C 562 78.14 -20.64 13.12
CA HIS C 562 79.25 -21.47 13.58
C HIS C 562 78.90 -22.96 13.54
N SER C 563 78.07 -23.36 12.59
CA SER C 563 77.63 -24.75 12.49
C SER C 563 77.91 -25.32 11.10
N TRP C 564 77.38 -26.50 10.82
CA TRP C 564 77.61 -27.17 9.55
C TRP C 564 76.60 -26.71 8.49
N TYR C 565 76.82 -27.19 7.27
CA TYR C 565 75.98 -26.94 6.09
C TYR C 565 76.12 -25.50 5.60
N PHE C 566 76.77 -24.65 6.40
CA PHE C 566 76.88 -23.26 6.02
C PHE C 566 78.09 -23.04 5.11
N GLN C 567 79.12 -23.89 5.25
CA GLN C 567 80.18 -23.92 4.27
C GLN C 567 79.64 -24.29 2.90
N HIS C 568 78.75 -25.28 2.83
CA HIS C 568 78.09 -25.61 1.57
C HIS C 568 77.21 -24.46 1.08
N CYS C 569 76.53 -23.78 2.01
CA CYS C 569 75.72 -22.63 1.61
C CYS C 569 76.57 -21.56 0.92
N MET C 570 77.75 -21.27 1.48
CA MET C 570 78.62 -20.28 0.84
C MET C 570 79.32 -20.82 -0.41
N VAL C 571 79.58 -22.12 -0.48
CA VAL C 571 80.08 -22.68 -1.74
C VAL C 571 79.06 -22.46 -2.84
N GLU C 572 77.78 -22.64 -2.53
CA GLU C 572 76.73 -22.29 -3.49
C GLU C 572 76.70 -20.78 -3.75
N TYR C 573 76.95 -19.97 -2.72
CA TYR C 573 77.02 -18.53 -2.92
C TYR C 573 78.17 -18.16 -3.86
N ARG C 574 79.32 -18.81 -3.69
CA ARG C 574 80.52 -18.45 -4.43
C ARG C 574 80.55 -19.15 -5.78
N SER C 575 80.95 -18.40 -6.82
CA SER C 575 81.19 -18.93 -8.16
C SER C 575 79.93 -19.38 -8.87
N GLU C 576 78.78 -19.33 -8.19
CA GLU C 576 77.50 -19.60 -8.84
C GLU C 576 76.60 -18.38 -8.91
N VAL C 577 76.91 -17.33 -8.14
CA VAL C 577 76.17 -16.07 -8.22
C VAL C 577 76.97 -14.99 -8.95
N ILE C 578 78.28 -14.91 -8.75
CA ILE C 578 79.13 -13.91 -9.39
C ILE C 578 79.78 -14.46 -10.65
N LEU C 579 80.60 -15.52 -10.51
CA LEU C 579 81.29 -16.08 -11.67
C LEU C 579 80.30 -16.63 -12.68
N ALA C 580 79.24 -17.31 -12.21
CA ALA C 580 78.19 -17.80 -13.09
C ALA C 580 77.21 -16.70 -13.50
N ASN C 581 77.52 -15.44 -13.18
CA ASN C 581 76.63 -14.34 -13.56
C ASN C 581 76.49 -14.26 -15.08
N ARG C 582 77.50 -14.69 -15.82
CA ARG C 582 77.41 -14.73 -17.27
C ARG C 582 76.35 -15.73 -17.72
N GLY C 583 76.22 -16.85 -17.01
CA GLY C 583 75.37 -17.95 -17.44
C GLY C 583 73.89 -17.63 -17.53
N ALA C 584 73.52 -16.37 -17.32
CA ALA C 584 72.15 -15.94 -17.51
C ALA C 584 71.88 -15.38 -18.90
N VAL C 585 72.90 -14.81 -19.56
CA VAL C 585 72.68 -14.20 -20.87
C VAL C 585 72.26 -15.26 -21.89
N LEU C 586 72.66 -16.51 -21.67
CA LEU C 586 72.24 -17.58 -22.58
C LEU C 586 70.73 -17.73 -22.57
N LYS C 587 70.08 -17.44 -21.45
CA LYS C 587 68.62 -17.41 -21.41
C LYS C 587 68.06 -16.56 -22.53
N ASN C 588 68.71 -15.44 -22.84
CA ASN C 588 68.23 -14.56 -23.89
C ASN C 588 67.97 -15.33 -25.18
N GLN C 589 68.88 -16.22 -25.56
CA GLN C 589 68.68 -16.99 -26.79
C GLN C 589 67.40 -17.80 -26.73
N LEU C 590 67.18 -18.54 -25.63
CA LEU C 590 65.95 -19.31 -25.57
C LEU C 590 64.74 -18.39 -25.62
N ILE C 591 64.86 -17.18 -25.07
CA ILE C 591 63.78 -16.20 -25.19
C ILE C 591 63.50 -15.92 -26.66
N GLU C 592 64.54 -15.60 -27.44
CA GLU C 592 64.29 -15.34 -28.85
C GLU C 592 63.97 -16.62 -29.61
N LYS C 593 64.12 -17.78 -28.98
CA LYS C 593 63.54 -18.99 -29.53
C LYS C 593 62.07 -19.09 -29.17
N GLU C 594 61.72 -18.78 -27.92
CA GLU C 594 60.36 -18.96 -27.44
C GLU C 594 59.37 -18.20 -28.32
N MET C 595 59.50 -16.87 -28.35
CA MET C 595 58.65 -16.09 -29.24
C MET C 595 58.69 -16.64 -30.66
N LYS C 596 59.88 -17.04 -31.11
CA LYS C 596 60.00 -17.58 -32.46
C LYS C 596 58.99 -18.71 -32.69
N GLU C 597 58.99 -19.71 -31.79
CA GLU C 597 58.10 -20.84 -32.04
C GLU C 597 56.65 -20.41 -31.99
N GLN C 598 56.29 -19.52 -31.06
CA GLN C 598 54.89 -19.11 -31.02
C GLN C 598 54.57 -18.27 -32.25
N ASN C 599 55.55 -17.52 -32.75
CA ASN C 599 55.37 -16.83 -34.02
C ASN C 599 54.99 -17.82 -35.11
N GLU C 600 55.65 -18.97 -35.13
CA GLU C 600 55.29 -20.02 -36.09
C GLU C 600 53.81 -20.36 -35.97
N GLN C 601 53.34 -20.57 -34.74
CA GLN C 601 51.92 -20.87 -34.55
C GLN C 601 51.06 -19.74 -35.10
N GLN C 602 51.46 -18.49 -34.83
CA GLN C 602 50.74 -17.36 -35.39
C GLN C 602 50.62 -17.49 -36.90
N LYS C 603 51.75 -17.82 -37.56
CA LYS C 603 51.72 -18.05 -39.00
C LYS C 603 50.66 -19.10 -39.34
N ALA C 604 50.72 -20.24 -38.67
CA ALA C 604 49.69 -21.26 -38.88
C ALA C 604 48.32 -20.71 -38.54
N LYS C 605 48.22 -20.02 -37.39
CA LYS C 605 46.94 -19.47 -36.97
C LYS C 605 46.41 -18.44 -37.96
N PHE C 606 47.27 -17.93 -38.83
CA PHE C 606 46.81 -17.10 -39.94
C PHE C 606 46.56 -17.94 -41.18
N ASN C 607 47.50 -18.83 -41.51
CA ASN C 607 47.46 -19.52 -42.80
C ASN C 607 46.17 -20.30 -42.97
N ASP C 608 45.80 -21.07 -41.94
CA ASP C 608 44.56 -21.83 -41.99
C ASP C 608 43.38 -20.93 -42.34
N ILE C 609 43.29 -19.77 -41.68
CA ILE C 609 42.21 -18.84 -42.00
C ILE C 609 42.27 -18.45 -43.47
N ARG C 610 43.46 -18.08 -43.94
CA ARG C 610 43.60 -17.66 -45.33
C ARG C 610 43.24 -18.77 -46.29
N ARG C 611 43.20 -20.02 -45.82
CA ARG C 611 42.63 -21.08 -46.64
C ARG C 611 41.13 -21.20 -46.38
N ARG C 612 40.73 -21.31 -45.10
CA ARG C 612 39.37 -21.63 -44.75
C ARG C 612 38.38 -20.75 -45.51
N THR C 613 38.48 -19.43 -45.29
CA THR C 613 37.65 -18.47 -46.01
C THR C 613 37.61 -18.79 -47.50
N GLU C 614 38.77 -18.73 -48.17
CA GLU C 614 38.75 -18.84 -49.62
C GLU C 614 38.16 -20.17 -50.04
N ALA C 615 38.32 -21.20 -49.20
CA ALA C 615 37.80 -22.52 -49.53
C ALA C 615 36.31 -22.46 -49.79
N ILE C 616 35.54 -21.89 -48.85
CA ILE C 616 34.09 -21.90 -49.03
C ILE C 616 33.71 -21.14 -50.28
N ARG C 617 34.56 -20.19 -50.69
CA ARG C 617 34.29 -19.44 -51.91
C ARG C 617 34.10 -20.37 -53.09
N GLU C 618 35.04 -21.29 -53.30
CA GLU C 618 34.88 -22.21 -54.42
C GLU C 618 33.59 -23.01 -54.28
N ARG C 619 33.27 -23.41 -53.05
CA ARG C 619 32.00 -24.11 -52.83
C ARG C 619 30.84 -23.25 -53.35
N TYR C 620 30.80 -21.99 -52.93
CA TYR C 620 29.79 -21.09 -53.48
C TYR C 620 29.95 -20.95 -54.98
N GLN C 621 31.20 -20.80 -55.44
CA GLN C 621 31.45 -20.71 -56.87
C GLN C 621 30.98 -21.97 -57.58
N LYS C 622 30.96 -23.10 -56.88
CA LYS C 622 30.40 -24.31 -57.48
C LYS C 622 28.89 -24.21 -57.60
N GLN C 623 28.22 -23.78 -56.52
CA GLN C 623 26.77 -23.89 -56.45
C GLN C 623 26.11 -23.03 -57.52
N ILE C 624 26.53 -21.76 -57.62
CA ILE C 624 25.97 -20.87 -58.63
C ILE C 624 26.29 -21.38 -60.03
N GLU C 625 27.36 -22.18 -60.18
CA GLU C 625 27.65 -22.78 -61.48
C GLU C 625 26.75 -23.97 -61.76
N ARG C 626 26.31 -24.68 -60.71
CA ARG C 626 25.50 -25.87 -60.91
C ARG C 626 24.06 -25.52 -61.26
N GLY C 627 23.52 -24.46 -60.67
CA GLY C 627 22.13 -24.10 -60.90
C GLY C 627 21.97 -22.74 -61.56
N ALA C 628 22.81 -22.43 -62.54
CA ALA C 628 22.72 -21.15 -63.22
C ALA C 628 21.49 -21.03 -64.12
N ALA C 629 20.81 -22.14 -64.40
CA ALA C 629 19.61 -22.13 -65.22
C ALA C 629 18.33 -22.15 -64.41
N GLU C 630 18.41 -22.09 -63.09
CA GLU C 630 17.24 -22.15 -62.22
C GLU C 630 16.98 -20.88 -61.44
N ARG C 631 18.03 -20.17 -61.02
CA ARG C 631 17.86 -18.99 -60.18
C ARG C 631 17.13 -17.89 -60.94
N ASP C 632 16.43 -17.04 -60.18
CA ASP C 632 15.71 -15.90 -60.73
C ASP C 632 16.14 -14.63 -60.00
N PHE C 633 16.14 -13.52 -60.74
CA PHE C 633 16.51 -12.20 -60.23
C PHE C 633 17.99 -12.13 -59.84
N GLU C 634 18.54 -10.93 -59.77
CA GLU C 634 19.93 -10.72 -59.42
C GLU C 634 20.01 -9.89 -58.15
N PRO C 635 20.65 -10.39 -57.08
CA PRO C 635 20.74 -9.60 -55.84
C PRO C 635 21.62 -8.37 -56.03
N VAL C 636 21.05 -7.21 -55.78
CA VAL C 636 21.78 -5.95 -55.92
C VAL C 636 21.87 -5.26 -54.56
N THR C 637 20.73 -4.96 -53.96
CA THR C 637 20.71 -4.34 -52.65
C THR C 637 20.87 -5.39 -51.55
N TYR C 638 21.01 -4.91 -50.32
CA TYR C 638 21.18 -5.82 -49.19
C TYR C 638 19.94 -6.68 -48.97
N GLY C 639 18.76 -6.09 -49.15
CA GLY C 639 17.53 -6.85 -48.98
C GLY C 639 17.41 -7.99 -49.96
N HIS C 640 17.81 -7.77 -51.21
CA HIS C 640 17.78 -8.82 -52.21
C HIS C 640 18.84 -9.89 -51.96
N ALA C 641 19.95 -9.53 -51.32
CA ALA C 641 20.99 -10.50 -50.98
C ALA C 641 20.62 -11.35 -49.77
N LYS C 642 19.96 -10.76 -48.78
CA LYS C 642 19.57 -11.51 -47.58
C LYS C 642 18.52 -12.57 -47.87
N ARG C 643 17.73 -12.41 -48.93
CA ARG C 643 16.62 -13.29 -49.25
C ARG C 643 16.81 -13.95 -50.61
N ALA C 644 18.03 -14.40 -50.89
CA ALA C 644 18.34 -15.12 -52.12
C ALA C 644 18.35 -16.63 -51.93
N GLY C 645 17.86 -17.11 -50.78
CA GLY C 645 17.89 -18.54 -50.52
C GLY C 645 17.00 -19.32 -51.45
N ASP C 646 17.59 -20.34 -52.06
CA ASP C 646 16.88 -21.25 -52.96
C ASP C 646 17.38 -22.67 -52.71
N TYR C 647 16.72 -23.63 -53.35
CA TYR C 647 17.09 -25.04 -53.16
C TYR C 647 18.41 -25.38 -53.83
N TYR C 648 18.79 -24.64 -54.89
CA TYR C 648 19.85 -25.10 -55.78
C TYR C 648 21.18 -25.23 -55.06
N MET C 649 21.48 -24.33 -54.13
CA MET C 649 22.77 -24.42 -53.46
C MET C 649 22.78 -25.41 -52.31
N PHE C 650 21.64 -26.04 -52.00
CA PHE C 650 21.58 -27.10 -51.00
C PHE C 650 21.61 -28.49 -51.62
N LYS C 651 21.85 -28.58 -52.92
CA LYS C 651 21.82 -29.88 -53.63
C LYS C 651 23.21 -30.53 -53.63
N TYR C 652 23.71 -30.78 -52.43
CA TYR C 652 24.98 -31.48 -52.27
C TYR C 652 25.03 -32.08 -50.88
N ASP C 653 25.70 -33.24 -50.77
CA ASP C 653 25.83 -33.89 -49.49
C ASP C 653 26.71 -33.06 -48.56
N PRO C 654 26.37 -32.97 -47.27
CA PRO C 654 27.15 -32.11 -46.37
C PRO C 654 28.59 -32.56 -46.19
N GLU C 655 28.91 -33.82 -46.44
CA GLU C 655 30.27 -34.31 -46.28
C GLU C 655 31.04 -34.26 -47.60
N GLN C 839 61.55 -39.21 -5.96
CA GLN C 839 62.07 -38.27 -6.94
C GLN C 839 60.95 -37.56 -7.68
N LYS C 840 59.92 -38.31 -8.05
CA LYS C 840 58.76 -37.78 -8.77
C LYS C 840 57.54 -37.91 -7.88
N SER C 841 57.17 -36.81 -7.22
CA SER C 841 56.01 -36.77 -6.35
C SER C 841 55.18 -35.54 -6.66
N SER C 842 53.86 -35.66 -6.47
CA SER C 842 52.95 -34.55 -6.77
C SER C 842 53.25 -33.35 -5.88
N ALA C 843 53.50 -33.59 -4.59
CA ALA C 843 53.80 -32.51 -3.68
C ALA C 843 55.07 -31.77 -4.10
N THR C 844 56.09 -32.53 -4.55
CA THR C 844 57.31 -31.89 -5.05
C THR C 844 57.02 -31.06 -6.29
N ARG C 845 56.15 -31.55 -7.17
CA ARG C 845 55.82 -30.80 -8.38
C ARG C 845 55.13 -29.49 -8.02
N LEU C 846 54.16 -29.53 -7.11
CA LEU C 846 53.48 -28.31 -6.70
C LEU C 846 54.44 -27.35 -6.01
N LEU C 847 55.34 -27.86 -5.17
CA LEU C 847 56.30 -27.00 -4.49
C LEU C 847 57.21 -26.32 -5.50
N ASN C 848 57.71 -27.07 -6.48
CA ASN C 848 58.56 -26.48 -7.50
C ASN C 848 57.80 -25.43 -8.31
N ALA C 849 56.54 -25.72 -8.65
CA ALA C 849 55.74 -24.77 -9.41
C ALA C 849 55.53 -23.47 -8.64
N VAL C 850 55.20 -23.57 -7.35
CA VAL C 850 54.94 -22.35 -6.58
C VAL C 850 56.23 -21.58 -6.35
N VAL C 851 57.35 -22.28 -6.14
CA VAL C 851 58.62 -21.58 -5.96
C VAL C 851 59.00 -20.85 -7.24
N ASN C 852 58.83 -21.49 -8.39
CA ASN C 852 59.12 -20.83 -9.66
C ASN C 852 58.21 -19.63 -9.87
N CYS C 853 56.92 -19.77 -9.54
CA CYS C 853 55.99 -18.67 -9.70
C CYS C 853 56.38 -17.49 -8.82
N ILE C 854 56.74 -17.73 -7.56
CA ILE C 854 57.17 -16.65 -6.69
C ILE C 854 58.44 -16.01 -7.21
N GLY C 855 59.40 -16.82 -7.65
CA GLY C 855 60.66 -16.28 -8.15
C GLY C 855 60.46 -15.41 -9.39
N ALA C 856 59.52 -15.79 -10.26
CA ALA C 856 59.26 -15.02 -11.46
C ALA C 856 58.29 -13.87 -11.23
N HIS C 857 57.58 -13.85 -10.10
CA HIS C 857 56.57 -12.81 -9.87
C HIS C 857 56.85 -11.99 -8.61
N THR C 858 58.09 -12.01 -8.11
CA THR C 858 58.45 -11.03 -7.07
C THR C 858 58.19 -9.61 -7.54
N ASP C 859 58.30 -9.35 -8.85
CA ASP C 859 58.08 -8.00 -9.36
C ASP C 859 56.68 -7.50 -9.06
N ILE C 860 55.66 -8.36 -9.28
CA ILE C 860 54.30 -7.96 -8.95
C ILE C 860 53.98 -8.16 -7.47
N LEU C 861 54.68 -9.05 -6.80
CA LEU C 861 54.50 -9.21 -5.35
C LEU C 861 54.88 -7.93 -4.61
N CYS C 862 55.97 -7.29 -5.04
CA CYS C 862 56.37 -6.02 -4.42
C CYS C 862 55.33 -4.94 -4.64
N TYR C 863 54.76 -4.88 -5.86
CA TYR C 863 53.71 -3.90 -6.13
C TYR C 863 52.48 -4.16 -5.26
N PHE C 864 52.10 -5.42 -5.11
CA PHE C 864 50.96 -5.74 -4.26
C PHE C 864 51.23 -5.36 -2.80
N PHE C 865 52.44 -5.61 -2.33
CA PHE C 865 52.78 -5.24 -0.96
C PHE C 865 52.74 -3.73 -0.76
N ALA C 866 53.24 -2.98 -1.75
CA ALA C 866 53.16 -1.53 -1.68
C ALA C 866 51.71 -1.05 -1.67
N ILE C 867 50.86 -1.67 -2.49
CA ILE C 867 49.44 -1.30 -2.51
C ILE C 867 48.81 -1.56 -1.15
N MET C 868 49.11 -2.71 -0.55
CA MET C 868 48.52 -3.03 0.75
C MET C 868 49.00 -2.08 1.84
N THR C 869 50.30 -1.78 1.87
CA THR C 869 50.82 -0.86 2.88
C THR C 869 50.34 0.57 2.65
N GLN C 870 49.94 0.91 1.43
CA GLN C 870 49.18 2.14 1.22
C GLN C 870 47.78 2.03 1.79
N VAL C 871 47.12 0.89 1.57
CA VAL C 871 45.73 0.74 1.97
C VAL C 871 45.58 0.87 3.48
N MET C 872 46.45 0.20 4.24
CA MET C 872 46.29 0.16 5.68
C MET C 872 47.14 1.19 6.42
N THR C 873 47.80 2.09 5.69
CA THR C 873 48.47 3.27 6.27
C THR C 873 48.06 4.51 5.51
N GLY C 874 46.76 4.68 5.30
CA GLY C 874 46.22 5.72 4.46
C GLY C 874 46.68 7.13 4.77
N GLY C 875 47.16 7.83 3.75
CA GLY C 875 47.65 9.18 3.94
C GLY C 875 48.34 9.67 2.70
N LEU C 876 48.93 10.86 2.81
CA LEU C 876 49.67 11.47 1.70
C LEU C 876 51.18 11.28 1.82
N ILE C 877 51.64 10.47 2.77
CA ILE C 877 53.07 10.25 2.96
C ILE C 877 53.58 9.01 2.24
N THR C 878 52.71 8.02 1.98
CA THR C 878 53.11 6.77 1.36
C THR C 878 52.66 6.71 -0.10
N LEU C 879 51.77 7.62 -0.50
CA LEU C 879 51.13 7.68 -1.82
C LEU C 879 52.14 7.63 -2.98
N PRO C 880 53.31 8.27 -2.88
CA PRO C 880 54.29 8.12 -3.96
C PRO C 880 54.67 6.68 -4.24
N LEU C 881 54.65 5.78 -3.26
CA LEU C 881 54.98 4.38 -3.56
C LEU C 881 54.02 3.77 -4.55
N PRO C 882 52.69 3.78 -4.32
CA PRO C 882 51.78 3.30 -5.38
C PRO C 882 51.88 4.11 -6.66
N LEU C 883 52.09 5.43 -6.58
CA LEU C 883 52.19 6.21 -7.81
C LEU C 883 53.33 5.74 -8.68
N MET C 884 54.55 5.66 -8.13
CA MET C 884 55.68 5.18 -8.92
C MET C 884 55.47 3.72 -9.36
N SER C 885 54.95 2.89 -8.46
CA SER C 885 54.79 1.47 -8.79
C SER C 885 53.85 1.28 -9.97
N LEU C 886 52.75 2.04 -10.01
CA LEU C 886 51.73 1.86 -11.03
C LEU C 886 51.89 2.81 -12.20
N PHE C 887 52.88 3.70 -12.18
CA PHE C 887 53.16 4.56 -13.33
C PHE C 887 54.46 4.22 -14.05
N TRP C 888 55.57 4.09 -13.32
CA TRP C 888 56.87 3.94 -13.94
C TRP C 888 57.25 2.47 -14.10
N GLY C 889 57.34 1.74 -12.99
CA GLY C 889 57.80 0.36 -13.05
C GLY C 889 56.83 -0.56 -13.77
N ASN C 890 55.53 -0.38 -13.53
CA ASN C 890 54.54 -1.29 -14.10
C ASN C 890 54.49 -1.16 -15.63
N LEU C 891 54.59 0.05 -16.14
CA LEU C 891 54.49 0.30 -17.57
C LEU C 891 55.83 0.20 -18.29
N SER C 892 56.93 0.01 -17.57
CA SER C 892 58.25 -0.09 -18.20
C SER C 892 58.36 -1.46 -18.86
N ASN C 893 58.27 -1.48 -20.19
CA ASN C 893 58.29 -2.75 -20.92
C ASN C 893 59.58 -3.53 -20.74
N PRO C 894 60.78 -2.96 -20.98
CA PRO C 894 62.00 -3.79 -20.93
C PRO C 894 62.69 -3.85 -19.55
N ARG C 895 62.07 -4.60 -18.62
CA ARG C 895 62.69 -4.94 -17.34
C ARG C 895 63.18 -3.70 -16.59
N PRO C 896 62.27 -2.95 -15.94
CA PRO C 896 62.63 -1.63 -15.35
C PRO C 896 64.02 -1.54 -14.74
N SER C 897 64.71 -0.44 -15.05
CA SER C 897 66.13 -0.31 -14.76
C SER C 897 66.39 -0.23 -13.26
N LYS C 898 67.67 -0.15 -12.91
CA LYS C 898 68.09 -0.18 -11.51
C LYS C 898 67.66 1.07 -10.76
N PHE C 899 67.68 2.24 -11.42
CA PHE C 899 67.39 3.50 -10.74
C PHE C 899 65.99 3.49 -10.13
N PHE C 900 65.03 2.84 -10.78
CA PHE C 900 63.68 2.75 -10.23
C PHE C 900 63.68 2.02 -8.89
N TRP C 901 64.36 0.87 -8.84
CA TRP C 901 64.45 0.14 -7.58
C TRP C 901 65.21 0.93 -6.52
N VAL C 902 66.27 1.63 -6.93
CA VAL C 902 67.08 2.39 -5.98
C VAL C 902 66.26 3.52 -5.37
N THR C 903 65.49 4.24 -6.19
CA THR C 903 64.68 5.32 -5.64
C THR C 903 63.53 4.78 -4.80
N MET C 904 62.96 3.63 -5.14
CA MET C 904 61.99 3.01 -4.25
C MET C 904 62.61 2.67 -2.91
N ILE C 905 63.82 2.09 -2.91
CA ILE C 905 64.54 1.88 -1.65
C ILE C 905 64.63 3.18 -0.87
N THR C 906 65.28 4.19 -1.46
CA THR C 906 65.56 5.43 -0.76
C THR C 906 64.30 6.03 -0.16
N TYR C 907 63.21 6.09 -0.94
CA TYR C 907 61.98 6.65 -0.40
C TYR C 907 61.39 5.75 0.68
N THR C 908 61.64 4.45 0.62
CA THR C 908 61.15 3.56 1.66
C THR C 908 61.83 3.83 3.00
N GLU C 909 63.16 3.91 3.01
CA GLU C 909 63.80 4.22 4.30
C GLU C 909 63.46 5.64 4.74
N CYS C 910 63.29 6.56 3.78
CA CYS C 910 62.88 7.91 4.15
C CYS C 910 61.54 7.91 4.87
N VAL C 911 60.54 7.22 4.30
CA VAL C 911 59.21 7.24 4.90
C VAL C 911 59.20 6.49 6.22
N ILE C 912 59.95 5.40 6.34
CA ILE C 912 59.94 4.66 7.60
C ILE C 912 60.63 5.48 8.70
N VAL C 913 61.71 6.18 8.37
CA VAL C 913 62.38 7.02 9.35
C VAL C 913 61.48 8.17 9.76
N ILE C 914 60.79 8.79 8.79
CA ILE C 914 59.89 9.89 9.12
C ILE C 914 58.76 9.42 10.03
N LYS C 915 58.18 8.26 9.71
CA LYS C 915 57.10 7.73 10.54
C LYS C 915 57.60 7.41 11.95
N PHE C 916 58.79 6.82 12.08
CA PHE C 916 59.31 6.50 13.40
C PHE C 916 59.59 7.76 14.21
N VAL C 917 60.15 8.79 13.56
CA VAL C 917 60.48 10.00 14.30
C VAL C 917 59.22 10.80 14.63
N CYS C 918 58.15 10.63 13.85
CA CYS C 918 56.88 11.27 14.17
C CYS C 918 56.02 10.44 15.11
N GLN C 919 56.42 9.20 15.39
CA GLN C 919 55.70 8.36 16.33
C GLN C 919 56.12 8.57 17.77
N PHE C 920 57.02 9.51 18.03
CA PHE C 920 57.44 9.82 19.39
C PHE C 920 56.29 10.46 20.16
N ALA C 921 56.46 10.56 21.48
CA ALA C 921 55.38 11.00 22.36
C ALA C 921 55.34 12.52 22.54
N PHE C 922 56.42 13.23 22.25
CA PHE C 922 56.46 14.67 22.49
C PHE C 922 55.97 15.50 21.31
N MET C 923 55.49 14.86 20.25
CA MET C 923 54.73 15.59 19.23
C MET C 923 53.40 16.07 19.81
N PRO C 924 52.92 17.25 19.42
CA PRO C 924 51.66 17.75 19.96
C PRO C 924 50.46 16.86 19.66
N TYR C 925 50.43 16.21 18.49
CA TYR C 925 49.26 15.42 18.12
C TYR C 925 49.23 14.03 18.74
N ASN C 926 50.30 13.62 19.43
CA ASN C 926 50.33 12.32 20.05
C ASN C 926 49.76 12.33 21.47
N SER C 927 49.48 13.51 22.01
CA SER C 927 48.90 13.62 23.34
C SER C 927 47.47 13.10 23.35
N ILE C 928 46.99 12.73 24.54
CA ILE C 928 45.66 12.16 24.68
C ILE C 928 44.59 13.22 24.40
N THR C 929 44.81 14.44 24.86
CA THR C 929 43.81 15.49 24.69
C THR C 929 43.55 15.78 23.22
N TRP C 930 44.61 15.90 22.42
CA TRP C 930 44.43 16.16 21.00
C TRP C 930 43.71 15.00 20.32
N ARG C 931 44.05 13.77 20.68
CA ARG C 931 43.40 12.62 20.09
C ARG C 931 41.91 12.61 20.41
N THR C 932 41.56 12.91 21.67
CA THR C 932 40.15 12.97 22.05
C THR C 932 39.42 14.07 21.32
N GLU C 933 40.06 15.25 21.18
CA GLU C 933 39.40 16.36 20.51
C GLU C 933 39.28 16.14 19.01
N HIS C 934 40.14 15.32 18.42
CA HIS C 934 40.16 15.08 16.98
C HIS C 934 40.06 13.60 16.67
N GLN C 935 39.12 12.92 17.32
CA GLN C 935 38.89 11.50 17.07
C GLN C 935 37.81 11.23 16.05
N MET C 936 36.90 12.18 15.83
CA MET C 936 35.80 12.01 14.90
C MET C 936 35.97 12.78 13.59
N ASP C 937 36.94 13.68 13.52
CA ASP C 937 37.17 14.42 12.29
C ASP C 937 37.90 13.53 11.28
N PRO C 938 37.34 13.26 10.10
CA PRO C 938 38.00 12.37 9.15
C PRO C 938 39.18 13.01 8.43
N MET C 939 39.32 14.32 8.47
CA MET C 939 40.38 15.03 7.75
C MET C 939 41.26 15.79 8.73
N SER C 940 41.62 15.15 9.84
CA SER C 940 42.54 15.77 10.79
C SER C 940 43.94 15.80 10.20
N LEU C 941 44.76 16.70 10.74
CA LEU C 941 46.11 16.90 10.21
C LEU C 941 46.93 15.62 10.31
N ASP C 942 46.90 14.96 11.48
CA ASP C 942 47.63 13.71 11.63
C ASP C 942 47.08 12.63 10.71
N LYS C 943 45.75 12.53 10.61
CA LYS C 943 45.15 11.55 9.70
C LYS C 943 45.45 11.89 8.25
N LEU C 944 45.43 13.18 7.91
CA LEU C 944 45.73 13.60 6.54
C LEU C 944 47.17 13.24 6.17
N PHE C 945 48.11 13.46 7.09
CA PHE C 945 49.51 13.17 6.81
C PHE C 945 49.82 11.68 6.84
N GLY C 946 48.91 10.85 7.35
CA GLY C 946 49.11 9.42 7.39
C GLY C 946 49.81 8.89 8.62
N VAL C 947 50.25 9.77 9.53
CA VAL C 947 50.92 9.36 10.76
C VAL C 947 49.98 9.65 11.93
N SER C 948 49.77 8.64 12.77
CA SER C 948 48.90 8.77 13.92
C SER C 948 49.40 7.82 15.01
N GLN C 949 48.54 7.54 16.00
CA GLN C 949 48.95 6.71 17.12
C GLN C 949 49.36 5.31 16.67
N ARG C 950 48.50 4.63 15.91
CA ARG C 950 48.72 3.26 15.46
C ARG C 950 49.12 2.37 16.63
N ASP C 951 48.19 2.25 17.58
CA ASP C 951 48.47 1.54 18.82
C ASP C 951 48.69 0.05 18.64
N SER C 952 48.24 -0.53 17.52
CA SER C 952 48.33 -1.98 17.35
C SER C 952 49.74 -2.41 16.95
N PHE C 953 50.18 -2.02 15.76
CA PHE C 953 51.48 -2.39 15.23
C PHE C 953 51.64 -1.73 13.86
N ALA C 954 52.87 -1.81 13.33
CA ALA C 954 53.18 -1.40 11.96
C ALA C 954 54.07 -2.49 11.36
N LEU C 955 53.48 -3.33 10.53
CA LEU C 955 54.16 -4.53 10.03
C LEU C 955 54.38 -4.54 8.53
N TRP C 956 53.35 -4.19 7.74
CA TRP C 956 53.43 -4.38 6.30
C TRP C 956 54.46 -3.46 5.63
N ASP C 957 54.85 -2.36 6.27
CA ASP C 957 55.98 -1.60 5.77
C ASP C 957 57.26 -2.43 5.80
N ILE C 958 57.47 -3.15 6.91
CA ILE C 958 58.63 -4.04 7.01
C ILE C 958 58.55 -5.14 5.96
N VAL C 959 57.36 -5.71 5.77
CA VAL C 959 57.19 -6.77 4.78
C VAL C 959 57.52 -6.26 3.39
N LEU C 960 57.03 -5.06 3.04
CA LEU C 960 57.31 -4.50 1.72
C LEU C 960 58.80 -4.23 1.55
N LEU C 961 59.45 -3.65 2.57
CA LEU C 961 60.87 -3.35 2.46
C LEU C 961 61.69 -4.62 2.28
N PHE C 962 61.38 -5.67 3.05
CA PHE C 962 62.13 -6.90 2.92
C PHE C 962 61.85 -7.61 1.60
N SER C 963 60.61 -7.57 1.12
CA SER C 963 60.32 -8.15 -0.18
C SER C 963 61.06 -7.41 -1.29
N LEU C 964 61.17 -6.08 -1.17
CA LEU C 964 61.88 -5.31 -2.18
C LEU C 964 63.37 -5.61 -2.14
N PHE C 965 63.94 -5.77 -0.94
CA PHE C 965 65.34 -6.19 -0.85
C PHE C 965 65.53 -7.60 -1.42
N PHE C 966 64.58 -8.50 -1.19
CA PHE C 966 64.66 -9.84 -1.75
C PHE C 966 64.62 -9.79 -3.28
N HIS C 967 63.77 -8.93 -3.84
CA HIS C 967 63.72 -8.77 -5.29
C HIS C 967 65.03 -8.22 -5.82
N ARG C 968 65.62 -7.25 -5.10
CA ARG C 968 66.95 -6.74 -5.48
C ARG C 968 67.97 -7.86 -5.48
N TYR C 969 67.97 -8.70 -4.45
CA TYR C 969 68.92 -9.81 -4.39
C TYR C 969 68.70 -10.80 -5.52
N MET C 970 67.44 -11.07 -5.85
CA MET C 970 67.14 -12.00 -6.93
C MET C 970 67.64 -11.47 -8.27
N LEU C 971 67.43 -10.18 -8.54
CA LEU C 971 67.95 -9.61 -9.78
C LEU C 971 69.48 -9.53 -9.78
N ARG C 972 70.07 -9.35 -8.60
CA ARG C 972 71.53 -9.39 -8.52
C ARG C 972 72.05 -10.79 -8.86
N LYS C 973 71.37 -11.83 -8.37
CA LYS C 973 71.75 -13.19 -8.71
C LYS C 973 71.60 -13.45 -10.20
N LEU C 974 70.53 -12.96 -10.80
CA LEU C 974 70.31 -13.13 -12.24
C LEU C 974 71.24 -12.28 -13.08
N GLY C 975 71.77 -11.17 -12.53
CA GLY C 975 72.73 -10.36 -13.25
C GLY C 975 72.16 -9.16 -13.96
N LEU C 976 70.88 -8.83 -13.74
CA LEU C 976 70.27 -7.68 -14.37
C LEU C 976 70.33 -6.43 -13.50
N TRP C 977 70.96 -6.51 -12.32
CA TRP C 977 71.08 -5.35 -11.45
C TRP C 977 71.93 -4.25 -12.10
N LYS C 978 73.02 -4.63 -12.75
CA LYS C 978 73.90 -3.67 -13.40
C LYS C 978 73.65 -3.63 -14.91
N SER C 1054 68.11 12.50 -25.34
CA SER C 1054 67.18 13.43 -25.97
C SER C 1054 65.74 12.98 -25.80
N GLY C 1055 65.01 13.65 -24.91
CA GLY C 1055 63.63 13.33 -24.65
C GLY C 1055 63.47 12.00 -23.94
N PRO C 1056 63.89 11.92 -22.67
CA PRO C 1056 63.76 10.65 -21.95
C PRO C 1056 62.34 10.12 -21.88
N ILE C 1057 61.36 11.01 -21.72
CA ILE C 1057 59.97 10.57 -21.73
C ILE C 1057 59.58 10.06 -23.11
N GLY C 1058 60.08 10.69 -24.17
CA GLY C 1058 59.84 10.18 -25.51
C GLY C 1058 60.45 8.82 -25.72
N ARG C 1059 61.67 8.61 -25.22
CA ARG C 1059 62.30 7.29 -25.31
C ARG C 1059 61.51 6.25 -24.55
N PHE C 1060 61.02 6.60 -23.36
CA PHE C 1060 60.21 5.67 -22.58
C PHE C 1060 58.92 5.31 -23.31
N ILE C 1061 58.25 6.31 -23.91
CA ILE C 1061 57.02 6.05 -24.65
C ILE C 1061 57.31 5.16 -25.85
N HIS C 1062 58.41 5.43 -26.57
CA HIS C 1062 58.75 4.61 -27.73
C HIS C 1062 59.04 3.17 -27.32
N GLN C 1063 59.75 2.99 -26.20
CA GLN C 1063 60.02 1.65 -25.71
C GLN C 1063 58.74 0.94 -25.30
N LEU C 1064 57.81 1.66 -24.66
CA LEU C 1064 56.56 1.06 -24.23
C LEU C 1064 55.72 0.62 -25.43
N PHE C 1065 55.62 1.49 -26.44
CA PHE C 1065 54.76 1.19 -27.59
C PHE C 1065 55.38 0.19 -28.54
N HIS C 1066 56.71 0.16 -28.66
CA HIS C 1066 57.41 -0.69 -29.63
C HIS C 1066 58.45 -1.53 -28.91
N PRO C 1067 58.03 -2.62 -28.26
CA PRO C 1067 58.99 -3.50 -27.61
C PRO C 1067 59.60 -4.48 -28.60
N LYS C 1068 60.88 -4.77 -28.41
CA LYS C 1068 61.57 -5.73 -29.27
C LYS C 1068 61.09 -7.16 -29.03
N PHE C 1069 60.54 -7.44 -27.85
CA PHE C 1069 59.99 -8.76 -27.55
C PHE C 1069 58.56 -8.57 -27.05
N ARG C 1070 57.63 -9.36 -27.61
CA ARG C 1070 56.23 -9.25 -27.25
C ARG C 1070 55.59 -10.64 -27.28
N TYR C 1071 54.52 -10.78 -26.52
CA TYR C 1071 53.74 -12.01 -26.45
C TYR C 1071 52.32 -11.73 -26.90
N ILE C 1072 51.57 -12.82 -27.13
CA ILE C 1072 50.18 -12.74 -27.58
C ILE C 1072 49.34 -13.48 -26.56
N ARG C 1073 48.69 -12.73 -25.67
CA ARG C 1073 47.80 -13.31 -24.68
C ARG C 1073 46.56 -12.42 -24.54
N ASP C 1074 45.42 -13.05 -24.26
CA ASP C 1074 44.17 -12.36 -24.03
C ASP C 1074 43.80 -12.48 -22.56
N LEU C 1075 43.51 -11.33 -21.93
CA LEU C 1075 43.22 -11.31 -20.50
C LEU C 1075 41.94 -10.54 -20.19
N TYR C 1076 41.11 -10.27 -21.19
CA TYR C 1076 39.86 -9.56 -20.93
C TYR C 1076 38.94 -10.28 -19.94
N PRO C 1077 38.73 -11.60 -20.01
CA PRO C 1077 37.86 -12.25 -19.03
C PRO C 1077 38.30 -12.07 -17.58
N ILE C 1078 39.61 -11.99 -17.32
CA ILE C 1078 40.09 -11.78 -15.95
C ILE C 1078 39.66 -10.41 -15.46
N MET C 1079 39.85 -9.37 -16.28
CA MET C 1079 39.41 -8.04 -15.90
C MET C 1079 37.89 -7.99 -15.74
N PHE C 1080 37.18 -8.74 -16.59
CA PHE C 1080 35.72 -8.77 -16.46
C PHE C 1080 35.30 -9.38 -15.13
N GLY C 1081 35.92 -10.51 -14.76
CA GLY C 1081 35.61 -11.08 -13.45
C GLY C 1081 35.95 -10.13 -12.32
N ILE C 1082 37.09 -9.46 -12.40
CA ILE C 1082 37.53 -8.58 -11.32
C ILE C 1082 36.58 -7.40 -11.17
N ASP C 1083 36.20 -6.76 -12.28
CA ASP C 1083 35.37 -5.58 -12.13
C ASP C 1083 33.90 -5.94 -11.90
N VAL C 1084 33.47 -7.16 -12.27
CA VAL C 1084 32.14 -7.59 -11.87
C VAL C 1084 32.08 -7.87 -10.37
N ILE C 1085 33.10 -8.52 -9.81
CA ILE C 1085 33.07 -8.71 -8.36
C ILE C 1085 33.26 -7.36 -7.65
N CYS C 1086 33.97 -6.43 -8.28
CA CYS C 1086 34.04 -5.06 -7.77
C CYS C 1086 32.66 -4.43 -7.74
N PHE C 1087 31.88 -4.61 -8.81
CA PHE C 1087 30.51 -4.11 -8.83
C PHE C 1087 29.66 -4.76 -7.75
N LEU C 1088 29.84 -6.06 -7.54
CA LEU C 1088 29.06 -6.76 -6.52
C LEU C 1088 29.37 -6.22 -5.13
N ILE C 1089 30.65 -6.08 -4.79
CA ILE C 1089 31.01 -5.53 -3.48
C ILE C 1089 30.63 -4.06 -3.38
N MET C 1090 30.54 -3.36 -4.52
CA MET C 1090 30.16 -1.96 -4.52
C MET C 1090 28.67 -1.78 -4.25
N THR C 1091 27.83 -2.65 -4.79
CA THR C 1091 26.39 -2.53 -4.64
C THR C 1091 25.86 -3.24 -3.39
N PHE C 1092 26.56 -4.28 -2.91
CA PHE C 1092 26.11 -4.98 -1.71
C PHE C 1092 26.35 -4.14 -0.46
N GLY C 1093 27.52 -3.52 -0.37
CA GLY C 1093 27.82 -2.63 0.73
C GLY C 1093 27.47 -1.19 0.40
N TYR C 1094 26.30 -0.74 0.85
CA TYR C 1094 25.82 0.60 0.55
C TYR C 1094 25.91 1.56 1.73
N SER C 1095 25.83 1.04 2.97
CA SER C 1095 25.94 1.92 4.13
C SER C 1095 27.36 2.43 4.32
N ALA C 1096 28.36 1.67 3.85
CA ALA C 1096 29.75 2.09 4.01
C ALA C 1096 30.08 3.34 3.18
N PHE C 1097 29.36 3.56 2.09
CA PHE C 1097 29.58 4.73 1.24
C PHE C 1097 28.65 5.89 1.59
N GLY C 1098 27.82 5.74 2.61
CA GLY C 1098 26.91 6.79 3.01
C GLY C 1098 27.22 7.38 4.36
N GLU C 1099 26.19 7.68 5.14
CA GLU C 1099 26.34 8.28 6.47
C GLU C 1099 27.14 9.57 6.44
N LYS C 1110 21.42 8.50 11.77
CA LYS C 1110 20.47 8.23 10.70
C LYS C 1110 21.05 7.25 9.69
N ALA C 1111 21.56 7.79 8.59
CA ALA C 1111 22.19 7.04 7.49
C ALA C 1111 21.25 6.04 6.84
N SER C 1112 19.94 6.14 7.10
CA SER C 1112 19.00 5.21 6.50
C SER C 1112 18.77 5.53 5.03
N ARG C 1113 18.76 6.80 4.67
CA ARG C 1113 18.57 7.20 3.29
C ARG C 1113 19.80 6.87 2.46
N ILE C 1114 19.59 6.33 1.26
CA ILE C 1114 20.69 6.10 0.33
C ILE C 1114 20.97 7.41 -0.41
N PRO C 1115 22.20 7.90 -0.37
CA PRO C 1115 22.50 9.19 -1.00
C PRO C 1115 22.58 9.09 -2.52
N VAL C 1116 22.40 10.24 -3.16
CA VAL C 1116 22.49 10.31 -4.62
C VAL C 1116 23.90 10.04 -5.11
N THR C 1117 24.91 10.25 -4.27
CA THR C 1117 26.28 9.95 -4.67
C THR C 1117 26.43 8.48 -4.99
N LEU C 1118 25.72 7.60 -4.28
CA LEU C 1118 25.80 6.17 -4.55
C LEU C 1118 25.30 5.86 -5.95
N VAL C 1119 24.14 6.40 -6.33
CA VAL C 1119 23.60 6.07 -7.64
C VAL C 1119 24.43 6.72 -8.75
N VAL C 1120 24.93 7.94 -8.54
CA VAL C 1120 25.72 8.56 -9.60
C VAL C 1120 27.05 7.84 -9.79
N MET C 1121 27.67 7.38 -8.69
CA MET C 1121 28.89 6.61 -8.82
C MET C 1121 28.65 5.21 -9.38
N LEU C 1122 27.48 4.61 -9.12
CA LEU C 1122 27.14 3.35 -9.77
C LEU C 1122 27.00 3.54 -11.29
N VAL C 1123 26.36 4.64 -11.68
CA VAL C 1123 26.23 4.95 -13.11
C VAL C 1123 27.61 5.18 -13.72
N GLY C 1124 28.49 5.88 -13.00
CA GLY C 1124 29.85 6.06 -13.48
C GLY C 1124 30.59 4.76 -13.64
N MET C 1125 30.42 3.84 -12.70
CA MET C 1125 31.05 2.53 -12.80
C MET C 1125 30.54 1.77 -14.02
N THR C 1126 29.23 1.81 -14.26
CA THR C 1126 28.67 1.14 -15.43
C THR C 1126 29.21 1.75 -16.73
N LEU C 1127 29.32 3.07 -16.77
CA LEU C 1127 29.89 3.73 -17.94
C LEU C 1127 31.34 3.32 -18.13
N ALA C 1128 32.08 3.18 -17.03
CA ALA C 1128 33.46 2.70 -17.12
C ALA C 1128 33.53 1.29 -17.70
N ILE C 1129 32.60 0.42 -17.27
CA ILE C 1129 32.57 -0.93 -17.81
C ILE C 1129 32.31 -0.91 -19.32
N ILE C 1130 31.35 -0.08 -19.74
CA ILE C 1130 31.02 0.01 -21.16
C ILE C 1130 32.21 0.54 -21.95
N ILE C 1131 32.89 1.56 -21.41
CA ILE C 1131 34.05 2.14 -22.09
C ILE C 1131 35.16 1.11 -22.22
N ASP C 1132 35.40 0.34 -21.15
CA ASP C 1132 36.43 -0.69 -21.20
C ASP C 1132 36.09 -1.75 -22.25
N ARG C 1133 34.83 -2.17 -22.31
CA ARG C 1133 34.43 -3.14 -23.33
C ARG C 1133 34.64 -2.59 -24.73
N ALA C 1134 34.26 -1.32 -24.95
CA ALA C 1134 34.44 -0.71 -26.27
C ALA C 1134 35.92 -0.63 -26.65
N LEU C 1135 36.77 -0.23 -25.70
CA LEU C 1135 38.19 -0.13 -25.99
C LEU C 1135 38.79 -1.49 -26.30
N TYR C 1136 38.38 -2.52 -25.56
CA TYR C 1136 38.87 -3.87 -25.87
C TYR C 1136 38.40 -4.31 -27.25
N LEU C 1137 37.15 -4.03 -27.59
CA LEU C 1137 36.61 -4.45 -28.88
C LEU C 1137 37.32 -3.76 -30.03
N ARG C 1138 37.58 -2.46 -29.91
CA ARG C 1138 38.18 -1.70 -30.99
C ARG C 1138 39.70 -1.80 -31.03
N LYS C 1139 40.32 -2.40 -30.01
CA LYS C 1139 41.77 -2.62 -29.98
C LYS C 1139 42.53 -1.30 -30.08
N SER C 1140 42.33 -0.44 -29.09
CA SER C 1140 42.98 0.86 -29.02
C SER C 1140 43.91 0.89 -27.81
N VAL C 1141 45.21 0.74 -28.06
CA VAL C 1141 46.17 0.71 -26.97
C VAL C 1141 46.32 2.09 -26.34
N VAL C 1142 46.41 3.13 -27.16
CA VAL C 1142 46.59 4.49 -26.65
C VAL C 1142 45.38 4.90 -25.82
N GLY C 1143 44.17 4.64 -26.33
CA GLY C 1143 42.98 4.95 -25.57
C GLY C 1143 42.90 4.19 -24.26
N LYS C 1144 43.31 2.91 -24.28
CA LYS C 1144 43.31 2.12 -23.06
C LYS C 1144 44.29 2.68 -22.04
N LEU C 1145 45.48 3.10 -22.50
CA LEU C 1145 46.45 3.69 -21.58
C LEU C 1145 45.93 4.99 -20.98
N ILE C 1146 45.34 5.85 -21.80
CA ILE C 1146 44.79 7.11 -21.29
C ILE C 1146 43.67 6.84 -20.30
N TYR C 1147 42.80 5.88 -20.62
CA TYR C 1147 41.72 5.53 -19.71
C TYR C 1147 42.26 5.02 -18.39
N GLN C 1148 43.28 4.17 -18.43
CA GLN C 1148 43.87 3.66 -17.19
C GLN C 1148 44.46 4.80 -16.36
N VAL C 1149 45.17 5.72 -17.00
CA VAL C 1149 45.81 6.81 -16.26
C VAL C 1149 44.75 7.69 -15.58
N LEU C 1150 43.73 8.10 -16.34
CA LEU C 1150 42.69 8.93 -15.75
C LEU C 1150 41.94 8.19 -14.65
N MET C 1151 41.63 6.90 -14.87
CA MET C 1151 40.89 6.15 -13.89
C MET C 1151 41.68 5.96 -12.59
N ILE C 1152 42.99 5.70 -12.70
CA ILE C 1152 43.78 5.50 -11.49
C ILE C 1152 43.94 6.82 -10.73
N ALA C 1153 44.13 7.93 -11.45
CA ALA C 1153 44.21 9.22 -10.78
C ALA C 1153 42.90 9.53 -10.06
N PHE C 1154 41.77 9.31 -10.74
CA PHE C 1154 40.48 9.56 -10.12
C PHE C 1154 40.25 8.65 -8.92
N LEU C 1155 40.64 7.38 -9.02
CA LEU C 1155 40.49 6.46 -7.91
C LEU C 1155 41.25 6.93 -6.69
N HIS C 1156 42.54 7.24 -6.86
CA HIS C 1156 43.34 7.69 -5.72
C HIS C 1156 42.76 8.95 -5.11
N ILE C 1157 42.50 9.97 -5.94
CA ILE C 1157 42.02 11.24 -5.41
C ILE C 1157 40.69 11.05 -4.69
N TRP C 1158 39.74 10.37 -5.35
CA TRP C 1158 38.43 10.13 -4.76
C TRP C 1158 38.56 9.43 -3.41
N VAL C 1159 39.12 8.21 -3.41
CA VAL C 1159 39.12 7.38 -2.22
C VAL C 1159 39.86 8.07 -1.08
N PHE C 1160 41.02 8.64 -1.34
CA PHE C 1160 41.82 9.16 -0.24
C PHE C 1160 41.57 10.63 0.08
N LEU C 1161 40.69 11.31 -0.66
CA LEU C 1161 40.45 12.70 -0.31
C LEU C 1161 39.00 13.02 -0.02
N VAL C 1162 38.05 12.54 -0.82
CA VAL C 1162 36.71 13.09 -0.81
C VAL C 1162 35.69 12.10 -0.25
N LEU C 1163 35.97 10.80 -0.33
CA LEU C 1163 35.08 9.82 0.30
C LEU C 1163 34.98 10.03 1.81
N PRO C 1164 36.06 10.21 2.57
CA PRO C 1164 35.90 10.53 3.99
C PRO C 1164 35.14 11.83 4.24
N ASN C 1165 35.19 12.76 3.28
CA ASN C 1165 34.46 14.01 3.44
C ASN C 1165 32.96 13.77 3.49
N MET C 1166 32.44 12.94 2.57
CA MET C 1166 31.01 12.62 2.62
C MET C 1166 30.67 11.68 3.77
N THR C 1167 31.47 10.64 3.96
CA THR C 1167 31.06 9.59 4.90
C THR C 1167 31.35 9.95 6.36
N ARG C 1168 32.11 11.02 6.61
CA ARG C 1168 32.44 11.45 7.97
C ARG C 1168 33.12 10.34 8.76
N ARG C 1169 33.88 9.49 8.07
CA ARG C 1169 34.59 8.39 8.69
C ARG C 1169 36.04 8.38 8.23
N SER C 1170 36.92 7.90 9.10
CA SER C 1170 38.34 7.80 8.77
C SER C 1170 38.55 6.77 7.67
N ALA C 1171 39.56 7.03 6.82
CA ALA C 1171 39.85 6.10 5.74
C ALA C 1171 40.34 4.76 6.26
N ILE C 1172 40.92 4.73 7.46
CA ILE C 1172 41.40 3.47 8.03
C ILE C 1172 40.23 2.57 8.40
N SER C 1173 39.15 3.15 8.94
CA SER C 1173 38.00 2.39 9.41
C SER C 1173 36.94 2.20 8.34
N ASN C 1174 37.33 2.19 7.06
CA ASN C 1174 36.39 2.06 5.96
C ASN C 1174 36.73 0.81 5.16
N HIS C 1175 36.89 -0.31 5.86
CA HIS C 1175 37.36 -1.59 5.30
C HIS C 1175 36.76 -1.94 3.95
N VAL C 1176 35.48 -1.63 3.74
CA VAL C 1176 34.84 -1.93 2.45
C VAL C 1176 35.54 -1.17 1.34
N ALA C 1177 35.80 0.13 1.56
CA ALA C 1177 36.52 0.92 0.57
C ALA C 1177 37.94 0.42 0.38
N GLN C 1178 38.56 -0.07 1.45
CA GLN C 1178 39.91 -0.63 1.34
C GLN C 1178 39.92 -1.85 0.43
N ALA C 1179 38.97 -2.76 0.63
CA ALA C 1179 38.90 -3.94 -0.23
C ALA C 1179 38.58 -3.54 -1.67
N LEU C 1180 37.69 -2.56 -1.85
CA LEU C 1180 37.39 -2.08 -3.20
C LEU C 1180 38.64 -1.54 -3.88
N TYR C 1181 39.42 -0.76 -3.15
CA TYR C 1181 40.64 -0.18 -3.72
C TYR C 1181 41.66 -1.27 -4.04
N VAL C 1182 41.78 -2.29 -3.19
CA VAL C 1182 42.72 -3.38 -3.45
C VAL C 1182 42.32 -4.12 -4.73
N ILE C 1183 41.02 -4.43 -4.86
CA ILE C 1183 40.56 -5.16 -6.04
C ILE C 1183 40.78 -4.32 -7.30
N LYS C 1184 40.48 -3.02 -7.23
CA LYS C 1184 40.65 -2.17 -8.40
C LYS C 1184 42.12 -2.02 -8.75
N SER C 1185 43.00 -2.03 -7.74
CA SER C 1185 44.43 -1.97 -8.00
C SER C 1185 44.92 -3.25 -8.68
N CYS C 1186 44.40 -4.40 -8.28
CA CYS C 1186 44.73 -5.64 -8.99
C CYS C 1186 44.26 -5.58 -10.43
N TYR C 1187 43.05 -5.04 -10.66
CA TYR C 1187 42.57 -4.85 -12.01
C TYR C 1187 43.49 -3.93 -12.80
N PHE C 1188 43.99 -2.87 -12.17
CA PHE C 1188 44.92 -1.96 -12.82
C PHE C 1188 46.21 -2.67 -13.19
N LEU C 1189 46.70 -3.53 -12.30
CA LEU C 1189 47.90 -4.31 -12.62
C LEU C 1189 47.68 -5.19 -13.84
N VAL C 1190 46.55 -5.89 -13.90
CA VAL C 1190 46.28 -6.77 -15.02
C VAL C 1190 46.15 -5.96 -16.32
N SER C 1191 45.45 -4.83 -16.26
CA SER C 1191 45.28 -4.00 -17.45
C SER C 1191 46.61 -3.43 -17.92
N ALA C 1192 47.48 -3.04 -16.99
CA ALA C 1192 48.80 -2.53 -17.37
C ALA C 1192 49.64 -3.63 -18.00
N TRP C 1193 49.54 -4.86 -17.49
CA TRP C 1193 50.21 -5.99 -18.13
C TRP C 1193 49.72 -6.16 -19.56
N GLN C 1194 48.40 -6.09 -19.76
CA GLN C 1194 47.85 -6.25 -21.10
C GLN C 1194 48.33 -5.15 -22.04
N ILE C 1195 48.37 -3.91 -21.55
CA ILE C 1195 48.89 -2.81 -22.36
C ILE C 1195 50.36 -3.02 -22.70
N ARG C 1196 51.14 -3.45 -21.72
CA ARG C 1196 52.58 -3.64 -21.92
C ARG C 1196 52.85 -4.70 -22.97
N ASN C 1197 52.10 -5.81 -22.94
CA ASN C 1197 52.33 -6.90 -23.88
C ASN C 1197 51.48 -6.80 -25.14
N GLY C 1198 50.70 -5.73 -25.31
CA GLY C 1198 49.94 -5.53 -26.53
C GLY C 1198 48.65 -6.32 -26.55
N TYR C 1199 47.92 -6.16 -27.65
CA TYR C 1199 46.62 -6.79 -27.86
C TYR C 1199 46.72 -7.92 -28.87
N PRO C 1200 45.98 -9.01 -28.66
CA PRO C 1200 45.98 -10.09 -29.66
C PRO C 1200 45.32 -9.64 -30.96
N GLU C 1201 45.79 -10.23 -32.06
CA GLU C 1201 45.29 -9.90 -33.38
C GLU C 1201 44.11 -10.76 -33.82
N LEU C 1202 43.74 -11.77 -33.03
CA LEU C 1202 42.60 -12.64 -33.35
C LEU C 1202 41.82 -12.91 -32.06
N CYS C 1203 40.61 -12.35 -31.98
CA CYS C 1203 39.76 -12.55 -30.83
C CYS C 1203 38.84 -13.75 -31.07
N ILE C 1204 37.84 -13.91 -30.21
CA ILE C 1204 36.89 -15.01 -30.27
C ILE C 1204 35.49 -14.44 -30.33
N GLY C 1205 34.50 -15.34 -30.38
CA GLY C 1205 33.11 -14.93 -30.36
C GLY C 1205 32.62 -14.70 -28.94
N ASN C 1206 32.89 -15.64 -28.06
CA ASN C 1206 32.51 -15.57 -26.66
C ASN C 1206 33.21 -16.68 -25.90
N LEU C 1207 33.57 -16.41 -24.65
CA LEU C 1207 34.18 -17.43 -23.81
C LEU C 1207 33.10 -18.20 -23.03
N LEU C 1208 32.11 -18.69 -23.77
CA LEU C 1208 31.07 -19.54 -23.22
C LEU C 1208 30.68 -20.66 -24.17
N THR C 1209 31.32 -20.77 -25.33
CA THR C 1209 30.96 -21.76 -26.33
C THR C 1209 32.16 -22.52 -26.88
N HIS C 1210 33.35 -22.29 -26.33
CA HIS C 1210 34.54 -23.03 -26.80
C HIS C 1210 34.40 -24.52 -26.52
N SER C 1211 33.88 -24.88 -25.35
CA SER C 1211 33.65 -26.27 -24.97
C SER C 1211 32.16 -26.50 -24.77
N TYR C 1212 31.73 -27.72 -25.02
CA TYR C 1212 30.32 -28.10 -24.92
C TYR C 1212 30.17 -29.11 -23.78
N GLY C 1213 29.94 -28.59 -22.58
CA GLY C 1213 29.79 -29.41 -21.40
C GLY C 1213 28.76 -28.82 -20.45
N MET C 1214 28.61 -29.48 -19.29
CA MET C 1214 27.62 -29.04 -18.32
C MET C 1214 27.95 -27.64 -17.79
N THR C 1215 29.22 -27.38 -17.50
CA THR C 1215 29.61 -26.07 -16.98
C THR C 1215 29.29 -24.96 -17.97
N ASN C 1216 29.60 -25.18 -19.25
CA ASN C 1216 29.30 -24.17 -20.27
C ASN C 1216 27.79 -23.98 -20.41
N MET C 1217 27.02 -25.08 -20.37
CA MET C 1217 25.57 -24.97 -20.47
C MET C 1217 25.01 -24.15 -19.33
N ILE C 1218 25.45 -24.43 -18.11
CA ILE C 1218 24.95 -23.71 -16.94
C ILE C 1218 25.33 -22.24 -17.00
N ALA C 1219 26.59 -21.95 -17.38
CA ALA C 1219 27.02 -20.56 -17.47
C ALA C 1219 26.24 -19.80 -18.53
N PHE C 1220 26.02 -20.43 -19.69
CA PHE C 1220 25.27 -19.77 -20.74
C PHE C 1220 23.82 -19.54 -20.32
N LYS C 1221 23.22 -20.53 -19.65
CA LYS C 1221 21.84 -20.39 -19.21
C LYS C 1221 21.69 -19.28 -18.19
N VAL C 1222 22.61 -19.18 -17.22
CA VAL C 1222 22.51 -18.13 -16.23
C VAL C 1222 22.84 -16.77 -16.85
N PHE C 1223 23.72 -16.72 -17.85
CA PHE C 1223 23.99 -15.46 -18.53
C PHE C 1223 22.78 -14.97 -19.32
N MET C 1224 22.07 -15.88 -19.99
CA MET C 1224 20.92 -15.48 -20.79
C MET C 1224 19.70 -15.18 -19.93
N ASN C 1225 19.52 -15.92 -18.84
CA ASN C 1225 18.31 -15.78 -18.03
C ASN C 1225 18.25 -14.42 -17.35
N ILE C 1226 19.37 -13.92 -16.86
CA ILE C 1226 19.37 -12.62 -16.18
C ILE C 1226 19.00 -11.53 -17.20
N PRO C 1227 18.10 -10.62 -16.87
CA PRO C 1227 17.65 -9.64 -17.86
C PRO C 1227 18.60 -8.46 -17.97
N PHE C 1228 18.47 -7.74 -19.09
CA PHE C 1228 19.23 -6.53 -19.37
C PHE C 1228 20.73 -6.78 -19.40
N LEU C 1229 21.13 -8.00 -19.76
CA LEU C 1229 22.55 -8.32 -19.95
C LEU C 1229 22.86 -8.76 -21.37
N PHE C 1230 22.06 -9.67 -21.94
CA PHE C 1230 22.27 -10.09 -23.32
C PHE C 1230 22.06 -8.93 -24.29
N GLU C 1231 21.02 -8.13 -24.05
CA GLU C 1231 20.73 -7.01 -24.93
C GLU C 1231 21.86 -5.98 -24.92
N LEU C 1232 22.38 -5.65 -23.73
CA LEU C 1232 23.44 -4.66 -23.63
C LEU C 1232 24.70 -5.12 -24.35
N ARG C 1233 25.09 -6.38 -24.14
CA ARG C 1233 26.28 -6.91 -24.79
C ARG C 1233 26.10 -6.97 -26.30
N THR C 1234 24.93 -7.44 -26.76
CA THR C 1234 24.69 -7.58 -28.19
C THR C 1234 24.49 -6.22 -28.86
N ALA C 1235 24.22 -5.17 -28.09
CA ALA C 1235 24.19 -3.81 -28.63
C ALA C 1235 25.58 -3.20 -28.71
N ILE C 1236 26.38 -3.36 -27.63
CA ILE C 1236 27.76 -2.89 -27.65
C ILE C 1236 28.52 -3.54 -28.79
N ASP C 1237 28.29 -4.84 -29.00
CA ASP C 1237 28.64 -5.43 -30.29
C ASP C 1237 27.73 -4.84 -31.37
N TRP C 1238 28.35 -4.47 -32.49
CA TRP C 1238 27.73 -3.72 -33.58
C TRP C 1238 27.56 -2.26 -33.23
N THR C 1239 27.77 -1.88 -31.96
CA THR C 1239 27.99 -0.47 -31.68
C THR C 1239 29.46 -0.09 -31.80
N TRP C 1240 30.37 -1.01 -31.46
CA TRP C 1240 31.80 -0.72 -31.54
C TRP C 1240 32.56 -1.75 -32.37
N THR C 1241 31.90 -2.42 -33.31
CA THR C 1241 32.56 -3.28 -34.27
C THR C 1241 31.92 -3.08 -35.64
N ASP C 1242 32.66 -3.44 -36.68
CA ASP C 1242 32.24 -3.22 -38.06
C ASP C 1242 31.64 -4.51 -38.62
N THR C 1243 30.37 -4.43 -39.03
CA THR C 1243 29.70 -5.54 -39.69
C THR C 1243 29.01 -5.06 -40.96
N SER C 1244 28.22 -5.94 -41.58
CA SER C 1244 27.44 -5.57 -42.76
C SER C 1244 25.95 -5.84 -42.54
N MET C 1245 25.49 -5.82 -41.29
CA MET C 1245 24.13 -6.19 -40.96
C MET C 1245 23.53 -5.17 -39.99
N PRO C 1246 22.22 -4.95 -40.07
CA PRO C 1246 21.57 -4.00 -39.15
C PRO C 1246 21.54 -4.51 -37.71
N LEU C 1247 20.96 -3.70 -36.81
CA LEU C 1247 20.90 -4.09 -35.40
C LEU C 1247 19.97 -5.28 -35.18
N PHE C 1248 18.76 -5.22 -35.75
CA PHE C 1248 17.80 -6.30 -35.56
C PHE C 1248 18.29 -7.60 -36.17
N ASP C 1249 18.91 -7.52 -37.35
CA ASP C 1249 19.49 -8.72 -37.96
C ASP C 1249 20.60 -9.29 -37.10
N PHE C 1250 21.41 -8.41 -36.49
CA PHE C 1250 22.47 -8.88 -35.60
C PHE C 1250 21.90 -9.61 -34.39
N PHE C 1251 20.84 -9.06 -33.78
CA PHE C 1251 20.20 -9.73 -32.66
C PHE C 1251 19.58 -11.06 -33.08
N ASN C 1252 18.96 -11.09 -34.27
CA ASN C 1252 18.40 -12.34 -34.76
C ASN C 1252 19.48 -13.40 -34.94
N MET C 1253 20.63 -13.01 -35.50
CA MET C 1253 21.73 -13.95 -35.68
C MET C 1253 22.27 -14.44 -34.34
N GLU C 1254 22.39 -13.54 -33.36
CA GLU C 1254 22.86 -13.95 -32.05
C GLU C 1254 21.89 -14.92 -31.40
N ASN C 1255 20.58 -14.68 -31.54
CA ASN C 1255 19.59 -15.62 -31.01
C ASN C 1255 19.68 -16.97 -31.70
N PHE C 1256 19.88 -16.98 -33.02
CA PHE C 1256 20.05 -18.24 -33.74
C PHE C 1256 21.27 -19.00 -33.23
N TYR C 1257 22.39 -18.31 -33.04
CA TYR C 1257 23.58 -18.96 -32.51
C TYR C 1257 23.35 -19.49 -31.11
N ALA C 1258 22.65 -18.73 -30.27
CA ALA C 1258 22.33 -19.20 -28.93
C ALA C 1258 21.54 -20.50 -28.97
N HIS C 1259 20.50 -20.54 -29.82
CA HIS C 1259 19.70 -21.75 -29.93
C HIS C 1259 20.52 -22.93 -30.43
N ILE C 1260 21.33 -22.71 -31.45
CA ILE C 1260 22.12 -23.80 -32.02
C ILE C 1260 23.13 -24.33 -31.02
N PHE C 1261 23.80 -23.42 -30.30
CA PHE C 1261 24.76 -23.84 -29.29
C PHE C 1261 24.09 -24.61 -28.16
N ASN C 1262 22.90 -24.16 -27.73
CA ASN C 1262 22.19 -24.89 -26.68
C ASN C 1262 21.83 -26.30 -27.14
N ILE C 1263 21.35 -26.43 -28.39
CA ILE C 1263 21.01 -27.76 -28.90
C ILE C 1263 22.25 -28.64 -28.98
N LYS C 1264 23.36 -28.08 -29.46
CA LYS C 1264 24.60 -28.86 -29.56
C LYS C 1264 25.09 -29.31 -28.20
N CYS C 1265 25.04 -28.42 -27.21
CA CYS C 1265 25.49 -28.78 -25.87
C CYS C 1265 24.59 -29.85 -25.25
N ALA C 1266 23.28 -29.74 -25.46
CA ALA C 1266 22.38 -30.77 -24.97
C ALA C 1266 22.67 -32.12 -25.63
N ARG C 1267 22.94 -32.11 -26.93
CA ARG C 1267 23.27 -33.35 -27.63
C ARG C 1267 24.57 -33.95 -27.09
N GLN C 1268 25.57 -33.10 -26.85
CA GLN C 1268 26.83 -33.58 -26.31
C GLN C 1268 26.66 -34.18 -24.91
N PHE C 1269 25.86 -33.52 -24.07
CA PHE C 1269 25.61 -34.05 -22.74
C PHE C 1269 24.88 -35.39 -22.81
N GLU C 1270 23.89 -35.51 -23.71
CA GLU C 1270 23.18 -36.77 -23.86
C GLU C 1270 24.12 -37.88 -24.34
N ALA C 1271 25.01 -37.55 -25.27
CA ALA C 1271 25.97 -38.55 -25.74
C ALA C 1271 26.97 -38.93 -24.66
N ALA C 1272 27.31 -37.99 -23.78
CA ALA C 1272 28.26 -38.27 -22.72
C ALA C 1272 27.73 -39.33 -21.76
N TYR C 1273 26.45 -39.26 -21.41
CA TYR C 1273 25.82 -40.21 -20.50
C TYR C 1273 24.89 -41.11 -21.30
N PRO C 1274 25.29 -42.33 -21.63
CA PRO C 1274 24.44 -43.20 -22.44
C PRO C 1274 23.19 -43.62 -21.69
N ALA C 1275 22.14 -43.88 -22.47
CA ALA C 1275 20.85 -44.36 -21.98
C ALA C 1275 20.68 -45.83 -22.29
N PRO C 1276 19.94 -46.57 -21.47
CA PRO C 1276 19.76 -48.01 -21.72
C PRO C 1276 18.89 -48.26 -22.94
N ARG C 1277 19.04 -49.47 -23.50
CA ARG C 1277 18.33 -49.88 -24.70
C ARG C 1277 16.88 -50.21 -24.34
N GLY C 1278 16.07 -49.16 -24.26
CA GLY C 1278 14.66 -49.31 -23.98
C GLY C 1278 14.31 -49.86 -22.61
N ILE C 1279 15.27 -49.90 -21.69
CA ILE C 1279 14.98 -50.39 -20.34
C ILE C 1279 14.14 -49.35 -19.61
N PRO C 1280 13.10 -49.75 -18.87
CA PRO C 1280 12.33 -48.77 -18.10
C PRO C 1280 13.19 -48.06 -17.08
N LYS C 1281 12.84 -46.80 -16.81
CA LYS C 1281 13.62 -45.98 -15.90
C LYS C 1281 13.62 -46.56 -14.50
N GLY C 1282 14.75 -46.41 -13.81
CA GLY C 1282 14.87 -46.95 -12.47
C GLY C 1282 14.00 -46.22 -11.47
N LYS C 1283 13.75 -46.88 -10.34
CA LYS C 1283 12.88 -46.31 -9.32
C LYS C 1283 13.55 -45.17 -8.57
N LEU C 1284 14.86 -45.24 -8.34
CA LEU C 1284 15.53 -44.24 -7.52
C LEU C 1284 15.58 -42.89 -8.24
N VAL C 1285 15.88 -42.88 -9.53
CA VAL C 1285 15.92 -41.63 -10.28
C VAL C 1285 14.52 -41.03 -10.38
N LYS C 1286 13.51 -41.88 -10.59
CA LYS C 1286 12.13 -41.41 -10.62
C LYS C 1286 11.76 -40.78 -9.29
N TYR C 1287 12.15 -41.42 -8.18
CA TYR C 1287 11.80 -40.90 -6.86
C TYR C 1287 12.46 -39.54 -6.62
N MET C 1288 13.77 -39.46 -6.84
CA MET C 1288 14.51 -38.24 -6.53
C MET C 1288 14.37 -37.16 -7.59
N MET C 1289 13.65 -37.45 -8.69
CA MET C 1289 13.26 -36.40 -9.62
C MET C 1289 11.79 -36.03 -9.53
N GLY C 1290 10.96 -36.87 -8.91
CA GLY C 1290 9.56 -36.58 -8.75
C GLY C 1290 9.19 -35.94 -7.43
N PHE C 1291 9.69 -36.48 -6.32
CA PHE C 1291 9.41 -35.87 -5.02
C PHE C 1291 9.81 -34.40 -4.93
N PRO C 1292 11.01 -33.98 -5.38
CA PRO C 1292 11.33 -32.55 -5.27
C PRO C 1292 10.35 -31.64 -5.99
N ILE C 1293 9.84 -32.05 -7.16
CA ILE C 1293 8.92 -31.19 -7.91
C ILE C 1293 7.62 -31.02 -7.14
N ILE C 1294 7.05 -32.12 -6.64
CA ILE C 1294 5.79 -32.05 -5.91
C ILE C 1294 5.96 -31.26 -4.62
N ILE C 1295 7.07 -31.50 -3.91
CA ILE C 1295 7.32 -30.79 -2.66
C ILE C 1295 7.45 -29.29 -2.91
N GLY C 1296 8.20 -28.91 -3.95
CA GLY C 1296 8.35 -27.51 -4.28
C GLY C 1296 7.04 -26.86 -4.68
N VAL C 1297 6.22 -27.56 -5.46
CA VAL C 1297 4.93 -27.01 -5.88
C VAL C 1297 4.04 -26.80 -4.67
N VAL C 1298 3.97 -27.78 -3.77
CA VAL C 1298 3.12 -27.66 -2.59
C VAL C 1298 3.62 -26.52 -1.70
N ILE C 1299 4.93 -26.41 -1.53
CA ILE C 1299 5.49 -25.34 -0.71
C ILE C 1299 5.18 -23.98 -1.31
N PHE C 1300 5.31 -23.85 -2.64
CA PHE C 1300 5.00 -22.59 -3.30
C PHE C 1300 3.54 -22.22 -3.13
N ILE C 1301 2.64 -23.20 -3.27
CA ILE C 1301 1.21 -22.92 -3.14
C ILE C 1301 0.86 -22.50 -1.72
N PHE C 1302 1.40 -23.20 -0.72
CA PHE C 1302 0.96 -23.01 0.66
C PHE C 1302 1.89 -22.14 1.49
N SER C 1303 2.89 -21.50 0.89
CA SER C 1303 3.77 -20.62 1.65
C SER C 1303 3.14 -19.26 1.98
N PRO C 1304 2.37 -18.63 1.08
CA PRO C 1304 1.77 -17.34 1.47
C PRO C 1304 0.84 -17.44 2.67
N LEU C 1305 0.09 -18.54 2.79
CA LEU C 1305 -0.84 -18.68 3.90
C LEU C 1305 -0.09 -18.78 5.23
N LEU C 1306 0.96 -19.62 5.28
CA LEU C 1306 1.72 -19.75 6.52
C LEU C 1306 2.48 -18.45 6.83
N LEU C 1307 2.97 -17.77 5.80
CA LEU C 1307 3.65 -16.50 6.02
C LEU C 1307 2.70 -15.47 6.62
N TRP C 1308 1.48 -15.40 6.08
CA TRP C 1308 0.48 -14.48 6.63
C TRP C 1308 0.10 -14.87 8.06
N SER C 1309 -0.05 -16.17 8.33
CA SER C 1309 -0.44 -16.61 9.66
C SER C 1309 0.63 -16.29 10.69
N LEU C 1310 1.90 -16.53 10.35
CA LEU C 1310 2.98 -16.27 11.32
C LEU C 1310 3.28 -14.78 11.43
N LEU C 1311 3.08 -14.01 10.35
CA LEU C 1311 3.34 -12.58 10.40
C LEU C 1311 2.39 -11.88 11.37
N ASN C 1312 1.12 -12.29 11.38
CA ASN C 1312 0.13 -11.68 12.25
C ASN C 1312 0.09 -12.41 13.59
N GLN C 1313 0.02 -11.64 14.67
CA GLN C 1313 -0.12 -12.19 16.02
C GLN C 1313 -1.06 -11.29 16.79
N ILE C 1314 -1.21 -11.58 18.09
CA ILE C 1314 -2.07 -10.80 18.98
C ILE C 1314 -1.19 -10.19 20.06
N GLY C 1315 -1.27 -8.87 20.21
CA GLY C 1315 -0.49 -8.15 21.20
C GLY C 1315 -1.16 -8.13 22.55
N THR C 1316 -0.65 -7.27 23.42
CA THR C 1316 -1.16 -7.14 24.78
C THR C 1316 -0.90 -5.72 25.28
N ILE C 1317 -1.96 -5.08 25.78
CA ILE C 1317 -1.86 -3.73 26.32
C ILE C 1317 -1.82 -3.82 27.84
N SER C 1318 -1.18 -2.84 28.47
CA SER C 1318 -0.96 -2.88 29.89
C SER C 1318 -2.24 -2.57 30.67
N MET C 1319 -2.27 -3.06 31.91
CA MET C 1319 -3.36 -2.79 32.82
C MET C 1319 -3.39 -1.29 33.15
N PRO C 1320 -4.56 -0.65 33.08
CA PRO C 1320 -4.60 0.80 33.28
C PRO C 1320 -4.24 1.20 34.70
N GLU C 1321 -3.67 2.40 34.82
CA GLU C 1321 -3.02 2.86 36.05
C GLU C 1321 -3.84 3.87 36.83
N LYS C 1322 -4.27 4.96 36.20
CA LYS C 1322 -4.84 6.08 36.93
C LYS C 1322 -6.29 6.32 36.49
N VAL C 1323 -7.17 6.49 37.48
CA VAL C 1323 -8.61 6.65 37.23
C VAL C 1323 -9.08 7.94 37.88
N THR C 1324 -9.77 8.78 37.11
CA THR C 1324 -10.25 10.07 37.58
C THR C 1324 -11.77 10.16 37.42
N LEU C 1325 -12.41 10.84 38.36
CA LEU C 1325 -13.85 11.08 38.37
C LEU C 1325 -14.11 12.57 38.55
N ARG C 1326 -15.11 13.09 37.85
CA ARG C 1326 -15.49 14.49 37.96
C ARG C 1326 -17.00 14.62 37.91
N ILE C 1327 -17.56 15.35 38.86
CA ILE C 1327 -18.98 15.66 38.91
C ILE C 1327 -19.14 17.17 38.89
N SER C 1328 -19.96 17.67 37.97
CA SER C 1328 -20.07 19.12 37.80
C SER C 1328 -21.40 19.46 37.16
N ILE C 1329 -21.62 20.78 37.03
CA ILE C 1329 -22.71 21.32 36.22
C ILE C 1329 -22.09 21.85 34.94
N GLU C 1330 -22.72 21.56 33.81
CA GLU C 1330 -22.13 21.88 32.52
C GLU C 1330 -21.82 23.36 32.40
N GLY C 1331 -20.61 23.66 31.93
CA GLY C 1331 -20.19 25.03 31.77
C GLY C 1331 -19.78 25.75 33.03
N TYR C 1332 -19.30 25.01 34.03
CA TYR C 1332 -18.93 25.61 35.31
C TYR C 1332 -17.84 24.76 35.94
N PRO C 1333 -17.10 25.30 36.90
CA PRO C 1333 -16.01 24.53 37.50
C PRO C 1333 -16.55 23.30 38.21
N PRO C 1334 -15.76 22.24 38.29
CA PRO C 1334 -16.26 20.96 38.84
C PRO C 1334 -16.73 21.09 40.28
N LEU C 1335 -17.81 20.37 40.59
CA LEU C 1335 -18.30 20.29 41.96
C LEU C 1335 -17.49 19.30 42.80
N TYR C 1336 -17.02 18.21 42.18
CA TYR C 1336 -16.32 17.16 42.92
C TYR C 1336 -15.34 16.50 41.98
N GLU C 1337 -14.04 16.72 42.21
CA GLU C 1337 -12.99 16.14 41.39
C GLU C 1337 -12.16 15.20 42.25
N MET C 1338 -11.92 13.98 41.75
CA MET C 1338 -11.16 13.00 42.49
C MET C 1338 -10.34 12.18 41.51
N GLU C 1339 -9.21 11.65 41.99
CA GLU C 1339 -8.37 10.79 41.18
C GLU C 1339 -7.71 9.75 42.07
N ALA C 1340 -7.32 8.63 41.45
CA ALA C 1340 -6.78 7.49 42.16
C ALA C 1340 -5.70 6.83 41.32
N GLN C 1341 -4.52 6.66 41.91
CA GLN C 1341 -3.41 5.93 41.33
C GLN C 1341 -2.95 4.89 42.33
N GLY C 1342 -2.53 3.73 41.84
CA GLY C 1342 -2.17 2.64 42.73
C GLY C 1342 -1.04 1.80 42.21
N SER C 1343 -0.40 1.09 43.13
CA SER C 1343 0.67 0.14 42.83
C SER C 1343 0.13 -1.25 42.53
N ASN C 1344 -1.19 -1.46 42.65
CA ASN C 1344 -1.89 -2.66 42.22
C ASN C 1344 -1.61 -3.86 43.11
N HIS C 1345 -0.71 -3.74 44.09
CA HIS C 1345 -0.44 -4.87 44.97
C HIS C 1345 -0.50 -4.46 46.44
N ASP C 1346 -0.19 -3.20 46.74
CA ASP C 1346 -0.21 -2.71 48.11
C ASP C 1346 -1.22 -1.61 48.36
N ASN C 1347 -1.58 -0.82 47.35
CA ASN C 1347 -2.55 0.24 47.54
C ASN C 1347 -3.96 -0.34 47.63
N ALA C 1348 -4.84 0.41 48.29
CA ALA C 1348 -6.22 0.01 48.47
C ALA C 1348 -7.21 0.77 47.61
N GLU C 1349 -6.84 1.96 47.11
CA GLU C 1349 -7.74 2.74 46.27
C GLU C 1349 -7.93 2.11 44.89
N LEU C 1350 -7.03 1.23 44.47
CA LEU C 1350 -7.13 0.59 43.16
C LEU C 1350 -6.37 -0.72 43.21
N GLY C 1351 -7.05 -1.82 42.92
CA GLY C 1351 -6.37 -3.11 42.96
C GLY C 1351 -7.16 -4.22 42.31
N MET C 1352 -6.47 -5.30 41.99
CA MET C 1352 -7.12 -6.45 41.40
C MET C 1352 -8.12 -7.08 42.37
N ILE C 1353 -9.18 -7.65 41.81
CA ILE C 1353 -10.23 -8.25 42.63
C ILE C 1353 -9.73 -9.55 43.24
N LYS C 1354 -9.97 -9.72 44.54
CA LYS C 1354 -9.58 -10.95 45.20
C LYS C 1354 -10.43 -12.11 44.69
N PRO C 1355 -9.88 -13.33 44.67
CA PRO C 1355 -10.65 -14.47 44.16
C PRO C 1355 -11.94 -14.73 44.93
N ASP C 1356 -11.96 -14.46 46.24
CA ASP C 1356 -13.17 -14.68 47.02
C ASP C 1356 -14.31 -13.78 46.54
N GLN C 1357 -14.02 -12.51 46.29
CA GLN C 1357 -15.05 -11.59 45.82
C GLN C 1357 -15.57 -12.01 44.45
N LEU C 1358 -14.67 -12.41 43.55
CA LEU C 1358 -15.09 -12.86 42.23
C LEU C 1358 -15.95 -14.11 42.32
N ALA C 1359 -15.57 -15.06 43.18
CA ALA C 1359 -16.37 -16.26 43.35
C ALA C 1359 -17.75 -15.95 43.91
N SER C 1360 -17.83 -15.05 44.90
CA SER C 1360 -19.11 -14.66 45.45
C SER C 1360 -19.98 -13.98 44.40
N LEU C 1361 -19.39 -13.09 43.59
CA LEU C 1361 -20.14 -12.44 42.53
C LEU C 1361 -20.64 -13.45 41.51
N ASN C 1362 -19.80 -14.43 41.15
CA ASN C 1362 -20.21 -15.45 40.20
C ASN C 1362 -21.36 -16.27 40.76
N GLN C 1363 -21.30 -16.65 42.04
CA GLN C 1363 -22.39 -17.42 42.63
C GLN C 1363 -23.67 -16.61 42.68
N ALA C 1364 -23.58 -15.33 43.05
CA ALA C 1364 -24.77 -14.48 43.09
C ALA C 1364 -25.37 -14.30 41.71
N LEU C 1365 -24.53 -14.17 40.68
CA LEU C 1365 -25.04 -14.01 39.32
C LEU C 1365 -25.67 -15.30 38.81
N THR C 1366 -25.05 -16.44 39.11
CA THR C 1366 -25.58 -17.72 38.64
C THR C 1366 -26.81 -18.17 39.39
N ASP C 1367 -27.04 -17.66 40.61
CA ASP C 1367 -28.28 -17.92 41.33
C ASP C 1367 -29.06 -16.61 41.38
N SER C 1368 -29.79 -16.32 40.29
CA SER C 1368 -30.62 -15.13 40.22
C SER C 1368 -31.91 -15.37 39.46
N TYR C 1369 -32.28 -16.62 39.18
CA TYR C 1369 -33.37 -16.93 38.28
C TYR C 1369 -34.53 -17.58 39.02
N THR C 1370 -35.70 -17.55 38.37
CA THR C 1370 -36.88 -18.26 38.84
C THR C 1370 -37.08 -19.52 38.01
N THR C 1371 -37.79 -20.48 38.59
CA THR C 1371 -38.00 -21.78 37.95
C THR C 1371 -39.25 -21.82 37.08
N ARG C 1372 -39.84 -20.66 36.78
CA ARG C 1372 -41.07 -20.60 35.99
C ARG C 1372 -40.84 -20.02 34.61
N ASP C 1373 -40.27 -18.82 34.52
CA ASP C 1373 -40.12 -18.15 33.23
C ASP C 1373 -38.89 -18.67 32.51
N THR C 1374 -39.04 -18.92 31.20
CA THR C 1374 -37.94 -19.46 30.41
C THR C 1374 -36.89 -18.40 30.08
N ASN C 1375 -37.33 -17.16 29.82
CA ASN C 1375 -36.40 -16.13 29.37
C ASN C 1375 -35.38 -15.74 30.42
N SER C 1376 -35.71 -15.91 31.71
CA SER C 1376 -34.74 -15.61 32.77
C SER C 1376 -33.53 -16.53 32.68
N ILE C 1377 -33.73 -17.76 32.23
CA ILE C 1377 -32.62 -18.70 32.07
C ILE C 1377 -31.61 -18.15 31.07
N LEU C 1378 -32.10 -17.63 29.94
CA LEU C 1378 -31.20 -17.08 28.93
C LEU C 1378 -30.45 -15.87 29.45
N ARG C 1379 -31.12 -15.00 30.20
CA ARG C 1379 -30.47 -13.82 30.74
C ARG C 1379 -29.38 -14.20 31.73
N SER C 1380 -29.68 -15.14 32.64
CA SER C 1380 -28.67 -15.59 33.59
C SER C 1380 -27.49 -16.25 32.89
N ARG C 1381 -27.78 -17.08 31.87
CA ARG C 1381 -26.71 -17.73 31.12
C ARG C 1381 -25.83 -16.70 30.43
N MET C 1382 -26.44 -15.69 29.81
CA MET C 1382 -25.66 -14.66 29.14
C MET C 1382 -24.80 -13.88 30.13
N SER C 1383 -25.36 -13.54 31.28
CA SER C 1383 -24.60 -12.80 32.28
C SER C 1383 -23.41 -13.61 32.77
N VAL C 1384 -23.62 -14.90 33.06
CA VAL C 1384 -22.54 -15.75 33.54
C VAL C 1384 -21.48 -15.92 32.46
N SER C 1385 -21.91 -16.13 31.21
CA SER C 1385 -20.95 -16.29 30.12
C SER C 1385 -20.12 -15.03 29.91
N TYR C 1386 -20.76 -13.85 29.99
CA TYR C 1386 -20.02 -12.61 29.85
C TYR C 1386 -19.03 -12.42 30.99
N LEU C 1387 -19.43 -12.74 32.22
CA LEU C 1387 -18.54 -12.58 33.35
C LEU C 1387 -17.35 -13.54 33.27
N LYS C 1388 -17.60 -14.76 32.76
CA LYS C 1388 -16.54 -15.76 32.69
C LYS C 1388 -15.46 -15.42 31.67
N GLY C 1389 -15.69 -14.42 30.80
CA GLY C 1389 -14.68 -14.06 29.82
C GLY C 1389 -13.45 -13.39 30.41
N TYR C 1390 -13.56 -12.83 31.59
CA TYR C 1390 -12.45 -12.15 32.26
C TYR C 1390 -12.07 -12.90 33.53
N THR C 1391 -10.78 -13.20 33.68
CA THR C 1391 -10.28 -13.83 34.89
C THR C 1391 -10.17 -12.80 36.00
N TYR C 1392 -9.67 -13.22 37.16
CA TYR C 1392 -9.53 -12.32 38.29
C TYR C 1392 -8.39 -11.32 38.13
N GLU C 1393 -7.53 -11.51 37.12
CA GLU C 1393 -6.46 -10.56 36.85
C GLU C 1393 -6.90 -9.41 35.95
N ASP C 1394 -7.90 -9.62 35.11
CA ASP C 1394 -8.37 -8.61 34.17
C ASP C 1394 -9.49 -7.75 34.73
N ILE C 1395 -9.86 -7.92 36.00
CA ILE C 1395 -10.90 -7.15 36.65
C ILE C 1395 -10.27 -6.39 37.80
N LEU C 1396 -10.52 -5.09 37.89
CA LEU C 1396 -9.98 -4.28 38.97
C LEU C 1396 -11.10 -3.55 39.70
N ILE C 1397 -10.75 -3.08 40.90
CA ILE C 1397 -11.65 -2.36 41.78
C ILE C 1397 -11.03 -1.01 42.09
N VAL C 1398 -11.81 0.06 41.95
CA VAL C 1398 -11.39 1.42 42.24
C VAL C 1398 -12.26 1.95 43.36
N ARG C 1399 -11.63 2.56 44.37
CA ARG C 1399 -12.33 3.12 45.52
C ARG C 1399 -11.98 4.60 45.62
N PHE C 1400 -12.87 5.45 45.12
CA PHE C 1400 -12.72 6.89 45.25
C PHE C 1400 -13.07 7.35 46.66
N ARG C 1401 -12.28 8.29 47.17
CA ARG C 1401 -12.59 8.87 48.47
C ARG C 1401 -13.85 9.72 48.38
N PRO C 1402 -14.74 9.64 49.38
CA PRO C 1402 -15.97 10.45 49.31
C PRO C 1402 -15.73 11.95 49.32
N GLU C 1403 -14.70 12.40 50.03
CA GLU C 1403 -14.43 13.83 50.14
C GLU C 1403 -13.79 14.38 48.87
N SER C 1404 -14.04 15.64 48.59
CA SER C 1404 -13.45 16.30 47.44
C SER C 1404 -11.95 16.49 47.65
N GLU C 1405 -11.20 16.39 46.55
CA GLU C 1405 -9.75 16.51 46.64
C GLU C 1405 -9.31 17.94 46.90
N ILE C 1406 -9.92 18.91 46.21
CA ILE C 1406 -9.51 20.31 46.30
C ILE C 1406 -10.69 21.14 46.76
N TYR C 1407 -10.39 22.28 47.39
CA TYR C 1407 -11.43 23.22 47.76
C TYR C 1407 -12.06 23.83 46.51
N TRP C 1408 -13.37 24.10 46.60
CA TRP C 1408 -14.15 24.58 45.47
C TRP C 1408 -13.66 25.95 45.00
N PRO C 1409 -13.01 26.02 43.84
CA PRO C 1409 -12.46 27.29 43.33
C PRO C 1409 -13.44 28.04 42.43
N ILE C 1410 -14.46 28.65 43.03
CA ILE C 1410 -15.48 29.34 42.25
C ILE C 1410 -15.59 30.79 42.71
N SER C 1411 -15.77 31.68 41.74
CA SER C 1411 -15.97 33.10 42.01
C SER C 1411 -17.39 33.35 42.50
N GLN C 1412 -17.56 34.44 43.25
CA GLN C 1412 -18.88 34.81 43.73
C GLN C 1412 -19.81 35.16 42.57
N ASP C 1413 -19.30 35.90 41.58
CA ASP C 1413 -20.13 36.26 40.43
C ASP C 1413 -20.52 35.03 39.62
N SER C 1414 -19.60 34.07 39.47
CA SER C 1414 -19.94 32.84 38.76
C SER C 1414 -21.01 32.04 39.51
N ARG C 1415 -20.92 32.00 40.84
CA ARG C 1415 -21.95 31.31 41.62
C ARG C 1415 -23.29 32.01 41.50
N ASN C 1416 -23.30 33.33 41.49
CA ASN C 1416 -24.54 34.07 41.25
C ASN C 1416 -25.10 33.77 39.86
N ALA C 1417 -24.22 33.65 38.87
CA ALA C 1417 -24.66 33.28 37.52
C ALA C 1417 -25.27 31.89 37.50
N MET C 1418 -24.68 30.94 38.24
CA MET C 1418 -25.27 29.61 38.34
C MET C 1418 -26.64 29.66 38.97
N ILE C 1419 -26.79 30.45 40.04
CA ILE C 1419 -28.08 30.55 40.71
C ILE C 1419 -29.12 31.15 39.76
N ASP C 1420 -28.74 32.19 39.02
CA ASP C 1420 -29.66 32.80 38.07
C ASP C 1420 -30.05 31.83 36.97
N LYS C 1421 -29.07 31.09 36.44
CA LYS C 1421 -29.36 30.10 35.39
C LYS C 1421 -30.23 28.97 35.92
N LEU C 1422 -30.16 28.69 37.21
CA LEU C 1422 -30.94 27.63 37.84
C LEU C 1422 -32.31 28.10 38.30
N SER C 1423 -32.72 29.31 37.94
CA SER C 1423 -33.89 29.94 38.54
C SER C 1423 -35.15 29.81 37.70
N ARG C 1424 -35.13 30.33 36.46
CA ARG C 1424 -36.39 30.57 35.76
C ARG C 1424 -36.81 29.43 34.84
N ASN C 1425 -36.05 29.19 33.77
CA ASN C 1425 -36.47 28.15 32.83
C ASN C 1425 -35.31 27.39 32.18
N THR C 1426 -34.06 27.65 32.53
CA THR C 1426 -32.96 27.05 31.80
C THR C 1426 -32.73 25.61 32.26
N SER C 1427 -32.63 24.70 31.28
CA SER C 1427 -32.42 23.28 31.55
C SER C 1427 -30.93 23.02 31.61
N VAL C 1428 -30.40 22.84 32.82
CA VAL C 1428 -28.99 22.51 33.03
C VAL C 1428 -28.87 21.02 33.23
N ASN C 1429 -27.72 20.47 32.85
CA ASN C 1429 -27.47 19.03 32.91
C ASN C 1429 -26.28 18.77 33.82
N PHE C 1430 -26.46 17.86 34.77
CA PHE C 1430 -25.34 17.40 35.59
C PHE C 1430 -24.44 16.50 34.75
N GLU C 1431 -23.14 16.77 34.79
CA GLU C 1431 -22.16 16.07 33.97
C GLU C 1431 -21.26 15.24 34.89
N VAL C 1432 -21.14 13.96 34.58
CA VAL C 1432 -20.30 13.03 35.35
C VAL C 1432 -19.33 12.37 34.37
N SER C 1433 -18.04 12.52 34.64
CA SER C 1433 -16.99 12.05 33.74
C SER C 1433 -16.09 11.06 34.45
N LEU C 1434 -15.84 9.93 33.80
CA LEU C 1434 -14.86 8.95 34.24
C LEU C 1434 -13.73 8.87 33.22
N GLU C 1435 -12.51 8.65 33.70
CA GLU C 1435 -11.35 8.61 32.82
C GLU C 1435 -10.36 7.58 33.32
N PHE C 1436 -9.94 6.69 32.42
CA PHE C 1436 -8.95 5.65 32.71
C PHE C 1436 -7.73 5.90 31.83
N THR C 1437 -6.54 5.90 32.43
CA THR C 1437 -5.31 6.03 31.66
C THR C 1437 -4.33 4.93 32.07
N ARG C 1438 -3.66 4.37 31.06
CA ARG C 1438 -2.73 3.26 31.12
C ARG C 1438 -1.30 3.75 31.08
N PRO C 1439 -0.35 2.94 31.55
CA PRO C 1439 1.07 3.32 31.44
C PRO C 1439 1.52 3.41 30.00
N TYR C 1440 2.52 4.27 29.77
CA TYR C 1440 3.05 4.46 28.43
C TYR C 1440 3.70 3.19 27.90
N ASP C 1441 3.51 2.93 26.62
CA ASP C 1441 4.07 1.76 25.96
C ASP C 1441 4.99 2.20 24.83
N PRO C 1442 6.25 1.72 24.79
CA PRO C 1442 7.17 2.15 23.72
C PRO C 1442 6.72 1.75 22.33
N ASN C 1443 5.85 0.75 22.20
CA ASN C 1443 5.44 0.29 20.88
C ASN C 1443 4.74 1.40 20.11
N GLU C 1444 3.73 2.01 20.72
CA GLU C 1444 3.00 3.13 20.13
C GLU C 1444 3.30 4.38 20.93
N ASN C 1445 3.77 5.43 20.24
CA ASN C 1445 4.22 6.65 20.91
C ASN C 1445 3.00 7.48 21.34
N ALA C 1446 2.23 6.90 22.26
CA ALA C 1446 1.06 7.55 22.82
C ALA C 1446 0.68 6.86 24.12
N ALA C 1447 -0.13 7.55 24.91
CA ALA C 1447 -0.66 7.01 26.16
C ALA C 1447 -2.16 6.81 25.97
N LEU C 1448 -2.58 5.55 25.95
CA LEU C 1448 -4.00 5.24 25.76
C LEU C 1448 -4.83 5.81 26.90
N LYS C 1449 -5.97 6.40 26.54
CA LYS C 1449 -6.82 7.10 27.50
C LYS C 1449 -8.27 6.96 27.09
N HIS C 1450 -9.09 6.41 27.98
CA HIS C 1450 -10.51 6.19 27.71
C HIS C 1450 -11.34 7.05 28.65
N SER C 1451 -12.18 7.90 28.08
CA SER C 1451 -13.00 8.82 28.87
C SER C 1451 -14.46 8.69 28.46
N LYS C 1452 -15.34 8.82 29.45
CA LYS C 1452 -16.78 8.76 29.20
C LYS C 1452 -17.47 9.82 30.05
N SER C 1453 -18.44 10.51 29.42
CA SER C 1453 -19.19 11.56 30.08
C SER C 1453 -20.69 11.27 29.97
N TRP C 1454 -21.39 11.37 31.09
CA TRP C 1454 -22.83 11.15 31.15
C TRP C 1454 -23.51 12.43 31.58
N LEU C 1455 -24.57 12.79 30.88
CA LEU C 1455 -25.36 13.98 31.16
C LEU C 1455 -26.73 13.56 31.68
N VAL C 1456 -27.14 14.13 32.82
CA VAL C 1456 -28.47 13.85 33.34
C VAL C 1456 -29.23 15.15 33.54
N PRO C 1457 -30.50 15.21 33.12
CA PRO C 1457 -31.26 16.46 33.28
C PRO C 1457 -31.60 16.72 34.74
N ILE C 1458 -31.94 17.98 35.01
CA ILE C 1458 -32.25 18.45 36.35
C ILE C 1458 -33.75 18.58 36.59
N SER C 1459 -34.58 18.22 35.61
CA SER C 1459 -36.04 18.28 35.70
C SER C 1459 -36.55 19.71 35.78
N LEU C 1460 -37.83 19.90 35.50
CA LEU C 1460 -38.45 21.21 35.46
C LEU C 1460 -39.30 21.51 36.69
N ASP C 1461 -39.23 20.68 37.72
CA ASP C 1461 -40.02 20.91 38.92
C ASP C 1461 -39.49 22.14 39.64
N MET C 1462 -40.39 23.09 39.94
CA MET C 1462 -39.97 24.35 40.53
C MET C 1462 -39.44 24.16 41.95
N THR C 1463 -40.10 23.30 42.75
CA THR C 1463 -39.68 23.13 44.13
C THR C 1463 -38.35 22.40 44.24
N ILE C 1464 -38.04 21.52 43.28
CA ILE C 1464 -36.73 20.86 43.28
C ILE C 1464 -35.64 21.85 42.90
N ARG C 1465 -35.89 22.69 41.89
CA ARG C 1465 -34.90 23.66 41.46
C ARG C 1465 -34.60 24.67 42.57
N ALA C 1466 -35.63 25.08 43.31
CA ALA C 1466 -35.42 26.00 44.43
C ALA C 1466 -34.56 25.35 45.50
N LYS C 1467 -34.80 24.07 45.80
CA LYS C 1467 -34.00 23.37 46.79
C LYS C 1467 -32.55 23.26 46.35
N ILE C 1468 -32.32 22.93 45.07
CA ILE C 1468 -30.96 22.83 44.57
C ILE C 1468 -30.27 24.19 44.61
N GLN C 1469 -30.99 25.26 44.26
CA GLN C 1469 -30.43 26.60 44.34
C GLN C 1469 -30.06 26.97 45.77
N SER C 1470 -30.92 26.63 46.73
CA SER C 1470 -30.62 26.90 48.13
C SER C 1470 -29.41 26.11 48.59
N ALA C 1471 -29.29 24.86 48.16
CA ALA C 1471 -28.13 24.05 48.52
C ALA C 1471 -26.85 24.64 47.93
N LEU C 1472 -26.91 25.10 46.68
CA LEU C 1472 -25.72 25.68 46.05
C LEU C 1472 -25.33 27.01 46.67
N ARG C 1473 -26.32 27.77 47.16
CA ARG C 1473 -26.03 29.06 47.77
C ARG C 1473 -25.18 28.89 49.03
N GLY C 1474 -25.48 27.88 49.85
CA GLY C 1474 -24.72 27.65 51.06
C GLY C 1474 -25.60 27.36 52.26
N ASP C 1475 -26.90 27.22 52.03
CA ASP C 1475 -27.82 26.95 53.13
C ASP C 1475 -27.59 25.54 53.67
N PRO C 1476 -27.33 25.38 54.96
CA PRO C 1476 -27.12 24.03 55.51
C PRO C 1476 -28.39 23.22 55.54
N GLY C 1477 -28.22 21.90 55.55
CA GLY C 1477 -29.34 21.00 55.64
C GLY C 1477 -30.09 20.74 54.36
N HIS C 1478 -29.45 20.96 53.21
CA HIS C 1478 -30.11 20.73 51.92
C HIS C 1478 -29.18 19.96 51.00
N PRO C 1479 -29.49 18.71 50.69
CA PRO C 1479 -28.63 17.92 49.80
C PRO C 1479 -29.04 18.06 48.34
N ILE C 1480 -28.16 17.58 47.46
CA ILE C 1480 -28.41 17.55 46.03
C ILE C 1480 -28.46 16.09 45.61
N LEU C 1481 -29.57 15.68 45.00
CA LEU C 1481 -29.80 14.30 44.59
C LEU C 1481 -29.67 14.19 43.09
N ILE C 1482 -28.74 13.36 42.63
CA ILE C 1482 -28.50 13.14 41.21
C ILE C 1482 -28.78 11.67 40.92
N PRO C 1483 -29.93 11.36 40.31
CA PRO C 1483 -30.17 9.99 39.85
C PRO C 1483 -29.37 9.68 38.61
N GLN C 1484 -29.20 8.38 38.34
CA GLN C 1484 -28.53 7.89 37.14
C GLN C 1484 -27.09 8.41 37.07
N SER C 1485 -26.29 7.93 38.01
CA SER C 1485 -24.91 8.35 38.21
C SER C 1485 -23.98 7.17 37.91
N ILE C 1486 -22.71 7.33 38.28
CA ILE C 1486 -21.63 6.40 37.96
C ILE C 1486 -22.09 4.95 38.06
N PRO C 1487 -21.75 4.11 37.08
CA PRO C 1487 -22.17 2.70 37.12
C PRO C 1487 -21.30 1.88 38.05
N ALA C 1488 -21.93 0.90 38.70
CA ALA C 1488 -21.18 -0.01 39.56
C ALA C 1488 -20.19 -0.84 38.75
N PHE C 1489 -20.61 -1.32 37.58
CA PHE C 1489 -19.76 -2.11 36.70
C PHE C 1489 -19.54 -1.37 35.39
N ILE C 1490 -18.28 -1.21 35.01
CA ILE C 1490 -17.91 -0.55 33.76
C ILE C 1490 -16.88 -1.41 33.05
N GLN C 1491 -16.80 -1.27 31.73
CA GLN C 1491 -15.86 -2.00 30.91
C GLN C 1491 -15.07 -1.03 30.06
N VAL C 1492 -13.74 -1.16 30.09
CA VAL C 1492 -12.84 -0.33 29.29
C VAL C 1492 -12.32 -1.17 28.13
N PRO C 1493 -12.48 -0.71 26.89
CA PRO C 1493 -12.00 -1.50 25.75
C PRO C 1493 -10.55 -1.20 25.41
N ASN C 1494 -10.05 -1.84 24.34
CA ASN C 1494 -8.65 -1.62 23.95
C ASN C 1494 -8.44 -0.23 23.38
N GLN C 1495 -9.37 0.26 22.57
CA GLN C 1495 -9.22 1.56 21.92
C GLN C 1495 -10.44 2.46 22.01
N GLY C 1496 -11.64 1.92 22.21
CA GLY C 1496 -12.85 2.72 22.22
C GLY C 1496 -13.06 3.48 23.51
N GLU C 1497 -14.32 3.69 23.86
CA GLU C 1497 -14.71 4.39 25.07
C GLU C 1497 -15.39 3.42 26.02
N LEU C 1498 -15.63 3.91 27.24
CA LEU C 1498 -16.22 3.08 28.29
C LEU C 1498 -17.59 2.56 27.85
N THR C 1499 -17.70 1.24 27.71
CA THR C 1499 -18.92 0.59 27.27
C THR C 1499 -19.56 -0.15 28.43
N LEU C 1500 -20.87 0.01 28.58
CA LEU C 1500 -21.58 -0.59 29.70
C LEU C 1500 -21.75 -2.09 29.50
N PRO C 1501 -21.65 -2.88 30.56
CA PRO C 1501 -21.99 -4.30 30.46
C PRO C 1501 -23.49 -4.52 30.36
N THR C 1502 -24.03 -4.43 29.14
CA THR C 1502 -25.48 -4.41 28.97
C THR C 1502 -26.15 -5.68 29.49
N SER C 1503 -25.43 -6.81 29.50
CA SER C 1503 -26.02 -8.04 30.00
C SER C 1503 -26.26 -7.97 31.51
N ILE C 1504 -25.25 -7.53 32.26
CA ILE C 1504 -25.42 -7.37 33.70
C ILE C 1504 -26.44 -6.28 34.00
N GLY C 1505 -26.47 -5.24 33.17
CA GLY C 1505 -27.48 -4.21 33.33
C GLY C 1505 -28.89 -4.75 33.18
N ASN C 1506 -29.11 -5.57 32.15
CA ASN C 1506 -30.43 -6.19 31.97
C ASN C 1506 -30.76 -7.11 33.13
N THR C 1507 -29.79 -7.88 33.61
CA THR C 1507 -30.03 -8.77 34.74
C THR C 1507 -30.45 -7.98 35.98
N ILE C 1508 -29.75 -6.87 36.26
CA ILE C 1508 -30.11 -6.05 37.41
C ILE C 1508 -31.48 -5.42 37.21
N ILE C 1509 -31.77 -4.97 35.99
CA ILE C 1509 -33.02 -4.25 35.74
C ILE C 1509 -34.22 -5.16 35.91
N ASN C 1510 -34.18 -6.34 35.30
CA ASN C 1510 -35.37 -7.20 35.26
C ASN C 1510 -35.04 -8.63 35.67
N ASP C 1511 -34.26 -8.80 36.73
CA ASP C 1511 -34.04 -10.13 37.29
C ASP C 1511 -34.10 -10.20 38.81
N GLY C 1512 -34.02 -9.08 39.52
CA GLY C 1512 -34.14 -9.10 40.97
C GLY C 1512 -35.59 -9.04 41.42
N ASN C 1513 -35.79 -9.28 42.71
CA ASN C 1513 -37.15 -9.25 43.27
C ASN C 1513 -37.77 -7.86 43.19
N PRO C 1514 -37.09 -6.76 43.60
CA PRO C 1514 -37.67 -5.42 43.30
C PRO C 1514 -37.42 -5.00 41.85
N ARG C 1515 -38.28 -5.45 40.94
CA ARG C 1515 -38.12 -5.10 39.54
C ARG C 1515 -38.33 -3.61 39.33
N ILE C 1516 -37.47 -3.02 38.50
CA ILE C 1516 -37.53 -1.59 38.21
C ILE C 1516 -38.44 -1.39 37.01
N ASN C 1517 -39.47 -0.56 37.17
CA ASN C 1517 -40.41 -0.31 36.08
C ASN C 1517 -39.74 0.53 34.99
N THR C 1518 -39.89 0.07 33.74
CA THR C 1518 -39.30 0.77 32.61
C THR C 1518 -40.32 0.94 31.48
N THR C 1519 -41.60 1.11 31.83
CA THR C 1519 -42.63 1.23 30.81
C THR C 1519 -42.54 2.58 30.09
N GLY C 1520 -42.67 3.68 30.84
CA GLY C 1520 -42.62 5.00 30.24
C GLY C 1520 -41.22 5.58 30.19
N MET C 1521 -40.34 4.94 29.43
CA MET C 1521 -38.96 5.41 29.29
C MET C 1521 -38.51 5.25 27.84
N GLU C 1522 -37.62 6.13 27.41
CA GLU C 1522 -37.10 6.08 26.06
C GLU C 1522 -35.99 5.02 25.96
N LYS C 1523 -35.59 4.73 24.72
CA LYS C 1523 -34.57 3.72 24.48
C LYS C 1523 -33.24 4.12 25.11
N SER C 1524 -32.88 5.41 25.02
CA SER C 1524 -31.62 5.88 25.58
C SER C 1524 -31.60 5.86 27.09
N ASP C 1525 -32.75 5.65 27.75
CA ASP C 1525 -32.81 5.63 29.20
C ASP C 1525 -32.79 4.22 29.78
N GLU C 1526 -33.16 3.20 29.00
CA GLU C 1526 -33.16 1.83 29.52
C GLU C 1526 -31.76 1.38 29.90
N ALA C 1527 -30.77 1.69 29.06
CA ALA C 1527 -29.40 1.32 29.38
C ALA C 1527 -28.85 2.06 30.59
N ARG C 1528 -29.42 3.21 30.92
CA ARG C 1528 -29.01 4.00 32.06
C ARG C 1528 -29.86 3.72 33.30
N ALA C 1529 -30.91 2.89 33.17
CA ALA C 1529 -31.86 2.66 34.24
C ALA C 1529 -31.29 1.83 35.40
N TRP C 1530 -30.15 1.16 35.20
CA TRP C 1530 -29.57 0.34 36.26
C TRP C 1530 -28.44 1.05 37.00
N PHE C 1531 -28.25 2.34 36.76
CA PHE C 1531 -27.25 3.11 37.47
C PHE C 1531 -27.71 3.38 38.90
N ASP C 1532 -26.75 3.78 39.75
CA ASP C 1532 -27.03 4.12 41.13
C ASP C 1532 -27.13 5.64 41.30
N SER C 1533 -27.83 6.04 42.36
CA SER C 1533 -28.03 7.45 42.65
C SER C 1533 -26.87 8.02 43.47
N LEU C 1534 -26.71 9.34 43.40
CA LEU C 1534 -25.68 10.03 44.15
C LEU C 1534 -26.30 11.16 44.95
N THR C 1535 -25.69 11.45 46.11
CA THR C 1535 -26.13 12.53 46.98
C THR C 1535 -24.91 13.37 47.34
N LEU C 1536 -24.99 14.67 47.08
CA LEU C 1536 -23.91 15.60 47.34
C LEU C 1536 -24.33 16.57 48.44
N ASN C 1537 -23.50 16.70 49.46
CA ASN C 1537 -23.73 17.62 50.56
C ASN C 1537 -22.56 18.60 50.64
N LEU C 1538 -22.86 19.81 51.10
CA LEU C 1538 -21.85 20.86 51.23
C LEU C 1538 -21.49 21.04 52.69
N GLU C 1539 -20.20 20.97 53.00
CA GLU C 1539 -19.67 21.25 54.33
C GLU C 1539 -18.74 22.43 54.23
N GLN C 1540 -18.97 23.45 55.07
CA GLN C 1540 -18.22 24.69 55.03
C GLN C 1540 -17.37 24.88 56.28
N GLY C 1541 -17.97 24.80 57.46
CA GLY C 1541 -17.22 24.91 58.70
C GLY C 1541 -16.82 26.32 59.07
N LYS C 1542 -15.87 26.88 58.34
CA LYS C 1542 -15.40 28.23 58.60
C LYS C 1542 -16.23 29.23 57.79
N SER C 1543 -15.77 30.48 57.74
CA SER C 1543 -16.55 31.53 57.08
C SER C 1543 -16.56 31.35 55.57
N GLN C 1544 -15.38 31.45 54.94
CA GLN C 1544 -15.27 31.34 53.49
C GLN C 1544 -13.93 30.68 53.17
N ASN C 1545 -13.52 30.78 51.90
CA ASN C 1545 -12.24 30.33 51.37
C ASN C 1545 -12.07 28.82 51.36
N GLU C 1546 -13.05 28.06 51.86
CA GLU C 1546 -12.98 26.59 51.78
C GLU C 1546 -14.41 26.06 51.80
N LYS C 1547 -14.75 25.26 50.79
CA LYS C 1547 -16.06 24.65 50.66
C LYS C 1547 -15.89 23.23 50.14
N MET C 1548 -16.33 22.25 50.93
CA MET C 1548 -16.11 20.84 50.63
C MET C 1548 -17.41 20.19 50.19
N TRP C 1549 -17.31 19.27 49.23
CA TRP C 1549 -18.44 18.51 48.73
C TRP C 1549 -18.24 17.04 49.08
N ILE C 1550 -19.22 16.46 49.75
CA ILE C 1550 -19.21 15.05 50.14
C ILE C 1550 -20.24 14.31 49.30
N ALA C 1551 -19.79 13.29 48.58
CA ALA C 1551 -20.64 12.54 47.67
C ALA C 1551 -20.81 11.10 48.18
N THR C 1552 -22.05 10.65 48.28
CA THR C 1552 -22.37 9.30 48.73
C THR C 1552 -23.26 8.62 47.70
N SER C 1553 -22.97 7.34 47.42
CA SER C 1553 -23.70 6.58 46.42
C SER C 1553 -24.76 5.71 47.08
N GLU C 1554 -25.78 5.37 46.30
CA GLU C 1554 -26.86 4.53 46.77
C GLU C 1554 -27.36 3.66 45.62
N HIS C 1555 -27.25 2.35 45.78
CA HIS C 1555 -27.64 1.43 44.73
C HIS C 1555 -29.16 1.39 44.57
N PRO C 1556 -29.65 1.07 43.37
CA PRO C 1556 -31.10 0.97 43.17
C PRO C 1556 -31.63 -0.41 43.50
N GLY C 1557 -32.86 -0.42 44.01
CA GLY C 1557 -33.51 -1.66 44.39
C GLY C 1557 -33.06 -2.18 45.73
N ASP C 1558 -32.86 -3.50 45.82
CA ASP C 1558 -32.41 -4.13 47.06
C ASP C 1558 -30.97 -3.72 47.34
N GLN C 1559 -30.78 -2.87 48.37
CA GLN C 1559 -29.46 -2.38 48.70
C GLN C 1559 -28.55 -3.44 49.31
N ASN C 1560 -29.11 -4.58 49.75
CA ASN C 1560 -28.33 -5.64 50.37
C ASN C 1560 -28.28 -6.89 49.51
N ALA C 1561 -28.54 -6.77 48.22
CA ALA C 1561 -28.48 -7.92 47.32
C ALA C 1561 -27.05 -8.43 47.19
N LYS C 1562 -26.92 -9.75 47.04
CA LYS C 1562 -25.61 -10.37 46.91
C LYS C 1562 -24.92 -10.02 45.59
N LEU C 1563 -25.64 -9.50 44.61
CA LEU C 1563 -25.03 -9.15 43.33
C LEU C 1563 -24.00 -8.04 43.49
N TRP C 1564 -24.31 -7.03 44.30
CA TRP C 1564 -23.41 -5.91 44.47
C TRP C 1564 -22.22 -6.30 45.34
N ILE C 1565 -21.06 -5.72 45.02
CA ILE C 1565 -19.84 -5.95 45.80
C ILE C 1565 -19.90 -5.07 47.04
N LYS C 1566 -19.66 -5.68 48.21
CA LYS C 1566 -19.71 -4.94 49.45
C LYS C 1566 -18.64 -3.86 49.50
N THR C 1567 -19.00 -2.70 50.02
CA THR C 1567 -18.10 -1.55 50.06
C THR C 1567 -17.28 -1.54 51.35
N ALA C 1568 -16.26 -0.70 51.36
CA ALA C 1568 -15.35 -0.58 52.49
C ALA C 1568 -15.44 0.83 53.08
N ASN C 1569 -15.02 0.95 54.34
CA ASN C 1569 -15.06 2.20 55.06
C ASN C 1569 -13.66 2.81 55.13
N THR C 1570 -13.58 4.13 54.99
CA THR C 1570 -12.30 4.83 55.05
C THR C 1570 -11.69 4.69 56.44
N THR C 1571 -10.36 4.64 56.47
CA THR C 1571 -9.61 4.45 57.72
C THR C 1571 -9.27 5.77 58.41
N TYR C 1572 -9.63 6.91 57.82
CA TYR C 1572 -9.33 8.20 58.41
C TYR C 1572 -10.55 9.02 58.80
N SER C 1573 -11.70 8.77 58.19
CA SER C 1573 -12.92 9.50 58.52
C SER C 1573 -14.09 8.58 58.87
N GLY C 1574 -14.17 7.42 58.24
CA GLY C 1574 -15.26 6.48 58.49
C GLY C 1574 -16.33 6.46 57.41
N ARG C 1575 -16.33 7.42 56.50
CA ARG C 1575 -17.31 7.44 55.43
C ARG C 1575 -17.00 6.34 54.41
N PRO C 1576 -18.03 5.73 53.82
CA PRO C 1576 -17.78 4.66 52.85
C PRO C 1576 -17.14 5.17 51.57
N TYR C 1577 -16.43 4.28 50.90
CA TYR C 1577 -15.77 4.62 49.65
C TYR C 1577 -16.80 4.67 48.51
N LEU C 1578 -16.33 5.07 47.33
CA LEU C 1578 -17.10 4.99 46.10
C LEU C 1578 -16.50 3.89 45.23
N GLN C 1579 -17.26 2.82 45.02
CA GLN C 1579 -16.74 1.60 44.39
C GLN C 1579 -17.08 1.59 42.91
N VAL C 1580 -16.08 1.29 42.08
CA VAL C 1580 -16.29 1.06 40.65
C VAL C 1580 -15.53 -0.20 40.25
N VAL C 1581 -16.20 -1.12 39.60
CA VAL C 1581 -15.62 -2.40 39.18
C VAL C 1581 -15.38 -2.33 37.68
N GLY C 1582 -14.12 -2.41 37.27
CA GLY C 1582 -13.74 -2.26 35.87
C GLY C 1582 -13.29 -3.57 35.26
N PHE C 1583 -13.84 -3.88 34.09
CA PHE C 1583 -13.46 -5.01 33.28
C PHE C 1583 -12.56 -4.51 32.15
N ILE C 1584 -11.36 -5.08 32.04
CA ILE C 1584 -10.32 -4.58 31.15
C ILE C 1584 -10.11 -5.57 30.02
N ASP C 1585 -10.09 -5.06 28.79
CA ASP C 1585 -9.73 -5.85 27.61
C ASP C 1585 -8.26 -5.59 27.29
N ARG C 1586 -7.51 -6.65 27.09
CA ARG C 1586 -6.06 -6.58 26.88
C ARG C 1586 -5.67 -7.30 25.60
N ALA C 1587 -6.39 -7.02 24.52
CA ALA C 1587 -6.12 -7.66 23.24
C ALA C 1587 -6.46 -6.70 22.11
N PHE C 1588 -5.49 -6.42 21.25
CA PHE C 1588 -5.71 -5.64 20.04
C PHE C 1588 -5.17 -6.41 18.85
N PRO C 1589 -5.84 -6.33 17.68
CA PRO C 1589 -5.52 -7.21 16.55
C PRO C 1589 -4.35 -6.74 15.68
N SER C 1590 -3.26 -6.34 16.34
CA SER C 1590 -2.02 -5.97 15.67
C SER C 1590 -2.23 -4.99 14.53
N PHE C 1591 -1.88 -5.40 13.31
CA PHE C 1591 -2.04 -4.59 12.11
C PHE C 1591 -3.12 -5.12 11.18
N LEU C 1592 -4.00 -5.98 11.68
CA LEU C 1592 -5.06 -6.54 10.85
C LEU C 1592 -6.14 -5.48 10.59
N ALA C 1593 -7.22 -5.90 9.94
CA ALA C 1593 -8.29 -5.01 9.49
C ALA C 1593 -7.77 -3.93 8.55
N LYS C 1594 -6.75 -4.28 7.76
CA LYS C 1594 -6.19 -3.38 6.76
C LYS C 1594 -7.05 -3.47 5.49
N VAL C 1595 -8.32 -3.14 5.66
CA VAL C 1595 -9.34 -3.24 4.62
C VAL C 1595 -9.39 -4.71 4.17
N PHE C 1596 -9.94 -5.56 5.02
CA PHE C 1596 -10.10 -6.97 4.68
C PHE C 1596 -11.47 -7.21 4.05
N LYS C 1597 -11.79 -6.43 3.02
CA LYS C 1597 -13.05 -6.56 2.29
C LYS C 1597 -12.76 -7.22 0.94
N GLY C 1598 -12.41 -8.50 0.99
CA GLY C 1598 -11.95 -9.19 -0.21
C GLY C 1598 -10.64 -8.60 -0.70
N GLY C 1599 -9.68 -8.48 0.19
CA GLY C 1599 -8.45 -7.76 -0.09
C GLY C 1599 -7.27 -8.65 -0.41
N VAL C 1600 -6.43 -8.91 0.59
CA VAL C 1600 -5.16 -9.63 0.41
C VAL C 1600 -5.39 -10.97 -0.30
N ILE C 1601 -6.54 -11.61 -0.06
CA ILE C 1601 -6.81 -12.87 -0.74
C ILE C 1601 -6.93 -12.68 -2.25
N ALA C 1602 -7.48 -11.53 -2.67
CA ALA C 1602 -7.65 -11.28 -4.10
C ALA C 1602 -6.30 -11.13 -4.79
N VAL C 1603 -5.41 -10.30 -4.22
CA VAL C 1603 -4.10 -10.10 -4.82
C VAL C 1603 -3.27 -11.38 -4.74
N TYR C 1604 -3.45 -12.17 -3.66
CA TYR C 1604 -2.76 -13.45 -3.56
C TYR C 1604 -3.19 -14.40 -4.67
N LEU C 1605 -4.50 -14.49 -4.90
CA LEU C 1605 -4.99 -15.34 -5.99
C LEU C 1605 -4.52 -14.84 -7.34
N SER C 1606 -4.52 -13.52 -7.55
CA SER C 1606 -4.07 -12.96 -8.81
C SER C 1606 -2.60 -13.27 -9.08
N VAL C 1607 -1.76 -13.09 -8.07
CA VAL C 1607 -0.33 -13.34 -8.26
C VAL C 1607 -0.07 -14.84 -8.45
N ILE C 1608 -0.80 -15.69 -7.74
CA ILE C 1608 -0.65 -17.12 -7.94
C ILE C 1608 -1.03 -17.50 -9.37
N LEU C 1609 -2.15 -16.96 -9.85
CA LEU C 1609 -2.60 -17.27 -11.21
C LEU C 1609 -1.59 -16.78 -12.25
N VAL C 1610 -1.07 -15.56 -12.08
CA VAL C 1610 -0.16 -15.01 -13.08
C VAL C 1610 1.16 -15.78 -13.08
N VAL C 1611 1.65 -16.18 -11.91
CA VAL C 1611 2.88 -16.97 -11.85
C VAL C 1611 2.67 -18.35 -12.47
N GLY C 1612 1.51 -18.97 -12.18
CA GLY C 1612 1.25 -20.27 -12.76
C GLY C 1612 1.09 -20.24 -14.27
N ARG C 1613 0.41 -19.22 -14.79
CA ARG C 1613 0.17 -19.15 -16.23
C ARG C 1613 1.40 -18.70 -17.00
N GLY C 1614 2.16 -17.75 -16.46
CA GLY C 1614 3.24 -17.16 -17.22
C GLY C 1614 4.61 -17.78 -17.00
N LEU C 1615 5.04 -17.90 -15.75
CA LEU C 1615 6.41 -18.28 -15.47
C LEU C 1615 6.61 -19.80 -15.56
N VAL C 1616 5.92 -20.54 -14.69
CA VAL C 1616 6.19 -21.98 -14.60
C VAL C 1616 5.69 -22.71 -15.85
N ARG C 1617 4.53 -22.31 -16.38
CA ARG C 1617 3.96 -23.04 -17.51
C ARG C 1617 4.82 -22.90 -18.76
N GLY C 1618 5.36 -21.71 -19.01
CA GLY C 1618 6.15 -21.50 -20.22
C GLY C 1618 7.41 -22.35 -20.25
N ILE C 1619 8.15 -22.37 -19.14
CA ILE C 1619 9.35 -23.20 -19.06
C ILE C 1619 9.02 -24.66 -18.78
N PHE C 1620 7.76 -24.96 -18.46
CA PHE C 1620 7.34 -26.30 -18.05
C PHE C 1620 7.09 -27.19 -19.27
N THR C 1621 6.19 -26.77 -20.15
CA THR C 1621 5.89 -27.50 -21.37
C THR C 1621 6.32 -26.69 -22.59
N THR C 1622 6.18 -27.30 -23.76
CA THR C 1622 6.58 -26.68 -25.02
C THR C 1622 5.43 -26.70 -26.00
N SER C 1623 5.35 -25.67 -26.85
CA SER C 1623 4.32 -25.60 -27.86
C SER C 1623 4.61 -26.59 -28.99
N PRO C 1624 3.56 -27.10 -29.64
CA PRO C 1624 3.79 -28.02 -30.77
C PRO C 1624 4.52 -27.38 -31.94
N SER C 1625 4.56 -26.05 -32.02
CA SER C 1625 5.33 -25.40 -33.08
C SER C 1625 6.83 -25.45 -32.79
N THR C 1626 7.21 -25.45 -31.51
CA THR C 1626 8.62 -25.40 -31.14
C THR C 1626 9.32 -26.75 -31.35
N VAL C 1627 8.59 -27.86 -31.22
CA VAL C 1627 9.21 -29.19 -31.24
C VAL C 1627 9.91 -29.44 -32.57
N MET C 1628 9.45 -28.80 -33.65
CA MET C 1628 10.08 -28.99 -34.95
C MET C 1628 11.52 -28.48 -34.97
N PHE C 1629 11.82 -27.47 -34.17
CA PHE C 1629 13.16 -26.91 -34.11
C PHE C 1629 14.00 -27.46 -32.96
N THR C 1630 13.37 -27.85 -31.85
CA THR C 1630 14.12 -28.28 -30.68
C THR C 1630 14.68 -29.69 -30.83
N GLU C 1631 14.02 -30.55 -31.60
CA GLU C 1631 14.35 -31.97 -31.65
C GLU C 1631 15.29 -32.32 -32.80
N LEU C 1632 16.19 -31.42 -33.17
CA LEU C 1632 17.20 -31.75 -34.17
C LEU C 1632 18.12 -32.84 -33.65
N PRO C 1633 18.35 -33.91 -34.42
CA PRO C 1633 19.20 -34.99 -33.94
C PRO C 1633 20.69 -34.68 -34.01
N ASN C 1634 21.09 -33.77 -34.90
CA ASN C 1634 22.52 -33.49 -35.08
C ASN C 1634 22.66 -32.05 -35.58
N ALA C 1635 23.21 -31.18 -34.73
CA ALA C 1635 23.38 -29.77 -35.05
C ALA C 1635 24.81 -29.42 -35.48
N ASP C 1636 25.61 -30.42 -35.84
CA ASP C 1636 27.00 -30.17 -36.21
C ASP C 1636 27.09 -29.25 -37.42
N HIS C 1637 26.29 -29.50 -38.44
CA HIS C 1637 26.37 -28.70 -39.66
C HIS C 1637 25.95 -27.25 -39.40
N LEU C 1638 24.88 -27.04 -38.63
CA LEU C 1638 24.45 -25.69 -38.34
C LEU C 1638 25.49 -24.94 -37.50
N LEU C 1639 26.07 -25.62 -36.51
CA LEU C 1639 27.11 -24.99 -35.71
C LEU C 1639 28.33 -24.66 -36.57
N LYS C 1640 28.67 -25.54 -37.51
CA LYS C 1640 29.78 -25.27 -38.42
C LYS C 1640 29.50 -24.05 -39.29
N ILE C 1641 28.26 -23.93 -39.78
CA ILE C 1641 27.91 -22.77 -40.60
C ILE C 1641 28.02 -21.48 -39.80
N CYS C 1642 27.53 -21.50 -38.55
CA CYS C 1642 27.59 -20.29 -37.74
C CYS C 1642 29.02 -19.92 -37.38
N LEU C 1643 29.84 -20.92 -37.04
CA LEU C 1643 31.25 -20.64 -36.77
C LEU C 1643 31.95 -20.11 -38.02
N ASP C 1644 31.61 -20.65 -39.19
CA ASP C 1644 32.19 -20.18 -40.43
C ASP C 1644 31.81 -18.74 -40.73
N ILE C 1645 30.55 -18.36 -40.47
CA ILE C 1645 30.16 -16.99 -40.75
C ILE C 1645 30.81 -16.03 -39.76
N TYR C 1646 30.94 -16.42 -38.48
CA TYR C 1646 31.72 -15.59 -37.56
C TYR C 1646 33.16 -15.45 -38.02
N LEU C 1647 33.77 -16.54 -38.49
CA LEU C 1647 35.16 -16.49 -38.93
C LEU C 1647 35.32 -15.58 -40.15
N VAL C 1648 34.39 -15.65 -41.10
CA VAL C 1648 34.51 -14.82 -42.31
C VAL C 1648 34.24 -13.36 -41.98
N ARG C 1649 33.36 -13.10 -41.00
CA ARG C 1649 33.18 -11.73 -40.54
C ARG C 1649 34.46 -11.21 -39.88
N GLU C 1650 35.11 -12.06 -39.08
CA GLU C 1650 36.36 -11.65 -38.44
C GLU C 1650 37.45 -11.38 -39.48
N ALA C 1651 37.50 -12.19 -40.54
CA ALA C 1651 38.53 -12.05 -41.58
C ALA C 1651 38.30 -10.86 -42.49
N LYS C 1652 37.33 -9.99 -42.19
CA LYS C 1652 37.06 -8.78 -42.95
C LYS C 1652 36.72 -9.11 -44.40
N ASP C 1653 35.70 -9.95 -44.57
CA ASP C 1653 35.23 -10.40 -45.87
C ASP C 1653 33.71 -10.30 -45.93
N PHE C 1654 33.18 -9.11 -45.61
CA PHE C 1654 31.76 -8.90 -45.47
C PHE C 1654 30.96 -9.33 -46.71
N MET C 1655 31.62 -9.55 -47.84
CA MET C 1655 30.91 -9.95 -49.05
C MET C 1655 30.21 -11.29 -48.86
N LEU C 1656 30.89 -12.27 -48.25
CA LEU C 1656 30.33 -13.60 -48.09
C LEU C 1656 29.46 -13.74 -46.84
N GLU C 1657 29.58 -12.81 -45.89
CA GLU C 1657 28.77 -12.91 -44.66
C GLU C 1657 27.29 -12.82 -44.98
N GLN C 1658 26.91 -11.89 -45.87
CA GLN C 1658 25.51 -11.76 -46.25
C GLN C 1658 25.00 -13.02 -46.94
N ASP C 1659 25.83 -13.61 -47.82
CA ASP C 1659 25.41 -14.83 -48.51
C ASP C 1659 25.23 -15.98 -47.53
N LEU C 1660 26.15 -16.12 -46.57
CA LEU C 1660 26.02 -17.18 -45.58
C LEU C 1660 24.79 -16.97 -44.70
N PHE C 1661 24.51 -15.72 -44.34
CA PHE C 1661 23.31 -15.45 -43.55
C PHE C 1661 22.03 -15.75 -44.34
N ALA C 1662 22.03 -15.44 -45.63
CA ALA C 1662 20.89 -15.81 -46.48
C ALA C 1662 20.73 -17.31 -46.54
N LYS C 1663 21.84 -18.04 -46.64
CA LYS C 1663 21.79 -19.50 -46.63
C LYS C 1663 21.19 -20.01 -45.33
N LEU C 1664 21.62 -19.44 -44.20
CA LEU C 1664 21.08 -19.87 -42.91
C LEU C 1664 19.60 -19.54 -42.78
N ILE C 1665 19.18 -18.38 -43.29
CA ILE C 1665 17.78 -18.00 -43.24
C ILE C 1665 16.94 -18.98 -44.04
N PHE C 1666 17.40 -19.32 -45.25
CA PHE C 1666 16.66 -20.29 -46.05
C PHE C 1666 16.65 -21.66 -45.40
N LEU C 1667 17.73 -22.03 -44.73
CA LEU C 1667 17.76 -23.31 -44.03
C LEU C 1667 16.71 -23.34 -42.91
N PHE C 1668 16.59 -22.24 -42.18
CA PHE C 1668 15.57 -22.15 -41.12
C PHE C 1668 14.16 -21.93 -41.67
N ARG C 1669 14.01 -21.56 -42.94
CA ARG C 1669 12.69 -21.34 -43.50
C ARG C 1669 12.04 -22.64 -43.98
N SER C 1670 12.69 -23.35 -44.89
CA SER C 1670 12.13 -24.58 -45.43
C SER C 1670 12.36 -25.73 -44.46
N PRO C 1671 11.31 -26.40 -43.97
CA PRO C 1671 11.54 -27.51 -43.03
C PRO C 1671 12.10 -28.76 -43.69
N ALA C 1672 11.76 -29.01 -44.96
CA ALA C 1672 12.30 -30.18 -45.64
C ALA C 1672 13.82 -30.09 -45.79
N THR C 1673 14.32 -28.91 -46.19
CA THR C 1673 15.76 -28.72 -46.26
C THR C 1673 16.40 -28.81 -44.89
N LEU C 1674 15.71 -28.36 -43.84
CA LEU C 1674 16.24 -28.43 -42.50
C LEU C 1674 16.40 -29.87 -42.05
N ILE C 1675 15.37 -30.70 -42.23
CA ILE C 1675 15.46 -32.09 -41.80
C ILE C 1675 16.45 -32.86 -42.67
N GLU C 1676 16.52 -32.52 -43.96
CA GLU C 1676 17.51 -33.16 -44.82
C GLU C 1676 18.93 -32.79 -44.40
N TRP C 1677 19.15 -31.52 -44.04
CA TRP C 1677 20.48 -31.06 -43.64
C TRP C 1677 20.87 -31.54 -42.26
N THR C 1678 19.91 -31.91 -41.43
CA THR C 1678 20.16 -32.25 -40.03
C THR C 1678 20.30 -33.76 -39.83
N ARG C 1679 20.25 -34.54 -40.90
CA ARG C 1679 20.27 -35.99 -40.79
C ARG C 1679 21.57 -36.47 -40.13
N MET C 1680 21.45 -37.50 -39.30
CA MET C 1680 22.60 -38.02 -38.57
C MET C 1680 23.62 -38.62 -39.52
N SER C 1681 24.90 -38.37 -39.23
CA SER C 1681 26.01 -38.91 -40.01
C SER C 1681 25.90 -38.57 -41.49
#